data_8BFN
#
_entry.id   8BFN
#
_cell.length_a   1.00
_cell.length_b   1.00
_cell.length_c   1.00
_cell.angle_alpha   90.00
_cell.angle_beta   90.00
_cell.angle_gamma   90.00
#
_symmetry.space_group_name_H-M   'P 1'
#
loop_
_entity.id
_entity.type
_entity.pdbx_description
1 polymer JetC
2 polymer JetB
3 polymer JetA
4 non-polymer "ADENOSINE-5'-DIPHOSPHATE"
#
loop_
_entity_poly.entity_id
_entity_poly.type
_entity_poly.pdbx_seq_one_letter_code
_entity_poly.pdbx_strand_id
1 'polypeptide(L)'
;MNQVSGLAGKESFILTRIELFNWGGFHGLHQAAIHQDGTAVIGPTGSGKTTLVDALMTLLCANPRYNLASTGGHESDRDL
ISYVRGVSGPGDGGEGQSHIARPGKTVTGIAATLEREGKQVRLGALLWFDSTSSSVTDMKRLWLFSDNPGQTLEHWLNVY
HEGGTRLLRQMEKEAIGLWTYPNKKQYLARLRDFFEVGENAFTLLNRAAGLKQLNSIDEIFRELVLDDHSAFDRAAEVAN
SFDGLTEIHQELETARKQQQSLQPVALSWEKYQKQERQLADWLTLESLLPLWFAQQASHLWREKINLLNARLAEAQTSEE
QLQSQLDLQKKVVSDCMQRYLQVGGANIDELNERIKDWQKTLGSREALARQYQQLTRNLGLPSDLSQPQLEANQHEAEAR
CEQIAVDIKLKQEEAYQKGALSHHITEELRERENERAEIARRPDSNLPAHYQAFRSELAKALNVDESELPFVAELIQVKP
EEAQWRGAIERAVGSNRLRILVAPESAQEALRWVNQRNNRLHVRLLEVKLPHSPARFFDDGFTRKLLWKDHPWREAVKAL
LAESDRHCVDSPEQLHDTPHAMTVQGLMSGKQRFYDKHDQKRLDEDWLTGFDNRDRLNFLAKEIATLQEQVKTANAAFEF
AKGEVGLLQNQAASFQKIEQIDFDSIDVPGAKSQLDALRERLENLTRPDSDASVAKAKLDEAQTIESELDKQLRAANKVT
NVLDTELTLARAAERKAQQTAQQGMKEEERELCASHFPVVTLEQLPDIRDLERQHERGIQHEIERVKAELHRLNIELTKR
MSEAKRVDTGALVEAGADLDDIPVYLQRLQELTEEALPEKLNRFLDYLNRSSDDGVTQLLSHIEHEVLVIEERLNELNET
MFRVDFQPDRYLRLDTKKVVHESLRTLEKAQRQLNAARFVDDNGESHYKALQVLVAQLRDACERNRTLGAKALLDPRFRL
EFAVSVMDRQSGNVIESRTGSQGGSGGEKEIIASYVLTASLSYALCPAGSRYPLFGTIILDEAFSRSSHAVAGRIIAALR
EFGLHAVFITPNKEMRLLRDHTRSAIVVHRRGQNSNMASLSWEELERHYQRRGNAG
;
A,B,F,G
2 'polypeptide(L)'
;MAGFFDKLINRSVTANAGCEPEPSDEEVTDESVEDSLASSETRTLQKIREATQELLKYGLLEEASKPNLYRIVLSHPEEV
TRILEPLDLDIGIDEIRGLLYVKVRLDETPAQDEWAHPLVRRQRLNLEQSLLVAILRQHFVAWEQESGTGASQAQIAIDD
LLPQLQIYLGDPGSESKERTRLLTLLDQLKGHGLVTSPDAHERIVIRPIIAHLADPINLQALLAWLREQIAQQTSPNDAP
EKDSSEEDVG
;
C,D,H,I
3 'polypeptide(L)'
;MAHHHHHHHHHHGGSSAWSHPQFEKGGGSGGGSGGGSWSHPQFEKLEVLFQGPAAMEENTRQRTENYISAKNQHPAWILL
ATRRAPLVLSCLKTLFEKSHDGIPLEEAIQSLSSILIEHVSQEQYDINQDNPFLQASRELREWIKRRLIVERDGRIFATD
ALEVAITFVESLDNRFMTSTASRLSTVQREIENLETRLNPNPANRVATLRRRISELERELQEAEAGHIEVLETHQAVEHI
RDVYNLASSLRADFRRVEDSWREADRALRQSIIGEQYHRGDIVERLLNDQDALLNTPEGRVFDSFQQQLRQSSELKAMSE
RLRVILSHPSASDALNRLQRHDLRWLVKRLVDESQTVLQARARSERDVRGFMKTGLAAEHHRVGHLLNEFLNLALKLDWQ
RQMIRKQEVPLPAVGVAVTGIPAIERLRFKEVDDEAEQTLDLSNHAADLTQIGDDFWDAFNGLDREVLIQQTLQLLAKEN
RPVGLAELAELLPPAHDLETFAVWIGMAREAGIEVIDSQREFAELSDGEGRRWRFNLPTTGLESQALMDIDWEG
;
E,J
#
loop_
_chem_comp.id
_chem_comp.type
_chem_comp.name
_chem_comp.formula
ADP non-polymer ADENOSINE-5'-DIPHOSPHATE 'C10 H15 N5 O10 P2'
#
# COMPACT_ATOMS: atom_id res chain seq x y z
N MET A 1 -5.81 7.38 -45.06
CA MET A 1 -5.61 8.74 -44.58
C MET A 1 -6.88 9.30 -43.97
N ASN A 2 -7.94 9.37 -44.78
CA ASN A 2 -9.21 9.89 -44.29
C ASN A 2 -9.85 8.97 -43.26
N GLN A 3 -9.68 7.65 -43.41
CA GLN A 3 -10.36 6.71 -42.52
C GLN A 3 -9.99 6.96 -41.07
N VAL A 4 -8.70 7.15 -40.78
CA VAL A 4 -8.29 7.46 -39.42
C VAL A 4 -8.87 8.80 -38.98
N SER A 5 -9.13 9.70 -39.93
CA SER A 5 -9.61 11.03 -39.59
C SER A 5 -10.87 10.98 -38.74
N GLY A 6 -11.71 9.96 -38.94
CA GLY A 6 -12.95 9.86 -38.19
C GLY A 6 -12.82 9.40 -36.76
N LEU A 7 -11.64 8.91 -36.36
CA LEU A 7 -11.46 8.46 -34.98
C LEU A 7 -11.60 9.62 -34.01
N ALA A 8 -10.99 10.77 -34.32
CA ALA A 8 -11.09 11.92 -33.43
C ALA A 8 -12.53 12.39 -33.32
N GLY A 9 -12.91 12.80 -32.11
CA GLY A 9 -14.28 13.18 -31.83
C GLY A 9 -15.21 12.05 -31.47
N LYS A 10 -14.72 10.81 -31.46
CA LYS A 10 -15.53 9.65 -31.12
C LYS A 10 -15.32 9.22 -29.67
N GLU A 11 -14.07 8.97 -29.29
CA GLU A 11 -13.72 8.54 -27.93
C GLU A 11 -13.17 9.68 -27.09
N SER A 12 -13.19 10.91 -27.58
CA SER A 12 -12.54 12.01 -26.89
C SER A 12 -13.25 13.31 -27.20
N PHE A 13 -13.00 14.31 -26.34
CA PHE A 13 -13.51 15.66 -26.54
C PHE A 13 -12.49 16.45 -27.34
N ILE A 14 -12.90 17.02 -28.46
CA ILE A 14 -12.03 17.81 -29.32
C ILE A 14 -12.53 19.24 -29.36
N LEU A 15 -11.62 20.19 -29.24
CA LEU A 15 -11.97 21.59 -29.33
C LEU A 15 -12.58 21.88 -30.69
N THR A 16 -13.68 22.64 -30.70
CA THR A 16 -14.36 22.95 -31.94
C THR A 16 -14.80 24.40 -32.03
N ARG A 17 -14.32 25.27 -31.14
CA ARG A 17 -14.71 26.67 -31.19
C ARG A 17 -13.95 27.44 -30.14
N ILE A 18 -13.71 28.72 -30.42
CA ILE A 18 -13.16 29.64 -29.45
C ILE A 18 -13.85 30.99 -29.65
N GLU A 19 -14.20 31.65 -28.56
CA GLU A 19 -14.83 32.95 -28.61
C GLU A 19 -14.08 33.88 -27.68
N LEU A 20 -13.84 35.11 -28.13
CA LEU A 20 -13.13 36.10 -27.34
C LEU A 20 -13.87 37.43 -27.39
N PHE A 21 -13.73 38.19 -26.31
CA PHE A 21 -14.36 39.51 -26.21
C PHE A 21 -13.42 40.42 -25.46
N ASN A 22 -12.83 41.38 -26.16
CA ASN A 22 -11.90 42.33 -25.55
C ASN A 22 -10.74 41.60 -24.88
N TRP A 23 -10.19 40.60 -25.56
CA TRP A 23 -9.07 39.84 -25.05
C TRP A 23 -7.83 40.21 -25.85
N GLY A 24 -6.80 40.67 -25.15
CA GLY A 24 -5.57 41.06 -25.83
C GLY A 24 -5.88 42.11 -26.87
N GLY A 25 -5.43 41.87 -28.09
CA GLY A 25 -5.73 42.75 -29.21
C GLY A 25 -6.99 42.40 -29.96
N PHE A 26 -7.81 41.49 -29.45
CA PHE A 26 -9.05 41.08 -30.12
C PHE A 26 -10.21 41.88 -29.54
N HIS A 27 -10.24 43.17 -29.87
CA HIS A 27 -11.32 44.01 -29.40
C HIS A 27 -12.64 43.54 -29.97
N GLY A 28 -13.71 43.71 -29.20
CA GLY A 28 -15.01 43.25 -29.64
C GLY A 28 -15.14 41.74 -29.51
N LEU A 29 -16.11 41.20 -30.23
CA LEU A 29 -16.43 39.78 -30.17
C LEU A 29 -15.90 39.07 -31.41
N HIS A 30 -15.02 38.09 -31.22
CA HIS A 30 -14.47 37.29 -32.29
C HIS A 30 -14.76 35.81 -32.03
N GLN A 31 -14.99 35.06 -33.10
CA GLN A 31 -15.25 33.63 -33.02
C GLN A 31 -14.40 32.91 -34.05
N ALA A 32 -13.77 31.81 -33.64
CA ALA A 32 -12.93 31.01 -34.51
C ALA A 32 -13.31 29.55 -34.38
N ALA A 33 -13.59 28.90 -35.50
CA ALA A 33 -13.96 27.49 -35.53
C ALA A 33 -12.73 26.64 -35.76
N ILE A 34 -12.80 25.38 -35.32
CA ILE A 34 -11.69 24.45 -35.42
C ILE A 34 -12.20 23.15 -36.04
N HIS A 35 -11.42 22.58 -36.95
CA HIS A 35 -11.83 21.37 -37.64
C HIS A 35 -11.49 20.14 -36.81
N GLN A 36 -12.26 19.08 -37.02
CA GLN A 36 -12.04 17.83 -36.28
C GLN A 36 -10.84 17.05 -36.77
N ASP A 37 -10.26 17.44 -37.91
CA ASP A 37 -9.10 16.76 -38.48
C ASP A 37 -7.84 17.60 -38.35
N GLY A 38 -7.70 18.32 -37.25
CA GLY A 38 -6.56 19.19 -37.05
C GLY A 38 -6.80 20.55 -37.65
N THR A 39 -6.11 21.58 -37.16
CA THR A 39 -6.30 22.92 -37.69
C THR A 39 -5.00 23.70 -37.55
N ALA A 40 -4.84 24.70 -38.41
CA ALA A 40 -3.64 25.54 -38.42
C ALA A 40 -4.03 26.99 -38.22
N VAL A 41 -3.37 27.68 -37.30
CA VAL A 41 -3.55 29.10 -37.08
C VAL A 41 -2.38 29.82 -37.74
N ILE A 42 -2.67 30.59 -38.77
CA ILE A 42 -1.64 31.17 -39.62
C ILE A 42 -1.91 32.66 -39.81
N GLY A 43 -0.85 33.41 -40.05
CA GLY A 43 -0.95 34.83 -40.29
C GLY A 43 0.37 35.53 -40.12
N PRO A 44 0.42 36.81 -40.47
CA PRO A 44 1.67 37.56 -40.29
C PRO A 44 2.08 37.57 -38.83
N THR A 45 3.39 37.51 -38.60
CA THR A 45 3.91 37.41 -37.23
C THR A 45 3.40 38.57 -36.39
N GLY A 46 2.96 38.27 -35.18
CA GLY A 46 2.53 39.30 -34.26
C GLY A 46 1.16 39.86 -34.51
N SER A 47 0.25 39.06 -35.07
CA SER A 47 -1.10 39.53 -35.31
C SER A 47 -1.97 39.10 -34.12
N GLY A 48 -2.23 37.80 -33.94
CA GLY A 48 -2.93 37.37 -32.74
C GLY A 48 -2.69 35.96 -32.24
N LYS A 49 -1.77 35.22 -32.86
CA LYS A 49 -1.76 33.78 -32.66
C LYS A 49 -1.45 33.40 -31.21
N THR A 50 -0.36 33.93 -30.67
CA THR A 50 -0.02 33.61 -29.29
C THR A 50 -1.09 34.12 -28.35
N THR A 51 -1.81 35.17 -28.72
CA THR A 51 -2.93 35.63 -27.91
C THR A 51 -4.01 34.54 -27.82
N LEU A 52 -4.34 33.90 -28.95
CA LEU A 52 -5.30 32.81 -28.92
C LEU A 52 -4.81 31.67 -28.03
N VAL A 53 -3.54 31.27 -28.22
CA VAL A 53 -3.03 30.17 -27.41
C VAL A 53 -3.10 30.53 -25.94
N ASP A 54 -2.78 31.78 -25.59
CA ASP A 54 -2.80 32.19 -24.20
C ASP A 54 -4.21 32.24 -23.64
N ALA A 55 -5.19 32.65 -24.45
CA ALA A 55 -6.57 32.63 -23.99
C ALA A 55 -7.01 31.21 -23.65
N LEU A 56 -6.69 30.27 -24.54
CA LEU A 56 -7.07 28.89 -24.26
C LEU A 56 -6.35 28.36 -23.02
N MET A 57 -5.06 28.65 -22.89
CA MET A 57 -4.33 28.18 -21.73
C MET A 57 -4.87 28.78 -20.44
N THR A 58 -5.30 30.05 -20.49
CA THR A 58 -5.97 30.64 -19.33
C THR A 58 -7.23 29.87 -19.00
N LEU A 59 -8.02 29.53 -20.02
CA LEU A 59 -9.21 28.73 -19.77
C LEU A 59 -8.86 27.39 -19.14
N LEU A 60 -7.64 26.89 -19.38
CA LEU A 60 -7.31 25.54 -18.95
C LEU A 60 -6.51 25.47 -17.65
N CYS A 61 -5.44 26.24 -17.53
CA CYS A 61 -4.50 26.09 -16.44
C CYS A 61 -4.80 27.05 -15.30
N ALA A 62 -4.13 26.84 -14.16
CA ALA A 62 -4.29 27.67 -12.99
C ALA A 62 -3.36 28.88 -13.02
N ASN A 63 -2.10 28.67 -13.38
CA ASN A 63 -1.11 29.73 -13.51
C ASN A 63 -0.45 29.61 -14.87
N PRO A 64 -1.17 29.92 -15.94
CA PRO A 64 -0.63 29.71 -17.29
C PRO A 64 0.62 30.54 -17.52
N ARG A 65 1.56 29.96 -18.27
CA ARG A 65 2.75 30.67 -18.70
C ARG A 65 2.46 31.31 -20.05
N TYR A 66 2.25 32.63 -20.05
CA TYR A 66 1.92 33.35 -21.26
C TYR A 66 3.17 33.60 -22.09
N ASN A 67 3.02 33.48 -23.41
CA ASN A 67 4.14 33.61 -24.34
C ASN A 67 5.26 32.64 -23.99
N LEU A 68 4.91 31.39 -23.67
CA LEU A 68 5.94 30.38 -23.47
C LEU A 68 6.65 30.06 -24.78
N ALA A 69 6.08 30.47 -25.91
CA ALA A 69 6.68 30.17 -27.21
C ALA A 69 8.02 30.87 -27.37
N SER A 70 8.09 32.15 -27.03
CA SER A 70 9.29 32.95 -27.24
C SER A 70 10.03 33.29 -25.95
N THR A 71 9.33 33.43 -24.83
CA THR A 71 9.95 33.78 -23.57
C THR A 71 10.38 32.56 -22.77
N GLY A 72 10.26 31.36 -23.34
CA GLY A 72 10.64 30.16 -22.62
C GLY A 72 12.08 30.26 -22.12
N GLY A 73 12.27 29.90 -20.84
CA GLY A 73 13.54 30.00 -20.18
C GLY A 73 13.60 31.09 -19.13
N HIS A 74 12.87 32.18 -19.32
CA HIS A 74 12.79 33.25 -18.33
C HIS A 74 11.33 33.58 -18.10
N GLU A 75 11.08 34.50 -17.16
CA GLU A 75 9.72 34.87 -16.82
C GLU A 75 8.99 35.45 -18.02
N SER A 76 7.71 35.12 -18.12
CA SER A 76 6.88 35.66 -19.19
C SER A 76 6.70 37.16 -19.02
N ASP A 77 6.68 37.88 -20.15
CA ASP A 77 6.48 39.32 -20.12
C ASP A 77 5.01 39.66 -19.88
N ARG A 78 4.09 38.88 -20.44
CA ARG A 78 2.68 39.19 -20.35
C ARG A 78 2.08 38.65 -19.06
N ASP A 79 0.82 39.04 -18.82
CA ASP A 79 0.07 38.56 -17.67
C ASP A 79 -1.41 38.76 -17.96
N LEU A 80 -2.26 38.25 -17.08
CA LEU A 80 -3.70 38.35 -17.30
C LEU A 80 -4.14 39.81 -17.33
N ILE A 81 -3.55 40.64 -16.45
CA ILE A 81 -3.95 42.05 -16.40
C ILE A 81 -3.73 42.71 -17.75
N SER A 82 -2.58 42.48 -18.37
CA SER A 82 -2.31 43.08 -19.67
C SER A 82 -3.31 42.62 -20.72
N TYR A 83 -3.61 41.33 -20.78
CA TYR A 83 -4.56 40.84 -21.76
C TYR A 83 -5.93 41.45 -21.57
N VAL A 84 -6.40 41.54 -20.32
CA VAL A 84 -7.69 42.17 -20.09
C VAL A 84 -7.66 43.64 -20.50
N ARG A 85 -6.59 44.35 -20.12
CA ARG A 85 -6.45 45.75 -20.49
C ARG A 85 -6.05 45.93 -21.95
N GLY A 86 -5.53 44.88 -22.59
CA GLY A 86 -5.12 44.97 -23.97
C GLY A 86 -3.94 45.89 -24.22
N VAL A 87 -2.93 45.84 -23.36
CA VAL A 87 -1.74 46.65 -23.58
C VAL A 87 -1.06 46.21 -24.87
N SER A 88 -0.31 47.12 -25.47
CA SER A 88 0.38 46.84 -26.72
C SER A 88 1.87 47.16 -26.60
N GLY A 89 2.50 46.68 -25.52
CA GLY A 89 3.89 46.97 -25.25
C GLY A 89 4.81 46.85 -26.46
N PRO A 90 4.81 45.68 -27.10
CA PRO A 90 5.66 45.50 -28.29
C PRO A 90 5.34 46.51 -29.38
N GLY A 91 4.07 46.58 -29.79
CA GLY A 91 3.67 47.50 -30.82
C GLY A 91 3.72 48.95 -30.37
N ASP A 92 4.64 49.72 -30.94
CA ASP A 92 4.85 51.11 -30.58
C ASP A 92 5.06 51.94 -31.85
N GLY A 93 5.52 53.17 -31.65
CA GLY A 93 5.70 54.11 -32.75
C GLY A 93 5.16 55.47 -32.36
N GLY A 94 4.13 55.46 -31.53
CA GLY A 94 3.59 56.66 -30.92
C GLY A 94 3.14 56.35 -29.50
N GLU A 95 3.69 55.28 -28.95
CA GLU A 95 3.17 54.68 -27.72
C GLU A 95 2.93 55.73 -26.64
N GLY A 96 1.66 55.90 -26.27
CA GLY A 96 1.28 56.76 -25.18
C GLY A 96 1.18 56.01 -23.86
N GLN A 97 2.33 55.62 -23.31
CA GLN A 97 2.39 54.83 -22.09
C GLN A 97 1.72 53.47 -22.28
N SER A 98 2.22 52.74 -23.27
CA SER A 98 1.93 51.34 -23.56
C SER A 98 0.63 51.09 -24.32
N HIS A 99 -0.12 52.13 -24.68
CA HIS A 99 -1.36 51.96 -25.43
C HIS A 99 -2.31 50.98 -24.73
N ILE A 100 -2.72 51.35 -23.52
CA ILE A 100 -3.73 50.57 -22.84
C ILE A 100 -5.04 50.70 -23.60
N ALA A 101 -5.41 49.65 -24.33
CA ALA A 101 -6.57 49.73 -25.20
C ALA A 101 -7.84 50.01 -24.43
N ARG A 102 -8.00 49.39 -23.26
CA ARG A 102 -9.20 49.55 -22.43
C ARG A 102 -8.74 49.91 -21.02
N PRO A 103 -8.59 51.20 -20.74
CA PRO A 103 -8.11 51.62 -19.42
C PRO A 103 -9.20 51.69 -18.37
N GLY A 104 -10.42 52.02 -18.80
CA GLY A 104 -11.52 52.22 -17.89
C GLY A 104 -12.21 50.91 -17.52
N LYS A 105 -13.41 51.04 -16.98
CA LYS A 105 -14.20 49.86 -16.68
C LYS A 105 -14.37 49.02 -17.93
N THR A 106 -14.14 47.72 -17.81
CA THR A 106 -14.12 46.85 -18.97
C THR A 106 -14.52 45.44 -18.56
N VAL A 107 -14.90 44.64 -19.55
CA VAL A 107 -15.23 43.23 -19.34
C VAL A 107 -14.70 42.44 -20.52
N THR A 108 -14.03 41.33 -20.25
CA THR A 108 -13.49 40.45 -21.28
C THR A 108 -13.91 39.03 -21.00
N GLY A 109 -14.50 38.38 -22.00
CA GLY A 109 -14.94 37.01 -21.86
C GLY A 109 -14.26 36.11 -22.88
N ILE A 110 -13.86 34.93 -22.43
CA ILE A 110 -13.24 33.94 -23.31
C ILE A 110 -13.94 32.60 -23.10
N ALA A 111 -14.41 31.99 -24.18
CA ALA A 111 -15.15 30.75 -24.10
C ALA A 111 -14.58 29.76 -25.10
N ALA A 112 -14.47 28.50 -24.68
CA ALA A 112 -13.94 27.43 -25.50
C ALA A 112 -14.92 26.27 -25.50
N THR A 113 -15.27 25.78 -26.68
CA THR A 113 -16.21 24.69 -26.84
C THR A 113 -15.47 23.41 -27.22
N LEU A 114 -15.84 22.31 -26.59
CA LEU A 114 -15.31 21.00 -26.91
C LEU A 114 -16.47 20.05 -27.18
N GLU A 115 -16.32 19.22 -28.20
CA GLU A 115 -17.40 18.34 -28.63
C GLU A 115 -16.93 16.91 -28.71
N ARG A 116 -17.87 15.99 -28.48
CA ARG A 116 -17.59 14.56 -28.64
C ARG A 116 -18.92 13.86 -28.90
N GLU A 117 -19.11 13.36 -30.12
CA GLU A 117 -20.29 12.59 -30.47
C GLU A 117 -21.57 13.32 -30.09
N GLY A 118 -21.60 14.62 -30.37
CA GLY A 118 -22.78 15.43 -30.11
C GLY A 118 -22.89 15.99 -28.71
N LYS A 119 -22.00 15.61 -27.80
CA LYS A 119 -22.00 16.16 -26.46
C LYS A 119 -21.07 17.35 -26.41
N GLN A 120 -21.57 18.47 -25.89
CA GLN A 120 -20.84 19.73 -25.87
C GLN A 120 -20.46 20.10 -24.44
N VAL A 121 -19.25 20.63 -24.28
CA VAL A 121 -18.75 21.13 -23.02
C VAL A 121 -18.08 22.47 -23.28
N ARG A 122 -18.65 23.54 -22.75
CA ARG A 122 -18.15 24.88 -22.96
C ARG A 122 -17.56 25.42 -21.67
N LEU A 123 -16.25 25.67 -21.68
CA LEU A 123 -15.59 26.38 -20.61
C LEU A 123 -15.63 27.87 -20.92
N GLY A 124 -15.56 28.70 -19.90
CA GLY A 124 -15.61 30.13 -20.11
C GLY A 124 -15.06 30.88 -18.92
N ALA A 125 -14.75 32.15 -19.16
CA ALA A 125 -14.25 33.02 -18.12
C ALA A 125 -14.66 34.44 -18.43
N LEU A 126 -15.19 35.13 -17.42
CA LEU A 126 -15.47 36.56 -17.49
C LEU A 126 -14.53 37.26 -16.51
N LEU A 127 -13.78 38.25 -17.00
CA LEU A 127 -12.87 39.01 -16.18
C LEU A 127 -13.13 40.48 -16.43
N TRP A 128 -13.47 41.22 -15.39
CA TRP A 128 -13.84 42.62 -15.59
C TRP A 128 -13.19 43.51 -14.54
N PHE A 129 -13.03 44.77 -14.91
CA PHE A 129 -12.60 45.84 -14.02
C PHE A 129 -13.72 46.87 -13.91
N ASP A 130 -14.00 47.31 -12.70
CA ASP A 130 -15.03 48.29 -12.46
C ASP A 130 -14.52 49.73 -12.50
N SER A 131 -13.21 49.94 -12.51
CA SER A 131 -12.62 51.27 -12.41
C SER A 131 -11.33 51.29 -13.22
N THR A 132 -10.51 52.30 -12.97
CA THR A 132 -9.21 52.45 -13.63
C THR A 132 -8.10 51.68 -12.92
N SER A 133 -8.38 51.10 -11.75
CA SER A 133 -7.37 50.35 -11.04
C SER A 133 -6.86 49.18 -11.89
N SER A 134 -5.57 48.89 -11.76
CA SER A 134 -4.95 47.81 -12.52
C SER A 134 -4.28 46.78 -11.63
N SER A 135 -4.56 46.80 -10.32
CA SER A 135 -4.03 45.79 -9.43
C SER A 135 -4.77 44.48 -9.61
N VAL A 136 -4.07 43.38 -9.33
CA VAL A 136 -4.66 42.06 -9.55
C VAL A 136 -5.94 41.87 -8.75
N THR A 137 -5.93 42.31 -7.49
CA THR A 137 -7.06 42.09 -6.60
C THR A 137 -8.31 42.86 -7.01
N ASP A 138 -8.20 43.81 -7.92
CA ASP A 138 -9.35 44.61 -8.35
C ASP A 138 -10.02 44.07 -9.59
N MET A 139 -9.57 42.93 -10.12
CA MET A 139 -10.23 42.28 -11.24
C MET A 139 -11.22 41.27 -10.71
N LYS A 140 -12.48 41.43 -11.10
CA LYS A 140 -13.53 40.51 -10.70
C LYS A 140 -13.64 39.39 -11.73
N ARG A 141 -13.63 38.16 -11.26
CA ARG A 141 -13.60 36.99 -12.11
C ARG A 141 -14.88 36.18 -11.93
N LEU A 142 -15.23 35.43 -12.97
CA LEU A 142 -16.35 34.48 -12.92
C LEU A 142 -16.06 33.39 -13.93
N TRP A 143 -15.64 32.22 -13.45
CA TRP A 143 -15.41 31.10 -14.34
C TRP A 143 -16.71 30.34 -14.54
N LEU A 144 -16.88 29.79 -15.73
CA LEU A 144 -18.15 29.19 -16.10
C LEU A 144 -17.92 27.85 -16.78
N PHE A 145 -18.75 26.88 -16.44
CA PHE A 145 -18.75 25.56 -17.04
C PHE A 145 -20.16 25.29 -17.54
N SER A 146 -20.28 24.74 -18.74
CA SER A 146 -21.61 24.53 -19.27
C SER A 146 -21.64 23.26 -20.11
N ASP A 147 -22.76 22.56 -20.06
CA ASP A 147 -23.01 21.45 -20.96
C ASP A 147 -24.19 21.74 -21.87
N ASN A 148 -24.99 22.75 -21.56
CA ASN A 148 -26.10 23.14 -22.40
C ASN A 148 -25.59 23.90 -23.60
N PRO A 149 -25.92 23.50 -24.83
CA PRO A 149 -25.44 24.24 -26.00
C PRO A 149 -25.92 25.68 -26.04
N GLY A 150 -27.04 25.98 -25.40
CA GLY A 150 -27.59 27.33 -25.44
C GLY A 150 -26.86 28.35 -24.60
N GLN A 151 -25.91 27.92 -23.79
CA GLN A 151 -25.12 28.82 -22.95
C GLN A 151 -23.86 29.19 -23.72
N THR A 152 -23.94 30.26 -24.52
CA THR A 152 -22.82 30.75 -25.30
C THR A 152 -22.28 32.03 -24.68
N LEU A 153 -21.00 32.30 -24.96
CA LEU A 153 -20.36 33.47 -24.37
C LEU A 153 -21.10 34.75 -24.67
N GLU A 154 -21.75 34.82 -25.84
CA GLU A 154 -22.56 36.00 -26.13
C GLU A 154 -23.65 36.18 -25.10
N HIS A 155 -24.30 35.09 -24.70
CA HIS A 155 -25.35 35.18 -23.69
C HIS A 155 -24.80 35.64 -22.35
N TRP A 156 -23.63 35.12 -21.96
CA TRP A 156 -23.03 35.55 -20.70
C TRP A 156 -22.70 37.03 -20.73
N LEU A 157 -22.13 37.51 -21.84
CA LEU A 157 -21.82 38.93 -21.92
C LEU A 157 -23.07 39.78 -21.90
N ASN A 158 -24.13 39.33 -22.58
CA ASN A 158 -25.39 40.06 -22.55
C ASN A 158 -25.93 40.16 -21.13
N VAL A 159 -25.91 39.04 -20.40
CA VAL A 159 -26.38 39.04 -19.02
C VAL A 159 -25.54 39.98 -18.17
N TYR A 160 -24.23 39.95 -18.37
CA TYR A 160 -23.37 40.84 -17.59
C TYR A 160 -23.72 42.30 -17.85
N HIS A 161 -23.72 42.69 -19.13
CA HIS A 161 -24.02 44.08 -19.45
C HIS A 161 -25.38 44.49 -18.89
N GLU A 162 -26.37 43.60 -18.96
CA GLU A 162 -27.70 43.95 -18.48
C GLU A 162 -27.70 44.16 -16.96
N GLY A 163 -27.17 43.21 -16.20
CA GLY A 163 -27.38 43.25 -14.77
C GLY A 163 -26.24 42.86 -13.85
N GLY A 164 -24.99 43.12 -14.24
CA GLY A 164 -23.87 42.82 -13.38
C GLY A 164 -23.81 41.42 -12.81
N THR A 165 -22.99 41.26 -11.76
CA THR A 165 -22.82 39.96 -11.14
C THR A 165 -24.11 39.47 -10.49
N ARG A 166 -24.99 40.39 -10.08
CA ARG A 166 -26.25 39.97 -9.48
C ARG A 166 -27.09 39.19 -10.49
N LEU A 167 -27.30 39.76 -11.68
CA LEU A 167 -28.01 39.03 -12.71
C LEU A 167 -27.24 37.81 -13.17
N LEU A 168 -25.90 37.86 -13.13
CA LEU A 168 -25.14 36.65 -13.45
C LEU A 168 -25.51 35.50 -12.53
N ARG A 169 -25.49 35.75 -11.22
CA ARG A 169 -25.86 34.72 -10.25
C ARG A 169 -27.30 34.28 -10.45
N GLN A 170 -28.21 35.24 -10.70
CA GLN A 170 -29.61 34.89 -10.90
C GLN A 170 -29.77 33.97 -12.11
N MET A 171 -29.07 34.28 -13.20
CA MET A 171 -29.13 33.42 -14.38
C MET A 171 -28.58 32.03 -14.07
N GLU A 172 -27.46 31.97 -13.34
CA GLU A 172 -26.93 30.66 -12.98
C GLU A 172 -27.94 29.85 -12.18
N LYS A 173 -28.68 30.51 -11.30
CA LYS A 173 -29.64 29.79 -10.46
C LYS A 173 -30.69 29.08 -11.30
N GLU A 174 -31.25 29.77 -12.30
CA GLU A 174 -32.35 29.24 -13.08
C GLU A 174 -31.90 28.53 -14.36
N ALA A 175 -30.61 28.56 -14.66
CA ALA A 175 -30.09 27.97 -15.89
C ALA A 175 -29.77 26.50 -15.69
N ILE A 176 -30.12 25.70 -16.69
CA ILE A 176 -29.90 24.25 -16.65
C ILE A 176 -28.58 23.94 -17.33
N GLY A 177 -27.75 23.15 -16.66
CA GLY A 177 -26.47 22.78 -17.21
C GLY A 177 -25.37 23.80 -17.08
N LEU A 178 -25.56 24.82 -16.24
CA LEU A 178 -24.58 25.87 -16.04
C LEU A 178 -24.03 25.81 -14.62
N TRP A 179 -22.74 26.05 -14.49
CA TRP A 179 -22.09 26.15 -13.19
C TRP A 179 -21.20 27.39 -13.24
N THR A 180 -21.32 28.27 -12.26
CA THR A 180 -20.49 29.46 -12.19
C THR A 180 -19.72 29.46 -10.88
N TYR A 181 -18.41 29.65 -10.99
CA TYR A 181 -17.50 29.63 -9.86
C TYR A 181 -16.83 30.99 -9.71
N PRO A 182 -16.92 31.65 -8.56
CA PRO A 182 -16.20 32.91 -8.39
C PRO A 182 -14.72 32.75 -8.15
N ASN A 183 -14.24 31.56 -7.79
CA ASN A 183 -12.83 31.31 -7.54
C ASN A 183 -12.35 30.19 -8.44
N LYS A 184 -11.20 30.40 -9.09
CA LYS A 184 -10.77 29.50 -10.15
C LYS A 184 -10.41 28.11 -9.65
N LYS A 185 -10.11 27.95 -8.36
CA LYS A 185 -9.73 26.64 -7.86
C LYS A 185 -10.86 25.64 -8.03
N GLN A 186 -12.09 26.05 -7.69
CA GLN A 186 -13.22 25.16 -7.82
C GLN A 186 -13.49 24.82 -9.28
N TYR A 187 -13.34 25.81 -10.17
CA TYR A 187 -13.53 25.55 -11.59
C TYR A 187 -12.51 24.56 -12.11
N LEU A 188 -11.24 24.71 -11.71
CA LEU A 188 -10.23 23.75 -12.14
C LEU A 188 -10.51 22.36 -11.58
N ALA A 189 -10.98 22.27 -10.34
CA ALA A 189 -11.34 20.97 -9.80
C ALA A 189 -12.48 20.35 -10.59
N ARG A 190 -13.45 21.16 -11.00
CA ARG A 190 -14.53 20.65 -11.83
C ARG A 190 -14.02 20.13 -13.17
N LEU A 191 -13.08 20.86 -13.78
CA LEU A 191 -12.49 20.39 -15.03
C LEU A 191 -11.77 19.07 -14.83
N ARG A 192 -10.99 18.95 -13.75
CA ARG A 192 -10.29 17.70 -13.47
C ARG A 192 -11.27 16.56 -13.33
N ASP A 193 -12.38 16.80 -12.61
CA ASP A 193 -13.38 15.76 -12.44
C ASP A 193 -13.99 15.37 -13.78
N PHE A 194 -14.31 16.36 -14.61
CA PHE A 194 -14.97 16.05 -15.88
C PHE A 194 -14.05 15.27 -16.81
N PHE A 195 -12.81 15.70 -16.95
CA PHE A 195 -11.89 15.08 -17.89
C PHE A 195 -11.03 14.00 -17.25
N GLU A 196 -11.21 13.75 -15.94
CA GLU A 196 -10.58 12.63 -15.27
C GLU A 196 -9.06 12.68 -15.39
N VAL A 197 -8.51 13.89 -15.36
CA VAL A 197 -7.07 14.12 -15.43
C VAL A 197 -6.68 15.09 -14.33
N GLY A 198 -5.51 14.88 -13.75
CA GLY A 198 -5.03 15.78 -12.72
C GLY A 198 -4.54 17.09 -13.28
N GLU A 199 -4.15 17.98 -12.37
CA GLU A 199 -3.62 19.29 -12.78
C GLU A 199 -2.35 19.14 -13.60
N ASN A 200 -1.58 18.08 -13.36
CA ASN A 200 -0.34 17.89 -14.12
C ASN A 200 -0.60 17.80 -15.60
N ALA A 201 -1.71 17.17 -16.01
CA ALA A 201 -2.00 17.05 -17.43
C ALA A 201 -2.14 18.41 -18.08
N PHE A 202 -2.93 19.31 -17.48
CA PHE A 202 -3.13 20.62 -18.08
C PHE A 202 -1.89 21.50 -17.96
N THR A 203 -1.12 21.35 -16.88
CA THR A 203 0.14 22.09 -16.79
C THR A 203 1.09 21.66 -17.90
N LEU A 204 1.15 20.36 -18.19
CA LEU A 204 1.97 19.87 -19.29
C LEU A 204 1.43 20.38 -20.63
N LEU A 205 0.11 20.42 -20.78
CA LEU A 205 -0.47 20.97 -21.99
C LEU A 205 -0.03 22.41 -22.20
N ASN A 206 -0.01 23.20 -21.13
CA ASN A 206 0.47 24.58 -21.24
C ASN A 206 1.96 24.62 -21.59
N ARG A 207 2.76 23.79 -20.93
CA ARG A 207 4.19 23.78 -21.23
C ARG A 207 4.49 23.31 -22.65
N ALA A 208 3.56 22.56 -23.26
CA ALA A 208 3.79 22.08 -24.61
C ALA A 208 3.87 23.20 -25.63
N ALA A 209 3.37 24.38 -25.31
CA ALA A 209 3.44 25.52 -26.22
C ALA A 209 4.78 26.22 -26.19
N GLY A 210 5.67 25.82 -25.29
CA GLY A 210 6.99 26.41 -25.22
C GLY A 210 8.07 25.42 -25.61
N LEU A 211 7.69 24.44 -26.43
CA LEU A 211 8.61 23.40 -26.85
C LEU A 211 9.73 23.91 -27.73
N LYS A 212 9.63 25.13 -28.25
CA LYS A 212 10.64 25.64 -29.18
C LYS A 212 12.03 25.57 -28.56
N GLN A 213 12.19 26.11 -27.35
CA GLN A 213 13.49 26.13 -26.68
C GLN A 213 13.74 24.74 -26.07
N LEU A 214 14.22 23.84 -26.92
CA LEU A 214 14.48 22.46 -26.54
C LEU A 214 15.95 22.13 -26.77
N ASN A 215 16.41 21.08 -26.08
CA ASN A 215 17.80 20.66 -26.13
C ASN A 215 17.83 19.15 -25.90
N SER A 216 18.98 18.63 -25.49
CA SER A 216 19.16 17.19 -25.33
C SER A 216 18.02 16.58 -24.52
N ILE A 217 17.80 15.27 -24.67
CA ILE A 217 16.66 14.62 -24.04
C ILE A 217 16.57 14.99 -22.56
N ASP A 218 17.73 15.20 -21.94
CA ASP A 218 17.73 15.54 -20.52
C ASP A 218 16.94 16.80 -20.25
N GLU A 219 17.18 17.86 -21.04
CA GLU A 219 16.49 19.12 -20.80
C GLU A 219 15.02 19.02 -21.18
N ILE A 220 14.70 18.29 -22.25
CA ILE A 220 13.30 18.11 -22.62
C ILE A 220 12.55 17.42 -21.49
N PHE A 221 13.17 16.44 -20.85
CA PHE A 221 12.50 15.71 -19.78
C PHE A 221 12.43 16.52 -18.49
N ARG A 222 13.50 17.23 -18.14
CA ARG A 222 13.53 17.95 -16.88
C ARG A 222 12.87 19.31 -16.94
N GLU A 223 12.52 19.80 -18.13
CA GLU A 223 11.90 21.12 -18.25
C GLU A 223 10.56 21.11 -18.96
N LEU A 224 10.17 20.01 -19.59
CA LEU A 224 8.91 19.94 -20.32
C LEU A 224 7.88 19.07 -19.61
N VAL A 225 8.22 17.82 -19.33
CA VAL A 225 7.33 16.89 -18.64
C VAL A 225 7.80 16.75 -17.21
N LEU A 226 6.98 16.07 -16.39
CA LEU A 226 7.31 15.78 -15.00
C LEU A 226 7.66 17.07 -14.25
N ASP A 227 6.60 17.85 -14.01
CA ASP A 227 6.71 19.20 -13.46
C ASP A 227 7.57 19.26 -12.20
N ASP A 228 7.99 20.47 -11.83
CA ASP A 228 9.10 20.71 -10.91
C ASP A 228 9.09 19.81 -9.68
N HIS A 229 8.12 19.97 -8.80
CA HIS A 229 8.06 19.20 -7.55
C HIS A 229 9.37 19.24 -6.79
N SER A 230 10.16 20.30 -6.99
CA SER A 230 11.42 20.41 -6.28
C SER A 230 11.18 20.77 -4.81
N ALA A 231 12.21 20.58 -3.99
CA ALA A 231 12.14 20.84 -2.56
C ALA A 231 13.15 21.89 -2.14
N PHE A 232 13.30 22.93 -2.95
CA PHE A 232 14.21 24.02 -2.60
C PHE A 232 13.65 24.93 -1.52
N ASP A 233 12.33 24.95 -1.32
CA ASP A 233 11.72 25.80 -0.31
C ASP A 233 11.63 25.13 1.06
N ARG A 234 11.29 23.84 1.09
CA ARG A 234 11.26 23.13 2.36
C ARG A 234 12.63 23.11 3.02
N ALA A 235 13.69 23.11 2.22
CA ALA A 235 15.04 23.12 2.78
C ALA A 235 15.27 24.37 3.62
N ALA A 236 14.76 25.51 3.18
CA ALA A 236 14.91 26.74 3.95
C ALA A 236 14.21 26.64 5.29
N GLU A 237 12.99 26.09 5.30
CA GLU A 237 12.27 25.92 6.56
C GLU A 237 13.02 24.97 7.50
N VAL A 238 13.55 23.88 6.95
CA VAL A 238 14.33 22.95 7.77
C VAL A 238 15.55 23.64 8.33
N ALA A 239 16.22 24.46 7.51
CA ALA A 239 17.40 25.17 7.98
C ALA A 239 17.07 26.13 9.11
N ASN A 240 15.96 26.87 8.99
CA ASN A 240 15.58 27.79 10.05
C ASN A 240 15.25 27.05 11.33
N SER A 241 14.52 25.94 11.22
CA SER A 241 14.23 25.14 12.41
C SER A 241 15.51 24.64 13.04
N PHE A 242 16.47 24.20 12.23
CA PHE A 242 17.73 23.76 12.80
C PHE A 242 18.49 24.91 13.43
N ASP A 243 18.33 26.13 12.92
CA ASP A 243 18.96 27.28 13.57
C ASP A 243 18.40 27.48 14.96
N GLY A 244 17.07 27.37 15.10
CA GLY A 244 16.49 27.39 16.44
C GLY A 244 17.04 26.26 17.30
N LEU A 245 17.23 25.08 16.71
CA LEU A 245 17.79 23.97 17.47
C LEU A 245 19.20 24.28 17.95
N THR A 246 20.02 24.90 17.10
CA THR A 246 21.36 25.27 17.51
C THR A 246 21.33 26.29 18.64
N GLU A 247 20.40 27.24 18.58
CA GLU A 247 20.25 28.17 19.68
C GLU A 247 19.96 27.44 20.99
N ILE A 248 19.03 26.48 20.94
CA ILE A 248 18.70 25.72 22.15
C ILE A 248 19.91 24.93 22.63
N HIS A 249 20.67 24.35 21.70
CA HIS A 249 21.84 23.58 22.08
C HIS A 249 22.89 24.47 22.74
N GLN A 250 23.06 25.69 22.23
CA GLN A 250 23.99 26.63 22.86
C GLN A 250 23.53 26.97 24.27
N GLU A 251 22.23 27.17 24.45
CA GLU A 251 21.72 27.42 25.81
C GLU A 251 22.06 26.26 26.74
N LEU A 252 21.80 25.03 26.29
CA LEU A 252 22.10 23.87 27.13
C LEU A 252 23.59 23.75 27.42
N GLU A 253 24.42 23.99 26.41
CA GLU A 253 25.86 23.88 26.62
C GLU A 253 26.36 24.91 27.62
N THR A 254 25.84 26.14 27.54
CA THR A 254 26.21 27.16 28.51
C THR A 254 25.77 26.76 29.92
N ALA A 255 24.55 26.23 30.05
CA ALA A 255 24.10 25.79 31.36
C ALA A 255 25.00 24.69 31.92
N ARG A 256 25.37 23.73 31.07
CA ARG A 256 26.25 22.64 31.51
C ARG A 256 27.60 23.18 31.96
N LYS A 257 28.17 24.10 31.18
CA LYS A 257 29.46 24.67 31.56
C LYS A 257 29.37 25.42 32.87
N GLN A 258 28.29 26.19 33.06
CA GLN A 258 28.12 26.93 34.30
C GLN A 258 28.04 25.98 35.49
N GLN A 259 27.26 24.91 35.38
CA GLN A 259 27.17 23.96 36.48
C GLN A 259 28.51 23.29 36.76
N GLN A 260 29.23 22.90 35.70
CA GLN A 260 30.52 22.27 35.89
C GLN A 260 31.49 23.20 36.60
N SER A 261 31.49 24.48 36.22
CA SER A 261 32.32 25.45 36.93
C SER A 261 31.90 25.59 38.38
N LEU A 262 30.59 25.65 38.63
CA LEU A 262 30.10 25.92 39.98
C LEU A 262 30.49 24.80 40.94
N GLN A 263 30.37 23.55 40.52
CA GLN A 263 30.55 22.45 41.46
C GLN A 263 31.87 22.54 42.23
N PRO A 264 33.01 22.78 41.60
CA PRO A 264 34.26 22.92 42.37
C PRO A 264 34.17 24.01 43.42
N VAL A 265 33.44 25.09 43.14
CA VAL A 265 33.27 26.14 44.15
C VAL A 265 32.56 25.59 45.37
N ALA A 266 31.52 24.79 45.16
CA ALA A 266 30.80 24.20 46.29
C ALA A 266 31.71 23.27 47.08
N LEU A 267 32.51 22.45 46.38
CA LEU A 267 33.43 21.57 47.09
C LEU A 267 34.40 22.38 47.95
N SER A 268 35.02 23.40 47.35
CA SER A 268 36.01 24.18 48.08
C SER A 268 35.35 24.92 49.23
N TRP A 269 34.11 25.36 49.06
CA TRP A 269 33.39 26.02 50.15
C TRP A 269 33.16 25.07 51.30
N GLU A 270 32.80 23.81 51.00
CA GLU A 270 32.62 22.84 52.07
C GLU A 270 33.93 22.61 52.82
N LYS A 271 35.04 22.49 52.09
CA LYS A 271 36.34 22.32 52.75
C LYS A 271 36.68 23.53 53.61
N TYR A 272 36.41 24.73 53.10
CA TYR A 272 36.64 25.94 53.87
C TYR A 272 35.80 25.94 55.14
N GLN A 273 34.54 25.52 55.04
CA GLN A 273 33.69 25.45 56.22
C GLN A 273 34.26 24.49 57.25
N LYS A 274 34.73 23.34 56.81
CA LYS A 274 35.35 22.39 57.74
C LYS A 274 36.54 23.02 58.45
N GLN A 275 37.45 23.63 57.68
CA GLN A 275 38.63 24.23 58.28
C GLN A 275 38.26 25.36 59.24
N GLU A 276 37.30 26.20 58.87
CA GLU A 276 36.90 27.31 59.72
C GLU A 276 36.29 26.80 61.01
N ARG A 277 35.48 25.75 60.93
CA ARG A 277 34.90 25.20 62.15
C ARG A 277 35.99 24.62 63.05
N GLN A 278 36.98 23.97 62.46
CA GLN A 278 38.10 23.46 63.25
C GLN A 278 38.82 24.60 63.96
N LEU A 279 39.12 25.67 63.23
CA LEU A 279 39.80 26.82 63.84
C LEU A 279 38.95 27.41 64.97
N ALA A 280 37.65 27.60 64.72
CA ALA A 280 36.79 28.19 65.74
C ALA A 280 36.74 27.32 66.98
N ASP A 281 36.65 26.01 66.81
CA ASP A 281 36.68 25.11 67.96
C ASP A 281 38.00 25.24 68.71
N TRP A 282 39.10 25.40 67.99
CA TRP A 282 40.39 25.56 68.65
C TRP A 282 40.39 26.77 69.58
N LEU A 283 39.86 27.89 69.12
CA LEU A 283 39.80 29.10 69.93
C LEU A 283 38.92 28.90 71.15
N GLU A 782 50.72 27.12 66.36
CA GLU A 782 49.60 26.19 66.23
C GLU A 782 48.48 26.81 65.40
N ILE A 783 47.98 27.97 65.87
CA ILE A 783 46.91 28.65 65.15
C ILE A 783 47.38 29.10 63.78
N GLU A 784 48.66 29.48 63.68
CA GLU A 784 49.18 30.02 62.42
C GLU A 784 49.02 29.01 61.30
N ARG A 785 49.19 27.72 61.60
CA ARG A 785 49.00 26.70 60.57
C ARG A 785 47.56 26.66 60.09
N VAL A 786 46.60 26.77 61.01
CA VAL A 786 45.20 26.80 60.61
C VAL A 786 44.92 28.03 59.77
N LYS A 787 45.49 29.18 60.15
CA LYS A 787 45.29 30.40 59.38
C LYS A 787 45.88 30.28 57.98
N ALA A 788 47.05 29.63 57.85
CA ALA A 788 47.64 29.43 56.53
C ALA A 788 46.79 28.48 55.70
N GLU A 789 46.24 27.43 56.32
CA GLU A 789 45.34 26.55 55.61
C GLU A 789 44.11 27.31 55.13
N LEU A 790 43.57 28.19 55.97
CA LEU A 790 42.45 29.02 55.56
C LEU A 790 42.83 29.97 54.43
N HIS A 791 44.06 30.49 54.46
CA HIS A 791 44.54 31.32 53.38
C HIS A 791 44.55 30.56 52.06
N ARG A 792 45.11 29.34 52.08
CA ARG A 792 45.15 28.53 50.87
C ARG A 792 43.75 28.20 50.39
N LEU A 793 42.85 27.85 51.32
CA LEU A 793 41.49 27.51 50.95
C LEU A 793 40.76 28.71 50.38
N ASN A 794 40.99 29.90 50.93
CA ASN A 794 40.37 31.10 50.38
C ASN A 794 40.94 31.43 49.01
N ILE A 795 42.23 31.18 48.80
CA ILE A 795 42.82 31.38 47.48
C ILE A 795 42.13 30.49 46.46
N GLU A 796 41.99 29.20 46.78
CA GLU A 796 41.29 28.28 45.89
C GLU A 796 39.84 28.71 45.71
N LEU A 797 39.19 29.15 46.79
CA LEU A 797 37.83 29.63 46.70
C LEU A 797 37.70 30.74 45.69
N THR A 798 38.56 31.75 45.78
CA THR A 798 38.46 32.90 44.90
C THR A 798 38.81 32.53 43.47
N LYS A 799 39.77 31.63 43.27
CA LYS A 799 40.07 31.18 41.91
C LYS A 799 38.86 30.48 41.29
N ARG A 800 38.21 29.61 42.08
CA ARG A 800 37.00 28.94 41.59
C ARG A 800 35.90 29.96 41.33
N MET A 801 35.77 30.97 42.18
CA MET A 801 34.76 32.01 41.98
C MET A 801 35.01 32.75 40.67
N SER A 802 36.27 33.09 40.39
CA SER A 802 36.59 33.77 39.15
C SER A 802 36.29 32.88 37.95
N GLU A 803 36.60 31.59 38.05
CA GLU A 803 36.30 30.69 36.95
C GLU A 803 34.79 30.60 36.73
N ALA A 804 34.02 30.54 37.81
CA ALA A 804 32.56 30.48 37.69
C ALA A 804 32.00 31.74 37.07
N LYS A 805 32.49 32.90 37.50
CA LYS A 805 32.10 34.15 36.86
C LYS A 805 32.55 34.19 35.41
N ARG A 806 33.58 33.40 35.08
CA ARG A 806 34.14 33.40 33.73
C ARG A 806 33.09 32.99 32.71
N VAL A 807 32.42 31.86 32.94
CA VAL A 807 31.54 31.27 31.94
C VAL A 807 30.10 31.68 32.19
N ASP A 808 29.87 32.51 33.19
CA ASP A 808 28.52 32.92 33.52
C ASP A 808 28.01 33.95 32.53
N THR A 809 26.68 33.96 32.35
CA THR A 809 26.01 34.83 31.39
C THR A 809 24.80 35.45 32.07
N GLY A 810 25.02 36.07 33.22
CA GLY A 810 23.90 36.57 34.00
C GLY A 810 23.97 36.36 35.50
N ALA A 811 23.05 35.55 36.03
CA ALA A 811 22.72 35.52 37.45
C ALA A 811 23.90 35.81 38.39
N LEU A 812 25.05 35.22 38.12
CA LEU A 812 26.22 35.47 38.96
C LEU A 812 26.83 36.84 38.73
N VAL A 813 26.28 37.65 37.81
CA VAL A 813 26.87 38.95 37.54
C VAL A 813 26.73 39.88 38.73
N GLU A 814 25.61 39.79 39.46
CA GLU A 814 25.39 40.67 40.60
C GLU A 814 26.44 40.45 41.68
N ALA A 815 26.73 39.18 41.99
CA ALA A 815 27.64 38.85 43.07
C ALA A 815 29.09 39.09 42.65
N GLY A 816 30.00 38.88 43.59
CA GLY A 816 31.42 39.03 43.34
C GLY A 816 32.21 37.82 43.82
N ALA A 817 33.48 37.79 43.46
CA ALA A 817 34.37 36.68 43.80
C ALA A 817 34.96 36.86 45.19
N ASP A 818 34.07 36.86 46.18
CA ASP A 818 34.44 37.05 47.58
C ASP A 818 33.69 36.04 48.43
N LEU A 819 34.24 35.76 49.63
CA LEU A 819 33.65 34.76 50.49
C LEU A 819 32.20 35.08 50.85
N ASP A 820 31.90 36.36 51.09
CA ASP A 820 30.54 36.75 51.44
C ASP A 820 29.56 36.42 50.33
N ASP A 821 30.03 36.21 49.11
CA ASP A 821 29.17 35.86 47.99
C ASP A 821 29.02 34.35 47.80
N ILE A 822 29.55 33.54 48.72
CA ILE A 822 29.40 32.09 48.59
C ILE A 822 27.95 31.67 48.51
N PRO A 823 27.05 32.12 49.39
CA PRO A 823 25.67 31.60 49.35
C PRO A 823 25.03 31.70 47.97
N VAL A 824 25.09 32.89 47.36
CA VAL A 824 24.41 33.07 46.08
C VAL A 824 24.90 32.04 45.06
N TYR A 825 26.21 31.91 44.91
CA TYR A 825 26.75 30.88 44.01
C TYR A 825 26.14 29.53 44.34
N LEU A 826 26.20 29.14 45.61
CA LEU A 826 25.64 27.86 46.00
C LEU A 826 24.20 27.74 45.54
N GLN A 827 23.39 28.77 45.82
CA GLN A 827 22.01 28.74 45.38
C GLN A 827 21.94 28.46 43.88
N ARG A 828 22.71 29.21 43.10
CA ARG A 828 22.68 29.02 41.66
C ARG A 828 22.90 27.55 41.31
N LEU A 829 23.91 26.94 41.93
CA LEU A 829 24.18 25.53 41.63
C LEU A 829 22.91 24.71 41.81
N GLN A 830 22.27 24.82 42.97
CA GLN A 830 21.03 24.10 43.19
C GLN A 830 20.03 24.44 42.09
N GLU A 831 19.81 25.74 41.88
CA GLU A 831 18.83 26.17 40.89
C GLU A 831 19.12 25.58 39.52
N LEU A 832 20.40 25.32 39.22
CA LEU A 832 20.73 24.62 37.98
C LEU A 832 20.36 23.15 38.08
N THR A 833 20.98 22.43 39.03
CA THR A 833 20.82 20.98 39.06
C THR A 833 19.37 20.58 39.19
N GLU A 834 18.55 21.44 39.80
CA GLU A 834 17.10 21.28 39.78
C GLU A 834 16.47 21.57 38.44
N GLU A 835 16.58 22.78 37.98
CA GLU A 835 15.56 23.28 37.05
C GLU A 835 16.12 23.82 35.75
N ALA A 836 17.24 24.54 35.79
CA ALA A 836 17.80 25.04 34.54
C ALA A 836 18.25 23.88 33.66
N LEU A 837 19.16 23.06 34.17
CA LEU A 837 19.72 21.99 33.35
C LEU A 837 18.66 21.01 32.87
N PRO A 838 17.80 20.45 33.71
CA PRO A 838 16.79 19.51 33.22
C PRO A 838 15.87 20.12 32.18
N GLU A 839 15.18 21.21 32.53
CA GLU A 839 14.29 21.86 31.57
C GLU A 839 15.01 22.05 30.23
N LYS A 840 16.09 22.84 30.24
CA LYS A 840 16.89 23.01 29.03
C LYS A 840 17.09 21.67 28.33
N LEU A 841 17.67 20.70 29.05
CA LEU A 841 17.95 19.41 28.44
C LEU A 841 16.70 18.85 27.79
N ASN A 842 15.61 18.78 28.54
CA ASN A 842 14.37 18.27 27.97
C ASN A 842 14.04 19.02 26.69
N ARG A 843 14.03 20.36 26.76
CA ARG A 843 13.74 21.16 25.59
C ARG A 843 14.61 20.72 24.42
N PHE A 844 15.91 20.62 24.66
CA PHE A 844 16.81 20.20 23.58
C PHE A 844 16.39 18.86 23.02
N LEU A 845 16.24 17.86 23.90
CA LEU A 845 15.90 16.53 23.42
C LEU A 845 14.55 16.52 22.72
N ASP A 846 13.71 17.52 22.96
CA ASP A 846 12.49 17.64 22.18
C ASP A 846 12.80 18.18 20.79
N TYR A 847 13.44 19.34 20.73
CA TYR A 847 13.63 19.99 19.44
C TYR A 847 14.53 19.15 18.53
N LEU A 848 15.49 18.44 19.10
CA LEU A 848 16.30 17.54 18.28
C LEU A 848 15.42 16.56 17.52
N ASN A 849 14.42 16.00 18.19
CA ASN A 849 13.54 15.06 17.52
C ASN A 849 12.53 15.78 16.64
N ARG A 850 12.31 17.07 16.87
CA ARG A 850 11.47 17.85 15.97
C ARG A 850 12.13 18.08 14.61
N SER A 851 13.45 18.22 14.58
CA SER A 851 14.21 18.41 13.34
C SER A 851 15.10 17.18 13.18
N SER A 852 14.59 16.18 12.45
CA SER A 852 15.26 14.91 12.21
C SER A 852 14.21 13.86 11.90
N ASP A 853 13.35 13.58 12.88
CA ASP A 853 12.18 12.76 12.64
C ASP A 853 11.04 13.54 12.01
N ASP A 854 11.12 14.86 12.00
CA ASP A 854 10.13 15.71 11.35
C ASP A 854 10.74 16.64 10.32
N GLY A 855 12.05 16.55 10.09
CA GLY A 855 12.72 17.34 9.08
C GLY A 855 14.01 16.66 8.70
N VAL A 856 14.61 17.16 7.62
CA VAL A 856 15.86 16.59 7.11
C VAL A 856 15.62 15.18 6.62
N THR A 857 15.40 14.24 7.54
CA THR A 857 15.13 12.87 7.13
C THR A 857 13.82 12.79 6.34
N GLN A 858 12.80 13.51 6.80
CA GLN A 858 11.54 13.54 6.05
C GLN A 858 11.74 14.16 4.68
N LEU A 859 12.52 15.24 4.59
CA LEU A 859 12.75 15.89 3.32
C LEU A 859 13.48 14.97 2.35
N LEU A 860 14.53 14.28 2.83
CA LEU A 860 15.26 13.37 1.97
C LEU A 860 14.39 12.20 1.54
N SER A 861 13.58 11.67 2.45
CA SER A 861 12.67 10.59 2.09
C SER A 861 11.66 11.06 1.05
N HIS A 862 11.17 12.30 1.19
CA HIS A 862 10.24 12.84 0.21
C HIS A 862 10.88 12.97 -1.16
N ILE A 863 12.13 13.42 -1.21
CA ILE A 863 12.83 13.52 -2.49
C ILE A 863 13.01 12.15 -3.11
N GLU A 864 13.41 11.16 -2.31
CA GLU A 864 13.59 9.81 -2.83
C GLU A 864 12.26 9.24 -3.33
N HIS A 865 11.18 9.51 -2.61
CA HIS A 865 9.86 9.07 -3.06
C HIS A 865 9.48 9.74 -4.37
N GLU A 866 9.81 11.01 -4.53
CA GLU A 866 9.53 11.68 -5.79
C GLU A 866 10.31 11.05 -6.94
N VAL A 867 11.57 10.71 -6.70
CA VAL A 867 12.36 10.04 -7.73
C VAL A 867 11.72 8.70 -8.09
N LEU A 868 11.26 7.96 -7.07
CA LEU A 868 10.59 6.70 -7.33
C LEU A 868 9.33 6.90 -8.17
N VAL A 869 8.56 7.95 -7.87
CA VAL A 869 7.36 8.24 -8.63
C VAL A 869 7.72 8.55 -10.08
N ILE A 870 8.78 9.32 -10.29
CA ILE A 870 9.19 9.65 -11.66
C ILE A 870 9.61 8.40 -12.41
N GLU A 871 10.35 7.50 -11.75
CA GLU A 871 10.74 6.26 -12.39
C GLU A 871 9.52 5.44 -12.77
N GLU A 872 8.54 5.36 -11.87
CA GLU A 872 7.31 4.64 -12.18
C GLU A 872 6.56 5.28 -13.36
N ARG A 873 6.53 6.61 -13.39
CA ARG A 873 5.84 7.28 -14.49
C ARG A 873 6.51 6.99 -15.83
N LEU A 874 7.85 7.02 -15.85
CA LEU A 874 8.55 6.69 -17.09
C LEU A 874 8.29 5.24 -17.48
N ASN A 875 8.30 4.34 -16.51
CA ASN A 875 8.03 2.94 -16.80
C ASN A 875 6.64 2.77 -17.43
N GLU A 876 5.64 3.47 -16.88
CA GLU A 876 4.29 3.33 -17.39
C GLU A 876 4.03 4.15 -18.64
N LEU A 877 4.92 5.08 -18.98
CA LEU A 877 4.85 5.75 -20.27
C LEU A 877 5.50 4.92 -21.36
N ASN A 878 6.48 4.09 -20.99
CA ASN A 878 7.07 3.17 -21.95
C ASN A 878 6.00 2.27 -22.57
N GLU A 879 5.05 1.80 -21.75
CA GLU A 879 4.01 0.94 -22.28
C GLU A 879 3.13 1.67 -23.29
N THR A 880 2.81 2.92 -23.02
CA THR A 880 2.03 3.71 -23.98
C THR A 880 2.80 3.92 -25.27
N MET A 881 4.09 4.22 -25.18
CA MET A 881 4.89 4.39 -26.39
C MET A 881 5.06 3.10 -27.17
N PHE A 882 5.05 1.96 -26.49
CA PHE A 882 5.21 0.67 -27.16
C PHE A 882 4.10 0.41 -28.17
N ARG A 883 2.96 1.09 -28.05
CA ARG A 883 1.84 0.89 -28.96
C ARG A 883 1.96 1.70 -30.24
N VAL A 884 2.98 2.54 -30.36
CA VAL A 884 3.14 3.41 -31.52
C VAL A 884 4.55 3.22 -32.08
N ASP A 885 4.65 3.10 -33.40
CA ASP A 885 5.92 2.85 -34.07
C ASP A 885 6.61 4.17 -34.35
N PHE A 886 7.76 4.39 -33.71
CA PHE A 886 8.58 5.56 -34.02
C PHE A 886 8.92 5.56 -35.51
N GLN A 887 9.63 4.53 -35.95
CA GLN A 887 9.82 4.27 -37.36
C GLN A 887 8.73 3.33 -37.82
N PRO A 888 8.63 3.02 -39.12
CA PRO A 888 7.62 2.04 -39.56
C PRO A 888 7.46 0.86 -38.63
N ASP A 889 8.55 0.23 -38.19
CA ASP A 889 8.45 -0.94 -37.33
C ASP A 889 9.48 -0.94 -36.20
N ARG A 890 9.84 0.24 -35.69
CA ARG A 890 10.91 0.35 -34.71
C ARG A 890 10.40 0.56 -33.29
N TYR A 891 9.54 1.56 -33.08
CA TYR A 891 9.03 1.93 -31.76
C TYR A 891 10.16 2.35 -30.83
N LEU A 892 9.83 3.05 -29.75
CA LEU A 892 10.82 3.73 -28.92
C LEU A 892 10.57 3.40 -27.45
N ARG A 893 11.63 3.42 -26.65
CA ARG A 893 11.57 3.14 -25.23
C ARG A 893 12.47 4.13 -24.47
N LEU A 894 12.26 4.22 -23.16
CA LEU A 894 12.97 5.16 -22.32
C LEU A 894 13.71 4.44 -21.20
N ASP A 895 14.87 4.97 -20.85
CA ASP A 895 15.69 4.45 -19.75
C ASP A 895 16.06 5.60 -18.84
N THR A 896 15.98 5.37 -17.53
CA THR A 896 16.19 6.44 -16.56
C THR A 896 17.64 6.56 -16.14
N LYS A 897 18.20 5.51 -15.54
CA LYS A 897 19.55 5.56 -15.00
C LYS A 897 19.61 6.54 -13.83
N LYS A 898 20.75 6.58 -13.14
CA LYS A 898 20.90 7.41 -11.95
C LYS A 898 22.11 8.32 -12.10
N VAL A 899 22.00 9.51 -11.51
CA VAL A 899 23.08 10.49 -11.56
C VAL A 899 24.15 10.10 -10.55
N VAL A 900 25.40 10.40 -10.90
CA VAL A 900 26.54 10.01 -10.06
C VAL A 900 27.28 11.25 -9.61
N HIS A 901 26.56 12.35 -9.43
CA HIS A 901 27.17 13.59 -8.99
C HIS A 901 27.82 13.40 -7.62
N GLU A 902 28.94 14.09 -7.41
CA GLU A 902 29.67 13.95 -6.15
C GLU A 902 28.86 14.50 -4.98
N SER A 903 28.01 15.49 -5.21
CA SER A 903 27.19 16.03 -4.13
C SER A 903 26.28 14.97 -3.55
N LEU A 904 25.71 14.11 -4.41
CA LEU A 904 24.88 13.03 -3.92
C LEU A 904 25.68 12.07 -3.06
N ARG A 905 26.92 11.78 -3.45
CA ARG A 905 27.76 10.89 -2.64
C ARG A 905 28.07 11.51 -1.29
N THR A 906 28.33 12.82 -1.26
CA THR A 906 28.56 13.48 0.02
C THR A 906 27.31 13.43 0.89
N LEU A 907 26.14 13.60 0.27
CA LEU A 907 24.88 13.49 1.00
C LEU A 907 24.71 12.09 1.58
N GLU A 908 25.03 11.06 0.80
CA GLU A 908 24.90 9.69 1.29
C GLU A 908 25.84 9.44 2.46
N LYS A 909 27.07 9.94 2.37
CA LYS A 909 27.98 9.81 3.50
C LYS A 909 27.43 10.50 4.74
N ALA A 910 26.89 11.71 4.56
CA ALA A 910 26.32 12.43 5.70
C ALA A 910 25.14 11.68 6.30
N GLN A 911 24.29 11.10 5.47
CA GLN A 911 23.16 10.33 5.97
C GLN A 911 23.64 9.11 6.74
N ARG A 912 24.66 8.42 6.22
CA ARG A 912 25.20 7.28 6.95
C ARG A 912 25.74 7.72 8.31
N GLN A 913 26.42 8.87 8.35
CA GLN A 913 26.93 9.37 9.62
C GLN A 913 25.81 9.69 10.58
N LEU A 914 24.73 10.29 10.07
CA LEU A 914 23.59 10.59 10.94
C LEU A 914 22.98 9.32 11.50
N ASN A 915 22.80 8.31 10.64
CA ASN A 915 22.23 7.05 11.11
C ASN A 915 23.11 6.40 12.16
N ALA A 916 24.43 6.42 11.95
CA ALA A 916 25.32 5.86 12.94
C ALA A 916 25.27 6.64 14.25
N ALA A 917 25.19 7.96 14.16
CA ALA A 917 25.20 8.78 15.37
C ALA A 917 23.91 8.65 16.15
N ARG A 918 22.81 8.29 15.48
CA ARG A 918 21.55 8.18 16.19
C ARG A 918 21.59 7.11 17.29
N PHE A 919 22.55 6.19 17.24
CA PHE A 919 22.64 5.11 18.22
C PHE A 919 23.59 5.39 19.37
N VAL A 920 24.26 6.53 19.37
CA VAL A 920 25.23 6.85 20.41
C VAL A 920 24.49 7.36 21.64
N ASP A 921 24.98 6.99 22.81
CA ASP A 921 24.38 7.40 24.09
C ASP A 921 25.26 8.53 24.62
N ASP A 922 24.96 9.75 24.17
CA ASP A 922 25.68 10.93 24.64
C ASP A 922 24.75 12.12 24.84
N ASN A 923 23.46 11.87 25.04
CA ASN A 923 22.48 12.93 25.23
C ASN A 923 22.32 13.77 23.96
N GLY A 924 22.24 13.09 22.82
CA GLY A 924 22.00 13.77 21.56
C GLY A 924 23.08 14.74 21.15
N GLU A 925 24.34 14.41 21.38
CA GLU A 925 25.45 15.26 20.96
C GLU A 925 25.99 14.85 19.59
N SER A 926 26.33 13.57 19.42
CA SER A 926 26.77 13.11 18.11
C SER A 926 25.64 13.21 17.10
N HIS A 927 24.41 12.90 17.52
CA HIS A 927 23.26 13.07 16.63
C HIS A 927 23.11 14.52 16.22
N TYR A 928 23.28 15.45 17.16
CA TYR A 928 23.20 16.86 16.82
C TYR A 928 24.30 17.25 15.85
N LYS A 929 25.51 16.78 16.06
CA LYS A 929 26.60 17.14 15.16
C LYS A 929 26.36 16.63 13.74
N ALA A 930 25.94 15.37 13.62
CA ALA A 930 25.66 14.83 12.29
C ALA A 930 24.52 15.57 11.61
N LEU A 931 23.47 15.89 12.38
CA LEU A 931 22.38 16.67 11.81
C LEU A 931 22.84 18.05 11.38
N GLN A 932 23.76 18.64 12.15
CA GLN A 932 24.32 19.93 11.78
C GLN A 932 25.05 19.85 10.45
N VAL A 933 25.84 18.79 10.26
CA VAL A 933 26.54 18.61 8.99
C VAL A 933 25.54 18.50 7.85
N LEU A 934 24.50 17.69 8.05
CA LEU A 934 23.51 17.50 7.00
C LEU A 934 22.80 18.80 6.66
N VAL A 935 22.40 19.57 7.67
CA VAL A 935 21.69 20.82 7.40
C VAL A 935 22.63 21.85 6.79
N ALA A 936 23.92 21.81 7.13
CA ALA A 936 24.87 22.69 6.46
C ALA A 936 24.94 22.35 4.98
N GLN A 937 24.97 21.06 4.65
CA GLN A 937 24.93 20.66 3.24
C GLN A 937 23.66 21.18 2.57
N LEU A 938 22.52 21.05 3.25
CA LEU A 938 21.27 21.51 2.68
C LEU A 938 21.29 23.01 2.41
N ARG A 939 21.78 23.79 3.36
CA ARG A 939 21.84 25.24 3.17
C ARG A 939 22.83 25.62 2.08
N ASP A 940 23.97 24.93 2.02
CA ASP A 940 24.92 25.19 0.94
C ASP A 940 24.24 24.98 -0.40
N ALA A 941 23.49 23.88 -0.54
CA ALA A 941 22.78 23.64 -1.79
C ALA A 941 21.74 24.73 -2.05
N CYS A 942 21.03 25.14 -1.00
CA CYS A 942 19.97 26.14 -1.18
C CYS A 942 20.52 27.47 -1.64
N GLU A 943 21.67 27.89 -1.09
CA GLU A 943 22.24 29.18 -1.44
C GLU A 943 22.60 29.24 -2.92
N ARG A 944 23.22 28.18 -3.43
CA ARG A 944 23.52 28.07 -4.86
C ARG A 944 22.45 27.23 -5.54
N ASN A 945 21.26 27.83 -5.62
CA ASN A 945 20.07 27.07 -6.04
C ASN A 945 20.05 26.74 -7.52
N ARG A 946 21.11 26.92 -8.29
CA ARG A 946 21.10 26.49 -9.69
C ARG A 946 22.35 25.74 -10.10
N THR A 947 23.28 25.49 -9.19
CA THR A 947 24.42 24.64 -9.50
C THR A 947 23.94 23.22 -9.74
N LEU A 948 24.63 22.51 -10.63
CA LEU A 948 24.24 21.14 -10.96
C LEU A 948 24.20 20.29 -9.69
N GLY A 949 25.17 20.45 -8.81
CA GLY A 949 25.16 19.67 -7.57
C GLY A 949 23.94 19.98 -6.72
N ALA A 950 23.63 21.27 -6.54
CA ALA A 950 22.47 21.64 -5.75
C ALA A 950 21.18 21.12 -6.36
N LYS A 951 21.04 21.24 -7.67
CA LYS A 951 19.83 20.75 -8.32
C LYS A 951 19.70 19.24 -8.16
N ALA A 952 20.79 18.51 -8.33
CA ALA A 952 20.74 17.07 -8.13
C ALA A 952 20.37 16.73 -6.69
N LEU A 953 20.88 17.51 -5.75
CA LEU A 953 20.62 17.22 -4.33
C LEU A 953 19.16 17.46 -3.98
N LEU A 954 18.57 18.55 -4.46
CA LEU A 954 17.28 18.99 -3.97
C LEU A 954 16.18 19.02 -5.02
N ASP A 955 16.39 18.39 -6.18
CA ASP A 955 15.38 18.37 -7.22
C ASP A 955 15.06 16.93 -7.61
N PRO A 956 13.81 16.49 -7.50
CA PRO A 956 13.50 15.08 -7.81
C PRO A 956 13.90 14.68 -9.21
N ARG A 957 13.69 15.55 -10.20
CA ARG A 957 13.94 15.20 -11.60
C ARG A 957 15.36 15.48 -12.02
N PHE A 958 16.28 15.66 -11.08
CA PHE A 958 17.68 15.86 -11.38
C PHE A 958 18.58 14.78 -10.81
N ARG A 959 18.04 13.89 -9.98
CA ARG A 959 18.84 12.80 -9.42
C ARG A 959 19.00 11.63 -10.38
N LEU A 960 18.27 11.62 -11.49
CA LEU A 960 18.34 10.54 -12.44
C LEU A 960 18.46 11.10 -13.85
N GLU A 961 19.21 10.39 -14.69
CA GLU A 961 19.46 10.81 -16.05
C GLU A 961 18.24 10.45 -16.91
N PHE A 962 18.35 10.67 -18.21
CA PHE A 962 17.30 10.29 -19.15
C PHE A 962 17.95 9.86 -20.45
N ALA A 963 17.39 8.81 -21.05
CA ALA A 963 17.95 8.29 -22.29
C ALA A 963 16.84 7.64 -23.10
N VAL A 964 16.99 7.68 -24.42
CA VAL A 964 16.02 7.11 -25.33
C VAL A 964 16.67 5.94 -26.06
N SER A 965 15.83 5.01 -26.52
CA SER A 965 16.35 3.85 -27.24
C SER A 965 15.34 3.45 -28.30
N VAL A 966 15.76 3.43 -29.55
CA VAL A 966 14.94 2.90 -30.64
C VAL A 966 15.29 1.43 -30.84
N MET A 967 14.27 0.59 -30.85
CA MET A 967 14.42 -0.86 -30.94
C MET A 967 13.69 -1.37 -32.18
N ASP A 968 13.61 -2.69 -32.29
CA ASP A 968 12.88 -3.34 -33.38
C ASP A 968 11.56 -3.88 -32.84
N ARG A 969 10.50 -3.75 -33.65
CA ARG A 969 9.18 -4.18 -33.22
C ARG A 969 9.17 -5.65 -32.81
N GLN A 970 9.82 -6.50 -33.60
CA GLN A 970 9.91 -7.92 -33.29
C GLN A 970 11.22 -8.28 -32.61
N SER A 971 12.33 -7.71 -33.06
CA SER A 971 13.63 -7.96 -32.45
C SER A 971 13.81 -7.00 -31.27
N GLY A 972 13.79 -7.54 -30.06
CA GLY A 972 13.79 -6.71 -28.87
C GLY A 972 15.11 -6.03 -28.56
N ASN A 973 16.19 -6.43 -29.22
CA ASN A 973 17.48 -5.82 -28.95
C ASN A 973 17.47 -4.35 -29.34
N VAL A 974 18.07 -3.52 -28.48
CA VAL A 974 18.20 -2.11 -28.81
C VAL A 974 18.94 -1.96 -30.13
N ILE A 975 18.41 -1.13 -31.02
CA ILE A 975 19.02 -0.95 -32.33
C ILE A 975 19.80 0.37 -32.34
N GLU A 976 19.36 1.34 -31.54
CA GLU A 976 20.08 2.60 -31.44
C GLU A 976 19.73 3.24 -30.10
N SER A 977 20.69 3.26 -29.18
CA SER A 977 20.46 3.71 -27.81
C SER A 977 21.16 5.03 -27.58
N ARG A 978 20.40 6.12 -27.58
CA ARG A 978 20.91 7.43 -27.20
C ARG A 978 20.82 7.53 -25.67
N THR A 979 21.90 7.10 -25.02
CA THR A 979 22.01 7.13 -23.56
C THR A 979 22.45 8.53 -23.13
N GLY A 980 21.59 9.50 -23.42
CA GLY A 980 21.94 10.90 -23.32
C GLY A 980 22.69 11.30 -24.57
N SER A 981 23.98 10.94 -24.63
CA SER A 981 24.72 10.82 -25.89
C SER A 981 24.25 11.84 -26.92
N GLN A 982 24.32 13.13 -26.61
CA GLN A 982 23.65 14.15 -27.40
C GLN A 982 23.80 13.87 -28.89
N GLY A 983 25.01 14.00 -29.42
CA GLY A 983 25.39 13.40 -30.68
C GLY A 983 24.30 13.32 -31.73
N GLY A 984 23.65 14.44 -32.03
CA GLY A 984 22.56 14.42 -32.98
C GLY A 984 22.31 15.78 -33.58
N SER A 985 21.85 15.77 -34.84
CA SER A 985 21.57 17.00 -35.53
C SER A 985 20.30 17.65 -34.98
N GLY A 986 20.10 18.92 -35.33
CA GLY A 986 18.93 19.62 -34.83
C GLY A 986 17.64 18.92 -35.20
N GLY A 987 17.55 18.41 -36.41
CA GLY A 987 16.38 17.69 -36.85
C GLY A 987 16.10 16.45 -36.04
N GLU A 988 17.14 15.65 -35.78
CA GLU A 988 16.96 14.42 -35.01
C GLU A 988 16.49 14.73 -33.58
N LYS A 989 17.12 15.73 -32.95
CA LYS A 989 16.71 16.09 -31.60
C LYS A 989 15.28 16.62 -31.59
N GLU A 990 14.92 17.43 -32.59
CA GLU A 990 13.55 17.90 -32.67
C GLU A 990 12.57 16.75 -32.83
N ILE A 991 12.92 15.77 -33.66
CA ILE A 991 12.05 14.62 -33.85
C ILE A 991 11.87 13.87 -32.53
N ILE A 992 12.97 13.58 -31.86
CA ILE A 992 12.91 12.84 -30.60
C ILE A 992 12.06 13.59 -29.59
N ALA A 993 12.31 14.90 -29.45
CA ALA A 993 11.58 15.70 -28.47
C ALA A 993 10.10 15.77 -28.78
N SER A 994 9.75 15.99 -30.06
CA SER A 994 8.34 16.06 -30.42
C SER A 994 7.64 14.74 -30.15
N TYR A 995 8.29 13.62 -30.49
CA TYR A 995 7.67 12.32 -30.25
C TYR A 995 7.50 12.06 -28.76
N VAL A 996 8.53 12.38 -27.97
CA VAL A 996 8.44 12.13 -26.53
C VAL A 996 7.37 13.00 -25.90
N LEU A 997 7.29 14.27 -26.29
CA LEU A 997 6.25 15.15 -25.78
C LEU A 997 4.87 14.65 -26.18
N THR A 998 4.71 14.18 -27.41
CA THR A 998 3.43 13.64 -27.83
C THR A 998 3.03 12.44 -26.99
N ALA A 999 3.99 11.54 -26.73
CA ALA A 999 3.68 10.39 -25.89
C ALA A 999 3.31 10.81 -24.48
N SER A 1000 4.05 11.78 -23.93
CA SER A 1000 3.75 12.25 -22.58
C SER A 1000 2.37 12.87 -22.50
N LEU A 1001 2.00 13.69 -23.50
CA LEU A 1001 0.68 14.29 -23.53
C LEU A 1001 -0.41 13.23 -23.65
N SER A 1002 -0.20 12.25 -24.52
CA SER A 1002 -1.18 11.18 -24.66
C SER A 1002 -1.39 10.46 -23.34
N TYR A 1003 -0.29 10.14 -22.65
CA TYR A 1003 -0.42 9.43 -21.38
C TYR A 1003 -1.12 10.30 -20.35
N ALA A 1004 -0.77 11.58 -20.29
CA ALA A 1004 -1.32 12.47 -19.27
C ALA A 1004 -2.81 12.68 -19.45
N LEU A 1005 -3.26 12.89 -20.69
CA LEU A 1005 -4.67 13.17 -20.92
C LEU A 1005 -5.53 11.91 -20.89
N CYS A 1006 -4.93 10.74 -20.90
CA CYS A 1006 -5.70 9.49 -20.85
C CYS A 1006 -6.12 9.19 -19.42
N PRO A 1007 -7.42 9.04 -19.15
CA PRO A 1007 -7.85 8.68 -17.79
C PRO A 1007 -7.27 7.33 -17.40
N ALA A 1008 -7.00 7.17 -16.11
CA ALA A 1008 -6.38 5.96 -15.62
C ALA A 1008 -7.19 4.73 -16.05
N GLY A 1009 -6.48 3.75 -16.60
CA GLY A 1009 -7.13 2.54 -17.08
C GLY A 1009 -7.75 2.64 -18.45
N SER A 1010 -7.55 3.75 -19.16
CA SER A 1010 -8.09 3.93 -20.50
C SER A 1010 -6.98 4.34 -21.45
N ARG A 1011 -7.04 3.82 -22.68
CA ARG A 1011 -6.03 4.10 -23.69
C ARG A 1011 -6.47 5.17 -24.69
N TYR A 1012 -7.60 5.82 -24.46
CA TYR A 1012 -8.08 6.89 -25.32
C TYR A 1012 -8.26 8.15 -24.49
N PRO A 1013 -7.52 9.22 -24.75
CA PRO A 1013 -7.67 10.44 -23.96
C PRO A 1013 -9.08 11.01 -24.10
N LEU A 1014 -9.58 11.60 -23.01
CA LEU A 1014 -10.88 12.25 -23.04
C LEU A 1014 -10.80 13.71 -23.47
N PHE A 1015 -9.69 14.38 -23.20
CA PHE A 1015 -9.44 15.74 -23.65
C PHE A 1015 -8.50 15.64 -24.84
N GLY A 1016 -9.07 15.52 -26.04
CA GLY A 1016 -8.29 15.19 -27.22
C GLY A 1016 -7.64 16.32 -27.95
N THR A 1017 -7.70 17.54 -27.45
CA THR A 1017 -7.12 18.69 -28.12
C THR A 1017 -5.77 19.04 -27.51
N ILE A 1018 -4.77 19.24 -28.37
CA ILE A 1018 -3.46 19.72 -27.94
C ILE A 1018 -2.99 20.78 -28.90
N ILE A 1019 -2.34 21.80 -28.35
CA ILE A 1019 -1.94 22.98 -29.09
C ILE A 1019 -0.41 23.01 -29.17
N LEU A 1020 0.10 23.15 -30.39
CA LEU A 1020 1.52 23.31 -30.64
C LEU A 1020 1.77 24.70 -31.18
N ASP A 1021 2.88 25.31 -30.76
CA ASP A 1021 3.23 26.68 -31.14
C ASP A 1021 4.63 26.65 -31.72
N GLU A 1022 4.75 26.88 -33.03
CA GLU A 1022 6.03 26.75 -33.74
C GLU A 1022 6.75 25.48 -33.31
N ALA A 1023 6.05 24.35 -33.42
CA ALA A 1023 6.62 23.09 -32.97
C ALA A 1023 7.86 22.71 -33.77
N PHE A 1024 7.80 22.88 -35.09
CA PHE A 1024 8.85 22.40 -35.98
C PHE A 1024 9.53 23.58 -36.64
N SER A 1025 10.84 23.74 -36.39
CA SER A 1025 11.65 24.73 -37.07
C SER A 1025 13.01 24.23 -37.51
N ARG A 1026 13.51 23.14 -36.94
CA ARG A 1026 14.83 22.63 -37.27
C ARG A 1026 14.78 21.35 -38.08
N SER A 1027 13.59 20.87 -38.45
CA SER A 1027 13.43 19.62 -39.15
C SER A 1027 12.91 19.86 -40.56
N SER A 1028 13.31 18.98 -41.48
CA SER A 1028 12.88 19.09 -42.86
C SER A 1028 11.39 18.75 -42.98
N HIS A 1029 10.81 19.16 -44.11
CA HIS A 1029 9.39 18.89 -44.34
C HIS A 1029 9.09 17.40 -44.41
N ALA A 1030 10.09 16.56 -44.72
CA ALA A 1030 9.86 15.13 -44.79
C ALA A 1030 9.74 14.50 -43.42
N VAL A 1031 10.47 15.01 -42.42
CA VAL A 1031 10.38 14.45 -41.08
C VAL A 1031 9.22 15.04 -40.28
N ALA A 1032 8.80 16.26 -40.62
CA ALA A 1032 7.66 16.86 -39.91
C ALA A 1032 6.39 16.05 -40.14
N GLY A 1033 6.19 15.56 -41.36
CA GLY A 1033 5.03 14.72 -41.63
C GLY A 1033 5.00 13.50 -40.75
N ARG A 1034 6.17 12.92 -40.47
CA ARG A 1034 6.23 11.78 -39.56
C ARG A 1034 5.78 12.16 -38.16
N ILE A 1035 6.18 13.34 -37.69
CA ILE A 1035 5.73 13.80 -36.38
C ILE A 1035 4.21 13.96 -36.37
N ILE A 1036 3.65 14.55 -37.42
CA ILE A 1036 2.20 14.72 -37.47
C ILE A 1036 1.51 13.37 -37.47
N ALA A 1037 2.07 12.40 -38.21
CA ALA A 1037 1.48 11.07 -38.24
C ALA A 1037 1.51 10.43 -36.86
N ALA A 1038 2.65 10.55 -36.16
CA ALA A 1038 2.74 9.98 -34.82
C ALA A 1038 1.74 10.65 -33.89
N LEU A 1039 1.63 11.99 -33.96
CA LEU A 1039 0.66 12.69 -33.13
C LEU A 1039 -0.75 12.19 -33.38
N ARG A 1040 -1.13 12.06 -34.65
CA ARG A 1040 -2.48 11.58 -34.96
C ARG A 1040 -2.69 10.17 -34.44
N GLU A 1041 -1.69 9.30 -34.60
CA GLU A 1041 -1.88 7.90 -34.23
C GLU A 1041 -2.01 7.73 -32.72
N PHE A 1042 -1.50 8.71 -31.95
CA PHE A 1042 -1.73 8.70 -30.51
C PHE A 1042 -3.15 9.08 -30.13
N GLY A 1043 -3.97 9.51 -31.08
CA GLY A 1043 -5.34 9.88 -30.80
C GLY A 1043 -5.54 11.30 -30.35
N LEU A 1044 -4.60 12.20 -30.64
CA LEU A 1044 -4.65 13.57 -30.17
C LEU A 1044 -5.01 14.50 -31.32
N HIS A 1045 -6.14 15.20 -31.18
CA HIS A 1045 -6.47 16.27 -32.11
C HIS A 1045 -5.48 17.41 -31.93
N ALA A 1046 -5.08 18.03 -33.05
CA ALA A 1046 -3.98 18.96 -33.03
C ALA A 1046 -4.38 20.32 -33.60
N VAL A 1047 -4.02 21.37 -32.86
CA VAL A 1047 -4.11 22.74 -33.35
C VAL A 1047 -2.70 23.29 -33.38
N PHE A 1048 -2.18 23.53 -34.57
CA PHE A 1048 -0.84 24.04 -34.75
C PHE A 1048 -0.88 25.54 -34.96
N ILE A 1049 0.16 26.22 -34.50
CA ILE A 1049 0.36 27.64 -34.75
C ILE A 1049 1.66 27.75 -35.54
N THR A 1050 1.54 27.99 -36.85
CA THR A 1050 2.71 28.00 -37.68
C THR A 1050 3.08 29.43 -38.08
N PRO A 1051 4.37 29.73 -38.21
CA PRO A 1051 4.75 31.05 -38.72
C PRO A 1051 4.42 31.15 -40.19
N ASN A 1052 4.77 32.27 -40.84
CA ASN A 1052 4.51 32.39 -42.27
C ASN A 1052 5.11 31.21 -43.02
N LYS A 1053 6.27 30.73 -42.58
CA LYS A 1053 6.83 29.51 -43.15
C LYS A 1053 6.01 28.30 -42.72
N GLU A 1054 6.26 27.18 -43.38
CA GLU A 1054 5.65 25.89 -43.05
C GLU A 1054 4.17 25.83 -43.40
N MET A 1055 3.59 26.92 -43.92
CA MET A 1055 2.18 26.86 -44.30
C MET A 1055 1.92 25.73 -45.28
N ARG A 1056 2.87 25.41 -46.15
CA ARG A 1056 2.70 24.27 -47.05
C ARG A 1056 3.07 22.95 -46.40
N LEU A 1057 3.76 22.99 -45.25
CA LEU A 1057 4.04 21.75 -44.53
C LEU A 1057 2.78 21.25 -43.84
N LEU A 1058 2.03 22.15 -43.22
CA LEU A 1058 0.80 21.78 -42.52
C LEU A 1058 -0.37 21.54 -43.46
N ARG A 1059 -0.30 22.04 -44.70
CA ARG A 1059 -1.43 21.91 -45.61
C ARG A 1059 -1.76 20.46 -45.92
N ASP A 1060 -0.83 19.54 -45.68
CA ASP A 1060 -1.04 18.13 -45.94
C ASP A 1060 -1.57 17.37 -44.73
N HIS A 1061 -1.64 18.00 -43.56
CA HIS A 1061 -2.04 17.32 -42.35
C HIS A 1061 -3.16 18.05 -41.60
N THR A 1062 -3.73 19.09 -42.19
CA THR A 1062 -4.83 19.81 -41.58
C THR A 1062 -5.84 20.17 -42.66
N ARG A 1063 -7.07 20.45 -42.24
CA ARG A 1063 -8.15 20.73 -43.17
C ARG A 1063 -8.67 22.16 -43.10
N SER A 1064 -8.27 22.93 -42.10
CA SER A 1064 -8.78 24.29 -41.97
C SER A 1064 -7.74 25.15 -41.26
N ALA A 1065 -7.88 26.46 -41.45
CA ALA A 1065 -6.94 27.40 -40.87
C ALA A 1065 -7.66 28.62 -40.37
N ILE A 1066 -7.27 29.07 -39.18
CA ILE A 1066 -7.65 30.37 -38.65
C ILE A 1066 -6.62 31.38 -39.12
N VAL A 1067 -7.01 32.25 -40.03
CA VAL A 1067 -6.14 33.32 -40.51
C VAL A 1067 -6.28 34.49 -39.53
N VAL A 1068 -5.17 34.87 -38.93
CA VAL A 1068 -5.10 35.98 -37.97
C VAL A 1068 -4.38 37.13 -38.64
N HIS A 1069 -5.08 38.24 -38.83
CA HIS A 1069 -4.49 39.41 -39.47
C HIS A 1069 -4.70 40.63 -38.59
N ARG A 1070 -3.67 41.46 -38.48
CA ARG A 1070 -3.74 42.69 -37.71
C ARG A 1070 -4.07 43.85 -38.65
N ARG A 1071 -5.00 44.69 -38.23
CA ARG A 1071 -5.42 45.82 -39.04
C ARG A 1071 -5.19 47.13 -38.30
N GLY A 1072 -4.01 47.26 -37.69
CA GLY A 1072 -3.72 48.42 -36.88
C GLY A 1072 -3.61 48.05 -35.41
N GLN A 1073 -4.62 48.44 -34.64
CA GLN A 1073 -4.73 48.02 -33.25
C GLN A 1073 -5.87 47.04 -33.02
N ASN A 1074 -6.39 46.42 -34.08
CA ASN A 1074 -7.50 45.47 -33.99
C ASN A 1074 -7.11 44.20 -34.74
N SER A 1075 -6.87 43.13 -34.01
CA SER A 1075 -6.63 41.84 -34.63
C SER A 1075 -7.95 41.19 -35.02
N ASN A 1076 -7.92 40.42 -36.10
CA ASN A 1076 -9.11 39.72 -36.58
C ASN A 1076 -8.73 38.31 -36.98
N MET A 1077 -9.71 37.42 -36.89
CA MET A 1077 -9.52 36.01 -37.18
C MET A 1077 -10.64 35.51 -38.07
N ALA A 1078 -10.29 34.68 -39.05
CA ALA A 1078 -11.26 34.08 -39.95
C ALA A 1078 -10.93 32.61 -40.11
N SER A 1079 -11.91 31.74 -39.84
CA SER A 1079 -11.73 30.30 -39.94
C SER A 1079 -12.16 29.87 -41.33
N LEU A 1080 -11.19 29.52 -42.18
CA LEU A 1080 -11.45 29.20 -43.57
C LEU A 1080 -10.80 27.88 -43.94
N SER A 1081 -11.44 27.14 -44.83
CA SER A 1081 -10.85 25.94 -45.35
C SER A 1081 -9.75 26.28 -46.35
N TRP A 1082 -8.80 25.34 -46.51
CA TRP A 1082 -7.69 25.58 -47.44
C TRP A 1082 -8.20 25.95 -48.82
N GLU A 1083 -9.30 25.34 -49.27
CA GLU A 1083 -9.86 25.69 -50.58
C GLU A 1083 -10.33 27.14 -50.61
N GLU A 1084 -11.02 27.59 -49.56
CA GLU A 1084 -11.45 28.98 -49.53
C GLU A 1084 -10.26 29.93 -49.43
N LEU A 1085 -9.19 29.49 -48.75
CA LEU A 1085 -7.98 30.31 -48.71
C LEU A 1085 -7.35 30.43 -50.09
N GLU A 1086 -7.33 29.33 -50.86
CA GLU A 1086 -6.80 29.40 -52.22
C GLU A 1086 -7.67 30.29 -53.10
N ARG A 1087 -8.98 30.25 -52.90
CA ARG A 1087 -9.86 31.14 -53.65
C ARG A 1087 -9.58 32.60 -53.29
N HIS A 1088 -9.35 32.88 -52.01
CA HIS A 1088 -8.96 34.23 -51.60
C HIS A 1088 -7.66 34.65 -52.28
N TYR A 1089 -6.69 33.74 -52.35
CA TYR A 1089 -5.44 34.06 -53.02
C TYR A 1089 -5.67 34.35 -54.49
N GLN A 1090 -6.52 33.56 -55.15
CA GLN A 1090 -6.83 33.81 -56.55
C GLN A 1090 -7.47 35.19 -56.73
N ARG A 1091 -8.39 35.55 -55.84
CA ARG A 1091 -8.94 36.90 -55.89
C ARG A 1091 -7.85 37.95 -55.73
N ARG A 1092 -6.88 37.68 -54.85
CA ARG A 1092 -5.78 38.61 -54.65
C ARG A 1092 -4.98 38.78 -55.95
N GLY A 1093 -4.68 37.66 -56.62
CA GLY A 1093 -3.95 37.73 -57.86
C GLY A 1093 -4.65 38.55 -58.93
N ASN A 1094 -5.97 38.64 -58.87
CA ASN A 1094 -6.76 39.48 -59.75
C ASN A 1094 -6.97 40.87 -59.17
N ALA A 1095 -6.41 41.14 -57.98
CA ALA A 1095 -6.52 42.45 -57.36
C ALA A 1095 -5.14 43.10 -57.24
N MET B 1 22.30 45.85 -59.76
CA MET B 1 22.30 44.98 -58.59
C MET B 1 23.52 44.06 -58.59
N ASN B 2 23.90 43.58 -59.77
CA ASN B 2 25.04 42.69 -59.89
C ASN B 2 26.38 43.41 -59.80
N GLN B 3 26.38 44.74 -59.96
CA GLN B 3 27.63 45.49 -59.89
C GLN B 3 28.26 45.40 -58.51
N VAL B 4 27.45 45.50 -57.45
CA VAL B 4 27.97 45.46 -56.09
C VAL B 4 28.56 44.08 -55.78
N SER B 5 27.93 43.02 -56.30
CA SER B 5 28.39 41.68 -55.99
C SER B 5 29.84 41.44 -56.40
N GLY B 6 30.35 42.23 -57.36
CA GLY B 6 31.74 42.08 -57.77
C GLY B 6 32.76 42.47 -56.71
N LEU B 7 32.31 43.10 -55.62
CA LEU B 7 33.25 43.53 -54.58
C LEU B 7 34.02 42.36 -54.00
N ALA B 8 33.41 41.18 -53.95
CA ALA B 8 34.08 40.02 -53.39
C ALA B 8 35.34 39.70 -54.19
N GLY B 9 36.41 39.36 -53.47
CA GLY B 9 37.70 39.07 -54.10
C GLY B 9 38.51 40.32 -54.36
N LYS B 10 37.84 41.38 -54.82
CA LYS B 10 38.52 42.65 -55.07
C LYS B 10 38.96 43.33 -53.78
N GLU B 11 38.29 43.06 -52.67
CA GLU B 11 38.58 43.69 -51.39
C GLU B 11 39.41 42.83 -50.46
N SER B 12 39.06 41.56 -50.28
CA SER B 12 39.77 40.69 -49.35
C SER B 12 39.53 39.24 -49.76
N PHE B 13 39.87 38.33 -48.85
CA PHE B 13 39.78 36.89 -49.11
C PHE B 13 38.36 36.39 -48.90
N ILE B 14 37.95 35.45 -49.74
CA ILE B 14 36.67 34.75 -49.59
C ILE B 14 36.92 33.27 -49.85
N LEU B 15 36.29 32.43 -49.03
CA LEU B 15 36.40 30.98 -49.23
C LEU B 15 35.76 30.59 -50.56
N THR B 16 36.34 29.59 -51.22
CA THR B 16 35.82 29.12 -52.49
C THR B 16 35.74 27.61 -52.64
N ARG B 17 36.47 26.84 -51.83
CA ARG B 17 36.44 25.39 -51.97
C ARG B 17 36.74 24.72 -50.64
N ILE B 18 36.10 23.59 -50.40
CA ILE B 18 36.28 22.79 -49.19
C ILE B 18 36.57 21.35 -49.62
N GLU B 19 37.65 20.79 -49.09
CA GLU B 19 38.06 19.43 -49.40
C GLU B 19 37.93 18.58 -48.13
N LEU B 20 37.30 17.41 -48.26
CA LEU B 20 37.09 16.51 -47.13
C LEU B 20 37.53 15.11 -47.50
N PHE B 21 38.11 14.41 -46.53
CA PHE B 21 38.57 13.03 -46.71
C PHE B 21 38.39 12.29 -45.39
N ASN B 22 37.49 11.31 -45.38
CA ASN B 22 37.25 10.50 -44.19
C ASN B 22 36.85 11.37 -43.00
N TRP B 23 36.02 12.37 -43.26
CA TRP B 23 35.54 13.28 -42.22
C TRP B 23 34.10 12.93 -41.89
N GLY B 24 33.83 12.62 -40.63
CA GLY B 24 32.48 12.30 -40.22
C GLY B 24 31.91 11.17 -41.06
N GLY B 25 30.72 11.39 -41.61
CA GLY B 25 30.09 10.44 -42.50
C GLY B 25 30.50 10.56 -43.95
N PHE B 26 31.47 11.43 -44.25
CA PHE B 26 31.94 11.63 -45.62
C PHE B 26 33.07 10.64 -45.89
N HIS B 27 32.69 9.43 -46.28
CA HIS B 27 33.68 8.43 -46.65
C HIS B 27 34.28 8.76 -48.01
N GLY B 28 35.57 8.47 -48.17
CA GLY B 28 36.22 8.80 -49.42
C GLY B 28 36.53 10.28 -49.54
N LEU B 29 36.78 10.71 -50.77
CA LEU B 29 37.13 12.10 -51.06
C LEU B 29 35.88 12.86 -51.51
N HIS B 30 35.68 14.04 -50.93
CA HIS B 30 34.55 14.88 -51.29
C HIS B 30 35.03 16.32 -51.47
N GLN B 31 34.46 17.02 -52.44
CA GLN B 31 34.86 18.39 -52.75
C GLN B 31 33.61 19.26 -52.90
N ALA B 32 33.66 20.45 -52.32
CA ALA B 32 32.56 21.40 -52.38
C ALA B 32 33.09 22.73 -52.93
N ALA B 33 32.39 23.27 -53.91
CA ALA B 33 32.77 24.53 -54.54
C ALA B 33 31.85 25.64 -54.07
N ILE B 34 32.44 26.73 -53.57
CA ILE B 34 31.70 27.85 -52.99
C ILE B 34 31.75 29.02 -53.97
N HIS B 35 30.58 29.46 -54.40
CA HIS B 35 30.48 30.59 -55.31
C HIS B 35 30.87 31.89 -54.61
N GLN B 36 31.44 32.81 -55.38
CA GLN B 36 31.85 34.09 -54.80
C GLN B 36 30.66 35.00 -54.49
N ASP B 37 29.48 34.68 -55.01
CA ASP B 37 28.29 35.47 -54.75
C ASP B 37 27.46 34.94 -53.59
N GLY B 38 27.96 33.92 -52.90
CA GLY B 38 27.21 33.32 -51.80
C GLY B 38 26.68 31.95 -52.18
N THR B 39 26.64 31.04 -51.21
CA THR B 39 26.24 29.66 -51.46
C THR B 39 25.29 29.19 -50.38
N ALA B 40 24.55 28.13 -50.70
CA ALA B 40 23.58 27.53 -49.80
C ALA B 40 23.89 26.06 -49.65
N VAL B 41 23.89 25.57 -48.42
CA VAL B 41 24.04 24.16 -48.12
C VAL B 41 22.67 23.65 -47.68
N ILE B 42 22.07 22.78 -48.48
CA ILE B 42 20.71 22.31 -48.23
C ILE B 42 20.70 20.79 -48.32
N GLY B 43 19.69 20.19 -47.68
CA GLY B 43 19.54 18.76 -47.63
C GLY B 43 18.76 18.32 -46.42
N PRO B 44 18.14 17.16 -46.49
CA PRO B 44 17.26 16.71 -45.41
C PRO B 44 18.04 16.48 -44.11
N THR B 45 17.28 16.44 -43.01
CA THR B 45 17.89 16.17 -41.72
C THR B 45 18.56 14.80 -41.72
N GLY B 46 19.66 14.69 -40.97
CA GLY B 46 20.48 13.51 -41.07
C GLY B 46 21.34 13.59 -42.32
N SER B 47 22.20 14.60 -42.35
CA SER B 47 23.00 14.90 -43.54
C SER B 47 24.37 15.39 -43.11
N GLY B 48 25.12 16.00 -44.02
CA GLY B 48 26.46 16.42 -43.68
C GLY B 48 26.64 17.90 -43.46
N LYS B 49 25.55 18.67 -43.53
CA LYS B 49 25.68 20.12 -43.44
C LYS B 49 26.40 20.53 -42.17
N THR B 50 25.94 20.05 -41.02
CA THR B 50 26.62 20.37 -39.76
C THR B 50 28.03 19.81 -39.77
N THR B 51 28.23 18.61 -40.31
CA THR B 51 29.57 18.03 -40.38
C THR B 51 30.49 18.88 -41.27
N LEU B 52 29.98 19.29 -42.43
CA LEU B 52 30.78 20.11 -43.32
C LEU B 52 31.18 21.42 -42.67
N VAL B 53 30.23 22.08 -42.00
CA VAL B 53 30.54 23.34 -41.33
C VAL B 53 31.51 23.09 -40.18
N ASP B 54 31.37 21.96 -39.50
CA ASP B 54 32.24 21.64 -38.37
C ASP B 54 33.68 21.48 -38.83
N ALA B 55 33.90 20.84 -39.98
CA ALA B 55 35.26 20.71 -40.51
C ALA B 55 35.89 22.09 -40.72
N LEU B 56 35.16 23.00 -41.36
CA LEU B 56 35.70 24.34 -41.63
C LEU B 56 35.97 25.08 -40.31
N MET B 57 35.03 24.98 -39.36
CA MET B 57 35.22 25.66 -38.09
C MET B 57 36.44 25.11 -37.35
N THR B 58 36.65 23.79 -37.41
CA THR B 58 37.86 23.21 -36.87
C THR B 58 39.09 23.78 -37.55
N LEU B 59 39.01 24.00 -38.86
CA LEU B 59 40.13 24.61 -39.57
C LEU B 59 40.44 25.99 -39.02
N LEU B 60 39.43 26.81 -38.76
CA LEU B 60 39.69 28.17 -38.31
C LEU B 60 39.89 28.31 -36.80
N CYS B 61 38.88 28.03 -35.99
CA CYS B 61 38.93 28.35 -34.58
C CYS B 61 39.83 27.39 -33.83
N ALA B 62 40.57 27.93 -32.86
CA ALA B 62 41.45 27.11 -32.04
C ALA B 62 40.65 26.09 -31.25
N ASN B 63 39.56 26.52 -30.60
CA ASN B 63 38.71 25.66 -29.79
C ASN B 63 37.30 25.70 -30.36
N PRO B 64 36.95 24.78 -31.25
CA PRO B 64 35.65 24.85 -31.91
C PRO B 64 34.56 24.24 -31.06
N ARG B 65 33.38 24.83 -31.13
CA ARG B 65 32.19 24.32 -30.45
C ARG B 65 31.33 23.63 -31.49
N TYR B 66 31.44 22.32 -31.58
CA TYR B 66 30.74 21.56 -32.60
C TYR B 66 29.24 21.50 -32.33
N ASN B 67 28.47 21.47 -33.41
CA ASN B 67 27.01 21.39 -33.33
C ASN B 67 26.45 22.53 -32.48
N LEU B 68 26.99 23.74 -32.69
CA LEU B 68 26.52 24.89 -31.93
C LEU B 68 25.06 25.20 -32.23
N ALA B 69 24.66 25.07 -33.50
CA ALA B 69 23.29 25.42 -33.88
C ALA B 69 22.27 24.56 -33.14
N SER B 70 22.50 23.26 -33.07
CA SER B 70 21.57 22.37 -32.36
C SER B 70 21.72 22.47 -30.85
N THR B 71 22.95 22.58 -30.35
CA THR B 71 23.17 22.70 -28.92
C THR B 71 22.72 24.04 -28.36
N GLY B 72 22.57 25.06 -29.20
CA GLY B 72 22.11 26.36 -28.72
C GLY B 72 23.06 27.04 -27.77
N GLY B 73 24.36 27.00 -28.06
CA GLY B 73 25.34 27.67 -27.23
C GLY B 73 25.70 26.93 -25.97
N HIS B 74 25.22 25.71 -25.79
CA HIS B 74 25.54 24.92 -24.60
C HIS B 74 26.80 24.10 -24.86
N GLU B 75 27.08 23.14 -23.98
CA GLU B 75 28.31 22.37 -24.07
C GLU B 75 28.39 21.69 -25.45
N SER B 76 29.57 21.74 -26.05
CA SER B 76 29.75 21.22 -27.41
C SER B 76 29.37 19.75 -27.48
N ASP B 77 28.53 19.42 -28.47
CA ASP B 77 28.00 18.06 -28.56
C ASP B 77 29.09 17.04 -28.88
N ARG B 78 30.00 17.38 -29.79
CA ARG B 78 30.97 16.41 -30.29
C ARG B 78 32.39 16.91 -30.13
N ASP B 79 33.34 16.21 -30.75
CA ASP B 79 34.76 16.52 -30.59
C ASP B 79 35.50 16.08 -31.86
N LEU B 80 36.80 16.35 -31.88
CA LEU B 80 37.60 16.01 -33.07
C LEU B 80 37.68 14.52 -33.27
N ILE B 81 37.83 13.75 -32.19
CA ILE B 81 37.95 12.30 -32.32
C ILE B 81 36.69 11.72 -32.95
N SER B 82 35.52 12.19 -32.52
CA SER B 82 34.27 11.67 -33.05
C SER B 82 34.15 11.92 -34.55
N TYR B 83 34.50 13.13 -35.00
CA TYR B 83 34.44 13.43 -36.42
C TYR B 83 35.46 12.61 -37.21
N VAL B 84 36.67 12.47 -36.66
CA VAL B 84 37.71 11.71 -37.37
C VAL B 84 37.28 10.26 -37.55
N ARG B 85 36.79 9.64 -36.48
CA ARG B 85 36.37 8.24 -36.54
C ARG B 85 35.09 8.04 -37.32
N GLY B 86 34.40 9.11 -37.69
CA GLY B 86 33.14 8.99 -38.42
C GLY B 86 32.02 8.36 -37.61
N VAL B 87 31.91 8.72 -36.33
CA VAL B 87 30.89 8.13 -35.48
C VAL B 87 29.51 8.58 -35.96
N SER B 88 28.62 7.63 -36.18
CA SER B 88 27.26 7.91 -36.62
C SER B 88 26.28 7.42 -35.55
N GLY B 89 25.88 8.33 -34.68
CA GLY B 89 24.96 8.02 -33.62
C GLY B 89 25.66 7.53 -32.37
N PRO B 90 24.93 7.46 -31.25
CA PRO B 90 25.53 6.94 -30.01
C PRO B 90 26.12 5.56 -30.21
N GLY B 91 25.44 4.72 -30.99
CA GLY B 91 25.98 3.44 -31.36
C GLY B 91 25.53 2.28 -30.49
N ASP B 92 24.25 2.23 -30.18
CA ASP B 92 23.70 1.11 -29.41
C ASP B 92 24.32 1.06 -28.01
N GLY B 93 24.08 -0.02 -27.29
CA GLY B 93 24.59 -0.15 -25.94
C GLY B 93 25.29 -1.47 -25.69
N GLY B 94 25.51 -2.23 -26.75
CA GLY B 94 26.20 -3.51 -26.64
C GLY B 94 27.52 -3.52 -27.36
N GLU B 95 28.24 -2.39 -27.32
CA GLU B 95 29.51 -2.23 -28.02
C GLU B 95 29.22 -2.32 -29.52
N GLY B 96 29.61 -3.38 -30.21
CA GLY B 96 29.31 -3.52 -31.62
C GLY B 96 30.20 -2.68 -32.51
N GLN B 97 30.37 -1.41 -32.17
CA GLN B 97 31.20 -0.49 -32.93
C GLN B 97 30.67 -0.25 -34.34
N SER B 98 29.40 -0.60 -34.59
CA SER B 98 28.81 -0.36 -35.89
C SER B 98 28.62 1.13 -36.14
N HIS B 99 28.42 1.91 -35.07
CA HIS B 99 28.30 3.35 -35.21
C HIS B 99 29.59 3.96 -35.74
N ILE B 100 30.73 3.51 -35.22
CA ILE B 100 32.01 4.02 -35.68
C ILE B 100 32.36 3.36 -37.01
N ALA B 101 32.78 4.18 -37.97
CA ALA B 101 33.11 3.69 -39.31
C ALA B 101 34.61 3.59 -39.55
N ARG B 102 35.45 4.20 -38.71
CA ARG B 102 36.90 4.16 -38.85
C ARG B 102 37.52 3.78 -37.51
N PRO B 103 37.25 2.57 -37.03
CA PRO B 103 37.76 2.19 -35.70
C PRO B 103 39.25 1.95 -35.68
N GLY B 104 39.83 1.44 -36.77
CA GLY B 104 41.24 1.12 -36.84
C GLY B 104 42.07 2.25 -37.42
N LYS B 105 43.31 1.91 -37.78
CA LYS B 105 44.22 2.87 -38.37
C LYS B 105 43.58 3.54 -39.58
N THR B 106 43.35 4.85 -39.48
CA THR B 106 42.71 5.59 -40.55
C THR B 106 43.18 7.04 -40.50
N VAL B 107 43.00 7.74 -41.61
CA VAL B 107 43.44 9.11 -41.76
C VAL B 107 42.33 9.93 -42.41
N THR B 108 42.17 11.17 -41.95
CA THR B 108 41.19 12.11 -42.46
C THR B 108 41.90 13.37 -42.90
N GLY B 109 41.47 13.94 -44.02
CA GLY B 109 42.05 15.18 -44.50
C GLY B 109 41.00 16.23 -44.75
N ILE B 110 41.21 17.43 -44.23
CA ILE B 110 40.27 18.53 -44.40
C ILE B 110 41.02 19.74 -44.93
N ALA B 111 40.54 20.32 -46.03
CA ALA B 111 41.20 21.44 -46.68
C ALA B 111 40.18 22.50 -47.05
N ALA B 112 40.63 23.74 -47.05
CA ALA B 112 39.78 24.88 -47.40
C ALA B 112 40.63 25.91 -48.13
N THR B 113 40.14 26.37 -49.28
CA THR B 113 40.86 27.32 -50.12
C THR B 113 40.17 28.68 -50.08
N LEU B 114 40.95 29.75 -49.95
CA LEU B 114 40.45 31.11 -49.97
C LEU B 114 41.13 31.88 -51.10
N GLU B 115 40.33 32.65 -51.82
CA GLU B 115 40.77 33.41 -52.99
C GLU B 115 40.73 34.90 -52.69
N ARG B 116 41.67 35.65 -53.26
CA ARG B 116 41.67 37.10 -53.16
C ARG B 116 42.44 37.63 -54.35
N GLU B 117 41.73 38.23 -55.31
CA GLU B 117 42.34 38.75 -56.54
C GLU B 117 43.28 37.73 -57.16
N GLY B 118 42.83 36.49 -57.24
CA GLY B 118 43.60 35.41 -57.82
C GLY B 118 44.51 34.68 -56.84
N LYS B 119 45.10 35.41 -55.90
CA LYS B 119 45.97 34.77 -54.92
C LYS B 119 45.17 33.79 -54.09
N GLN B 120 45.72 32.59 -53.92
CA GLN B 120 45.02 31.49 -53.25
C GLN B 120 45.82 31.08 -52.03
N VAL B 121 45.11 30.82 -50.93
CA VAL B 121 45.71 30.27 -49.72
C VAL B 121 44.88 29.07 -49.27
N ARG B 122 45.54 27.93 -49.10
CA ARG B 122 44.89 26.69 -48.68
C ARG B 122 45.29 26.39 -47.24
N LEU B 123 44.30 26.31 -46.37
CA LEU B 123 44.49 25.78 -45.02
C LEU B 123 44.13 24.30 -45.03
N GLY B 124 44.89 23.50 -44.29
CA GLY B 124 44.64 22.08 -44.30
C GLY B 124 45.04 21.43 -43.00
N ALA B 125 44.42 20.27 -42.75
CA ALA B 125 44.73 19.49 -41.56
C ALA B 125 44.63 18.02 -41.91
N LEU B 126 45.62 17.25 -41.49
CA LEU B 126 45.62 15.80 -41.60
C LEU B 126 45.57 15.23 -40.20
N LEU B 127 44.57 14.38 -39.96
CA LEU B 127 44.33 13.79 -38.64
C LEU B 127 44.27 12.28 -38.81
N TRP B 128 45.28 11.58 -38.29
CA TRP B 128 45.35 10.13 -38.47
C TRP B 128 45.58 9.44 -37.14
N PHE B 129 45.11 8.19 -37.08
CA PHE B 129 45.33 7.31 -35.94
C PHE B 129 46.18 6.13 -36.38
N ASP B 130 47.08 5.70 -35.48
CA ASP B 130 47.96 4.58 -35.74
C ASP B 130 47.50 3.30 -35.06
N SER B 131 46.30 3.29 -34.51
CA SER B 131 45.78 2.14 -33.80
C SER B 131 44.29 2.34 -33.57
N THR B 132 43.68 1.41 -32.83
CA THR B 132 42.27 1.48 -32.49
C THR B 132 42.01 2.33 -31.24
N SER B 133 43.02 2.55 -30.40
CA SER B 133 42.86 3.36 -29.21
C SER B 133 42.55 4.80 -29.63
N SER B 134 41.34 5.25 -29.35
CA SER B 134 40.88 6.58 -29.76
C SER B 134 41.07 7.54 -28.59
N SER B 135 42.30 8.01 -28.45
CA SER B 135 42.65 8.99 -27.41
C SER B 135 43.07 10.29 -28.07
N VAL B 136 43.02 11.37 -27.28
CA VAL B 136 43.45 12.67 -27.78
C VAL B 136 44.91 12.60 -28.20
N THR B 137 45.76 12.04 -27.33
CA THR B 137 47.18 11.93 -27.66
C THR B 137 47.41 10.95 -28.80
N ASP B 138 46.70 9.82 -28.78
CA ASP B 138 46.82 8.86 -29.88
C ASP B 138 46.45 9.51 -31.21
N MET B 139 45.64 10.55 -31.17
CA MET B 139 45.22 11.31 -32.35
C MET B 139 46.39 12.13 -32.88
N LYS B 140 47.03 11.62 -33.94
CA LYS B 140 48.12 12.36 -34.57
C LYS B 140 47.57 13.43 -35.49
N ARG B 141 48.08 14.65 -35.35
CA ARG B 141 47.60 15.81 -36.07
C ARG B 141 48.75 16.49 -36.79
N LEU B 142 48.44 17.12 -37.92
CA LEU B 142 49.45 17.92 -38.62
C LEU B 142 48.73 18.96 -39.46
N TRP B 143 49.03 20.24 -39.22
CA TRP B 143 48.39 21.34 -39.92
C TRP B 143 49.31 21.84 -41.03
N LEU B 144 48.71 22.45 -42.05
CA LEU B 144 49.48 22.92 -43.19
C LEU B 144 48.88 24.20 -43.74
N PHE B 145 49.77 25.12 -44.13
CA PHE B 145 49.40 26.37 -44.76
C PHE B 145 50.13 26.44 -46.10
N SER B 146 49.38 26.56 -47.19
CA SER B 146 49.96 26.52 -48.52
C SER B 146 49.54 27.75 -49.33
N ASP B 147 50.48 28.26 -50.12
CA ASP B 147 50.19 29.29 -51.10
C ASP B 147 50.29 28.81 -52.53
N ASN B 148 50.95 27.67 -52.77
CA ASN B 148 51.12 27.16 -54.11
C ASN B 148 49.82 26.48 -54.57
N PRO B 149 49.25 26.88 -55.71
CA PRO B 149 48.00 26.25 -56.15
C PRO B 149 48.13 24.77 -56.40
N GLY B 150 49.34 24.25 -56.60
CA GLY B 150 49.51 22.82 -56.81
C GLY B 150 49.45 21.97 -55.56
N GLN B 151 49.42 22.60 -54.38
CA GLN B 151 49.38 21.88 -53.11
C GLN B 151 47.92 21.63 -52.73
N THR B 152 47.32 20.65 -53.39
CA THR B 152 45.93 20.30 -53.14
C THR B 152 45.83 19.23 -52.07
N LEU B 153 44.62 19.07 -51.53
CA LEU B 153 44.40 18.09 -50.47
C LEU B 153 44.67 16.68 -50.96
N GLU B 154 44.21 16.35 -52.17
CA GLU B 154 44.45 15.01 -52.71
C GLU B 154 45.94 14.76 -52.88
N HIS B 155 46.68 15.76 -53.34
CA HIS B 155 48.14 15.62 -53.45
C HIS B 155 48.76 15.32 -52.09
N TRP B 156 48.31 16.03 -51.06
CA TRP B 156 48.82 15.83 -49.71
C TRP B 156 48.54 14.42 -49.22
N LEU B 157 47.32 13.94 -49.44
CA LEU B 157 46.97 12.58 -49.04
C LEU B 157 47.80 11.56 -49.80
N ASN B 158 48.01 11.77 -51.09
CA ASN B 158 48.81 10.84 -51.87
C ASN B 158 50.23 10.77 -51.33
N VAL B 159 50.83 11.92 -51.05
CA VAL B 159 52.19 11.94 -50.52
C VAL B 159 52.24 11.27 -49.15
N TYR B 160 51.21 11.49 -48.33
CA TYR B 160 51.18 10.83 -47.02
C TYR B 160 51.17 9.32 -47.21
N HIS B 161 50.23 8.82 -48.00
CA HIS B 161 50.13 7.38 -48.25
C HIS B 161 51.42 6.83 -48.84
N GLU B 162 52.18 7.67 -49.56
CA GLU B 162 53.43 7.21 -50.14
C GLU B 162 54.52 7.08 -49.07
N GLY B 163 54.71 8.12 -48.26
CA GLY B 163 55.89 8.15 -47.40
C GLY B 163 55.78 8.71 -46.00
N GLY B 164 54.62 8.59 -45.35
CA GLY B 164 54.50 9.01 -43.97
C GLY B 164 55.04 10.38 -43.61
N THR B 165 55.25 10.60 -42.31
CA THR B 165 55.71 11.90 -41.83
C THR B 165 57.06 12.28 -42.41
N ARG B 166 57.90 11.29 -42.69
CA ARG B 166 59.21 11.59 -43.26
C ARG B 166 59.07 12.30 -44.59
N LEU B 167 58.28 11.75 -45.52
CA LEU B 167 58.04 12.40 -46.79
C LEU B 167 57.26 13.71 -46.62
N LEU B 168 56.35 13.75 -45.64
CA LEU B 168 55.67 15.02 -45.35
C LEU B 168 56.69 16.14 -45.10
N ARG B 169 57.57 15.92 -44.12
CA ARG B 169 58.58 16.93 -43.81
C ARG B 169 59.52 17.15 -44.99
N GLN B 170 59.78 16.10 -45.77
CA GLN B 170 60.67 16.25 -46.91
C GLN B 170 60.11 17.24 -47.93
N MET B 171 58.83 17.08 -48.30
CA MET B 171 58.25 18.07 -49.21
C MET B 171 58.23 19.44 -48.55
N GLU B 172 57.88 19.49 -47.26
CA GLU B 172 57.83 20.77 -46.58
C GLU B 172 59.15 21.51 -46.73
N LYS B 173 60.26 20.80 -46.58
CA LYS B 173 61.57 21.41 -46.76
C LYS B 173 61.81 21.75 -48.23
N GLU B 174 61.34 20.90 -49.15
CA GLU B 174 61.55 21.16 -50.57
C GLU B 174 60.55 22.16 -51.12
N ALA B 175 59.26 21.83 -51.05
CA ALA B 175 58.23 22.64 -51.68
C ALA B 175 58.22 24.05 -51.11
N ILE B 176 58.03 25.03 -51.97
CA ILE B 176 58.00 26.45 -51.60
C ILE B 176 56.56 26.85 -51.34
N GLY B 177 56.40 27.94 -50.59
CA GLY B 177 55.06 28.44 -50.29
C GLY B 177 54.21 27.45 -49.53
N LEU B 178 54.82 26.67 -48.63
CA LEU B 178 54.12 25.66 -47.88
C LEU B 178 54.81 25.45 -46.54
N TRP B 179 54.05 25.56 -45.46
CA TRP B 179 54.57 25.38 -44.11
C TRP B 179 53.73 24.34 -43.37
N THR B 180 54.39 23.40 -42.71
CA THR B 180 53.72 22.33 -41.99
C THR B 180 54.05 22.43 -40.51
N TYR B 181 52.99 22.40 -39.69
CA TYR B 181 53.07 22.63 -38.26
C TYR B 181 52.59 21.40 -37.49
N PRO B 182 53.34 20.97 -36.47
CA PRO B 182 52.87 19.84 -35.66
C PRO B 182 51.84 20.24 -34.62
N ASN B 183 51.97 21.42 -34.03
CA ASN B 183 51.09 21.90 -32.97
C ASN B 183 50.16 22.97 -33.52
N LYS B 184 48.90 22.96 -33.06
CA LYS B 184 47.93 23.92 -33.57
C LYS B 184 48.20 25.33 -33.07
N LYS B 185 48.95 25.49 -31.99
CA LYS B 185 49.25 26.84 -31.49
C LYS B 185 49.98 27.65 -32.54
N GLN B 186 51.07 27.10 -33.09
CA GLN B 186 51.85 27.82 -34.09
C GLN B 186 51.03 28.04 -35.36
N TYR B 187 50.23 27.05 -35.75
CA TYR B 187 49.40 27.21 -36.94
C TYR B 187 48.41 28.35 -36.77
N LEU B 188 47.75 28.42 -35.61
CA LEU B 188 46.80 29.49 -35.36
C LEU B 188 47.51 30.84 -35.30
N ALA B 189 48.69 30.89 -34.71
CA ALA B 189 49.45 32.14 -34.68
C ALA B 189 49.76 32.60 -36.09
N ARG B 190 50.24 31.70 -36.94
CA ARG B 190 50.55 32.07 -38.32
C ARG B 190 49.29 32.52 -39.06
N LEU B 191 48.17 31.83 -38.83
CA LEU B 191 46.93 32.21 -39.50
C LEU B 191 46.50 33.61 -39.10
N ARG B 192 46.56 33.92 -37.81
CA ARG B 192 46.22 35.27 -37.35
C ARG B 192 47.16 36.30 -37.96
N ASP B 193 48.46 36.01 -37.97
CA ASP B 193 49.41 36.95 -38.56
C ASP B 193 49.10 37.20 -40.03
N PHE B 194 48.75 36.14 -40.77
CA PHE B 194 48.37 36.33 -42.16
C PHE B 194 47.17 37.26 -42.26
N PHE B 195 46.09 36.94 -41.53
CA PHE B 195 44.85 37.71 -41.68
C PHE B 195 44.83 38.96 -40.80
N GLU B 196 45.89 39.21 -40.03
CA GLU B 196 46.01 40.44 -39.25
C GLU B 196 44.83 40.60 -38.29
N VAL B 197 44.38 39.49 -37.71
CA VAL B 197 43.30 39.50 -36.73
C VAL B 197 43.68 38.59 -35.58
N GLY B 198 43.00 38.81 -34.44
CA GLY B 198 43.25 38.05 -33.24
C GLY B 198 42.35 36.83 -33.13
N GLU B 199 42.55 36.07 -32.05
CA GLU B 199 41.72 34.89 -31.82
C GLU B 199 40.31 35.27 -31.41
N ASN B 200 40.11 36.48 -30.90
CA ASN B 200 38.77 36.91 -30.52
C ASN B 200 37.84 36.92 -31.73
N ALA B 201 38.34 37.38 -32.88
CA ALA B 201 37.53 37.41 -34.08
C ALA B 201 37.13 36.00 -34.52
N PHE B 202 38.08 35.07 -34.48
CA PHE B 202 37.77 33.69 -34.88
C PHE B 202 36.78 33.04 -33.92
N THR B 203 36.95 33.27 -32.62
CA THR B 203 35.99 32.73 -31.66
C THR B 203 34.61 33.33 -31.88
N LEU B 204 34.55 34.64 -32.15
CA LEU B 204 33.26 35.26 -32.42
C LEU B 204 32.61 34.68 -33.66
N LEU B 205 33.40 34.43 -34.71
CA LEU B 205 32.87 33.84 -35.93
C LEU B 205 32.33 32.43 -35.66
N ASN B 206 33.10 31.63 -34.93
CA ASN B 206 32.64 30.28 -34.61
C ASN B 206 31.35 30.31 -33.80
N ARG B 207 31.25 31.24 -32.83
CA ARG B 207 30.02 31.38 -32.08
C ARG B 207 28.87 31.79 -33.00
N ALA B 208 29.12 32.74 -33.91
CA ALA B 208 28.08 33.22 -34.80
C ALA B 208 27.61 32.15 -35.78
N ALA B 209 28.43 31.12 -36.01
CA ALA B 209 27.98 30.02 -36.86
C ALA B 209 26.74 29.35 -36.27
N GLY B 210 26.74 29.13 -34.95
CA GLY B 210 25.60 28.55 -34.25
C GLY B 210 25.01 29.54 -33.28
N LEU B 211 24.88 30.78 -33.74
CA LEU B 211 24.51 31.92 -32.89
C LEU B 211 23.20 31.71 -32.16
N LYS B 212 22.09 31.72 -32.89
CA LYS B 212 20.75 31.52 -32.31
C LYS B 212 20.52 32.39 -31.09
N GLN B 213 19.53 32.04 -30.27
CA GLN B 213 19.26 32.70 -28.99
C GLN B 213 19.39 34.22 -29.11
N LEU B 214 18.55 34.80 -29.96
CA LEU B 214 18.59 36.24 -30.19
C LEU B 214 17.78 36.99 -29.14
N ASN B 215 18.33 38.10 -28.67
CA ASN B 215 17.68 38.92 -27.66
C ASN B 215 18.25 40.34 -27.76
N SER B 216 17.95 41.15 -26.75
CA SER B 216 18.33 42.56 -26.77
C SER B 216 19.83 42.72 -26.98
N ILE B 217 20.23 43.93 -27.38
CA ILE B 217 21.63 44.22 -27.64
C ILE B 217 22.48 44.11 -26.39
N ASP B 218 21.90 44.35 -25.22
CA ASP B 218 22.67 44.28 -23.98
C ASP B 218 23.29 42.90 -23.81
N GLU B 219 22.50 41.84 -24.00
CA GLU B 219 23.06 40.51 -23.95
C GLU B 219 23.83 40.18 -25.23
N ILE B 220 23.61 40.97 -26.29
CA ILE B 220 24.45 40.83 -27.48
C ILE B 220 25.89 41.16 -27.14
N PHE B 221 26.10 42.21 -26.34
CA PHE B 221 27.44 42.65 -26.01
C PHE B 221 27.98 42.07 -24.71
N ARG B 222 27.11 41.62 -23.82
CA ARG B 222 27.57 41.20 -22.49
C ARG B 222 28.26 39.84 -22.53
N GLU B 223 27.80 38.93 -23.39
CA GLU B 223 28.42 37.63 -23.52
C GLU B 223 28.84 37.29 -24.94
N LEU B 224 28.05 37.68 -25.94
CA LEU B 224 28.40 37.34 -27.32
C LEU B 224 29.69 38.04 -27.75
N VAL B 225 29.80 39.34 -27.48
CA VAL B 225 30.98 40.12 -27.84
C VAL B 225 31.52 40.74 -26.57
N LEU B 226 32.55 41.58 -26.68
CA LEU B 226 33.11 42.28 -25.53
C LEU B 226 33.64 41.29 -24.49
N ASP B 227 34.71 40.60 -24.89
CA ASP B 227 35.29 39.54 -24.08
C ASP B 227 35.31 39.93 -22.61
N ASP B 228 35.15 38.93 -21.74
CA ASP B 228 34.81 39.18 -20.35
C ASP B 228 35.77 40.18 -19.69
N HIS B 229 37.07 39.94 -19.80
CA HIS B 229 38.06 40.78 -19.12
C HIS B 229 37.66 40.99 -17.65
N SER B 230 37.09 39.95 -17.06
CA SER B 230 36.54 40.06 -15.71
C SER B 230 37.66 40.20 -14.68
N ALA B 231 37.29 40.71 -13.50
CA ALA B 231 38.22 40.87 -12.39
C ALA B 231 37.84 39.99 -11.21
N PHE B 232 37.05 38.93 -11.43
CA PHE B 232 36.61 38.08 -10.34
C PHE B 232 37.78 37.37 -9.65
N ASP B 233 38.83 37.03 -10.39
CA ASP B 233 40.00 36.40 -9.78
C ASP B 233 40.83 37.41 -9.00
N ARG B 234 40.99 38.62 -9.53
CA ARG B 234 41.66 39.67 -8.77
C ARG B 234 40.92 39.97 -7.48
N ALA B 235 39.59 39.91 -7.51
CA ALA B 235 38.82 40.13 -6.31
C ALA B 235 39.11 39.06 -5.27
N ALA B 236 39.18 37.80 -5.68
CA ALA B 236 39.51 36.73 -4.74
C ALA B 236 40.91 36.90 -4.17
N GLU B 237 41.87 37.28 -5.03
CA GLU B 237 43.23 37.48 -4.55
C GLU B 237 43.29 38.62 -3.51
N VAL B 238 42.60 39.72 -3.79
CA VAL B 238 42.59 40.84 -2.85
C VAL B 238 41.89 40.44 -1.57
N ALA B 239 40.83 39.62 -1.68
CA ALA B 239 40.14 39.15 -0.48
C ALA B 239 41.04 38.30 0.39
N ASN B 240 41.82 37.39 -0.23
CA ASN B 240 42.75 36.57 0.54
C ASN B 240 43.83 37.44 1.19
N SER B 241 44.33 38.44 0.46
CA SER B 241 45.28 39.37 1.04
C SER B 241 44.69 40.06 2.27
N PHE B 242 43.46 40.54 2.17
CA PHE B 242 42.87 41.23 3.31
C PHE B 242 42.59 40.23 4.42
N ASP B 243 42.32 38.97 4.09
CA ASP B 243 42.14 37.97 5.14
C ASP B 243 43.43 37.80 5.94
N GLY B 244 44.57 37.74 5.25
CA GLY B 244 45.84 37.74 5.97
C GLY B 244 46.01 38.98 6.82
N LEU B 245 45.68 40.14 6.26
CA LEU B 245 45.78 41.39 7.01
C LEU B 245 44.89 41.37 8.24
N THR B 246 43.68 40.82 8.12
CA THR B 246 42.76 40.73 9.24
C THR B 246 43.29 39.80 10.31
N GLU B 247 43.92 38.69 9.90
CA GLU B 247 44.54 37.82 10.87
C GLU B 247 45.63 38.55 11.65
N ILE B 248 46.47 39.32 10.93
CA ILE B 248 47.49 40.11 11.60
C ILE B 248 46.86 41.12 12.55
N HIS B 249 45.79 41.78 12.11
CA HIS B 249 45.08 42.75 12.93
C HIS B 249 44.57 42.12 14.22
N GLN B 250 43.95 40.95 14.12
CA GLN B 250 43.40 40.31 15.31
C GLN B 250 44.51 39.84 16.24
N GLU B 251 45.63 39.39 15.69
CA GLU B 251 46.77 39.08 16.54
C GLU B 251 47.19 40.32 17.32
N LEU B 252 47.25 41.47 16.66
CA LEU B 252 47.61 42.70 17.35
C LEU B 252 46.59 43.05 18.43
N GLU B 253 45.31 42.80 18.16
CA GLU B 253 44.28 43.13 19.15
C GLU B 253 44.41 42.25 20.38
N THR B 254 44.60 40.95 20.17
CA THR B 254 44.86 40.06 21.30
C THR B 254 46.10 40.51 22.05
N ALA B 255 47.09 41.03 21.32
CA ALA B 255 48.29 41.55 21.97
C ALA B 255 47.97 42.70 22.92
N ARG B 256 47.23 43.71 22.44
CA ARG B 256 46.99 44.83 23.33
C ARG B 256 46.16 44.38 24.52
N LYS B 257 45.22 43.46 24.27
CA LYS B 257 44.38 42.96 25.35
C LYS B 257 45.23 42.28 26.42
N GLN B 258 46.20 41.46 26.01
CA GLN B 258 47.10 40.83 26.97
C GLN B 258 47.87 41.89 27.74
N GLN B 259 48.38 42.91 27.05
CA GLN B 259 49.16 43.94 27.75
C GLN B 259 48.30 44.67 28.77
N GLN B 260 47.09 45.06 28.39
CA GLN B 260 46.21 45.78 29.29
C GLN B 260 45.83 44.92 30.49
N SER B 261 45.56 43.63 30.26
CA SER B 261 45.26 42.74 31.36
C SER B 261 46.45 42.63 32.32
N LEU B 262 47.66 42.51 31.78
CA LEU B 262 48.82 42.32 32.63
C LEU B 262 49.16 43.55 33.44
N GLN B 263 48.88 44.75 32.91
CA GLN B 263 49.24 45.96 33.64
C GLN B 263 48.74 45.98 35.08
N PRO B 264 47.46 45.71 35.36
CA PRO B 264 47.02 45.69 36.76
C PRO B 264 47.76 44.66 37.59
N VAL B 265 48.18 43.55 36.99
CA VAL B 265 48.96 42.56 37.73
C VAL B 265 50.23 43.20 38.28
N ALA B 266 50.95 43.93 37.42
CA ALA B 266 52.17 44.60 37.87
C ALA B 266 51.85 45.67 38.92
N LEU B 267 50.78 46.44 38.70
CA LEU B 267 50.43 47.46 39.68
C LEU B 267 50.21 46.85 41.06
N SER B 268 49.38 45.80 41.12
CA SER B 268 49.08 45.17 42.40
C SER B 268 50.30 44.47 42.97
N TRP B 269 51.17 43.93 42.12
CA TRP B 269 52.39 43.31 42.62
C TRP B 269 53.28 44.34 43.30
N GLU B 270 53.42 45.52 42.70
CA GLU B 270 54.19 46.58 43.34
C GLU B 270 53.55 47.00 44.66
N LYS B 271 52.21 47.16 44.65
CA LYS B 271 51.53 47.54 45.88
C LYS B 271 51.75 46.51 46.97
N TYR B 272 51.70 45.22 46.63
CA TYR B 272 51.89 44.15 47.61
C TYR B 272 53.34 44.06 48.07
N GLN B 273 54.30 44.34 47.20
CA GLN B 273 55.69 44.42 47.64
C GLN B 273 55.88 45.53 48.66
N LYS B 274 55.21 46.66 48.45
CA LYS B 274 55.27 47.74 49.43
C LYS B 274 54.87 47.23 50.81
N GLN B 275 53.70 46.59 50.90
CA GLN B 275 53.23 46.09 52.17
C GLN B 275 54.12 44.97 52.72
N GLU B 276 54.70 44.15 51.83
CA GLU B 276 55.60 43.10 52.29
C GLU B 276 56.84 43.70 52.96
N ARG B 277 57.43 44.72 52.35
CA ARG B 277 58.56 45.39 52.99
C ARG B 277 58.13 46.04 54.29
N GLN B 278 56.95 46.67 54.31
CA GLN B 278 56.49 47.31 55.53
C GLN B 278 56.33 46.30 56.66
N LEU B 279 55.79 45.12 56.36
CA LEU B 279 55.67 44.07 57.36
C LEU B 279 57.03 43.56 57.79
N ALA B 280 57.92 43.31 56.84
CA ALA B 280 59.26 42.85 57.17
C ALA B 280 59.99 43.84 58.08
N ASP B 281 59.67 45.13 57.96
CA ASP B 281 60.21 46.11 58.90
C ASP B 281 59.91 45.70 60.34
N TRP B 282 58.70 45.19 60.59
CA TRP B 282 58.36 44.67 61.90
C TRP B 282 58.81 43.23 62.11
N LEU B 283 59.23 42.54 61.05
CA LEU B 283 59.65 41.15 61.16
C LEU B 283 61.01 41.03 61.83
N GLU B 782 47.68 43.68 66.75
CA GLU B 782 48.99 44.30 66.58
C GLU B 782 49.53 44.05 65.18
N ILE B 783 50.38 43.02 65.04
CA ILE B 783 50.97 42.71 63.74
C ILE B 783 49.91 42.30 62.74
N GLU B 784 48.84 41.66 63.20
CA GLU B 784 47.79 41.21 62.27
C GLU B 784 47.26 42.36 61.43
N ARG B 785 47.28 43.59 61.96
CA ARG B 785 46.84 44.74 61.18
C ARG B 785 47.54 44.78 59.83
N VAL B 786 48.86 44.56 59.81
CA VAL B 786 49.59 44.56 58.55
C VAL B 786 49.60 43.19 57.87
N LYS B 787 49.19 42.13 58.58
CA LYS B 787 49.11 40.81 57.96
C LYS B 787 47.83 40.65 57.16
N ALA B 788 46.69 40.90 57.78
CA ALA B 788 45.40 40.71 57.10
C ALA B 788 45.37 41.46 55.78
N GLU B 789 45.86 42.70 55.77
CA GLU B 789 45.90 43.46 54.53
C GLU B 789 46.61 42.68 53.43
N LEU B 790 47.79 42.15 53.74
CA LEU B 790 48.50 41.33 52.76
C LEU B 790 47.58 40.25 52.21
N HIS B 791 46.89 39.54 53.10
CA HIS B 791 45.87 38.58 52.69
C HIS B 791 45.04 39.13 51.55
N ARG B 792 44.34 40.24 51.81
CA ARG B 792 43.50 40.83 50.78
C ARG B 792 44.30 41.03 49.50
N LEU B 793 45.45 41.70 49.62
CA LEU B 793 46.25 41.96 48.42
C LEU B 793 46.55 40.67 47.70
N ASN B 794 46.96 39.64 48.44
CA ASN B 794 47.24 38.36 47.80
C ASN B 794 46.05 37.91 46.97
N ILE B 795 44.87 37.87 47.59
CA ILE B 795 43.66 37.53 46.85
C ILE B 795 43.59 38.38 45.58
N GLU B 796 43.66 39.70 45.76
CA GLU B 796 43.58 40.60 44.63
C GLU B 796 44.55 40.15 43.55
N LEU B 797 45.82 39.96 43.92
CA LEU B 797 46.81 39.58 42.92
C LEU B 797 46.33 38.37 42.14
N THR B 798 45.98 37.30 42.84
CA THR B 798 45.60 36.07 42.16
C THR B 798 44.47 36.33 41.19
N LYS B 799 43.48 37.12 41.62
CA LYS B 799 42.35 37.40 40.74
C LYS B 799 42.83 38.05 39.44
N ARG B 800 43.62 39.12 39.55
CA ARG B 800 44.19 39.71 38.33
C ARG B 800 44.98 38.67 37.57
N MET B 801 45.75 37.84 38.27
CA MET B 801 46.46 36.76 37.59
C MET B 801 45.51 35.94 36.74
N SER B 802 44.37 35.54 37.33
CA SER B 802 43.37 34.81 36.56
C SER B 802 42.98 35.58 35.32
N GLU B 803 42.69 36.88 35.47
CA GLU B 803 42.30 37.68 34.32
C GLU B 803 43.36 37.61 33.23
N ALA B 804 44.64 37.61 33.61
CA ALA B 804 45.69 37.48 32.60
C ALA B 804 45.51 36.19 31.83
N LYS B 805 45.36 35.07 32.55
CA LYS B 805 45.16 33.78 31.90
C LYS B 805 43.87 33.76 31.09
N ARG B 806 42.97 34.71 31.32
CA ARG B 806 41.79 34.84 30.46
C ARG B 806 42.15 35.15 29.03
N VAL B 807 43.11 36.04 28.81
CA VAL B 807 43.36 36.57 27.47
C VAL B 807 44.61 36.00 26.83
N ASP B 808 45.55 35.47 27.60
CA ASP B 808 46.77 34.94 27.00
C ASP B 808 46.46 33.73 26.15
N THR B 809 47.15 33.64 25.01
CA THR B 809 46.95 32.56 24.05
C THR B 809 47.99 31.45 24.19
N GLY B 810 48.76 31.45 25.27
CA GLY B 810 49.83 30.49 25.44
C GLY B 810 51.11 31.16 25.87
N ALA B 811 51.05 32.48 26.03
CA ALA B 811 52.24 33.21 26.49
C ALA B 811 52.67 32.74 27.87
N LEU B 812 51.70 32.52 28.77
CA LEU B 812 52.00 32.07 30.12
C LEU B 812 51.10 30.90 30.50
N VAL B 813 50.72 30.07 29.52
CA VAL B 813 49.87 28.92 29.80
C VAL B 813 50.56 27.96 30.77
N GLU B 814 51.85 27.69 30.55
CA GLU B 814 52.57 26.79 31.42
C GLU B 814 52.62 27.30 32.86
N ALA B 815 52.71 28.61 33.06
CA ALA B 815 52.78 29.17 34.39
C ALA B 815 51.43 29.04 35.10
N GLY B 816 51.48 29.16 36.43
CA GLY B 816 50.32 28.99 37.27
C GLY B 816 49.66 30.31 37.63
N ALA B 817 49.03 30.34 38.82
CA ALA B 817 48.34 31.51 39.31
C ALA B 817 48.70 31.79 40.77
N ASP B 818 49.91 31.43 41.18
CA ASP B 818 50.39 31.60 42.53
C ASP B 818 51.47 32.67 42.56
N LEU B 819 51.66 33.28 43.75
CA LEU B 819 52.61 34.37 43.86
C LEU B 819 53.99 33.96 43.39
N ASP B 820 54.33 32.68 43.52
CA ASP B 820 55.59 32.20 42.95
C ASP B 820 55.66 32.48 41.46
N ASP B 821 54.51 32.59 40.80
CA ASP B 821 54.42 32.84 39.38
C ASP B 821 54.47 34.32 39.02
N ILE B 822 54.51 35.21 40.02
CA ILE B 822 54.48 36.64 39.72
C ILE B 822 55.59 37.05 38.76
N PRO B 823 56.84 36.66 38.94
CA PRO B 823 57.88 37.13 38.01
C PRO B 823 57.58 36.80 36.56
N VAL B 824 57.16 35.56 36.28
CA VAL B 824 56.89 35.16 34.91
C VAL B 824 56.00 36.19 34.22
N TYR B 825 54.80 36.38 34.76
CA TYR B 825 53.88 37.35 34.19
C TYR B 825 54.57 38.69 33.99
N LEU B 826 55.25 39.18 35.03
CA LEU B 826 55.92 40.47 34.91
C LEU B 826 56.80 40.50 33.68
N GLN B 827 57.65 39.49 33.52
CA GLN B 827 58.53 39.46 32.34
C GLN B 827 57.70 39.60 31.07
N ARG B 828 56.67 38.78 30.94
CA ARG B 828 55.81 38.85 29.77
C ARG B 828 55.34 40.28 29.53
N LEU B 829 54.84 40.92 30.59
CA LEU B 829 54.36 42.29 30.45
C LEU B 829 55.43 43.18 29.84
N GLN B 830 56.65 43.12 30.38
CA GLN B 830 57.71 43.96 29.85
C GLN B 830 57.94 43.65 28.38
N GLU B 831 57.94 42.37 28.01
CA GLU B 831 58.07 42.03 26.59
C GLU B 831 56.94 42.65 25.79
N LEU B 832 55.70 42.53 26.29
CA LEU B 832 54.58 43.15 25.58
C LEU B 832 54.75 44.65 25.48
N THR B 833 55.52 45.25 26.39
CA THR B 833 55.76 46.68 26.37
C THR B 833 57.11 47.04 25.76
N GLU B 834 57.88 46.06 25.29
CA GLU B 834 59.20 46.35 24.73
C GLU B 834 59.29 46.02 23.25
N GLU B 835 58.98 44.79 22.85
CA GLU B 835 59.15 44.39 21.45
C GLU B 835 57.87 43.92 20.80
N ALA B 836 57.04 43.14 21.50
CA ALA B 836 55.84 42.58 20.90
C ALA B 836 54.96 43.69 20.33
N LEU B 837 54.47 44.58 21.19
CA LEU B 837 53.56 45.63 20.73
C LEU B 837 54.19 46.52 19.65
N PRO B 838 55.39 47.08 19.85
CA PRO B 838 55.94 47.99 18.84
C PRO B 838 56.16 47.32 17.49
N GLU B 839 56.90 46.20 17.50
CA GLU B 839 57.23 45.53 16.24
C GLU B 839 55.97 45.01 15.55
N LYS B 840 55.00 44.53 16.33
CA LYS B 840 53.79 43.99 15.72
C LYS B 840 52.91 45.10 15.15
N LEU B 841 52.83 46.25 15.82
CA LEU B 841 52.12 47.38 15.24
C LEU B 841 52.83 47.87 13.98
N ASN B 842 54.17 47.85 13.98
CA ASN B 842 54.91 48.22 12.78
C ASN B 842 54.60 47.27 11.63
N ARG B 843 54.54 45.97 11.91
CA ARG B 843 54.16 45.01 10.88
C ARG B 843 52.75 45.28 10.38
N PHE B 844 51.81 45.57 11.28
CA PHE B 844 50.44 45.84 10.86
C PHE B 844 50.37 47.06 9.95
N LEU B 845 51.09 48.13 10.31
CA LEU B 845 51.06 49.33 9.48
C LEU B 845 51.76 49.09 8.14
N ASP B 846 52.84 48.33 8.15
CA ASP B 846 53.52 48.01 6.89
C ASP B 846 52.60 47.23 5.96
N TYR B 847 51.87 46.26 6.51
CA TYR B 847 50.91 45.52 5.69
C TYR B 847 49.79 46.43 5.19
N LEU B 848 49.26 47.28 6.06
CA LEU B 848 48.16 48.15 5.66
C LEU B 848 48.59 49.17 4.62
N ASN B 849 49.89 49.46 4.54
CA ASN B 849 50.36 50.37 3.50
C ASN B 849 50.70 49.64 2.20
N ARG B 850 51.45 48.54 2.29
CA ARG B 850 51.75 47.77 1.08
C ARG B 850 50.49 47.21 0.45
N SER B 851 49.56 46.74 1.28
CA SER B 851 48.23 46.36 0.83
C SER B 851 47.26 47.53 1.01
N SER B 852 46.14 47.46 0.30
CA SER B 852 45.11 48.47 0.41
C SER B 852 45.53 49.77 -0.26
N ASP B 853 46.79 49.83 -0.71
CA ASP B 853 47.30 50.98 -1.44
C ASP B 853 47.94 50.49 -2.73
N ASP B 854 48.49 49.27 -2.70
CA ASP B 854 48.88 48.54 -3.89
C ASP B 854 47.90 47.43 -4.23
N GLY B 855 46.66 47.55 -3.78
CA GLY B 855 45.64 46.56 -4.03
C GLY B 855 44.28 47.11 -3.66
N VAL B 856 43.25 46.33 -3.99
CA VAL B 856 41.87 46.73 -3.74
C VAL B 856 41.54 47.94 -4.61
N THR B 857 42.09 49.10 -4.25
CA THR B 857 41.82 50.32 -5.01
C THR B 857 42.33 50.20 -6.44
N GLN B 858 43.51 49.61 -6.61
CA GLN B 858 44.03 49.37 -7.95
C GLN B 858 43.08 48.50 -8.76
N LEU B 859 42.40 47.55 -8.10
CA LEU B 859 41.41 46.74 -8.80
C LEU B 859 40.26 47.60 -9.32
N LEU B 860 39.78 48.53 -8.50
CA LEU B 860 38.70 49.41 -8.94
C LEU B 860 39.17 50.31 -10.07
N SER B 861 40.39 50.81 -10.00
CA SER B 861 40.92 51.63 -11.08
C SER B 861 41.03 50.83 -12.37
N HIS B 862 41.49 49.57 -12.27
CA HIS B 862 41.53 48.72 -13.46
C HIS B 862 40.14 48.48 -14.01
N ILE B 863 39.16 48.28 -13.13
CA ILE B 863 37.78 48.09 -13.59
C ILE B 863 37.29 49.31 -14.34
N GLU B 864 37.55 50.50 -13.80
CA GLU B 864 37.11 51.72 -14.47
C GLU B 864 37.80 51.87 -15.81
N HIS B 865 39.11 51.58 -15.87
CA HIS B 865 39.82 51.65 -17.14
C HIS B 865 39.23 50.66 -18.15
N GLU B 866 38.83 49.48 -17.67
CA GLU B 866 38.23 48.50 -18.56
C GLU B 866 36.88 48.98 -19.07
N VAL B 867 36.11 49.66 -18.22
CA VAL B 867 34.87 50.27 -18.69
C VAL B 867 35.16 51.30 -19.78
N LEU B 868 36.21 52.11 -19.58
CA LEU B 868 36.59 53.06 -20.61
C LEU B 868 36.98 52.36 -21.91
N VAL B 869 37.70 51.24 -21.81
CA VAL B 869 38.13 50.51 -23.00
C VAL B 869 36.92 49.96 -23.74
N ILE B 870 35.97 49.38 -23.00
CA ILE B 870 34.74 48.90 -23.63
C ILE B 870 34.01 50.05 -24.29
N GLU B 871 33.94 51.21 -23.63
CA GLU B 871 33.26 52.35 -24.21
C GLU B 871 33.93 52.76 -25.51
N GLU B 872 35.26 52.84 -25.52
CA GLU B 872 35.97 53.26 -26.73
C GLU B 872 35.78 52.26 -27.86
N ARG B 873 35.82 50.96 -27.55
CA ARG B 873 35.44 49.98 -28.55
C ARG B 873 34.04 50.25 -29.08
N LEU B 874 33.15 50.71 -28.20
CA LEU B 874 31.79 51.05 -28.62
C LEU B 874 31.81 52.21 -29.61
N ASN B 875 32.60 53.26 -29.34
CA ASN B 875 32.67 54.36 -30.30
C ASN B 875 33.22 53.89 -31.63
N GLU B 876 34.25 53.03 -31.59
CA GLU B 876 34.82 52.55 -32.85
C GLU B 876 33.80 51.76 -33.66
N LEU B 877 33.06 50.86 -33.01
CA LEU B 877 32.03 50.12 -33.71
C LEU B 877 30.95 51.07 -34.22
N ASN B 878 30.60 52.09 -33.44
CA ASN B 878 29.58 53.04 -33.85
C ASN B 878 30.01 53.80 -35.09
N GLU B 879 31.26 54.24 -35.14
CA GLU B 879 31.76 54.93 -36.32
C GLU B 879 31.78 54.01 -37.53
N THR B 880 32.19 52.75 -37.32
CA THR B 880 32.18 51.79 -38.43
C THR B 880 30.77 51.60 -38.97
N MET B 881 29.79 51.48 -38.08
CA MET B 881 28.40 51.33 -38.52
C MET B 881 27.89 52.59 -39.21
N PHE B 882 28.33 53.76 -38.75
CA PHE B 882 27.98 55.01 -39.42
C PHE B 882 28.58 55.07 -40.82
N ARG B 883 29.75 54.44 -41.02
CA ARG B 883 30.37 54.45 -42.33
C ARG B 883 29.44 53.90 -43.40
N VAL B 884 28.54 52.99 -43.03
CA VAL B 884 27.58 52.43 -43.96
C VAL B 884 26.18 52.81 -43.52
N ASP B 885 25.18 52.49 -44.33
CA ASP B 885 23.80 52.88 -44.07
C ASP B 885 22.97 51.66 -43.68
N PHE B 886 21.84 51.93 -43.05
CA PHE B 886 20.95 50.90 -42.52
C PHE B 886 19.57 50.94 -43.15
N GLN B 887 19.00 52.12 -43.35
CA GLN B 887 17.77 52.34 -44.08
C GLN B 887 18.11 53.17 -45.32
N PRO B 888 17.12 53.54 -46.17
CA PRO B 888 17.45 54.29 -47.39
C PRO B 888 18.54 55.34 -47.14
N ASP B 889 18.30 56.27 -46.23
CA ASP B 889 19.40 57.02 -45.61
C ASP B 889 18.98 57.42 -44.19
N ARG B 890 19.23 56.54 -43.25
CA ARG B 890 18.97 56.83 -41.85
C ARG B 890 20.15 56.49 -40.95
N TYR B 891 20.86 55.39 -41.24
CA TYR B 891 21.96 54.90 -40.42
C TYR B 891 21.56 54.82 -38.95
N LEU B 892 22.44 54.26 -38.11
CA LEU B 892 22.13 54.15 -36.69
C LEU B 892 23.42 54.15 -35.90
N ARG B 893 23.28 54.40 -34.60
CA ARG B 893 24.37 54.40 -33.65
C ARG B 893 23.90 53.70 -32.38
N LEU B 894 24.81 53.53 -31.43
CA LEU B 894 24.48 52.90 -30.16
C LEU B 894 25.20 53.61 -29.03
N ASP B 895 24.45 53.92 -27.98
CA ASP B 895 24.99 54.65 -26.83
C ASP B 895 25.57 53.67 -25.82
N THR B 896 25.92 54.17 -24.64
CA THR B 896 26.53 53.34 -23.62
C THR B 896 25.82 53.41 -22.28
N LYS B 897 25.31 54.58 -21.89
CA LYS B 897 24.61 54.72 -20.63
C LYS B 897 25.48 54.29 -19.45
N LYS B 898 24.89 54.24 -18.26
CA LYS B 898 25.62 53.84 -17.06
C LYS B 898 24.62 53.27 -16.06
N VAL B 899 24.93 52.10 -15.50
CA VAL B 899 24.02 51.44 -14.58
C VAL B 899 24.11 52.11 -13.21
N VAL B 900 22.97 52.17 -12.52
CA VAL B 900 22.88 52.85 -11.23
C VAL B 900 22.41 51.87 -10.17
N HIS B 901 22.67 50.57 -10.40
CA HIS B 901 22.19 49.53 -9.50
C HIS B 901 22.84 49.68 -8.13
N GLU B 902 22.05 49.33 -7.10
CA GLU B 902 22.36 49.75 -5.73
C GLU B 902 23.77 49.40 -5.29
N SER B 903 24.28 48.25 -5.71
CA SER B 903 25.62 47.85 -5.28
C SER B 903 26.65 48.88 -5.76
N LEU B 904 26.43 49.48 -6.92
CA LEU B 904 27.33 50.53 -7.37
C LEU B 904 27.34 51.71 -6.42
N ARG B 905 26.16 52.13 -5.97
CA ARG B 905 26.07 53.24 -5.01
C ARG B 905 26.76 52.88 -3.70
N THR B 906 26.54 51.66 -3.21
CA THR B 906 27.18 51.26 -1.96
C THR B 906 28.69 51.22 -2.12
N LEU B 907 29.18 50.72 -3.27
CA LEU B 907 30.61 50.69 -3.50
C LEU B 907 31.19 52.09 -3.55
N GLU B 908 30.51 53.01 -4.22
CA GLU B 908 31.02 54.39 -4.29
C GLU B 908 31.04 55.03 -2.92
N LYS B 909 30.00 54.80 -2.11
CA LYS B 909 29.97 55.39 -0.77
C LYS B 909 31.06 54.79 0.12
N ALA B 910 31.28 53.47 0.04
CA ALA B 910 32.35 52.85 0.80
C ALA B 910 33.71 53.37 0.36
N GLN B 911 33.90 53.56 -0.95
CA GLN B 911 35.15 54.11 -1.45
C GLN B 911 35.38 55.53 -0.94
N ARG B 912 34.32 56.35 -0.93
CA ARG B 912 34.43 57.69 -0.38
C ARG B 912 34.77 57.66 1.10
N GLN B 913 34.16 56.73 1.85
CA GLN B 913 34.49 56.59 3.26
C GLN B 913 35.96 56.20 3.45
N LEU B 914 36.45 55.29 2.62
CA LEU B 914 37.86 54.89 2.70
C LEU B 914 38.78 56.06 2.37
N ASN B 915 38.42 56.85 1.36
CA ASN B 915 39.23 58.01 1.01
C ASN B 915 39.25 59.04 2.13
N ALA B 916 38.12 59.19 2.83
CA ALA B 916 38.10 60.07 4.00
C ALA B 916 38.93 59.50 5.14
N ALA B 917 38.90 58.19 5.33
CA ALA B 917 39.55 57.58 6.49
C ALA B 917 41.06 57.49 6.34
N ARG B 918 41.57 57.27 5.13
CA ARG B 918 42.99 56.94 5.01
C ARG B 918 43.89 58.04 5.56
N PHE B 919 43.42 59.29 5.57
CA PHE B 919 44.24 60.39 6.08
C PHE B 919 43.95 60.71 7.55
N VAL B 920 43.07 59.96 8.21
CA VAL B 920 42.76 60.21 9.60
C VAL B 920 43.86 59.61 10.48
N ASP B 921 44.40 60.42 11.39
CA ASP B 921 45.52 60.01 12.23
C ASP B 921 44.99 59.20 13.41
N ASP B 922 44.77 57.90 13.16
CA ASP B 922 44.32 57.00 14.22
C ASP B 922 45.02 55.65 14.16
N ASN B 923 46.19 55.58 13.54
CA ASN B 923 46.95 54.33 13.36
C ASN B 923 46.28 53.36 12.41
N GLY B 924 45.34 53.84 11.60
CA GLY B 924 44.70 53.00 10.61
C GLY B 924 43.46 52.26 11.06
N GLU B 925 42.90 52.61 12.22
CA GLU B 925 41.67 51.94 12.67
C GLU B 925 40.50 52.27 11.74
N SER B 926 40.27 53.55 11.46
CA SER B 926 39.24 53.92 10.51
C SER B 926 39.58 53.41 9.10
N HIS B 927 40.85 53.51 8.72
CA HIS B 927 41.28 52.92 7.46
C HIS B 927 41.01 51.42 7.43
N TYR B 928 41.33 50.73 8.52
CA TYR B 928 41.09 49.29 8.58
C TYR B 928 39.62 48.97 8.46
N LYS B 929 38.76 49.73 9.13
CA LYS B 929 37.32 49.46 9.06
C LYS B 929 36.77 49.74 7.68
N ALA B 930 37.23 50.81 7.03
CA ALA B 930 36.82 51.07 5.66
C ALA B 930 37.22 49.94 4.73
N LEU B 931 38.45 49.45 4.89
CA LEU B 931 38.88 48.29 4.10
C LEU B 931 38.00 47.09 4.40
N GLN B 932 37.67 46.88 5.67
CA GLN B 932 36.80 45.77 6.04
C GLN B 932 35.47 45.85 5.29
N VAL B 933 34.87 47.04 5.27
CA VAL B 933 33.58 47.19 4.61
C VAL B 933 33.70 46.94 3.10
N LEU B 934 34.71 47.56 2.48
CA LEU B 934 34.85 47.43 1.03
C LEU B 934 35.09 45.99 0.63
N VAL B 935 36.00 45.30 1.32
CA VAL B 935 36.32 43.94 0.92
C VAL B 935 35.26 42.96 1.39
N ALA B 936 34.44 43.32 2.38
CA ALA B 936 33.25 42.52 2.64
C ALA B 936 32.29 42.60 1.47
N GLN B 937 32.11 43.79 0.91
CA GLN B 937 31.31 43.91 -0.31
C GLN B 937 31.90 43.06 -1.43
N LEU B 938 33.23 43.13 -1.59
CA LEU B 938 33.88 42.36 -2.65
C LEU B 938 33.71 40.86 -2.43
N ARG B 939 33.84 40.40 -1.18
CA ARG B 939 33.64 38.98 -0.88
C ARG B 939 32.21 38.56 -1.23
N ASP B 940 31.22 39.33 -0.78
CA ASP B 940 29.84 38.94 -1.05
C ASP B 940 29.56 38.92 -2.54
N ALA B 941 30.14 39.86 -3.29
CA ALA B 941 30.01 39.80 -4.74
C ALA B 941 30.68 38.54 -5.29
N CYS B 942 31.85 38.17 -4.74
CA CYS B 942 32.59 37.04 -5.26
C CYS B 942 31.84 35.74 -5.06
N GLU B 943 31.27 35.53 -3.87
CA GLU B 943 30.56 34.27 -3.64
C GLU B 943 29.35 34.16 -4.56
N ARG B 944 28.55 35.22 -4.64
CA ARG B 944 27.38 35.24 -5.53
C ARG B 944 27.73 35.96 -6.83
N ASN B 945 28.67 35.38 -7.57
CA ASN B 945 29.15 36.01 -8.80
C ASN B 945 28.08 36.02 -9.89
N ARG B 946 27.14 35.08 -9.87
CA ARG B 946 26.12 35.03 -10.91
C ARG B 946 25.06 36.11 -10.73
N THR B 947 24.85 36.59 -9.52
CA THR B 947 23.91 37.68 -9.31
C THR B 947 24.38 38.92 -10.05
N LEU B 948 23.43 39.66 -10.62
CA LEU B 948 23.79 40.82 -11.45
C LEU B 948 24.59 41.85 -10.65
N GLY B 949 24.35 41.94 -9.34
CA GLY B 949 25.09 42.91 -8.55
C GLY B 949 26.58 42.61 -8.51
N ALA B 950 26.93 41.34 -8.28
CA ALA B 950 28.33 40.98 -8.25
C ALA B 950 29.01 41.21 -9.60
N LYS B 951 28.32 40.85 -10.68
CA LYS B 951 28.88 41.08 -12.01
C LYS B 951 29.09 42.56 -12.27
N ALA B 952 28.11 43.38 -11.92
CA ALA B 952 28.26 44.82 -12.09
C ALA B 952 29.43 45.35 -11.27
N LEU B 953 29.62 44.81 -10.07
CA LEU B 953 30.73 45.27 -9.23
C LEU B 953 32.07 44.85 -9.79
N LEU B 954 32.17 43.65 -10.36
CA LEU B 954 33.45 43.10 -10.78
C LEU B 954 33.52 42.77 -12.27
N ASP B 955 32.42 42.84 -13.01
CA ASP B 955 32.43 42.59 -14.44
C ASP B 955 32.26 43.90 -15.18
N PRO B 956 33.29 44.39 -15.87
CA PRO B 956 33.18 45.73 -16.48
C PRO B 956 32.07 45.83 -17.51
N ARG B 957 31.82 44.74 -18.26
CA ARG B 957 30.79 44.78 -19.28
C ARG B 957 29.40 44.97 -18.71
N PHE B 958 29.18 44.68 -17.44
CA PHE B 958 27.90 44.88 -16.79
C PHE B 958 27.81 46.24 -16.11
N ARG B 959 28.86 47.06 -16.19
CA ARG B 959 28.86 48.37 -15.55
C ARG B 959 28.15 49.44 -16.37
N LEU B 960 27.78 49.15 -17.61
CA LEU B 960 27.10 50.12 -18.45
C LEU B 960 26.04 49.43 -19.28
N GLU B 961 24.94 50.14 -19.52
CA GLU B 961 23.83 49.60 -20.29
C GLU B 961 24.17 49.65 -21.79
N PHE B 962 23.20 49.32 -22.63
CA PHE B 962 23.37 49.37 -24.07
C PHE B 962 22.04 49.69 -24.73
N ALA B 963 22.05 50.62 -25.68
CA ALA B 963 20.86 50.96 -26.44
C ALA B 963 21.28 51.43 -27.81
N VAL B 964 20.36 51.33 -28.76
CA VAL B 964 20.61 51.70 -30.15
C VAL B 964 19.61 52.78 -30.55
N SER B 965 20.13 53.88 -31.10
CA SER B 965 19.32 54.98 -31.58
C SER B 965 19.56 55.17 -33.06
N VAL B 966 18.49 55.31 -33.83
CA VAL B 966 18.56 55.44 -35.28
C VAL B 966 18.50 56.94 -35.59
N MET B 967 19.62 57.49 -36.06
CA MET B 967 19.68 58.89 -36.44
C MET B 967 19.12 59.08 -37.84
N ASP B 968 19.31 60.28 -38.38
CA ASP B 968 18.94 60.61 -39.75
C ASP B 968 20.18 60.98 -40.52
N ARG B 969 20.32 60.40 -41.73
CA ARG B 969 21.53 60.62 -42.51
C ARG B 969 21.70 62.07 -42.94
N GLN B 970 20.65 62.89 -42.84
CA GLN B 970 20.70 64.28 -43.25
C GLN B 970 20.66 65.23 -42.06
N SER B 971 19.62 65.13 -41.23
CA SER B 971 19.47 66.06 -40.13
C SER B 971 20.62 65.94 -39.12
N GLY B 972 21.07 64.71 -38.89
CA GLY B 972 22.05 64.45 -37.85
C GLY B 972 21.46 64.17 -36.50
N ASN B 973 20.14 64.27 -36.34
CA ASN B 973 19.47 63.93 -35.10
C ASN B 973 18.93 62.51 -35.18
N VAL B 974 18.31 62.06 -34.09
CA VAL B 974 17.81 60.69 -33.96
C VAL B 974 16.30 60.73 -34.09
N ILE B 975 15.76 59.92 -35.00
CA ILE B 975 14.31 59.84 -35.16
C ILE B 975 13.67 59.35 -33.87
N GLU B 976 14.25 58.31 -33.27
CA GLU B 976 13.86 57.84 -31.96
C GLU B 976 15.13 57.47 -31.20
N SER B 977 15.44 58.23 -30.14
CA SER B 977 16.60 57.90 -29.32
C SER B 977 16.56 56.45 -28.87
N ARG B 978 15.38 55.97 -28.51
CA ARG B 978 15.16 54.54 -28.24
C ARG B 978 14.34 53.96 -29.39
N THR B 979 14.68 52.72 -29.76
CA THR B 979 13.98 52.07 -30.87
C THR B 979 12.47 52.18 -30.69
N GLY B 980 11.83 52.90 -31.61
CA GLY B 980 10.43 53.22 -31.49
C GLY B 980 9.51 52.01 -31.41
N SER B 981 9.70 51.05 -32.30
CA SER B 981 8.86 49.86 -32.33
C SER B 981 9.49 48.87 -33.32
N GLN B 982 8.86 47.71 -33.47
CA GLN B 982 9.35 46.64 -34.33
C GLN B 982 8.54 46.58 -35.61
N GLY B 983 8.85 45.58 -36.43
CA GLY B 983 8.10 45.34 -37.66
C GLY B 983 7.07 44.26 -37.47
N GLY B 984 6.72 43.98 -36.22
CA GLY B 984 5.77 42.93 -35.89
C GLY B 984 6.41 41.80 -35.12
N SER B 985 6.23 41.80 -33.80
CA SER B 985 6.78 40.76 -32.92
C SER B 985 8.29 40.70 -33.03
N GLY B 986 8.94 41.80 -32.63
CA GLY B 986 10.38 41.87 -32.65
C GLY B 986 10.99 42.03 -34.03
N GLY B 987 10.21 42.46 -35.01
CA GLY B 987 10.74 42.66 -36.35
C GLY B 987 11.89 43.65 -36.38
N GLU B 988 11.60 44.90 -36.02
CA GLU B 988 12.66 45.90 -35.97
C GLU B 988 13.72 45.56 -34.94
N LYS B 989 13.31 45.02 -33.78
CA LYS B 989 14.28 44.62 -32.77
C LYS B 989 15.22 43.55 -33.32
N GLU B 990 14.67 42.54 -33.98
CA GLU B 990 15.51 41.50 -34.57
C GLU B 990 16.43 42.08 -35.64
N ILE B 991 15.90 42.98 -36.47
CA ILE B 991 16.71 43.58 -37.53
C ILE B 991 17.89 44.33 -36.92
N ILE B 992 17.61 45.12 -35.87
CA ILE B 992 18.67 45.92 -35.26
C ILE B 992 19.70 45.02 -34.59
N ALA B 993 19.25 43.97 -33.90
CA ALA B 993 20.20 43.07 -33.26
C ALA B 993 21.08 42.39 -34.30
N SER B 994 20.49 41.91 -35.39
CA SER B 994 21.27 41.26 -36.44
C SER B 994 22.26 42.24 -37.06
N TYR B 995 21.82 43.47 -37.34
CA TYR B 995 22.71 44.47 -37.91
C TYR B 995 23.87 44.78 -36.97
N VAL B 996 23.59 44.94 -35.68
CA VAL B 996 24.65 45.25 -34.73
C VAL B 996 25.64 44.10 -34.66
N LEU B 997 25.15 42.86 -34.61
CA LEU B 997 26.07 41.74 -34.54
C LEU B 997 26.89 41.60 -35.81
N THR B 998 26.27 41.89 -36.97
CA THR B 998 27.04 41.88 -38.21
C THR B 998 28.13 42.94 -38.20
N ALA B 999 27.81 44.14 -37.69
CA ALA B 999 28.82 45.18 -37.59
C ALA B 999 29.94 44.76 -36.64
N SER B 1000 29.59 44.11 -35.54
CA SER B 1000 30.60 43.63 -34.61
C SER B 1000 31.51 42.61 -35.28
N LEU B 1001 30.93 41.69 -36.05
CA LEU B 1001 31.73 40.70 -36.75
C LEU B 1001 32.64 41.36 -37.78
N SER B 1002 32.12 42.34 -38.50
CA SER B 1002 32.93 43.04 -39.50
C SER B 1002 34.11 43.76 -38.83
N TYR B 1003 33.84 44.44 -37.71
CA TYR B 1003 34.91 45.13 -37.00
C TYR B 1003 35.93 44.15 -36.45
N ALA B 1004 35.48 43.02 -35.92
CA ALA B 1004 36.41 42.02 -35.40
C ALA B 1004 37.28 41.45 -36.50
N LEU B 1005 36.69 41.21 -37.68
CA LEU B 1005 37.44 40.66 -38.80
C LEU B 1005 38.18 41.72 -39.60
N CYS B 1006 37.90 42.99 -39.35
CA CYS B 1006 38.62 44.07 -40.04
C CYS B 1006 39.97 44.28 -39.38
N PRO B 1007 41.08 44.14 -40.09
CA PRO B 1007 42.39 44.32 -39.46
C PRO B 1007 42.55 45.72 -38.92
N ALA B 1008 43.57 45.88 -38.07
CA ALA B 1008 43.81 47.18 -37.45
C ALA B 1008 43.99 48.24 -38.52
N GLY B 1009 43.28 49.35 -38.37
CA GLY B 1009 43.34 50.40 -39.38
C GLY B 1009 42.97 49.91 -40.76
N SER B 1010 41.94 49.06 -40.85
CA SER B 1010 41.50 48.50 -42.12
C SER B 1010 40.01 48.74 -42.27
N ARG B 1011 39.60 49.14 -43.49
CA ARG B 1011 38.19 49.37 -43.78
C ARG B 1011 37.44 48.10 -44.16
N TYR B 1012 38.15 47.07 -44.64
CA TYR B 1012 37.52 45.84 -45.07
C TYR B 1012 38.15 44.65 -44.33
N PRO B 1013 37.34 43.65 -43.97
CA PRO B 1013 37.88 42.49 -43.25
C PRO B 1013 38.71 41.62 -44.18
N LEU B 1014 39.91 41.25 -43.72
CA LEU B 1014 40.76 40.36 -44.52
C LEU B 1014 40.10 39.00 -44.72
N PHE B 1015 39.44 38.49 -43.69
CA PHE B 1015 38.74 37.21 -43.74
C PHE B 1015 37.25 37.50 -43.85
N GLY B 1016 36.75 37.52 -45.09
CA GLY B 1016 35.41 37.98 -45.38
C GLY B 1016 34.34 36.92 -45.59
N THR B 1017 34.58 35.69 -45.16
CA THR B 1017 33.60 34.61 -45.31
C THR B 1017 33.04 34.24 -43.95
N ILE B 1018 31.71 34.11 -43.87
CA ILE B 1018 31.01 33.81 -42.63
C ILE B 1018 30.12 32.60 -42.85
N ILE B 1019 30.15 31.67 -41.90
CA ILE B 1019 29.36 30.44 -41.95
C ILE B 1019 28.39 30.47 -40.77
N LEU B 1020 27.11 30.30 -41.06
CA LEU B 1020 26.06 30.30 -40.04
C LEU B 1020 25.13 29.12 -40.29
N ASP B 1021 25.23 28.11 -39.44
CA ASP B 1021 24.34 26.96 -39.52
C ASP B 1021 22.91 27.37 -39.17
N GLU B 1022 21.94 26.67 -39.77
CA GLU B 1022 20.53 26.99 -39.59
C GLU B 1022 20.28 28.47 -39.82
N ALA B 1023 20.49 28.86 -41.08
CA ALA B 1023 20.54 30.28 -41.45
C ALA B 1023 19.45 31.08 -40.77
N PHE B 1024 18.18 30.75 -41.06
CA PHE B 1024 17.06 31.49 -40.49
C PHE B 1024 15.93 30.50 -40.20
N SER B 1025 15.92 29.96 -38.98
CA SER B 1025 14.86 29.09 -38.52
C SER B 1025 13.80 29.83 -37.71
N ARG B 1026 14.19 30.93 -37.05
CA ARG B 1026 13.29 31.72 -36.23
C ARG B 1026 13.02 33.09 -36.82
N SER B 1027 13.40 33.32 -38.07
CA SER B 1027 13.31 34.63 -38.69
C SER B 1027 12.40 34.57 -39.92
N SER B 1028 11.57 35.60 -40.09
CA SER B 1028 10.65 35.64 -41.21
C SER B 1028 11.35 36.07 -42.48
N HIS B 1029 10.66 35.87 -43.61
CA HIS B 1029 11.23 36.23 -44.91
C HIS B 1029 11.54 37.72 -44.98
N ALA B 1030 10.61 38.55 -44.51
CA ALA B 1030 10.82 40.00 -44.58
C ALA B 1030 12.07 40.40 -43.80
N VAL B 1031 12.26 39.85 -42.61
CA VAL B 1031 13.47 40.14 -41.85
C VAL B 1031 14.67 39.46 -42.48
N ALA B 1032 14.54 38.20 -42.90
CA ALA B 1032 15.68 37.46 -43.41
C ALA B 1032 16.32 38.16 -44.59
N GLY B 1033 15.49 38.70 -45.50
CA GLY B 1033 16.05 39.52 -46.56
C GLY B 1033 16.86 40.68 -46.02
N ARG B 1034 16.38 41.29 -44.94
CA ARG B 1034 17.10 42.41 -44.36
C ARG B 1034 18.46 41.98 -43.81
N ILE B 1035 18.52 40.84 -43.12
CA ILE B 1035 19.83 40.40 -42.60
C ILE B 1035 20.76 40.04 -43.75
N ILE B 1036 20.23 39.45 -44.83
CA ILE B 1036 21.08 39.13 -45.96
C ILE B 1036 21.63 40.40 -46.59
N ALA B 1037 20.78 41.42 -46.74
CA ALA B 1037 21.24 42.69 -47.27
C ALA B 1037 22.30 43.30 -46.37
N ALA B 1038 22.10 43.22 -45.05
CA ALA B 1038 23.08 43.77 -44.12
C ALA B 1038 24.42 43.06 -44.25
N LEU B 1039 24.40 41.73 -44.36
CA LEU B 1039 25.63 40.99 -44.55
C LEU B 1039 26.33 41.40 -45.84
N ARG B 1040 25.55 41.62 -46.90
CA ARG B 1040 26.14 42.09 -48.14
C ARG B 1040 26.80 43.46 -47.96
N GLU B 1041 26.12 44.37 -47.25
CA GLU B 1041 26.61 45.74 -47.17
C GLU B 1041 27.98 45.80 -46.51
N PHE B 1042 28.19 45.04 -45.44
CA PHE B 1042 29.46 45.09 -44.73
C PHE B 1042 30.53 44.22 -45.38
N GLY B 1043 30.37 43.87 -46.64
CA GLY B 1043 31.40 43.12 -47.34
C GLY B 1043 31.69 41.77 -46.74
N LEU B 1044 30.64 41.05 -46.33
CA LEU B 1044 30.79 39.71 -45.77
C LEU B 1044 30.16 38.70 -46.73
N HIS B 1045 30.99 37.79 -47.24
CA HIS B 1045 30.51 36.70 -48.09
C HIS B 1045 30.12 35.54 -47.20
N ALA B 1046 28.83 35.24 -47.16
CA ALA B 1046 28.27 34.28 -46.22
C ALA B 1046 27.76 33.06 -46.96
N VAL B 1047 27.94 31.90 -46.34
CA VAL B 1047 27.37 30.64 -46.82
C VAL B 1047 26.26 30.25 -45.84
N PHE B 1048 25.05 30.06 -46.35
CA PHE B 1048 23.89 29.83 -45.52
C PHE B 1048 23.52 28.35 -45.55
N ILE B 1049 23.35 27.75 -44.37
CA ILE B 1049 23.01 26.34 -44.23
C ILE B 1049 21.56 26.25 -43.79
N THR B 1050 20.75 25.52 -44.56
CA THR B 1050 19.35 25.34 -44.25
C THR B 1050 18.91 23.94 -44.66
N PRO B 1051 17.91 23.37 -43.97
CA PRO B 1051 17.37 22.05 -44.36
C PRO B 1051 16.25 22.17 -45.39
N ASN B 1052 16.61 22.60 -46.60
CA ASN B 1052 15.66 22.70 -47.72
C ASN B 1052 14.50 23.64 -47.39
N LYS B 1053 14.75 24.62 -46.53
CA LYS B 1053 13.74 25.58 -46.14
C LYS B 1053 14.18 26.97 -46.56
N GLU B 1054 13.21 27.86 -46.76
CA GLU B 1054 13.51 29.24 -47.11
C GLU B 1054 14.32 29.29 -48.41
N MET B 1055 13.93 28.44 -49.36
CA MET B 1055 14.66 28.33 -50.62
C MET B 1055 14.54 29.59 -51.46
N ARG B 1056 13.41 30.28 -51.40
CA ARG B 1056 13.20 31.43 -52.29
C ARG B 1056 14.25 32.50 -52.05
N LEU B 1057 14.42 32.93 -50.80
CA LEU B 1057 15.34 34.03 -50.54
C LEU B 1057 16.79 33.61 -50.73
N LEU B 1058 17.11 32.36 -50.38
CA LEU B 1058 18.46 31.86 -50.63
C LEU B 1058 18.78 31.89 -52.12
N ARG B 1059 17.85 31.40 -52.94
CA ARG B 1059 18.05 31.39 -54.39
C ARG B 1059 18.16 32.80 -54.94
N ASP B 1060 17.34 33.73 -54.42
CA ASP B 1060 17.40 35.11 -54.90
C ASP B 1060 18.71 35.79 -54.49
N HIS B 1061 19.28 35.40 -53.35
CA HIS B 1061 20.43 36.09 -52.78
C HIS B 1061 21.68 35.23 -52.76
N THR B 1062 21.75 34.18 -53.57
CA THR B 1062 22.95 33.37 -53.70
C THR B 1062 23.04 32.84 -55.13
N ARG B 1063 24.16 32.16 -55.41
CA ARG B 1063 24.38 31.66 -56.77
C ARG B 1063 24.97 30.25 -56.79
N SER B 1064 24.92 29.53 -55.68
CA SER B 1064 25.37 28.14 -55.66
C SER B 1064 24.71 27.45 -54.48
N ALA B 1065 24.69 26.11 -54.55
CA ALA B 1065 24.02 25.30 -53.54
C ALA B 1065 24.68 23.94 -53.48
N ILE B 1066 25.05 23.51 -52.28
CA ILE B 1066 25.74 22.23 -52.09
C ILE B 1066 24.72 21.28 -51.49
N VAL B 1067 24.05 20.50 -52.34
CA VAL B 1067 23.07 19.54 -51.86
C VAL B 1067 23.81 18.41 -51.15
N VAL B 1068 23.58 18.28 -49.85
CA VAL B 1068 24.21 17.24 -49.03
C VAL B 1068 23.15 16.20 -48.72
N HIS B 1069 23.44 14.94 -49.03
CA HIS B 1069 22.51 13.86 -48.74
C HIS B 1069 23.26 12.70 -48.10
N ARG B 1070 22.62 12.06 -47.13
CA ARG B 1070 23.21 10.93 -46.41
C ARG B 1070 22.37 9.70 -46.65
N ARG B 1071 23.01 8.60 -47.05
CA ARG B 1071 22.37 7.31 -47.20
C ARG B 1071 23.14 6.29 -46.37
N GLY B 1072 22.42 5.33 -45.82
CA GLY B 1072 23.07 4.33 -44.99
C GLY B 1072 23.84 5.02 -43.88
N GLN B 1073 25.12 4.65 -43.76
CA GLN B 1073 26.00 5.25 -42.77
C GLN B 1073 26.97 6.26 -43.37
N ASN B 1074 26.80 6.63 -44.65
CA ASN B 1074 27.70 7.57 -45.30
C ASN B 1074 26.93 8.74 -45.91
N SER B 1075 27.49 9.93 -45.76
CA SER B 1075 26.96 11.14 -46.36
C SER B 1075 27.82 11.56 -47.52
N ASN B 1076 27.26 12.42 -48.38
CA ASN B 1076 27.98 12.87 -49.56
C ASN B 1076 27.39 14.20 -50.02
N MET B 1077 28.12 14.87 -50.90
CA MET B 1077 27.75 16.20 -51.38
C MET B 1077 27.61 16.20 -52.90
N ALA B 1078 26.92 17.20 -53.41
CA ALA B 1078 26.75 17.40 -54.85
C ALA B 1078 26.54 18.88 -55.08
N SER B 1079 27.45 19.51 -55.81
CA SER B 1079 27.39 20.94 -56.02
C SER B 1079 26.44 21.28 -57.16
N LEU B 1080 25.90 22.50 -57.10
CA LEU B 1080 25.04 23.01 -58.15
C LEU B 1080 25.18 24.53 -58.17
N SER B 1081 24.98 25.12 -59.34
CA SER B 1081 25.14 26.56 -59.46
C SER B 1081 24.23 27.10 -60.55
N TRP B 1082 23.98 28.40 -60.48
CA TRP B 1082 23.15 29.09 -61.46
C TRP B 1082 23.61 30.53 -61.55
N GLU B 1083 23.28 31.17 -62.67
CA GLU B 1083 23.67 32.56 -62.87
C GLU B 1083 22.65 33.23 -63.78
N GLU B 1084 22.42 34.52 -63.56
CA GLU B 1084 21.47 35.29 -64.36
C GLU B 1084 22.10 35.65 -65.70
N LEU B 1085 21.48 35.20 -66.78
CA LEU B 1085 21.92 35.64 -68.10
C LEU B 1085 21.64 37.14 -68.26
N GLU B 1086 22.56 37.82 -68.95
CA GLU B 1086 22.43 39.27 -69.09
C GLU B 1086 21.13 39.64 -69.80
N ARG B 1087 20.76 38.87 -70.84
CA ARG B 1087 19.56 39.05 -71.63
C ARG B 1087 18.75 40.30 -71.28
N HIS B 1088 17.73 40.13 -70.45
CA HIS B 1088 16.83 41.22 -70.10
C HIS B 1088 15.84 40.70 -69.05
N TYR B 1089 15.10 41.64 -68.45
CA TYR B 1089 14.00 41.24 -67.58
C TYR B 1089 12.91 40.52 -68.37
N GLN B 1090 12.59 41.03 -69.56
CA GLN B 1090 11.60 40.42 -70.43
C GLN B 1090 11.64 41.11 -71.79
N ARG B 1091 11.50 40.33 -72.86
CA ARG B 1091 11.54 40.85 -74.21
C ARG B 1091 10.16 40.79 -74.85
N ARG B 1092 9.98 41.62 -75.88
CA ARG B 1092 8.70 41.76 -76.57
C ARG B 1092 7.61 42.30 -75.66
N GLY B 1093 7.99 43.08 -74.65
CA GLY B 1093 7.03 43.66 -73.73
C GLY B 1093 7.50 44.96 -73.13
N ASN B 1094 6.81 45.42 -72.08
CA ASN B 1094 7.18 46.67 -71.44
C ASN B 1094 8.59 46.59 -70.87
N ALA B 1095 9.36 47.66 -71.06
CA ALA B 1095 10.73 47.71 -70.56
C ALA B 1095 10.97 49.01 -69.79
N SER C 40 -61.08 53.59 -13.17
CA SER C 40 -62.23 53.67 -14.06
C SER C 40 -62.74 52.27 -14.41
N GLU C 41 -62.00 51.25 -14.00
CA GLU C 41 -62.39 49.88 -14.26
C GLU C 41 -61.86 48.98 -13.14
N THR C 42 -62.50 47.82 -13.01
CA THR C 42 -62.16 46.88 -11.95
C THR C 42 -60.72 46.38 -12.09
N ARG C 43 -59.88 46.72 -11.12
CA ARG C 43 -58.47 46.33 -11.11
C ARG C 43 -58.17 45.65 -9.78
N THR C 44 -57.62 44.45 -9.84
CA THR C 44 -57.19 43.78 -8.61
C THR C 44 -56.11 44.58 -7.94
N LEU C 45 -56.08 44.52 -6.61
CA LEU C 45 -55.15 45.34 -5.83
C LEU C 45 -53.72 45.09 -6.28
N GLN C 46 -52.94 46.18 -6.36
CA GLN C 46 -51.60 46.07 -6.91
C GLN C 46 -50.75 45.09 -6.11
N LYS C 47 -50.89 45.10 -4.78
CA LYS C 47 -50.19 44.11 -3.97
C LYS C 47 -50.53 42.70 -4.43
N ILE C 48 -51.81 42.44 -4.67
CA ILE C 48 -52.22 41.09 -5.06
C ILE C 48 -51.66 40.73 -6.43
N ARG C 49 -51.70 41.66 -7.38
CA ARG C 49 -51.16 41.34 -8.69
C ARG C 49 -49.67 41.03 -8.59
N GLU C 50 -48.92 41.84 -7.84
CA GLU C 50 -47.49 41.59 -7.71
C GLU C 50 -47.23 40.25 -7.03
N ALA C 51 -47.99 39.93 -5.98
CA ALA C 51 -47.79 38.66 -5.30
C ALA C 51 -48.09 37.49 -6.21
N THR C 52 -49.19 37.55 -6.96
CA THR C 52 -49.52 36.46 -7.87
C THR C 52 -48.47 36.31 -8.95
N GLN C 53 -47.97 37.43 -9.48
CA GLN C 53 -46.94 37.36 -10.52
C GLN C 53 -45.65 36.76 -9.98
N GLU C 54 -45.25 37.14 -8.77
CA GLU C 54 -44.05 36.53 -8.19
C GLU C 54 -44.26 35.04 -7.97
N LEU C 55 -45.45 34.65 -7.49
CA LEU C 55 -45.75 33.24 -7.32
C LEU C 55 -45.61 32.48 -8.63
N LEU C 56 -46.17 33.03 -9.71
CA LEU C 56 -46.13 32.34 -10.99
C LEU C 56 -44.71 32.31 -11.56
N LYS C 57 -43.94 33.37 -11.32
CA LYS C 57 -42.59 33.42 -11.85
C LYS C 57 -41.66 32.43 -11.15
N TYR C 58 -41.68 32.42 -9.82
CA TYR C 58 -40.79 31.54 -9.07
C TYR C 58 -41.43 30.20 -8.75
N GLY C 59 -42.72 30.05 -8.98
CA GLY C 59 -43.39 28.81 -8.61
C GLY C 59 -43.77 28.71 -7.15
N LEU C 60 -42.90 29.16 -6.26
CA LEU C 60 -43.15 29.09 -4.82
C LEU C 60 -42.71 30.37 -4.14
N LEU C 61 -43.37 30.66 -3.02
CA LEU C 61 -42.99 31.77 -2.14
C LEU C 61 -42.68 31.19 -0.77
N GLU C 62 -41.54 31.59 -0.20
CA GLU C 62 -41.10 31.13 1.10
C GLU C 62 -41.05 32.31 2.07
N GLU C 63 -41.61 32.12 3.26
CA GLU C 63 -41.63 33.21 4.23
C GLU C 63 -40.22 33.67 4.58
N ALA C 64 -39.24 32.75 4.53
CA ALA C 64 -37.88 33.10 4.91
C ALA C 64 -37.20 34.00 3.88
N SER C 65 -37.74 34.09 2.67
CA SER C 65 -37.11 34.86 1.61
C SER C 65 -37.91 36.09 1.20
N LYS C 66 -39.22 35.94 0.98
CA LYS C 66 -40.10 37.04 0.60
C LYS C 66 -41.32 37.02 1.50
N PRO C 67 -41.15 37.36 2.79
CA PRO C 67 -42.28 37.27 3.73
C PRO C 67 -43.45 38.13 3.34
N ASN C 68 -43.22 39.31 2.75
CA ASN C 68 -44.31 40.21 2.44
C ASN C 68 -45.32 39.57 1.49
N LEU C 69 -44.88 39.28 0.26
CA LEU C 69 -45.79 38.69 -0.71
C LEU C 69 -46.40 37.41 -0.16
N TYR C 70 -45.65 36.67 0.65
CA TYR C 70 -46.21 35.50 1.30
C TYR C 70 -47.44 35.87 2.11
N ARG C 71 -47.33 36.92 2.93
CA ARG C 71 -48.46 37.34 3.74
C ARG C 71 -49.62 37.83 2.87
N ILE C 72 -49.32 38.57 1.80
CA ILE C 72 -50.39 39.02 0.92
C ILE C 72 -51.16 37.84 0.35
N VAL C 73 -50.43 36.83 -0.16
CA VAL C 73 -51.12 35.67 -0.74
C VAL C 73 -51.90 34.93 0.33
N LEU C 74 -51.32 34.78 1.52
CA LEU C 74 -52.02 34.06 2.59
C LEU C 74 -53.31 34.76 2.98
N SER C 75 -53.28 36.08 3.08
CA SER C 75 -54.44 36.81 3.57
C SER C 75 -55.64 36.64 2.66
N HIS C 76 -55.41 36.46 1.37
CA HIS C 76 -56.48 36.43 0.37
C HIS C 76 -56.36 35.18 -0.50
N PRO C 77 -56.47 34.00 0.11
CA PRO C 77 -56.39 32.76 -0.68
C PRO C 77 -57.49 32.66 -1.72
N GLU C 78 -58.68 33.17 -1.43
CA GLU C 78 -59.77 33.09 -2.39
C GLU C 78 -59.45 33.86 -3.66
N GLU C 79 -58.90 35.06 -3.51
CA GLU C 79 -58.56 35.87 -4.68
C GLU C 79 -57.51 35.18 -5.55
N VAL C 80 -56.47 34.64 -4.91
CA VAL C 80 -55.41 33.97 -5.66
C VAL C 80 -55.95 32.74 -6.36
N THR C 81 -56.80 31.96 -5.66
CA THR C 81 -57.38 30.78 -6.29
C THR C 81 -58.24 31.17 -7.48
N ARG C 82 -59.02 32.23 -7.36
CA ARG C 82 -59.82 32.70 -8.49
C ARG C 82 -58.93 33.11 -9.65
N ILE C 83 -57.83 33.81 -9.36
CA ILE C 83 -56.93 34.25 -10.41
C ILE C 83 -56.32 33.05 -11.13
N LEU C 84 -55.90 32.03 -10.37
CA LEU C 84 -55.20 30.90 -10.96
C LEU C 84 -56.14 29.86 -11.56
N GLU C 85 -57.42 29.90 -11.25
CA GLU C 85 -58.35 28.90 -11.82
C GLU C 85 -58.32 28.91 -13.34
N PRO C 86 -58.31 30.05 -14.02
CA PRO C 86 -58.30 30.02 -15.50
C PRO C 86 -57.09 29.28 -16.05
N LEU C 87 -55.99 29.23 -15.32
CA LEU C 87 -54.77 28.58 -15.77
C LEU C 87 -54.72 27.10 -15.41
N ASP C 88 -55.74 26.58 -14.73
CA ASP C 88 -55.73 25.19 -14.27
C ASP C 88 -54.64 24.96 -13.22
N LEU C 89 -54.23 26.02 -12.54
CA LEU C 89 -53.24 25.92 -11.47
C LEU C 89 -53.89 26.32 -10.15
N ASP C 90 -53.53 25.59 -9.09
CA ASP C 90 -54.03 25.87 -7.76
C ASP C 90 -52.85 26.12 -6.84
N ILE C 91 -53.14 26.68 -5.67
CA ILE C 91 -52.11 27.05 -4.70
C ILE C 91 -52.15 26.05 -3.55
N GLY C 92 -51.01 25.41 -3.30
CA GLY C 92 -50.85 24.53 -2.15
C GLY C 92 -50.08 25.25 -1.07
N ILE C 93 -50.69 25.35 0.10
CA ILE C 93 -50.17 26.14 1.21
C ILE C 93 -49.60 25.20 2.26
N ASP C 94 -48.53 25.65 2.91
CA ASP C 94 -47.99 24.96 4.08
C ASP C 94 -47.60 26.06 5.07
N GLU C 95 -48.55 26.40 5.95
CA GLU C 95 -48.29 27.41 6.97
C GLU C 95 -47.23 26.92 7.96
N ILE C 96 -47.14 25.61 8.16
CA ILE C 96 -46.18 25.08 9.12
C ILE C 96 -44.77 25.46 8.71
N ARG C 97 -44.44 25.27 7.43
CA ARG C 97 -43.13 25.63 6.91
C ARG C 97 -43.11 27.00 6.26
N GLY C 98 -44.23 27.72 6.26
CA GLY C 98 -44.28 29.00 5.58
C GLY C 98 -43.88 28.86 4.13
N LEU C 99 -44.69 28.17 3.34
CA LEU C 99 -44.33 27.85 1.97
C LEU C 99 -45.59 27.71 1.12
N LEU C 100 -45.76 28.60 0.15
CA LEU C 100 -46.82 28.46 -0.83
C LEU C 100 -46.22 28.01 -2.15
N TYR C 101 -46.91 27.10 -2.83
CA TYR C 101 -46.42 26.61 -4.11
C TYR C 101 -47.59 26.50 -5.06
N VAL C 102 -47.28 26.34 -6.35
CA VAL C 102 -48.27 26.21 -7.40
C VAL C 102 -48.27 24.76 -7.86
N LYS C 103 -49.46 24.18 -8.00
CA LYS C 103 -49.61 22.81 -8.43
C LYS C 103 -50.66 22.72 -9.52
N VAL C 104 -50.59 21.64 -10.30
CA VAL C 104 -51.56 21.43 -11.37
C VAL C 104 -52.90 21.09 -10.76
N ARG C 105 -53.95 21.77 -11.20
CA ARG C 105 -55.31 21.54 -10.72
C ARG C 105 -56.06 20.69 -11.73
N LEU C 106 -56.51 19.52 -11.32
CA LEU C 106 -57.30 18.63 -12.14
C LEU C 106 -58.74 18.65 -11.65
N ASP C 107 -59.66 19.01 -12.54
CA ASP C 107 -61.05 19.18 -12.13
C ASP C 107 -61.65 17.87 -11.62
N GLU C 108 -61.84 16.90 -12.51
CA GLU C 108 -62.34 15.59 -12.08
C GLU C 108 -61.40 14.48 -12.50
N THR C 109 -61.03 14.46 -13.77
CA THR C 109 -60.14 13.45 -14.33
C THR C 109 -59.59 13.94 -15.66
N PRO C 110 -58.72 14.95 -15.67
CA PRO C 110 -58.22 15.47 -16.95
C PRO C 110 -57.25 14.52 -17.61
N ALA C 111 -57.65 13.25 -17.73
CA ALA C 111 -56.80 12.19 -18.25
C ALA C 111 -55.51 12.05 -17.45
N GLN C 112 -55.53 12.50 -16.19
CA GLN C 112 -54.33 12.52 -15.34
C GLN C 112 -53.24 13.28 -16.11
N ASP C 113 -52.08 12.69 -16.36
CA ASP C 113 -50.99 13.33 -17.11
C ASP C 113 -50.88 14.81 -16.79
N GLU C 114 -50.88 15.11 -15.48
CA GLU C 114 -50.75 16.50 -15.05
C GLU C 114 -49.52 17.15 -15.63
N TRP C 115 -48.47 16.37 -15.90
CA TRP C 115 -47.28 16.89 -16.55
C TRP C 115 -47.55 17.34 -17.98
N ALA C 116 -48.67 16.93 -18.56
CA ALA C 116 -49.04 17.33 -19.91
C ALA C 116 -49.67 18.72 -19.96
N HIS C 117 -49.85 19.36 -18.80
CA HIS C 117 -50.41 20.70 -18.78
C HIS C 117 -49.59 21.62 -19.66
N PRO C 118 -50.22 22.49 -20.46
CA PRO C 118 -49.44 23.31 -21.39
C PRO C 118 -48.40 24.18 -20.71
N LEU C 119 -48.72 24.73 -19.54
CA LEU C 119 -47.84 25.68 -18.87
C LEU C 119 -46.82 25.01 -17.96
N VAL C 120 -46.93 23.71 -17.71
CA VAL C 120 -45.99 23.03 -16.83
C VAL C 120 -44.80 22.60 -17.69
N ARG C 121 -43.70 23.31 -17.55
CA ARG C 121 -42.47 22.97 -18.28
C ARG C 121 -41.79 21.82 -17.56
N ARG C 122 -40.53 21.55 -17.94
CA ARG C 122 -39.80 20.45 -17.34
C ARG C 122 -40.41 19.13 -17.74
N GLN C 123 -39.74 18.03 -17.41
CA GLN C 123 -40.22 16.70 -17.75
C GLN C 123 -40.39 15.89 -16.47
N ARG C 124 -41.27 14.90 -16.55
CA ARG C 124 -41.55 14.06 -15.39
C ARG C 124 -40.27 13.44 -14.85
N LEU C 125 -40.15 13.40 -13.53
CA LEU C 125 -38.98 12.83 -12.90
C LEU C 125 -38.82 11.38 -13.30
N ASN C 126 -37.58 10.95 -13.50
CA ASN C 126 -37.30 9.57 -13.86
C ASN C 126 -36.81 8.79 -12.63
N LEU C 127 -36.49 7.52 -12.84
CA LEU C 127 -36.18 6.64 -11.73
C LEU C 127 -34.94 7.10 -10.98
N GLU C 128 -33.89 7.48 -11.69
CA GLU C 128 -32.68 7.93 -11.02
C GLU C 128 -32.92 9.23 -10.25
N GLN C 129 -33.62 10.18 -10.86
CA GLN C 129 -33.98 11.40 -10.16
C GLN C 129 -34.88 11.10 -8.97
N SER C 130 -35.78 10.13 -9.11
CA SER C 130 -36.63 9.75 -7.98
C SER C 130 -35.81 9.18 -6.84
N LEU C 131 -34.83 8.34 -7.15
CA LEU C 131 -33.98 7.79 -6.10
C LEU C 131 -33.20 8.90 -5.39
N LEU C 132 -32.66 9.84 -6.15
CA LEU C 132 -31.96 10.96 -5.52
C LEU C 132 -32.92 11.79 -4.68
N VAL C 133 -34.15 11.97 -5.16
CA VAL C 133 -35.14 12.74 -4.42
C VAL C 133 -35.47 12.04 -3.11
N ALA C 134 -35.58 10.71 -3.14
CA ALA C 134 -35.83 9.97 -1.91
C ALA C 134 -34.69 10.12 -0.93
N ILE C 135 -33.45 10.05 -1.43
CA ILE C 135 -32.29 10.24 -0.54
C ILE C 135 -32.32 11.62 0.08
N LEU C 136 -32.55 12.64 -0.74
CA LEU C 136 -32.58 14.00 -0.22
C LEU C 136 -33.73 14.21 0.75
N ARG C 137 -34.87 13.58 0.49
CA ARG C 137 -36.01 13.71 1.39
C ARG C 137 -35.74 13.02 2.72
N GLN C 138 -35.03 11.89 2.69
CA GLN C 138 -34.63 11.26 3.94
C GLN C 138 -33.70 12.16 4.73
N HIS C 139 -32.74 12.80 4.04
CA HIS C 139 -31.87 13.75 4.73
C HIS C 139 -32.67 14.93 5.29
N PHE C 140 -33.65 15.42 4.54
CA PHE C 140 -34.43 16.56 4.98
C PHE C 140 -35.31 16.20 6.17
N VAL C 141 -35.87 15.00 6.19
CA VAL C 141 -36.64 14.56 7.34
C VAL C 141 -35.73 14.43 8.56
N ALA C 142 -34.53 13.90 8.37
CA ALA C 142 -33.60 13.81 9.49
C ALA C 142 -33.28 15.19 10.05
N TRP C 143 -33.03 16.16 9.16
CA TRP C 143 -32.75 17.51 9.63
C TRP C 143 -33.96 18.12 10.33
N GLU C 144 -35.16 17.90 9.78
CA GLU C 144 -36.36 18.52 10.34
C GLU C 144 -36.68 17.96 11.71
N GLN C 145 -36.45 16.67 11.93
CA GLN C 145 -36.64 16.11 13.28
C GLN C 145 -35.87 16.92 14.30
N GLU C 146 -34.58 17.15 14.03
CA GLU C 146 -33.77 18.04 14.87
C GLU C 146 -33.76 19.45 14.26
N SER C 147 -34.91 20.10 14.31
CA SER C 147 -35.09 21.42 13.71
C SER C 147 -35.34 22.44 14.80
N GLY C 148 -34.67 23.59 14.68
CA GLY C 148 -34.83 24.65 15.66
C GLY C 148 -36.14 25.38 15.53
N THR C 149 -36.16 26.67 15.86
CA THR C 149 -37.37 27.48 15.78
C THR C 149 -37.30 28.56 14.70
N GLY C 150 -36.12 28.83 14.15
CA GLY C 150 -35.97 29.79 13.08
C GLY C 150 -35.52 29.14 11.78
N ALA C 151 -35.18 30.00 10.82
CA ALA C 151 -34.67 29.52 9.54
C ALA C 151 -33.33 28.83 9.72
N SER C 152 -33.17 27.66 9.10
CA SER C 152 -31.92 26.93 9.20
C SER C 152 -31.44 26.46 7.83
N GLN C 153 -32.38 26.25 6.90
CA GLN C 153 -32.03 25.93 5.51
C GLN C 153 -31.17 24.65 5.45
N ALA C 154 -31.83 23.52 5.72
CA ALA C 154 -31.18 22.22 5.72
C ALA C 154 -30.12 22.13 4.64
N GLN C 155 -28.91 21.79 5.04
CA GLN C 155 -27.77 21.71 4.15
C GLN C 155 -27.12 20.34 4.28
N ILE C 156 -26.61 19.84 3.16
CA ILE C 156 -25.91 18.56 3.16
C ILE C 156 -24.68 18.68 2.28
N ALA C 157 -23.57 18.12 2.75
CA ALA C 157 -22.36 18.10 1.96
C ALA C 157 -22.53 17.20 0.75
N ILE C 158 -21.98 17.61 -0.39
CA ILE C 158 -22.13 16.83 -1.61
C ILE C 158 -21.49 15.46 -1.44
N ASP C 159 -20.36 15.40 -0.75
CA ASP C 159 -19.69 14.12 -0.53
C ASP C 159 -20.56 13.15 0.26
N ASP C 160 -21.55 13.64 1.00
CA ASP C 160 -22.39 12.76 1.80
C ASP C 160 -23.24 11.86 0.92
N LEU C 161 -23.75 12.38 -0.19
CA LEU C 161 -24.64 11.62 -1.06
C LEU C 161 -23.92 10.57 -1.88
N LEU C 162 -22.60 10.62 -1.97
CA LEU C 162 -21.90 9.72 -2.90
C LEU C 162 -22.06 8.26 -2.54
N PRO C 163 -21.86 7.82 -1.30
CA PRO C 163 -22.04 6.39 -1.00
C PRO C 163 -23.47 5.92 -1.13
N GLN C 164 -24.42 6.72 -0.63
CA GLN C 164 -25.83 6.37 -0.77
C GLN C 164 -26.19 6.09 -2.22
N LEU C 165 -25.76 6.96 -3.13
CA LEU C 165 -26.03 6.74 -4.55
C LEU C 165 -25.26 5.54 -5.08
N GLN C 166 -23.96 5.46 -4.77
CA GLN C 166 -23.14 4.39 -5.30
C GLN C 166 -23.70 3.02 -4.96
N ILE C 167 -24.40 2.91 -3.84
CA ILE C 167 -24.98 1.62 -3.47
C ILE C 167 -25.92 1.13 -4.57
N TYR C 168 -26.67 2.05 -5.16
CA TYR C 168 -27.67 1.69 -6.17
C TYR C 168 -27.12 1.76 -7.59
N LEU C 169 -26.43 2.85 -7.92
CA LEU C 169 -25.93 3.04 -9.27
C LEU C 169 -24.61 2.34 -9.53
N GLY C 170 -24.04 1.67 -8.53
CA GLY C 170 -22.81 0.94 -8.71
C GLY C 170 -21.60 1.86 -8.75
N ASP C 171 -20.43 1.24 -8.82
CA ASP C 171 -19.19 1.98 -8.88
C ASP C 171 -18.82 2.22 -10.34
N PRO C 172 -18.77 3.47 -10.80
CA PRO C 172 -18.39 3.71 -12.20
C PRO C 172 -16.92 3.48 -12.49
N GLY C 173 -16.07 3.43 -11.46
CA GLY C 173 -14.67 3.16 -11.66
C GLY C 173 -13.76 4.14 -10.97
N SER C 174 -14.18 5.39 -10.88
CA SER C 174 -13.36 6.44 -10.28
C SER C 174 -14.25 7.41 -9.54
N GLU C 175 -13.64 8.12 -8.58
CA GLU C 175 -14.38 9.12 -7.84
C GLU C 175 -14.83 10.27 -8.73
N SER C 176 -14.02 10.60 -9.75
CA SER C 176 -14.39 11.67 -10.66
C SER C 176 -15.67 11.34 -11.41
N LYS C 177 -15.80 10.11 -11.88
CA LYS C 177 -16.99 9.73 -12.64
C LYS C 177 -18.24 9.82 -11.77
N GLU C 178 -18.16 9.31 -10.55
CA GLU C 178 -19.33 9.36 -9.67
C GLU C 178 -19.65 10.78 -9.26
N ARG C 179 -18.63 11.61 -9.06
CA ARG C 179 -18.87 13.01 -8.74
C ARG C 179 -19.56 13.72 -9.89
N THR C 180 -19.14 13.44 -11.12
CA THR C 180 -19.80 14.05 -12.27
C THR C 180 -21.25 13.57 -12.38
N ARG C 181 -21.48 12.28 -12.15
CA ARG C 181 -22.84 11.76 -12.20
C ARG C 181 -23.72 12.44 -11.16
N LEU C 182 -23.21 12.57 -9.93
CA LEU C 182 -23.97 13.23 -8.87
C LEU C 182 -24.23 14.68 -9.20
N LEU C 183 -23.24 15.38 -9.76
CA LEU C 183 -23.44 16.77 -10.13
C LEU C 183 -24.51 16.92 -11.19
N THR C 184 -24.51 16.03 -12.18
CA THR C 184 -25.56 16.08 -13.21
C THR C 184 -26.94 15.84 -12.60
N LEU C 185 -27.05 14.84 -11.72
CA LEU C 185 -28.34 14.56 -11.10
C LEU C 185 -28.82 15.76 -10.28
N LEU C 186 -27.91 16.36 -9.51
CA LEU C 186 -28.28 17.51 -8.70
C LEU C 186 -28.67 18.70 -9.57
N ASP C 187 -28.01 18.85 -10.71
CA ASP C 187 -28.37 19.92 -11.63
C ASP C 187 -29.77 19.72 -12.19
N GLN C 188 -30.11 18.48 -12.56
CA GLN C 188 -31.47 18.21 -13.00
C GLN C 188 -32.47 18.50 -11.91
N LEU C 189 -32.18 18.06 -10.69
CA LEU C 189 -33.09 18.30 -9.58
C LEU C 189 -33.28 19.80 -9.33
N LYS C 190 -32.18 20.56 -9.36
CA LYS C 190 -32.30 22.01 -9.21
C LYS C 190 -33.18 22.59 -10.30
N GLY C 191 -33.03 22.09 -11.52
CA GLY C 191 -33.98 22.44 -12.55
C GLY C 191 -35.41 22.14 -12.13
N HIS C 192 -35.60 21.09 -11.34
CA HIS C 192 -36.90 20.83 -10.75
C HIS C 192 -37.17 21.65 -9.50
N GLY C 193 -36.19 22.41 -9.03
CA GLY C 193 -36.36 23.29 -7.89
C GLY C 193 -36.19 22.65 -6.54
N LEU C 194 -35.69 21.42 -6.47
CA LEU C 194 -35.58 20.71 -5.21
C LEU C 194 -34.28 20.98 -4.46
N VAL C 195 -33.28 21.58 -5.10
CA VAL C 195 -32.00 21.84 -4.45
C VAL C 195 -31.37 23.10 -5.00
N THR C 196 -30.21 23.47 -4.47
CA THR C 196 -29.43 24.59 -4.97
C THR C 196 -28.08 24.08 -5.45
N SER C 197 -27.46 24.85 -6.33
CA SER C 197 -26.16 24.48 -6.85
C SER C 197 -25.13 24.46 -5.73
N PRO C 198 -24.17 23.53 -5.77
CA PRO C 198 -23.18 23.45 -4.70
C PRO C 198 -22.47 24.77 -4.50
N ASP C 199 -22.27 25.15 -3.25
CA ASP C 199 -21.64 26.42 -2.91
C ASP C 199 -20.14 26.20 -2.69
N ALA C 200 -19.47 27.22 -2.13
CA ALA C 200 -18.01 27.18 -2.03
C ALA C 200 -17.51 26.00 -1.21
N HIS C 201 -18.29 25.50 -0.26
CA HIS C 201 -17.89 24.37 0.56
C HIS C 201 -18.36 23.04 0.02
N GLU C 202 -18.92 23.01 -1.20
CA GLU C 202 -19.43 21.78 -1.78
C GLU C 202 -20.66 21.29 -1.02
N ARG C 203 -21.46 22.23 -0.53
CA ARG C 203 -22.66 21.91 0.23
C ARG C 203 -23.88 22.40 -0.53
N ILE C 204 -24.93 21.58 -0.54
CA ILE C 204 -26.18 21.94 -1.20
C ILE C 204 -27.23 22.19 -0.13
N VAL C 205 -28.27 22.90 -0.53
CA VAL C 205 -29.39 23.25 0.33
C VAL C 205 -30.63 22.54 -0.21
N ILE C 206 -31.31 21.79 0.65
CA ILE C 206 -32.52 21.08 0.26
C ILE C 206 -33.70 22.00 0.53
N ARG C 207 -34.45 22.31 -0.52
CA ARG C 207 -35.52 23.29 -0.39
C ARG C 207 -36.75 22.66 0.25
N PRO C 208 -37.62 23.47 0.85
CA PRO C 208 -38.82 22.93 1.50
C PRO C 208 -39.76 22.23 0.54
N ILE C 209 -39.72 22.56 -0.75
CA ILE C 209 -40.68 21.97 -1.68
C ILE C 209 -40.57 20.47 -1.68
N ILE C 210 -39.38 19.94 -1.35
CA ILE C 210 -39.21 18.49 -1.31
C ILE C 210 -40.22 17.86 -0.36
N ALA C 211 -40.44 18.49 0.80
CA ALA C 211 -41.38 17.95 1.77
C ALA C 211 -42.78 17.82 1.20
N HIS C 212 -43.11 18.60 0.16
CA HIS C 212 -44.40 18.49 -0.49
C HIS C 212 -44.36 17.68 -1.77
N LEU C 213 -43.17 17.39 -2.29
CA LEU C 213 -43.08 16.49 -3.44
C LEU C 213 -43.09 15.04 -2.98
N ALA C 214 -42.15 14.67 -2.12
CA ALA C 214 -42.10 13.32 -1.56
C ALA C 214 -42.82 13.27 -0.21
N ASP C 215 -44.08 13.67 -0.23
CA ASP C 215 -44.94 13.60 0.94
C ASP C 215 -45.56 12.22 1.03
N PRO C 216 -46.13 11.88 2.19
CA PRO C 216 -46.61 10.51 2.39
C PRO C 216 -47.57 10.02 1.32
N ILE C 217 -48.48 10.87 0.83
CA ILE C 217 -49.39 10.43 -0.22
C ILE C 217 -48.62 10.09 -1.49
N ASN C 218 -47.76 11.02 -1.94
CA ASN C 218 -47.00 10.77 -3.16
C ASN C 218 -46.00 9.66 -2.95
N LEU C 219 -45.42 9.56 -1.76
CA LEU C 219 -44.50 8.47 -1.48
C LEU C 219 -45.21 7.12 -1.56
N GLN C 220 -46.42 7.02 -1.01
CA GLN C 220 -47.18 5.79 -1.10
C GLN C 220 -47.52 5.45 -2.54
N ALA C 221 -47.93 6.45 -3.32
CA ALA C 221 -48.23 6.19 -4.72
C ALA C 221 -47.00 5.69 -5.47
N LEU C 222 -45.86 6.32 -5.23
CA LEU C 222 -44.63 5.90 -5.88
C LEU C 222 -44.22 4.50 -5.44
N LEU C 223 -44.41 4.18 -4.16
CA LEU C 223 -44.08 2.84 -3.68
C LEU C 223 -44.96 1.79 -4.34
N ALA C 224 -46.25 2.09 -4.49
CA ALA C 224 -47.14 1.16 -5.19
C ALA C 224 -46.70 0.97 -6.64
N TRP C 225 -46.36 2.07 -7.31
CA TRP C 225 -45.90 1.97 -8.70
C TRP C 225 -44.63 1.14 -8.80
N LEU C 226 -43.68 1.38 -7.90
CA LEU C 226 -42.42 0.63 -7.91
C LEU C 226 -42.66 -0.85 -7.63
N ARG C 227 -43.57 -1.16 -6.70
CA ARG C 227 -43.89 -2.55 -6.43
C ARG C 227 -44.49 -3.23 -7.65
N GLU C 228 -45.40 -2.53 -8.33
CA GLU C 228 -45.98 -3.11 -9.56
C GLU C 228 -44.91 -3.31 -10.61
N GLN C 229 -43.97 -2.37 -10.73
CA GLN C 229 -42.88 -2.52 -11.68
C GLN C 229 -42.02 -3.74 -11.35
N ILE C 230 -41.68 -3.91 -10.07
CA ILE C 230 -40.87 -5.05 -9.67
C ILE C 230 -41.59 -6.36 -9.96
N ALA C 231 -42.88 -6.41 -9.63
CA ALA C 231 -43.64 -7.62 -9.92
C ALA C 231 -43.69 -7.92 -11.41
N GLN C 232 -43.90 -6.88 -12.22
CA GLN C 232 -43.99 -7.06 -13.66
C GLN C 232 -42.66 -7.55 -14.24
N GLN C 233 -41.55 -6.99 -13.79
CA GLN C 233 -40.26 -7.39 -14.34
C GLN C 233 -40.00 -8.87 -14.10
N THR C 234 -40.36 -9.37 -12.93
CA THR C 234 -40.16 -10.79 -12.61
C THR C 234 -41.11 -11.68 -13.41
N SER D 40 -69.77 22.35 -6.78
CA SER D 40 -70.23 23.71 -6.52
C SER D 40 -69.11 24.73 -6.74
N GLU D 41 -68.95 25.18 -7.97
CA GLU D 41 -67.92 26.15 -8.31
C GLU D 41 -68.37 26.94 -9.53
N THR D 42 -67.50 27.81 -10.02
CA THR D 42 -67.75 28.67 -11.18
C THR D 42 -66.62 28.49 -12.20
N ARG D 43 -66.19 27.25 -12.39
CA ARG D 43 -65.06 26.97 -13.26
C ARG D 43 -65.27 27.55 -14.64
N THR D 44 -64.26 28.23 -15.15
CA THR D 44 -64.35 28.84 -16.46
C THR D 44 -64.54 27.77 -17.53
N LEU D 45 -65.04 28.21 -18.68
CA LEU D 45 -65.31 27.28 -19.78
C LEU D 45 -64.03 26.55 -20.17
N GLN D 46 -64.15 25.23 -20.35
CA GLN D 46 -62.97 24.43 -20.66
C GLN D 46 -62.26 24.93 -21.91
N LYS D 47 -63.02 25.27 -22.95
CA LYS D 47 -62.41 25.77 -24.18
C LYS D 47 -61.67 27.09 -23.92
N ILE D 48 -62.27 27.98 -23.12
CA ILE D 48 -61.61 29.26 -22.83
C ILE D 48 -60.32 29.02 -22.06
N ARG D 49 -60.35 28.11 -21.08
CA ARG D 49 -59.13 27.80 -20.34
C ARG D 49 -58.06 27.24 -21.26
N GLU D 50 -58.45 26.33 -22.16
CA GLU D 50 -57.49 25.76 -23.09
C GLU D 50 -56.89 26.85 -23.98
N ALA D 51 -57.73 27.75 -24.51
CA ALA D 51 -57.23 28.80 -25.38
C ALA D 51 -56.29 29.73 -24.64
N THR D 52 -56.65 30.11 -23.41
CA THR D 52 -55.79 31.01 -22.65
C THR D 52 -54.46 30.35 -22.31
N GLN D 53 -54.48 29.07 -21.94
CA GLN D 53 -53.23 28.37 -21.67
C GLN D 53 -52.38 28.27 -22.93
N GLU D 54 -52.99 28.00 -24.08
CA GLU D 54 -52.24 27.97 -25.32
C GLU D 54 -51.62 29.33 -25.62
N LEU D 55 -52.38 30.40 -25.44
CA LEU D 55 -51.86 31.74 -25.68
C LEU D 55 -50.68 32.04 -24.76
N LEU D 56 -50.81 31.69 -23.48
CA LEU D 56 -49.71 31.93 -22.55
C LEU D 56 -48.48 31.13 -22.93
N LYS D 57 -48.65 29.85 -23.29
CA LYS D 57 -47.50 29.03 -23.62
C LYS D 57 -46.80 29.52 -24.88
N TYR D 58 -47.56 29.83 -25.93
CA TYR D 58 -46.98 30.23 -27.21
C TYR D 58 -46.97 31.73 -27.43
N GLY D 59 -47.76 32.49 -26.67
CA GLY D 59 -47.80 33.93 -26.82
C GLY D 59 -48.53 34.43 -28.03
N LEU D 60 -49.04 33.54 -28.88
CA LEU D 60 -49.79 33.96 -30.05
C LEU D 60 -50.68 32.82 -30.51
N LEU D 61 -51.76 33.20 -31.19
CA LEU D 61 -52.73 32.26 -31.75
C LEU D 61 -53.04 32.72 -33.17
N GLU D 62 -52.98 31.78 -34.11
CA GLU D 62 -53.17 32.07 -35.52
C GLU D 62 -54.39 31.31 -36.05
N GLU D 63 -55.24 32.01 -36.79
CA GLU D 63 -56.40 31.37 -37.38
C GLU D 63 -56.00 30.28 -38.36
N ALA D 64 -54.93 30.50 -39.12
CA ALA D 64 -54.46 29.48 -40.06
C ALA D 64 -53.98 28.24 -39.32
N SER D 65 -53.52 28.39 -38.09
CA SER D 65 -53.01 27.24 -37.34
C SER D 65 -54.06 26.65 -36.40
N LYS D 66 -54.53 27.43 -35.43
CA LYS D 66 -55.50 26.97 -34.44
C LYS D 66 -56.80 27.72 -34.63
N PRO D 67 -57.58 27.34 -35.64
CA PRO D 67 -58.86 28.04 -35.87
C PRO D 67 -59.80 27.97 -34.69
N ASN D 68 -59.89 26.82 -34.02
CA ASN D 68 -60.85 26.65 -32.94
C ASN D 68 -60.56 27.60 -31.79
N LEU D 69 -59.33 27.60 -31.30
CA LEU D 69 -58.99 28.46 -30.16
C LEU D 69 -59.13 29.93 -30.51
N TYR D 70 -58.70 30.32 -31.71
CA TYR D 70 -58.84 31.71 -32.13
C TYR D 70 -60.31 32.12 -32.16
N ARG D 71 -61.16 31.27 -32.72
CA ARG D 71 -62.58 31.59 -32.78
C ARG D 71 -63.17 31.71 -31.39
N ILE D 72 -62.80 30.79 -30.48
CA ILE D 72 -63.33 30.84 -29.12
C ILE D 72 -62.89 32.14 -28.44
N VAL D 73 -61.64 32.52 -28.62
CA VAL D 73 -61.15 33.76 -28.02
C VAL D 73 -61.92 34.96 -28.57
N LEU D 74 -62.13 35.00 -29.89
CA LEU D 74 -62.90 36.09 -30.47
C LEU D 74 -64.30 36.14 -29.90
N SER D 75 -64.90 34.98 -29.67
CA SER D 75 -66.28 34.95 -29.17
C SER D 75 -66.41 35.61 -27.81
N HIS D 76 -65.40 35.44 -26.94
CA HIS D 76 -65.46 35.94 -25.56
C HIS D 76 -64.19 36.73 -25.27
N PRO D 77 -63.97 37.84 -25.99
CA PRO D 77 -62.78 38.66 -25.68
C PRO D 77 -62.79 39.21 -24.27
N GLU D 78 -63.97 39.56 -23.74
CA GLU D 78 -64.02 40.15 -22.41
C GLU D 78 -63.57 39.17 -21.35
N GLU D 79 -63.96 37.90 -21.48
CA GLU D 79 -63.53 36.91 -20.49
C GLU D 79 -62.02 36.73 -20.50
N VAL D 80 -61.42 36.68 -21.68
CA VAL D 80 -59.97 36.50 -21.76
C VAL D 80 -59.24 37.72 -21.22
N THR D 81 -59.74 38.92 -21.53
CA THR D 81 -59.10 40.11 -20.99
C THR D 81 -59.21 40.15 -19.47
N ARG D 82 -60.36 39.73 -18.93
CA ARG D 82 -60.51 39.66 -17.49
C ARG D 82 -59.56 38.65 -16.88
N ILE D 83 -59.40 37.49 -17.53
CA ILE D 83 -58.48 36.48 -17.04
C ILE D 83 -57.05 37.02 -17.01
N LEU D 84 -56.65 37.69 -18.08
CA LEU D 84 -55.27 38.20 -18.18
C LEU D 84 -55.03 39.45 -17.35
N GLU D 85 -56.08 40.13 -16.92
CA GLU D 85 -55.88 41.37 -16.16
C GLU D 85 -55.03 41.18 -14.92
N PRO D 86 -55.27 40.18 -14.08
CA PRO D 86 -54.46 40.06 -12.85
C PRO D 86 -52.99 39.84 -13.12
N LEU D 87 -52.62 39.43 -14.32
CA LEU D 87 -51.22 39.21 -14.68
C LEU D 87 -50.59 40.41 -15.36
N ASP D 88 -51.30 41.54 -15.41
CA ASP D 88 -50.85 42.69 -16.20
C ASP D 88 -50.51 42.26 -17.63
N LEU D 89 -51.39 41.48 -18.21
CA LEU D 89 -51.28 41.08 -19.61
C LEU D 89 -52.60 41.36 -20.31
N ASP D 90 -52.58 41.31 -21.64
CA ASP D 90 -53.76 41.56 -22.43
C ASP D 90 -53.62 40.87 -23.76
N ILE D 91 -54.74 40.71 -24.47
CA ILE D 91 -54.76 40.09 -25.78
C ILE D 91 -54.99 41.17 -26.83
N GLY D 92 -54.11 41.23 -27.81
CA GLY D 92 -54.25 42.16 -28.91
C GLY D 92 -54.81 41.48 -30.14
N ILE D 93 -56.06 41.75 -30.46
CA ILE D 93 -56.70 41.12 -31.62
C ILE D 93 -56.15 41.74 -32.90
N ASP D 94 -56.05 40.92 -33.94
CA ASP D 94 -55.81 41.44 -35.30
C ASP D 94 -56.57 40.51 -36.24
N GLU D 95 -57.81 40.90 -36.55
CA GLU D 95 -58.66 40.10 -37.42
C GLU D 95 -58.16 40.07 -38.86
N ILE D 96 -57.58 41.17 -39.34
CA ILE D 96 -57.14 41.23 -40.73
C ILE D 96 -56.12 40.13 -41.00
N ARG D 97 -55.13 39.99 -40.12
CA ARG D 97 -54.13 38.94 -40.24
C ARG D 97 -54.48 37.68 -39.47
N GLY D 98 -55.60 37.67 -38.75
CA GLY D 98 -55.99 36.51 -37.98
C GLY D 98 -54.98 36.13 -36.93
N LEU D 99 -54.53 37.10 -36.14
CA LEU D 99 -53.47 36.86 -35.17
C LEU D 99 -53.83 37.49 -33.83
N LEU D 100 -53.69 36.70 -32.76
CA LEU D 100 -53.81 37.20 -31.40
C LEU D 100 -52.46 37.06 -30.72
N TYR D 101 -52.08 38.09 -29.97
CA TYR D 101 -50.79 38.07 -29.28
C TYR D 101 -51.00 38.63 -27.87
N VAL D 102 -50.05 38.33 -27.01
CA VAL D 102 -50.09 38.82 -25.63
C VAL D 102 -49.26 40.09 -25.54
N LYS D 103 -49.90 41.18 -25.14
CA LYS D 103 -49.22 42.45 -24.91
C LYS D 103 -49.16 42.72 -23.42
N VAL D 104 -48.05 43.30 -22.98
CA VAL D 104 -47.85 43.61 -21.57
C VAL D 104 -48.77 44.77 -21.21
N ARG D 105 -49.86 44.48 -20.51
CA ARG D 105 -50.77 45.53 -20.04
C ARG D 105 -50.28 45.99 -18.66
N LEU D 106 -49.34 46.92 -18.69
CA LEU D 106 -48.75 47.42 -17.45
C LEU D 106 -49.65 48.52 -16.86
N ASP D 107 -49.22 49.05 -15.73
CA ASP D 107 -49.93 50.12 -15.05
C ASP D 107 -49.65 51.44 -15.76
N GLU D 108 -49.95 52.56 -15.09
CA GLU D 108 -49.64 53.87 -15.66
C GLU D 108 -48.18 53.92 -16.14
N THR D 109 -47.26 53.42 -15.30
CA THR D 109 -45.83 53.32 -15.61
C THR D 109 -45.36 54.57 -16.37
N PRO D 110 -45.28 55.72 -15.69
CA PRO D 110 -45.00 56.97 -16.41
C PRO D 110 -43.68 56.96 -17.16
N ALA D 111 -43.75 56.97 -18.49
CA ALA D 111 -42.56 57.07 -19.36
C ALA D 111 -41.46 56.10 -18.93
N GLN D 112 -41.87 54.93 -18.44
CA GLN D 112 -40.92 53.92 -17.99
C GLN D 112 -40.55 53.03 -19.19
N ASP D 113 -39.68 53.57 -20.04
CA ASP D 113 -39.26 52.83 -21.23
C ASP D 113 -38.49 51.56 -20.88
N GLU D 114 -38.01 51.44 -19.65
CA GLU D 114 -37.33 50.24 -19.16
C GLU D 114 -38.28 49.36 -18.35
N TRP D 115 -39.56 49.33 -18.76
CA TRP D 115 -40.55 48.56 -18.04
C TRP D 115 -40.11 47.10 -17.91
N ALA D 116 -40.43 46.51 -16.77
CA ALA D 116 -40.11 45.12 -16.49
C ALA D 116 -41.37 44.39 -16.06
N HIS D 117 -41.51 43.15 -16.51
CA HIS D 117 -42.62 42.30 -16.15
C HIS D 117 -42.11 40.97 -15.63
N PRO D 118 -42.52 40.54 -14.44
CA PRO D 118 -41.95 39.32 -13.86
C PRO D 118 -42.09 38.09 -14.74
N LEU D 119 -43.22 37.96 -15.44
CA LEU D 119 -43.43 36.80 -16.31
C LEU D 119 -42.69 36.92 -17.64
N VAL D 120 -42.55 38.12 -18.19
CA VAL D 120 -42.00 38.33 -19.51
C VAL D 120 -40.59 38.88 -19.36
N ARG D 121 -39.64 38.22 -20.03
CA ARG D 121 -38.25 38.62 -20.00
C ARG D 121 -37.90 39.37 -21.29
N ARG D 122 -37.37 40.58 -21.14
CA ARG D 122 -37.00 41.39 -22.29
C ARG D 122 -35.67 40.93 -22.87
N GLN D 123 -35.61 40.88 -24.20
CA GLN D 123 -34.42 40.44 -24.92
C GLN D 123 -34.03 41.48 -25.95
N ARG D 124 -32.74 41.72 -26.09
CA ARG D 124 -32.22 42.60 -27.12
C ARG D 124 -31.44 41.75 -28.13
N LEU D 125 -31.85 41.83 -29.38
CA LEU D 125 -31.26 41.02 -30.43
C LEU D 125 -29.86 41.52 -30.77
N ASN D 126 -29.11 40.69 -31.49
CA ASN D 126 -27.77 41.05 -31.93
C ASN D 126 -27.87 41.99 -33.14
N LEU D 127 -26.74 42.59 -33.50
CA LEU D 127 -26.71 43.47 -34.66
C LEU D 127 -27.08 42.70 -35.92
N GLU D 128 -26.52 41.50 -36.10
CA GLU D 128 -26.89 40.67 -37.24
C GLU D 128 -28.35 40.27 -37.16
N GLN D 129 -28.80 39.83 -35.99
CA GLN D 129 -30.20 39.48 -35.83
C GLN D 129 -31.10 40.70 -36.03
N SER D 130 -30.67 41.86 -35.53
CA SER D 130 -31.45 43.07 -35.72
C SER D 130 -31.59 43.40 -37.20
N LEU D 131 -30.48 43.32 -37.95
CA LEU D 131 -30.54 43.63 -39.37
C LEU D 131 -31.41 42.64 -40.12
N LEU D 132 -31.28 41.35 -39.79
CA LEU D 132 -32.12 40.35 -40.45
C LEU D 132 -33.59 40.60 -40.15
N VAL D 133 -33.91 40.95 -38.91
CA VAL D 133 -35.30 41.22 -38.54
C VAL D 133 -35.81 42.45 -39.30
N ALA D 134 -34.97 43.48 -39.41
CA ALA D 134 -35.39 44.67 -40.14
C ALA D 134 -35.64 44.37 -41.61
N ILE D 135 -34.77 43.59 -42.23
CA ILE D 135 -34.97 43.20 -43.63
C ILE D 135 -36.25 42.42 -43.79
N LEU D 136 -36.48 41.45 -42.91
CA LEU D 136 -37.69 40.64 -42.98
C LEU D 136 -38.93 41.51 -42.79
N ARG D 137 -38.87 42.46 -41.86
CA ARG D 137 -40.01 43.33 -41.61
C ARG D 137 -40.32 44.19 -42.82
N GLN D 138 -39.29 44.78 -43.43
CA GLN D 138 -39.53 45.61 -44.61
C GLN D 138 -40.07 44.78 -45.76
N HIS D 139 -39.54 43.57 -45.96
CA HIS D 139 -40.07 42.72 -47.02
C HIS D 139 -41.51 42.31 -46.75
N PHE D 140 -41.84 42.04 -45.49
CA PHE D 140 -43.21 41.68 -45.14
C PHE D 140 -44.15 42.84 -45.42
N VAL D 141 -43.74 44.06 -45.06
CA VAL D 141 -44.60 45.22 -45.34
C VAL D 141 -44.75 45.42 -46.84
N ALA D 142 -43.68 45.21 -47.60
CA ALA D 142 -43.77 45.32 -49.05
C ALA D 142 -44.73 44.30 -49.62
N TRP D 143 -44.68 43.06 -49.14
CA TRP D 143 -45.61 42.04 -49.59
C TRP D 143 -47.04 42.42 -49.24
N GLU D 144 -47.25 42.94 -48.03
CA GLU D 144 -48.59 43.36 -47.63
C GLU D 144 -49.12 44.45 -48.55
N GLN D 145 -48.27 45.42 -48.89
CA GLN D 145 -48.69 46.47 -49.81
C GLN D 145 -49.00 45.90 -51.19
N GLU D 146 -48.16 44.99 -51.68
CA GLU D 146 -48.30 44.48 -53.04
C GLU D 146 -49.50 43.56 -53.19
N SER D 147 -49.91 42.86 -52.13
CA SER D 147 -51.04 41.96 -52.19
C SER D 147 -52.26 42.46 -51.42
N GLY D 148 -52.20 43.65 -50.86
CA GLY D 148 -53.27 44.14 -50.00
C GLY D 148 -53.08 43.71 -48.56
N THR D 149 -53.65 44.51 -47.66
CA THR D 149 -53.52 44.23 -46.24
C THR D 149 -54.20 42.91 -45.89
N GLY D 150 -53.61 42.19 -44.93
CA GLY D 150 -54.09 40.88 -44.56
C GLY D 150 -53.67 39.77 -45.49
N ALA D 151 -52.55 39.94 -46.18
CA ALA D 151 -52.08 38.94 -47.13
C ALA D 151 -51.83 37.61 -46.40
N SER D 152 -51.61 36.56 -47.18
CA SER D 152 -51.40 35.22 -46.66
C SER D 152 -50.08 34.65 -47.19
N GLN D 153 -49.26 34.13 -46.28
CA GLN D 153 -48.01 33.46 -46.64
C GLN D 153 -47.09 34.38 -47.44
N ALA D 154 -46.62 35.42 -46.76
CA ALA D 154 -45.56 36.27 -47.31
C ALA D 154 -44.24 35.53 -47.26
N GLN D 155 -43.87 34.88 -48.37
CA GLN D 155 -42.67 34.04 -48.41
C GLN D 155 -41.46 34.85 -48.88
N ILE D 156 -40.29 34.22 -48.74
CA ILE D 156 -39.04 34.78 -49.22
C ILE D 156 -38.07 33.62 -49.45
N ALA D 157 -37.04 33.87 -50.24
CA ALA D 157 -36.07 32.83 -50.62
C ALA D 157 -34.72 33.13 -49.99
N ILE D 158 -34.01 32.07 -49.62
CA ILE D 158 -32.71 32.24 -48.98
C ILE D 158 -31.75 32.95 -49.91
N ASP D 159 -31.71 32.55 -51.19
CA ASP D 159 -30.80 33.18 -52.13
C ASP D 159 -31.10 34.66 -52.28
N ASP D 160 -32.35 35.07 -52.03
CA ASP D 160 -32.69 36.49 -52.08
C ASP D 160 -32.17 37.23 -50.86
N LEU D 161 -32.19 36.61 -49.69
CA LEU D 161 -31.69 37.23 -48.48
C LEU D 161 -30.17 37.28 -48.43
N LEU D 162 -29.49 36.32 -49.05
CA LEU D 162 -28.03 36.27 -48.97
C LEU D 162 -27.37 37.55 -49.48
N PRO D 163 -27.71 38.07 -50.65
CA PRO D 163 -27.07 39.33 -51.10
C PRO D 163 -27.34 40.48 -50.16
N GLN D 164 -28.54 40.55 -49.59
CA GLN D 164 -28.86 41.65 -48.68
C GLN D 164 -27.97 41.61 -47.45
N LEU D 165 -27.76 40.43 -46.87
CA LEU D 165 -26.86 40.32 -45.73
C LEU D 165 -25.42 40.60 -46.13
N GLN D 166 -25.02 40.11 -47.31
CA GLN D 166 -23.65 40.34 -47.76
C GLN D 166 -23.36 41.82 -47.95
N ILE D 167 -24.38 42.60 -48.33
CA ILE D 167 -24.16 44.01 -48.61
C ILE D 167 -23.63 44.73 -47.37
N TYR D 168 -24.25 44.51 -46.22
CA TYR D 168 -23.88 45.23 -45.00
C TYR D 168 -22.90 44.44 -44.15
N LEU D 169 -23.27 43.21 -43.77
CA LEU D 169 -22.43 42.45 -42.86
C LEU D 169 -21.08 42.10 -43.48
N GLY D 170 -20.96 42.19 -44.80
CA GLY D 170 -19.72 41.85 -45.46
C GLY D 170 -19.65 40.38 -45.83
N ASP D 171 -18.52 40.03 -46.45
CA ASP D 171 -18.32 38.68 -46.94
C ASP D 171 -17.70 37.81 -45.86
N PRO D 172 -18.40 36.79 -45.35
CA PRO D 172 -17.78 35.91 -44.35
C PRO D 172 -16.57 35.16 -44.86
N GLY D 173 -16.45 34.97 -46.17
CA GLY D 173 -15.32 34.29 -46.76
C GLY D 173 -15.63 33.23 -47.79
N SER D 174 -16.88 32.84 -47.98
CA SER D 174 -17.23 31.86 -49.00
C SER D 174 -18.73 31.66 -49.00
N GLU D 175 -19.24 31.09 -50.09
CA GLU D 175 -20.68 30.84 -50.19
C GLU D 175 -21.14 29.91 -49.08
N SER D 176 -20.33 28.90 -48.75
CA SER D 176 -20.69 28.00 -47.66
C SER D 176 -20.84 28.76 -46.34
N LYS D 177 -19.89 29.65 -46.04
CA LYS D 177 -19.97 30.42 -44.81
C LYS D 177 -21.17 31.36 -44.82
N GLU D 178 -21.44 31.99 -45.96
CA GLU D 178 -22.61 32.88 -46.04
C GLU D 178 -23.89 32.10 -45.79
N ARG D 179 -24.02 30.93 -46.40
CA ARG D 179 -25.20 30.10 -46.18
C ARG D 179 -25.31 29.67 -44.73
N THR D 180 -24.19 29.28 -44.11
CA THR D 180 -24.23 28.84 -42.73
C THR D 180 -24.66 29.97 -41.80
N ARG D 181 -24.10 31.16 -42.00
CA ARG D 181 -24.48 32.31 -41.18
C ARG D 181 -25.96 32.63 -41.36
N LEU D 182 -26.43 32.64 -42.61
CA LEU D 182 -27.83 32.96 -42.84
C LEU D 182 -28.75 31.92 -42.19
N LEU D 183 -28.39 30.65 -42.33
CA LEU D 183 -29.22 29.60 -41.74
C LEU D 183 -29.25 29.68 -40.22
N THR D 184 -28.09 29.95 -39.60
CA THR D 184 -28.07 30.08 -38.15
C THR D 184 -28.89 31.27 -37.69
N LEU D 185 -28.80 32.40 -38.40
CA LEU D 185 -29.61 33.55 -38.04
C LEU D 185 -31.09 33.24 -38.19
N LEU D 186 -31.46 32.53 -39.26
CA LEU D 186 -32.85 32.14 -39.45
C LEU D 186 -33.32 31.23 -38.33
N ASP D 187 -32.47 30.30 -37.89
CA ASP D 187 -32.81 29.44 -36.78
C ASP D 187 -33.07 30.26 -35.52
N GLN D 188 -32.17 31.21 -35.24
CA GLN D 188 -32.36 32.04 -34.05
C GLN D 188 -33.66 32.82 -34.13
N LEU D 189 -33.97 33.40 -35.30
CA LEU D 189 -35.21 34.14 -35.44
C LEU D 189 -36.42 33.23 -35.25
N LYS D 190 -36.40 32.05 -35.86
CA LYS D 190 -37.50 31.12 -35.67
C LYS D 190 -37.67 30.76 -34.21
N GLY D 191 -36.56 30.72 -33.46
CA GLY D 191 -36.67 30.52 -32.02
C GLY D 191 -37.50 31.59 -31.36
N HIS D 192 -37.47 32.80 -31.90
CA HIS D 192 -38.29 33.90 -31.40
C HIS D 192 -39.67 33.97 -32.05
N GLY D 193 -39.94 33.10 -33.02
CA GLY D 193 -41.28 33.03 -33.59
C GLY D 193 -41.59 34.05 -34.68
N LEU D 194 -40.56 34.56 -35.36
CA LEU D 194 -40.78 35.53 -36.43
C LEU D 194 -40.76 34.89 -37.81
N VAL D 195 -40.05 33.79 -38.00
CA VAL D 195 -40.00 33.09 -39.27
C VAL D 195 -40.01 31.59 -38.99
N THR D 196 -40.20 30.80 -40.05
CA THR D 196 -40.23 29.36 -39.95
C THR D 196 -39.00 28.75 -40.61
N SER D 197 -38.83 27.46 -40.36
CA SER D 197 -37.71 26.74 -40.98
C SER D 197 -37.91 26.69 -42.49
N PRO D 198 -36.84 26.43 -43.23
CA PRO D 198 -36.94 26.47 -44.68
C PRO D 198 -37.50 25.18 -45.27
N ASP D 199 -38.35 25.34 -46.28
CA ASP D 199 -39.01 24.21 -46.93
C ASP D 199 -38.07 23.59 -47.96
N ALA D 200 -38.56 22.59 -48.69
CA ALA D 200 -37.73 21.94 -49.70
C ALA D 200 -37.23 22.91 -50.76
N HIS D 201 -37.94 24.01 -50.99
CA HIS D 201 -37.57 24.99 -52.01
C HIS D 201 -36.74 26.12 -51.44
N GLU D 202 -36.12 25.92 -50.27
CA GLU D 202 -35.27 26.94 -49.66
C GLU D 202 -36.02 28.26 -49.49
N ARG D 203 -37.27 28.17 -49.06
CA ARG D 203 -38.11 29.35 -48.84
C ARG D 203 -38.62 29.35 -47.40
N ILE D 204 -38.69 30.54 -46.82
CA ILE D 204 -39.19 30.73 -45.46
C ILE D 204 -40.29 31.79 -45.50
N VAL D 205 -41.33 31.57 -44.71
CA VAL D 205 -42.49 32.44 -44.67
C VAL D 205 -42.38 33.34 -43.45
N ILE D 206 -42.50 34.66 -43.67
CA ILE D 206 -42.52 35.60 -42.56
C ILE D 206 -43.82 35.42 -41.80
N ARG D 207 -43.72 35.25 -40.49
CA ARG D 207 -44.93 35.09 -39.70
C ARG D 207 -45.62 36.45 -39.51
N PRO D 208 -46.95 36.45 -39.38
CA PRO D 208 -47.67 37.72 -39.23
C PRO D 208 -47.22 38.53 -38.04
N ILE D 209 -46.69 37.88 -36.99
CA ILE D 209 -46.31 38.59 -35.77
C ILE D 209 -45.40 39.77 -36.08
N ILE D 210 -44.70 39.76 -37.21
CA ILE D 210 -43.77 40.83 -37.52
C ILE D 210 -44.47 42.18 -37.58
N ALA D 211 -45.77 42.18 -37.90
CA ALA D 211 -46.49 43.44 -38.00
C ALA D 211 -46.41 44.22 -36.69
N HIS D 212 -46.56 43.53 -35.57
CA HIS D 212 -46.48 44.14 -34.24
C HIS D 212 -45.10 43.87 -33.67
N LEU D 213 -44.28 44.90 -33.57
CA LEU D 213 -42.92 44.78 -33.05
C LEU D 213 -42.62 45.91 -32.07
N ALA D 214 -43.65 46.51 -31.50
CA ALA D 214 -43.47 47.52 -30.47
C ALA D 214 -42.77 48.77 -31.01
N ASP D 215 -41.49 48.65 -31.34
CA ASP D 215 -40.62 49.79 -31.59
C ASP D 215 -39.89 49.63 -32.93
N PRO D 216 -40.63 49.58 -34.04
CA PRO D 216 -39.99 49.42 -35.35
C PRO D 216 -39.26 50.66 -35.84
N ILE D 217 -39.51 51.83 -35.26
CA ILE D 217 -38.84 53.04 -35.72
C ILE D 217 -37.33 52.87 -35.61
N ASN D 218 -36.87 52.21 -34.55
CA ASN D 218 -35.44 51.97 -34.38
C ASN D 218 -34.93 50.92 -35.36
N LEU D 219 -35.78 50.00 -35.79
CA LEU D 219 -35.38 49.12 -36.89
C LEU D 219 -35.12 49.93 -38.15
N GLN D 220 -36.03 50.85 -38.48
CA GLN D 220 -35.81 51.72 -39.62
C GLN D 220 -34.53 52.54 -39.45
N ALA D 221 -34.30 53.05 -38.24
CA ALA D 221 -33.12 53.85 -37.97
C ALA D 221 -31.85 53.02 -38.15
N LEU D 222 -31.85 51.77 -37.69
CA LEU D 222 -30.69 50.92 -37.88
C LEU D 222 -30.43 50.66 -39.36
N LEU D 223 -31.49 50.39 -40.13
CA LEU D 223 -31.29 50.19 -41.55
C LEU D 223 -30.71 51.45 -42.21
N ALA D 224 -31.22 52.62 -41.82
CA ALA D 224 -30.71 53.86 -42.37
C ALA D 224 -29.24 54.07 -42.01
N TRP D 225 -28.88 53.79 -40.75
CA TRP D 225 -27.50 53.94 -40.33
C TRP D 225 -26.58 52.99 -41.09
N LEU D 226 -27.04 51.75 -41.30
CA LEU D 226 -26.23 50.79 -42.06
C LEU D 226 -26.04 51.27 -43.49
N ARG D 227 -27.12 51.73 -44.13
CA ARG D 227 -27.01 52.21 -45.49
C ARG D 227 -26.08 53.42 -45.58
N GLU D 228 -26.18 54.33 -44.62
CA GLU D 228 -25.30 55.49 -44.61
C GLU D 228 -23.84 55.08 -44.43
N GLN D 229 -23.58 54.11 -43.56
CA GLN D 229 -22.21 53.63 -43.39
C GLN D 229 -21.68 53.02 -44.68
N ILE D 230 -22.50 52.22 -45.35
CA ILE D 230 -22.04 51.60 -46.61
C ILE D 230 -21.79 52.66 -47.66
N ALA D 231 -22.66 53.67 -47.73
CA ALA D 231 -22.44 54.76 -48.68
C ALA D 231 -21.17 55.52 -48.36
N GLN D 232 -20.88 55.70 -47.07
CA GLN D 232 -19.62 56.33 -46.68
C GLN D 232 -18.44 55.50 -47.14
N GLN D 233 -18.52 54.17 -46.98
CA GLN D 233 -17.44 53.32 -47.45
C GLN D 233 -17.24 53.44 -48.95
N THR D 234 -18.33 53.49 -49.71
CA THR D 234 -18.26 53.67 -51.15
C THR D 234 -18.40 55.15 -51.52
N MET E 56 -12.12 -14.13 38.76
CA MET E 56 -13.04 -13.87 37.67
C MET E 56 -12.41 -12.97 36.62
N GLU E 57 -12.33 -13.48 35.39
CA GLU E 57 -11.70 -12.78 34.28
C GLU E 57 -12.69 -11.94 33.49
N GLU E 58 -13.97 -11.95 33.86
CA GLU E 58 -14.95 -11.13 33.15
C GLU E 58 -14.58 -9.66 33.20
N ASN E 59 -14.12 -9.20 34.36
CA ASN E 59 -13.74 -7.80 34.47
C ASN E 59 -12.51 -7.47 33.64
N THR E 60 -11.77 -8.47 33.16
CA THR E 60 -10.60 -8.24 32.31
C THR E 60 -10.87 -8.47 30.84
N ARG E 61 -11.92 -9.20 30.48
CA ARG E 61 -12.32 -9.38 29.08
C ARG E 61 -13.38 -8.37 28.66
N GLN E 62 -14.45 -8.23 29.43
CA GLN E 62 -15.41 -7.17 29.19
C GLN E 62 -14.72 -5.81 29.19
N ARG E 63 -13.72 -5.62 30.06
CA ARG E 63 -13.03 -4.32 30.11
C ARG E 63 -12.24 -4.06 28.85
N THR E 64 -11.56 -5.07 28.32
CA THR E 64 -10.90 -4.92 27.03
C THR E 64 -11.91 -4.59 25.94
N GLU E 65 -13.09 -5.23 26.00
CA GLU E 65 -14.14 -4.91 25.05
C GLU E 65 -14.56 -3.45 25.17
N ASN E 66 -14.73 -2.95 26.39
CA ASN E 66 -15.11 -1.55 26.56
C ASN E 66 -14.02 -0.63 26.03
N TYR E 67 -12.76 -0.97 26.28
CA TYR E 67 -11.66 -0.14 25.78
C TYR E 67 -11.67 -0.09 24.26
N ILE E 68 -11.85 -1.24 23.61
CA ILE E 68 -11.90 -1.28 22.15
C ILE E 68 -13.08 -0.46 21.64
N SER E 69 -14.24 -0.62 22.28
CA SER E 69 -15.41 0.14 21.85
C SER E 69 -15.18 1.63 21.99
N ALA E 70 -14.60 2.07 23.10
CA ALA E 70 -14.31 3.48 23.28
C ALA E 70 -13.32 3.97 22.23
N LYS E 71 -12.29 3.18 21.94
CA LYS E 71 -11.30 3.58 20.95
C LYS E 71 -11.93 3.73 19.58
N ASN E 72 -12.86 2.84 19.23
CA ASN E 72 -13.47 2.89 17.91
C ASN E 72 -14.67 3.83 17.85
N GLN E 73 -15.17 4.32 18.97
CA GLN E 73 -16.41 5.09 18.94
C GLN E 73 -16.29 6.46 19.58
N HIS E 74 -15.60 6.58 20.70
CA HIS E 74 -15.60 7.84 21.43
C HIS E 74 -14.97 8.94 20.58
N PRO E 75 -15.60 10.10 20.46
CA PRO E 75 -14.97 11.17 19.66
C PRO E 75 -13.60 11.55 20.16
N ALA E 76 -13.39 11.57 21.48
CA ALA E 76 -12.11 12.00 22.01
C ALA E 76 -10.98 11.07 21.59
N TRP E 77 -11.16 9.76 21.82
CA TRP E 77 -10.11 8.82 21.45
C TRP E 77 -9.93 8.75 19.95
N ILE E 78 -11.02 8.79 19.19
CA ILE E 78 -10.90 8.79 17.74
C ILE E 78 -10.06 9.98 17.28
N LEU E 79 -10.37 11.17 17.79
CA LEU E 79 -9.62 12.36 17.42
C LEU E 79 -8.16 12.23 17.81
N LEU E 80 -7.88 11.71 19.00
CA LEU E 80 -6.50 11.57 19.44
C LEU E 80 -5.73 10.61 18.53
N ALA E 81 -6.35 9.50 18.16
CA ALA E 81 -5.65 8.50 17.36
C ALA E 81 -5.48 8.92 15.91
N THR E 82 -6.29 9.86 15.42
CA THR E 82 -6.18 10.29 14.04
C THR E 82 -4.81 10.92 13.80
N ARG E 83 -4.24 10.64 12.63
CA ARG E 83 -2.87 11.08 12.33
C ARG E 83 -2.75 12.60 12.20
N ARG E 84 -3.87 13.31 12.12
CA ARG E 84 -3.85 14.78 12.05
C ARG E 84 -4.36 15.41 13.34
N ALA E 85 -4.32 14.67 14.44
CA ALA E 85 -4.88 15.16 15.70
C ALA E 85 -4.30 16.48 16.16
N PRO E 86 -2.99 16.69 16.17
CA PRO E 86 -2.46 17.95 16.73
C PRO E 86 -3.02 19.18 16.06
N LEU E 87 -3.14 19.17 14.73
CA LEU E 87 -3.60 20.36 14.02
C LEU E 87 -5.04 20.70 14.40
N VAL E 88 -5.94 19.72 14.32
CA VAL E 88 -7.33 19.96 14.64
C VAL E 88 -7.48 20.38 16.09
N LEU E 89 -6.78 19.68 16.99
CA LEU E 89 -6.88 20.02 18.41
C LEU E 89 -6.40 21.45 18.67
N SER E 90 -5.28 21.83 18.08
CA SER E 90 -4.77 23.19 18.28
C SER E 90 -5.75 24.22 17.74
N CYS E 91 -6.28 23.99 16.54
CA CYS E 91 -7.22 24.94 15.96
C CYS E 91 -8.46 25.08 16.84
N LEU E 92 -9.04 23.96 17.27
CA LEU E 92 -10.24 24.01 18.07
C LEU E 92 -9.98 24.66 19.43
N LYS E 93 -8.86 24.33 20.06
CA LYS E 93 -8.53 24.93 21.35
C LYS E 93 -8.36 26.44 21.22
N THR E 94 -7.65 26.89 20.17
CA THR E 94 -7.48 28.32 19.97
C THR E 94 -8.82 28.99 19.71
N LEU E 95 -9.68 28.34 18.93
CA LEU E 95 -11.00 28.92 18.64
C LEU E 95 -11.83 29.07 19.91
N PHE E 96 -11.86 28.04 20.75
CA PHE E 96 -12.76 28.04 21.89
C PHE E 96 -12.14 28.68 23.13
N GLU E 97 -10.84 29.00 23.10
CA GLU E 97 -10.25 29.71 24.23
C GLU E 97 -10.84 31.10 24.40
N LYS E 98 -11.17 31.77 23.29
CA LYS E 98 -11.60 33.16 23.35
C LYS E 98 -13.10 33.32 23.52
N SER E 99 -13.90 32.50 22.85
CA SER E 99 -15.35 32.66 22.89
C SER E 99 -16.01 31.33 23.20
N HIS E 100 -17.13 31.40 23.94
CA HIS E 100 -17.89 30.22 24.28
C HIS E 100 -19.34 30.27 23.80
N ASP E 101 -19.73 31.33 23.10
CA ASP E 101 -21.05 31.41 22.50
C ASP E 101 -21.09 30.74 21.13
N GLY E 102 -19.97 30.20 20.66
CA GLY E 102 -19.94 29.53 19.37
C GLY E 102 -19.14 30.28 18.34
N ILE E 103 -18.09 29.65 17.82
CA ILE E 103 -17.29 30.25 16.76
C ILE E 103 -18.03 30.10 15.44
N PRO E 104 -18.19 31.18 14.66
CA PRO E 104 -18.81 31.03 13.34
C PRO E 104 -18.03 30.05 12.49
N LEU E 105 -18.77 29.27 11.68
CA LEU E 105 -18.13 28.19 10.94
C LEU E 105 -17.05 28.70 10.01
N GLU E 106 -17.29 29.86 9.38
CA GLU E 106 -16.32 30.37 8.40
C GLU E 106 -14.97 30.65 9.04
N GLU E 107 -14.96 31.26 10.22
CA GLU E 107 -13.69 31.58 10.87
C GLU E 107 -12.91 30.32 11.21
N ALA E 108 -13.62 29.28 11.70
CA ALA E 108 -12.96 28.02 11.99
C ALA E 108 -12.41 27.39 10.72
N ILE E 109 -13.17 27.45 9.63
CA ILE E 109 -12.68 26.91 8.36
C ILE E 109 -11.41 27.62 7.94
N GLN E 110 -11.40 28.95 8.05
CA GLN E 110 -10.21 29.71 7.67
C GLN E 110 -9.01 29.34 8.53
N SER E 111 -9.21 29.25 9.85
CA SER E 111 -8.09 28.92 10.73
C SER E 111 -7.55 27.52 10.44
N LEU E 112 -8.44 26.55 10.26
CA LEU E 112 -7.99 25.19 9.96
C LEU E 112 -7.26 25.13 8.64
N SER E 113 -7.75 25.87 7.64
CA SER E 113 -7.06 25.91 6.35
C SER E 113 -5.68 26.53 6.49
N SER E 114 -5.56 27.59 7.28
CA SER E 114 -4.26 28.21 7.50
C SER E 114 -3.29 27.20 8.12
N ILE E 115 -3.74 26.47 9.14
CA ILE E 115 -2.85 25.50 9.77
C ILE E 115 -2.47 24.40 8.78
N LEU E 116 -3.45 23.90 8.02
CA LEU E 116 -3.17 22.85 7.05
C LEU E 116 -2.13 23.30 6.04
N ILE E 117 -2.26 24.54 5.55
CA ILE E 117 -1.26 25.08 4.64
C ILE E 117 0.09 25.16 5.33
N GLU E 118 0.10 25.60 6.59
CA GLU E 118 1.36 25.71 7.32
C GLU E 118 2.07 24.36 7.41
N HIS E 119 1.34 23.26 7.44
CA HIS E 119 1.98 21.94 7.56
C HIS E 119 1.77 21.09 6.31
N VAL E 120 1.88 21.69 5.13
CA VAL E 120 1.67 20.95 3.89
C VAL E 120 2.80 19.97 3.64
N SER E 121 4.02 20.31 4.08
CA SER E 121 5.18 19.48 3.75
C SER E 121 5.06 18.08 4.36
N GLN E 122 4.51 17.98 5.56
CA GLN E 122 4.49 16.71 6.27
C GLN E 122 3.71 15.66 5.49
N GLU E 123 4.28 14.46 5.39
CA GLU E 123 3.63 13.37 4.66
C GLU E 123 2.51 12.72 5.47
N GLN E 124 2.65 12.67 6.80
CA GLN E 124 1.67 11.97 7.61
C GLN E 124 0.29 12.60 7.49
N TYR E 125 0.24 13.91 7.28
CA TYR E 125 -1.03 14.64 7.30
C TYR E 125 -1.78 14.56 5.99
N ASP E 126 -1.14 14.12 4.92
CA ASP E 126 -1.80 14.03 3.60
C ASP E 126 -2.46 15.35 3.23
N ILE E 127 -1.81 16.45 3.59
CA ILE E 127 -2.35 17.76 3.29
C ILE E 127 -2.08 18.09 1.83
N ASN E 128 -3.14 18.39 1.08
CA ASN E 128 -3.04 18.65 -0.34
C ASN E 128 -3.07 20.15 -0.59
N GLN E 129 -2.05 20.66 -1.28
CA GLN E 129 -1.94 22.08 -1.55
C GLN E 129 -2.91 22.55 -2.64
N ASP E 130 -3.57 21.62 -3.33
CA ASP E 130 -4.43 22.01 -4.45
C ASP E 130 -5.53 22.98 -4.00
N ASN E 131 -6.16 22.69 -2.87
CA ASN E 131 -7.22 23.55 -2.35
C ASN E 131 -7.35 23.33 -0.84
N PRO E 132 -6.43 23.87 -0.04
CA PRO E 132 -6.47 23.57 1.40
C PRO E 132 -7.77 23.99 2.07
N PHE E 133 -8.31 25.14 1.69
CA PHE E 133 -9.51 25.63 2.36
C PHE E 133 -10.62 24.59 2.34
N LEU E 134 -10.94 24.08 1.15
CA LEU E 134 -11.92 23.02 1.06
C LEU E 134 -11.58 21.88 1.99
N GLN E 135 -10.34 21.40 1.94
CA GLN E 135 -9.91 20.34 2.85
C GLN E 135 -10.25 20.71 4.28
N ALA E 136 -9.87 21.92 4.70
CA ALA E 136 -10.18 22.34 6.06
C ALA E 136 -11.66 22.15 6.35
N SER E 137 -12.52 22.69 5.48
CA SER E 137 -13.96 22.53 5.68
C SER E 137 -14.31 21.06 5.83
N ARG E 138 -13.86 20.22 4.90
CA ARG E 138 -14.16 18.80 4.99
C ARG E 138 -13.78 18.26 6.35
N GLU E 139 -12.58 18.61 6.83
CA GLU E 139 -12.13 18.11 8.11
C GLU E 139 -13.13 18.46 9.21
N LEU E 140 -13.58 19.71 9.23
CA LEU E 140 -14.54 20.11 10.25
C LEU E 140 -15.77 19.21 10.19
N ARG E 141 -16.29 18.95 8.99
CA ARG E 141 -17.47 18.11 8.88
C ARG E 141 -17.19 16.72 9.41
N GLU E 142 -15.98 16.20 9.16
CA GLU E 142 -15.65 14.88 9.67
C GLU E 142 -15.77 14.84 11.19
N TRP E 143 -15.56 15.98 11.85
CA TRP E 143 -15.67 16.08 13.30
C TRP E 143 -16.99 16.68 13.75
N ILE E 144 -17.88 17.02 12.83
CA ILE E 144 -19.24 17.40 13.22
C ILE E 144 -20.16 16.19 13.21
N LYS E 145 -20.05 15.34 12.20
CA LYS E 145 -20.76 14.06 12.21
C LYS E 145 -20.09 13.03 13.11
N ARG E 146 -18.85 13.28 13.53
CA ARG E 146 -18.22 12.45 14.54
C ARG E 146 -18.66 12.81 15.96
N ARG E 147 -19.39 13.91 16.12
CA ARG E 147 -19.94 14.37 17.39
C ARG E 147 -18.90 15.01 18.30
N LEU E 148 -17.71 15.31 17.79
CA LEU E 148 -16.78 16.13 18.58
C LEU E 148 -17.34 17.53 18.81
N ILE E 149 -17.93 18.13 17.77
CA ILE E 149 -18.49 19.46 17.85
C ILE E 149 -19.90 19.43 17.29
N VAL E 150 -20.67 20.47 17.59
CA VAL E 150 -22.08 20.54 17.25
C VAL E 150 -22.32 21.78 16.42
N GLU E 151 -23.01 21.61 15.29
CA GLU E 151 -23.27 22.69 14.35
C GLU E 151 -24.67 23.25 14.56
N ARG E 152 -24.77 24.53 14.89
CA ARG E 152 -26.05 25.18 15.05
C ARG E 152 -25.90 26.66 14.77
N ASP E 153 -26.83 27.23 14.03
CA ASP E 153 -26.82 28.66 13.72
C ASP E 153 -25.65 28.98 12.76
N GLY E 154 -25.04 27.95 12.21
CA GLY E 154 -23.83 28.14 11.43
C GLY E 154 -22.58 28.24 12.28
N ARG E 155 -22.69 28.01 13.58
CA ARG E 155 -21.57 28.08 14.50
C ARG E 155 -21.31 26.71 15.10
N ILE E 156 -20.04 26.45 15.42
CA ILE E 156 -19.63 25.19 16.03
C ILE E 156 -19.46 25.39 17.51
N PHE E 157 -20.06 24.51 18.29
CA PHE E 157 -19.96 24.49 19.74
C PHE E 157 -19.21 23.25 20.18
N ALA E 158 -18.36 23.39 21.19
CA ALA E 158 -17.61 22.25 21.69
C ALA E 158 -18.52 21.31 22.47
N THR E 159 -18.15 20.05 22.49
CA THR E 159 -18.85 19.02 23.26
C THR E 159 -17.94 18.54 24.38
N ASP E 160 -18.47 17.61 25.18
CA ASP E 160 -17.68 17.07 26.29
C ASP E 160 -16.50 16.25 25.80
N ALA E 161 -16.63 15.60 24.63
CA ALA E 161 -15.52 14.84 24.09
C ALA E 161 -14.34 15.74 23.77
N LEU E 162 -14.60 16.88 23.13
CA LEU E 162 -13.54 17.83 22.83
C LEU E 162 -12.91 18.37 24.10
N GLU E 163 -13.73 18.65 25.11
CA GLU E 163 -13.19 19.15 26.37
C GLU E 163 -12.32 18.10 27.03
N VAL E 164 -12.72 16.83 26.97
CA VAL E 164 -11.90 15.76 27.53
C VAL E 164 -10.57 15.66 26.80
N ALA E 165 -10.60 15.72 25.47
CA ALA E 165 -9.36 15.63 24.71
C ALA E 165 -8.45 16.81 25.03
N ILE E 166 -9.01 18.01 25.12
CA ILE E 166 -8.21 19.18 25.44
C ILE E 166 -7.61 19.06 26.83
N THR E 167 -8.40 18.55 27.78
CA THR E 167 -7.88 18.33 29.12
C THR E 167 -6.71 17.36 29.12
N PHE E 168 -6.84 16.28 28.36
CA PHE E 168 -5.75 15.31 28.28
C PHE E 168 -4.49 15.96 27.71
N VAL E 169 -4.65 16.72 26.62
CA VAL E 169 -3.49 17.34 25.99
C VAL E 169 -2.84 18.34 26.94
N GLU E 170 -3.64 19.15 27.63
CA GLU E 170 -3.09 20.12 28.55
C GLU E 170 -2.37 19.45 29.71
N SER E 171 -2.96 18.39 30.27
CA SER E 171 -2.28 17.63 31.30
C SER E 171 -1.06 16.89 30.77
N LEU E 172 -0.93 16.78 29.45
CA LEU E 172 0.22 16.09 28.88
C LEU E 172 1.52 16.71 29.35
N ASP E 173 1.64 18.03 29.23
CA ASP E 173 2.83 18.75 29.65
C ASP E 173 2.78 18.93 31.16
N ASN E 174 3.67 19.75 31.71
CA ASN E 174 3.75 19.90 33.15
C ASN E 174 2.41 20.30 33.73
N ARG E 175 2.01 19.64 34.80
CA ARG E 175 0.71 19.85 35.42
C ARG E 175 0.85 19.88 36.93
N PHE E 176 -0.10 20.53 37.59
CA PHE E 176 -0.03 20.71 39.03
C PHE E 176 -0.27 19.39 39.76
N MET E 177 0.44 19.21 40.86
CA MET E 177 0.33 17.98 41.64
C MET E 177 -0.89 18.00 42.55
N THR E 178 -1.50 16.85 42.73
CA THR E 178 -2.59 16.69 43.68
C THR E 178 -2.19 15.82 44.87
N SER E 179 -1.12 15.02 44.74
CA SER E 179 -0.59 14.25 45.86
C SER E 179 0.40 15.11 46.63
N THR E 180 -0.14 16.15 47.27
CA THR E 180 0.67 17.14 47.96
C THR E 180 0.26 17.21 49.42
N ALA E 181 1.10 17.87 50.22
CA ALA E 181 0.74 18.12 51.61
C ALA E 181 -0.61 18.81 51.69
N SER E 182 -0.78 19.89 50.94
CA SER E 182 -2.11 20.43 50.72
C SER E 182 -2.89 19.48 49.83
N ARG E 183 -4.22 19.60 49.89
CA ARG E 183 -5.15 18.65 49.28
C ARG E 183 -5.21 17.38 50.10
N LEU E 184 -4.30 17.18 51.05
CA LEU E 184 -4.46 16.20 52.11
C LEU E 184 -5.12 16.82 53.33
N SER E 185 -4.65 17.99 53.75
CA SER E 185 -5.38 18.75 54.75
C SER E 185 -6.76 19.09 54.23
N THR E 186 -6.88 19.41 52.94
CA THR E 186 -8.17 19.74 52.35
C THR E 186 -9.13 18.57 52.46
N VAL E 187 -8.66 17.36 52.15
CA VAL E 187 -9.52 16.19 52.25
C VAL E 187 -9.85 15.91 53.72
N GLN E 188 -8.88 16.09 54.62
CA GLN E 188 -9.17 15.99 56.04
C GLN E 188 -10.35 16.86 56.42
N ARG E 189 -10.30 18.14 56.05
CA ARG E 189 -11.33 19.08 56.48
C ARG E 189 -12.66 18.79 55.78
N GLU E 190 -12.61 18.38 54.52
CA GLU E 190 -13.86 18.10 53.81
C GLU E 190 -14.56 16.91 54.42
N ILE E 191 -13.81 15.85 54.73
CA ILE E 191 -14.41 14.70 55.40
C ILE E 191 -14.89 15.09 56.79
N GLU E 192 -14.15 15.97 57.47
CA GLU E 192 -14.61 16.48 58.76
C GLU E 192 -15.98 17.11 58.66
N ASN E 193 -16.14 18.07 57.75
CA ASN E 193 -17.40 18.80 57.67
C ASN E 193 -18.51 17.90 57.15
N LEU E 194 -18.20 16.99 56.23
CA LEU E 194 -19.20 16.04 55.79
C LEU E 194 -19.69 15.17 56.95
N GLU E 195 -18.77 14.69 57.78
CA GLU E 195 -19.16 13.88 58.93
C GLU E 195 -20.02 14.68 59.91
N THR E 196 -19.63 15.93 60.17
CA THR E 196 -20.40 16.76 61.09
C THR E 196 -21.80 17.06 60.56
N ARG E 197 -21.90 17.33 59.25
CA ARG E 197 -23.17 17.74 58.65
C ARG E 197 -23.97 16.56 58.09
N LEU E 198 -23.50 15.34 58.29
CA LEU E 198 -24.26 14.15 57.91
C LEU E 198 -24.90 13.46 59.09
N ASN E 199 -24.37 13.63 60.29
CA ASN E 199 -24.90 12.92 61.45
C ASN E 199 -26.32 13.40 61.76
N PRO E 200 -27.23 12.49 62.10
CA PRO E 200 -28.60 12.91 62.45
C PRO E 200 -28.75 13.21 63.93
N ASN E 201 -27.76 12.82 64.72
CA ASN E 201 -27.80 13.09 66.15
C ASN E 201 -27.64 14.58 66.42
N PRO E 202 -28.50 15.19 67.23
CA PRO E 202 -28.26 16.58 67.65
C PRO E 202 -27.09 16.70 68.61
N ALA E 203 -27.00 15.76 69.56
CA ALA E 203 -25.99 15.85 70.60
C ALA E 203 -24.58 15.73 70.02
N ASN E 204 -24.41 14.87 69.01
CA ASN E 204 -23.09 14.76 68.38
C ASN E 204 -22.68 16.08 67.75
N ARG E 205 -23.62 16.76 67.09
CA ARG E 205 -23.30 18.08 66.55
C ARG E 205 -22.97 19.06 67.68
N VAL E 206 -23.76 19.05 68.75
CA VAL E 206 -23.42 19.85 69.92
C VAL E 206 -21.96 19.67 70.28
N ALA E 207 -21.54 18.42 70.49
CA ALA E 207 -20.17 18.16 70.90
C ALA E 207 -19.17 18.64 69.86
N THR E 208 -19.49 18.41 68.57
CA THR E 208 -18.55 18.78 67.52
C THR E 208 -18.31 20.27 67.47
N LEU E 209 -19.38 21.06 67.42
CA LEU E 209 -19.20 22.51 67.39
C LEU E 209 -18.59 23.02 68.69
N ARG E 210 -18.93 22.44 69.83
CA ARG E 210 -18.30 22.90 71.07
C ARG E 210 -16.80 22.67 71.06
N ARG E 211 -16.38 21.49 70.60
CA ARG E 211 -14.95 21.22 70.49
C ARG E 211 -14.29 22.19 69.53
N ARG E 212 -14.94 22.47 68.40
CA ARG E 212 -14.37 23.39 67.43
C ARG E 212 -14.23 24.78 68.03
N ILE E 213 -15.23 25.24 68.78
CA ILE E 213 -15.13 26.54 69.44
C ILE E 213 -13.99 26.55 70.43
N SER E 214 -13.83 25.46 71.19
CA SER E 214 -12.73 25.39 72.13
C SER E 214 -11.39 25.54 71.44
N GLU E 215 -11.17 24.77 70.37
CA GLU E 215 -9.90 24.86 69.66
C GLU E 215 -9.70 26.24 69.05
N LEU E 216 -10.76 26.82 68.50
CA LEU E 216 -10.68 28.13 67.88
C LEU E 216 -10.34 29.21 68.91
N GLU E 217 -10.95 29.13 70.09
CA GLU E 217 -10.63 30.07 71.16
C GLU E 217 -9.18 29.91 71.61
N ARG E 218 -8.70 28.67 71.72
CA ARG E 218 -7.30 28.47 72.07
C ARG E 218 -6.38 29.10 71.03
N GLU E 219 -6.73 28.91 69.76
CA GLU E 219 -5.92 29.48 68.69
C GLU E 219 -5.88 30.99 68.78
N LEU E 220 -7.02 31.63 69.08
CA LEU E 220 -7.00 33.09 69.17
C LEU E 220 -6.25 33.56 70.41
N GLN E 221 -6.36 32.81 71.51
CA GLN E 221 -5.55 33.13 72.68
C GLN E 221 -4.07 33.12 72.33
N GLU E 222 -3.65 32.11 71.56
CA GLU E 222 -2.28 32.09 71.08
C GLU E 222 -1.97 33.29 70.19
N ALA E 223 -2.92 33.64 69.31
CA ALA E 223 -2.69 34.74 68.38
C ALA E 223 -2.48 36.06 69.11
N GLU E 224 -3.27 36.33 70.15
CA GLU E 224 -3.19 37.60 70.85
C GLU E 224 -1.77 37.88 71.35
N ALA E 225 -1.03 36.83 71.69
CA ALA E 225 0.34 37.02 72.17
C ALA E 225 1.32 37.27 71.03
N GLY E 226 0.85 37.38 69.80
CA GLY E 226 1.73 37.55 68.67
C GLY E 226 2.21 36.27 68.03
N HIS E 227 1.52 35.15 68.26
CA HIS E 227 1.92 33.85 67.73
C HIS E 227 1.22 33.54 66.41
N ILE E 228 1.49 34.37 65.40
CA ILE E 228 0.92 34.18 64.08
C ILE E 228 1.94 33.48 63.21
N GLU E 229 1.56 32.35 62.64
CA GLU E 229 2.47 31.50 61.87
C GLU E 229 2.25 31.70 60.38
N VAL E 230 3.14 32.46 59.74
CA VAL E 230 3.20 32.47 58.29
C VAL E 230 3.56 31.06 57.81
N LEU E 231 2.96 30.65 56.71
CA LEU E 231 3.10 29.25 56.30
C LEU E 231 4.50 28.96 55.80
N GLU E 232 4.86 29.53 54.64
CA GLU E 232 6.20 29.38 54.09
C GLU E 232 6.25 30.04 52.72
N THR E 233 7.43 30.09 52.11
CA THR E 233 7.49 30.37 50.69
C THR E 233 7.01 29.18 49.88
N HIS E 234 7.68 28.03 50.05
CA HIS E 234 7.29 26.84 49.33
C HIS E 234 5.90 26.36 49.72
N GLN E 235 5.57 26.39 51.01
CA GLN E 235 4.24 25.99 51.45
C GLN E 235 3.16 26.89 50.84
N ALA E 236 3.41 28.20 50.83
CA ALA E 236 2.46 29.12 50.22
C ALA E 236 2.31 28.83 48.73
N VAL E 237 3.41 28.55 48.05
CA VAL E 237 3.35 28.24 46.63
C VAL E 237 2.49 27.00 46.41
N GLU E 238 2.73 25.96 47.21
CA GLU E 238 1.96 24.73 47.07
C GLU E 238 0.47 24.97 47.34
N HIS E 239 0.15 25.74 48.37
CA HIS E 239 -1.25 26.02 48.66
C HIS E 239 -1.90 26.81 47.53
N ILE E 240 -1.19 27.78 46.97
CA ILE E 240 -1.73 28.54 45.85
C ILE E 240 -2.00 27.61 44.67
N ARG E 241 -1.06 26.71 44.38
CA ARG E 241 -1.24 25.79 43.26
C ARG E 241 -2.45 24.88 43.49
N ASP E 242 -2.59 24.35 44.70
CA ASP E 242 -3.72 23.49 45.02
C ASP E 242 -5.04 24.24 44.87
N VAL E 243 -5.07 25.47 45.38
CA VAL E 243 -6.30 26.27 45.27
C VAL E 243 -6.62 26.54 43.80
N TYR E 244 -5.60 26.84 43.00
CA TYR E 244 -5.83 27.07 41.59
C TYR E 244 -6.42 25.85 40.92
N ASN E 245 -5.86 24.67 41.22
CA ASN E 245 -6.40 23.44 40.62
C ASN E 245 -7.84 23.21 41.05
N LEU E 246 -8.11 23.33 42.35
CA LEU E 246 -9.46 23.09 42.84
C LEU E 246 -10.46 24.04 42.20
N ALA E 247 -10.11 25.32 42.10
CA ALA E 247 -11.01 26.27 41.47
C ALA E 247 -11.20 25.96 40.00
N SER E 248 -10.10 25.75 39.26
CA SER E 248 -10.20 25.49 37.84
C SER E 248 -11.07 24.29 37.56
N SER E 249 -11.11 23.33 38.48
CA SER E 249 -12.00 22.18 38.27
C SER E 249 -13.46 22.57 38.13
N LEU E 250 -13.85 23.75 38.63
CA LEU E 250 -15.27 24.08 38.75
C LEU E 250 -15.98 24.18 37.40
N ARG E 251 -15.28 24.57 36.34
CA ARG E 251 -15.89 24.80 35.03
C ARG E 251 -15.81 23.58 34.14
N ALA E 252 -15.46 22.41 34.67
CA ALA E 252 -15.20 21.25 33.84
C ALA E 252 -16.47 20.77 33.13
N ASP E 253 -17.60 20.75 33.82
CA ASP E 253 -18.75 19.96 33.38
C ASP E 253 -19.84 20.78 32.69
N PHE E 254 -19.59 22.04 32.36
CA PHE E 254 -20.61 22.82 31.66
C PHE E 254 -20.92 22.21 30.29
N ARG E 255 -19.87 21.84 29.55
CA ARG E 255 -20.10 21.21 28.25
C ARG E 255 -20.88 19.92 28.40
N ARG E 256 -20.59 19.13 29.43
CA ARG E 256 -21.29 17.86 29.58
C ARG E 256 -22.74 18.09 29.97
N VAL E 257 -23.01 19.15 30.75
CA VAL E 257 -24.40 19.55 31.01
C VAL E 257 -25.12 19.85 29.70
N GLU E 258 -24.48 20.64 28.84
CA GLU E 258 -25.11 20.99 27.58
C GLU E 258 -25.35 19.76 26.71
N ASP E 259 -24.38 18.84 26.67
CA ASP E 259 -24.57 17.60 25.93
C ASP E 259 -25.74 16.80 26.49
N SER E 260 -25.87 16.76 27.82
CA SER E 260 -26.98 16.05 28.43
C SER E 260 -28.31 16.65 28.00
N TRP E 261 -28.41 17.98 27.98
CA TRP E 261 -29.65 18.60 27.55
C TRP E 261 -29.94 18.32 26.09
N ARG E 262 -28.90 18.33 25.26
CA ARG E 262 -29.09 18.00 23.84
C ARG E 262 -29.62 16.58 23.69
N GLU E 263 -29.04 15.64 24.43
CA GLU E 263 -29.50 14.25 24.37
C GLU E 263 -30.93 14.11 24.87
N ALA E 264 -31.27 14.87 25.92
CA ALA E 264 -32.64 14.83 26.43
C ALA E 264 -33.62 15.33 25.38
N ASP E 265 -33.26 16.41 24.67
CA ASP E 265 -34.10 16.90 23.60
C ASP E 265 -34.26 15.84 22.51
N ARG E 266 -33.15 15.19 22.14
CA ARG E 266 -33.22 14.15 21.12
C ARG E 266 -34.16 13.03 21.56
N ALA E 267 -34.01 12.56 22.80
CA ALA E 267 -34.83 11.46 23.28
C ALA E 267 -36.30 11.85 23.36
N LEU E 268 -36.58 13.08 23.80
CA LEU E 268 -37.97 13.52 23.87
C LEU E 268 -38.60 13.58 22.49
N ARG E 269 -37.87 14.12 21.50
CA ARG E 269 -38.40 14.16 20.15
C ARG E 269 -38.62 12.75 19.61
N GLN E 270 -37.68 11.84 19.90
CA GLN E 270 -37.84 10.47 19.44
C GLN E 270 -39.07 9.83 20.06
N SER E 271 -39.31 10.07 21.35
CA SER E 271 -40.49 9.51 22.00
C SER E 271 -41.76 10.08 21.38
N ILE E 272 -41.78 11.39 21.12
CA ILE E 272 -42.98 11.99 20.53
C ILE E 272 -43.23 11.42 19.14
N ILE E 273 -42.17 11.23 18.36
CA ILE E 273 -42.33 10.74 17.00
C ILE E 273 -42.77 9.29 16.99
N GLY E 274 -42.12 8.45 17.79
CA GLY E 274 -42.31 7.01 17.76
C GLY E 274 -43.48 6.48 18.56
N GLU E 275 -44.29 7.35 19.16
CA GLU E 275 -45.44 6.91 19.93
C GLU E 275 -46.71 7.12 19.14
N GLN E 276 -47.55 6.08 19.06
CA GLN E 276 -48.64 6.01 18.11
C GLN E 276 -49.90 6.77 18.53
N TYR E 277 -49.90 7.40 19.71
CA TYR E 277 -51.07 8.11 20.21
C TYR E 277 -50.68 9.54 20.56
N HIS E 278 -49.97 10.19 19.64
CA HIS E 278 -49.33 11.48 19.87
C HIS E 278 -50.20 12.43 20.66
N ARG E 279 -51.52 12.37 20.45
CA ARG E 279 -52.41 13.37 21.04
C ARG E 279 -52.19 13.48 22.56
N GLY E 280 -52.09 12.36 23.24
CA GLY E 280 -51.91 12.37 24.68
C GLY E 280 -50.61 13.03 25.11
N ASP E 281 -49.48 12.39 24.79
CA ASP E 281 -48.19 12.87 25.25
C ASP E 281 -47.71 14.01 24.37
N ILE E 282 -48.59 14.93 24.06
CA ILE E 282 -48.24 16.22 23.48
C ILE E 282 -48.94 17.27 24.33
N VAL E 283 -50.24 17.09 24.52
CA VAL E 283 -50.99 17.97 25.42
C VAL E 283 -50.50 17.81 26.85
N GLU E 284 -50.15 16.59 27.25
CA GLU E 284 -49.69 16.39 28.62
C GLU E 284 -48.45 17.20 28.92
N ARG E 285 -47.70 17.62 27.89
CA ARG E 285 -46.46 18.34 28.07
C ARG E 285 -46.52 19.79 27.60
N LEU E 286 -47.50 20.14 26.78
CA LEU E 286 -47.59 21.50 26.25
C LEU E 286 -48.33 22.44 27.20
N LEU E 287 -49.50 22.03 27.68
CA LEU E 287 -50.21 22.83 28.67
C LEU E 287 -49.34 23.11 29.88
N ASN E 288 -48.47 22.19 30.25
CA ASN E 288 -47.55 22.40 31.35
C ASN E 288 -46.52 23.48 30.97
N ASP E 289 -45.98 24.14 32.00
CA ASP E 289 -44.92 25.11 31.83
C ASP E 289 -43.67 24.75 32.62
N GLN E 290 -43.45 23.47 32.87
CA GLN E 290 -42.25 23.01 33.57
C GLN E 290 -41.08 22.97 32.61
N ASP E 291 -39.98 22.34 33.03
CA ASP E 291 -38.79 22.30 32.19
C ASP E 291 -39.05 21.53 30.89
N ALA E 292 -39.72 20.38 30.97
CA ALA E 292 -39.96 19.49 29.84
C ALA E 292 -38.67 18.84 29.35
N LEU E 293 -37.52 19.21 29.90
CA LEU E 293 -36.23 18.64 29.54
C LEU E 293 -35.48 18.23 30.79
N LEU E 294 -36.21 17.78 31.81
CA LEU E 294 -35.65 17.52 33.13
C LEU E 294 -34.80 16.25 33.06
N ASN E 295 -33.53 16.44 32.76
CA ASN E 295 -32.57 15.35 32.83
C ASN E 295 -31.94 15.37 34.23
N THR E 296 -32.43 14.49 35.10
CA THR E 296 -31.96 14.46 36.48
C THR E 296 -30.45 14.28 36.62
N PRO E 297 -29.77 13.57 35.72
CA PRO E 297 -28.30 13.62 35.72
C PRO E 297 -27.88 15.02 35.32
N GLU E 298 -26.61 15.25 35.00
CA GLU E 298 -26.14 16.60 34.75
C GLU E 298 -27.24 17.45 34.11
N GLY E 299 -27.60 18.53 34.78
CA GLY E 299 -28.82 19.25 34.45
C GLY E 299 -29.61 19.52 35.71
N ARG E 300 -29.50 18.62 36.69
CA ARG E 300 -29.99 18.89 38.04
C ARG E 300 -28.86 19.19 39.01
N VAL E 301 -27.69 18.59 38.82
CA VAL E 301 -26.51 19.06 39.53
C VAL E 301 -26.20 20.49 39.13
N PHE E 302 -26.42 20.82 37.85
CA PHE E 302 -26.22 22.20 37.41
C PHE E 302 -27.21 23.14 38.06
N ASP E 303 -28.43 22.69 38.33
CA ASP E 303 -29.39 23.54 39.02
C ASP E 303 -28.90 23.89 40.42
N SER E 304 -28.37 22.91 41.14
CA SER E 304 -27.81 23.18 42.47
C SER E 304 -26.60 24.09 42.38
N PHE E 305 -25.74 23.86 41.38
CA PHE E 305 -24.59 24.75 41.20
C PHE E 305 -25.03 26.17 40.93
N GLN E 306 -26.08 26.35 40.12
CA GLN E 306 -26.62 27.67 39.87
C GLN E 306 -27.16 28.30 41.15
N GLN E 307 -27.87 27.53 41.95
CA GLN E 307 -28.42 28.06 43.20
C GLN E 307 -27.30 28.53 44.11
N GLN E 308 -26.24 27.75 44.22
CA GLN E 308 -25.11 28.15 45.05
C GLN E 308 -24.40 29.37 44.49
N LEU E 309 -24.22 29.43 43.17
CA LEU E 309 -23.47 30.52 42.57
C LEU E 309 -24.22 31.85 42.66
N ARG E 310 -25.52 31.83 42.39
CA ARG E 310 -26.28 33.08 42.35
C ARG E 310 -26.24 33.82 43.68
N GLN E 311 -26.05 33.12 44.79
CA GLN E 311 -25.97 33.78 46.08
C GLN E 311 -24.92 34.87 46.05
N SER E 312 -25.33 36.09 46.41
CA SER E 312 -24.41 37.21 46.46
C SER E 312 -23.52 37.07 47.70
N SER E 313 -22.76 38.11 48.00
CA SER E 313 -21.92 38.13 49.20
C SER E 313 -20.71 37.21 49.03
N GLU E 314 -20.95 35.89 49.01
CA GLU E 314 -19.84 34.95 48.97
C GLU E 314 -19.04 35.08 47.67
N LEU E 315 -19.72 35.39 46.56
CA LEU E 315 -19.03 35.46 45.28
C LEU E 315 -18.09 36.66 45.23
N LYS E 316 -18.58 37.83 45.64
CA LYS E 316 -17.71 39.00 45.73
C LYS E 316 -16.62 38.80 46.78
N ALA E 317 -16.95 38.07 47.85
CA ALA E 317 -15.92 37.71 48.82
C ALA E 317 -14.80 36.94 48.15
N MET E 318 -15.15 35.91 47.37
CA MET E 318 -14.14 35.17 46.63
C MET E 318 -13.37 36.05 45.68
N SER E 319 -14.04 36.95 44.96
CA SER E 319 -13.32 37.81 44.04
C SER E 319 -12.28 38.65 44.75
N GLU E 320 -12.67 39.30 45.84
CA GLU E 320 -11.73 40.13 46.58
C GLU E 320 -10.59 39.30 47.16
N ARG E 321 -10.91 38.13 47.71
CA ARG E 321 -9.88 37.29 48.30
C ARG E 321 -8.94 36.73 47.25
N LEU E 322 -9.47 36.41 46.06
CA LEU E 322 -8.61 35.97 44.96
C LEU E 322 -7.64 37.07 44.58
N ARG E 323 -8.12 38.31 44.45
CA ARG E 323 -7.21 39.40 44.10
C ARG E 323 -6.17 39.58 45.19
N VAL E 324 -6.58 39.46 46.46
CA VAL E 324 -5.63 39.57 47.56
C VAL E 324 -4.55 38.51 47.44
N ILE E 325 -4.95 37.27 47.18
CA ILE E 325 -3.99 36.17 47.10
C ILE E 325 -3.05 36.37 45.92
N LEU E 326 -3.59 36.73 44.76
CA LEU E 326 -2.74 37.00 43.60
C LEU E 326 -1.78 38.15 43.88
N SER E 327 -2.16 39.05 44.79
CA SER E 327 -1.26 40.13 45.17
C SER E 327 -0.01 39.63 45.89
N HIS E 328 -0.06 38.44 46.47
CA HIS E 328 1.06 37.96 47.27
C HIS E 328 2.29 37.76 46.39
N PRO E 329 3.48 38.12 46.87
CA PRO E 329 4.69 37.95 46.04
C PRO E 329 4.95 36.52 45.63
N SER E 330 4.69 35.55 46.52
CA SER E 330 4.94 34.15 46.19
C SER E 330 3.96 33.62 45.16
N ALA E 331 2.83 34.29 44.96
CA ALA E 331 1.87 33.85 43.96
C ALA E 331 2.48 33.89 42.56
N SER E 332 3.25 34.93 42.27
CA SER E 332 3.90 35.01 40.97
C SER E 332 4.89 33.86 40.78
N ASP E 333 5.59 33.46 41.84
CA ASP E 333 6.47 32.31 41.77
C ASP E 333 5.67 31.02 41.55
N ALA E 334 4.52 30.89 42.21
CA ALA E 334 3.71 29.68 42.06
C ALA E 334 3.12 29.57 40.66
N LEU E 335 2.29 30.54 40.28
CA LEU E 335 1.60 30.52 39.01
C LEU E 335 2.35 31.38 37.98
N ASN E 336 1.81 31.42 36.77
CA ASN E 336 2.33 32.26 35.70
C ASN E 336 1.28 33.27 35.29
N ARG E 337 1.62 34.09 34.30
CA ARG E 337 0.73 35.18 33.90
C ARG E 337 -0.64 34.65 33.47
N LEU E 338 -0.64 33.64 32.59
CA LEU E 338 -1.90 33.09 32.13
C LEU E 338 -2.71 32.52 33.28
N GLN E 339 -2.09 31.69 34.10
CA GLN E 339 -2.80 31.07 35.21
C GLN E 339 -3.26 32.11 36.23
N ARG E 340 -2.40 33.08 36.53
CA ARG E 340 -2.79 34.13 37.47
C ARG E 340 -3.99 34.91 36.96
N HIS E 341 -3.95 35.31 35.69
CA HIS E 341 -5.08 36.06 35.12
C HIS E 341 -6.34 35.23 35.13
N ASP E 342 -6.24 33.96 34.75
CA ASP E 342 -7.43 33.10 34.73
C ASP E 342 -8.02 32.96 36.12
N LEU E 343 -7.17 32.76 37.12
CA LEU E 343 -7.66 32.60 38.49
C LEU E 343 -8.27 33.90 39.02
N ARG E 344 -7.69 35.04 38.65
CA ARG E 344 -8.16 36.32 39.17
C ARG E 344 -9.61 36.58 38.75
N TRP E 345 -9.89 36.48 37.45
CA TRP E 345 -11.22 36.71 36.93
C TRP E 345 -12.08 35.45 36.97
N LEU E 346 -11.77 34.52 37.88
CA LEU E 346 -12.42 33.22 37.86
C LEU E 346 -13.93 33.34 38.05
N VAL E 347 -14.37 34.15 39.00
CA VAL E 347 -15.80 34.24 39.28
C VAL E 347 -16.54 34.88 38.12
N LYS E 348 -15.94 35.89 37.49
CA LYS E 348 -16.57 36.51 36.33
C LYS E 348 -16.82 35.49 35.23
N ARG E 349 -15.79 34.71 34.89
CA ARG E 349 -15.94 33.71 33.83
C ARG E 349 -16.89 32.61 34.25
N LEU E 350 -16.92 32.25 35.53
CA LEU E 350 -17.88 31.27 36.00
C LEU E 350 -19.31 31.77 35.76
N VAL E 351 -19.56 33.03 36.08
CA VAL E 351 -20.88 33.59 35.89
C VAL E 351 -21.22 33.67 34.40
N ASP E 352 -20.26 34.06 33.57
CA ASP E 352 -20.51 34.09 32.13
C ASP E 352 -20.84 32.71 31.59
N GLU E 353 -20.09 31.70 32.02
CA GLU E 353 -20.36 30.33 31.55
C GLU E 353 -21.72 29.84 32.05
N SER E 354 -22.07 30.18 33.29
CA SER E 354 -23.39 29.83 33.79
C SER E 354 -24.49 30.48 32.96
N GLN E 355 -24.30 31.74 32.60
CA GLN E 355 -25.28 32.41 31.74
C GLN E 355 -25.35 31.73 30.38
N THR E 356 -24.19 31.39 29.82
CA THR E 356 -24.18 30.69 28.53
C THR E 356 -24.99 29.40 28.60
N VAL E 357 -24.74 28.60 29.63
CA VAL E 357 -25.42 27.32 29.77
C VAL E 357 -26.92 27.54 29.98
N LEU E 358 -27.29 28.56 30.76
CA LEU E 358 -28.70 28.81 31.02
C LEU E 358 -29.44 29.24 29.76
N GLN E 359 -28.85 30.16 28.99
CA GLN E 359 -29.46 30.52 27.72
C GLN E 359 -29.53 29.32 26.77
N ALA E 360 -28.50 28.48 26.77
CA ALA E 360 -28.55 27.29 25.91
C ALA E 360 -29.69 26.36 26.32
N ARG E 361 -29.87 26.14 27.62
CA ARG E 361 -30.96 25.30 28.07
C ARG E 361 -32.31 25.91 27.72
N ALA E 362 -32.46 27.21 27.92
CA ALA E 362 -33.72 27.86 27.56
C ALA E 362 -33.99 27.76 26.07
N ARG E 363 -32.97 27.95 25.25
CA ARG E 363 -33.12 27.83 23.81
C ARG E 363 -33.55 26.42 23.42
N SER E 364 -32.90 25.41 24.00
CA SER E 364 -33.24 24.04 23.66
C SER E 364 -34.67 23.72 24.09
N GLU E 365 -35.07 24.19 25.27
CA GLU E 365 -36.44 23.96 25.72
C GLU E 365 -37.44 24.63 24.80
N ARG E 366 -37.17 25.88 24.40
CA ARG E 366 -38.07 26.57 23.49
C ARG E 366 -38.16 25.86 22.15
N ASP E 367 -37.02 25.36 21.65
CA ASP E 367 -37.02 24.66 20.38
C ASP E 367 -37.82 23.37 20.45
N VAL E 368 -37.65 22.61 21.53
CA VAL E 368 -38.42 21.38 21.69
C VAL E 368 -39.91 21.69 21.82
N ARG E 369 -40.24 22.75 22.55
CA ARG E 369 -41.64 23.14 22.67
C ARG E 369 -42.23 23.51 21.32
N GLY E 370 -41.48 24.26 20.52
CA GLY E 370 -41.94 24.59 19.18
C GLY E 370 -42.11 23.37 18.31
N PHE E 371 -41.18 22.41 18.44
CA PHE E 371 -41.32 21.17 17.67
C PHE E 371 -42.59 20.44 18.06
N MET E 372 -42.89 20.36 19.36
CA MET E 372 -44.12 19.70 19.78
C MET E 372 -45.33 20.33 19.12
N LYS E 373 -45.30 21.64 18.89
CA LYS E 373 -46.33 22.29 18.10
C LYS E 373 -46.11 21.97 16.62
N THR E 374 -47.10 22.33 15.80
CA THR E 374 -47.05 22.06 14.37
C THR E 374 -47.32 20.59 14.07
N GLY E 375 -47.43 19.77 15.13
CA GLY E 375 -47.82 18.39 15.01
C GLY E 375 -47.29 17.66 13.79
N LEU E 376 -46.00 17.79 13.52
CA LEU E 376 -45.37 17.15 12.37
C LEU E 376 -44.75 15.81 12.71
N ALA E 377 -44.80 15.38 13.97
CA ALA E 377 -44.17 14.12 14.35
C ALA E 377 -44.77 12.95 13.58
N ALA E 378 -46.09 12.92 13.45
CA ALA E 378 -46.73 11.83 12.72
C ALA E 378 -46.27 11.80 11.27
N GLU E 379 -46.20 12.98 10.62
CA GLU E 379 -45.74 13.03 9.24
C GLU E 379 -44.28 12.59 9.14
N HIS E 380 -43.45 12.99 10.10
CA HIS E 380 -42.06 12.55 10.08
C HIS E 380 -41.98 11.03 10.19
N HIS E 381 -42.76 10.45 11.07
CA HIS E 381 -42.75 8.99 11.24
C HIS E 381 -43.17 8.31 9.94
N ARG E 382 -44.29 8.74 9.37
CA ARG E 382 -44.79 8.11 8.15
C ARG E 382 -43.81 8.27 7.00
N VAL E 383 -43.23 9.46 6.86
CA VAL E 383 -42.29 9.71 5.76
C VAL E 383 -41.03 8.88 5.93
N GLY E 384 -40.51 8.80 7.15
CA GLY E 384 -39.34 7.96 7.38
C GLY E 384 -39.62 6.51 7.05
N HIS E 385 -40.77 5.99 7.48
CA HIS E 385 -41.10 4.61 7.18
C HIS E 385 -41.23 4.38 5.68
N LEU E 386 -41.93 5.28 4.99
CA LEU E 386 -42.12 5.15 3.55
C LEU E 386 -40.79 5.22 2.82
N LEU E 387 -39.91 6.14 3.23
CA LEU E 387 -38.61 6.27 2.58
C LEU E 387 -37.78 5.01 2.79
N ASN E 388 -37.79 4.46 4.01
CA ASN E 388 -37.05 3.22 4.23
C ASN E 388 -37.60 2.11 3.36
N GLU E 389 -38.92 2.00 3.25
CA GLU E 389 -39.51 0.97 2.41
C GLU E 389 -39.10 1.16 0.95
N PHE E 390 -39.18 2.38 0.45
CA PHE E 390 -38.84 2.62 -0.95
C PHE E 390 -37.37 2.34 -1.23
N LEU E 391 -36.49 2.77 -0.33
CA LEU E 391 -35.07 2.55 -0.54
C LEU E 391 -34.72 1.07 -0.47
N ASN E 392 -35.39 0.31 0.40
CA ASN E 392 -35.12 -1.12 0.47
C ASN E 392 -35.70 -1.85 -0.74
N LEU E 393 -36.80 -1.33 -1.30
CA LEU E 393 -37.39 -1.96 -2.47
C LEU E 393 -36.61 -1.65 -3.74
N ALA E 394 -36.05 -0.45 -3.84
CA ALA E 394 -35.35 -0.04 -5.06
C ALA E 394 -34.10 -0.86 -5.33
N LEU E 395 -33.62 -1.64 -4.35
CA LEU E 395 -32.49 -2.51 -4.60
C LEU E 395 -32.82 -3.62 -5.58
N LYS E 396 -34.10 -3.88 -5.84
CA LYS E 396 -34.50 -4.91 -6.77
C LYS E 396 -34.50 -4.46 -8.22
N LEU E 397 -34.39 -3.16 -8.48
CA LEU E 397 -34.35 -2.69 -9.85
C LEU E 397 -32.96 -2.92 -10.44
N ASP E 398 -32.87 -2.83 -11.75
CA ASP E 398 -31.60 -2.91 -12.47
C ASP E 398 -31.18 -1.49 -12.84
N TRP E 399 -30.15 -1.00 -12.19
CA TRP E 399 -29.71 0.39 -12.37
C TRP E 399 -28.65 0.55 -13.44
N GLN E 400 -28.17 -0.54 -14.03
CA GLN E 400 -27.16 -0.47 -15.08
C GLN E 400 -27.76 -0.30 -16.46
N ARG E 401 -29.08 -0.37 -16.58
CA ARG E 401 -29.77 -0.27 -17.86
C ARG E 401 -30.37 1.13 -17.98
N GLN E 402 -29.99 1.86 -19.02
CA GLN E 402 -30.53 3.20 -19.21
C GLN E 402 -32.05 3.19 -19.33
N MET E 403 -32.62 2.09 -19.85
CA MET E 403 -34.07 2.01 -19.94
C MET E 403 -34.70 2.15 -18.55
N ILE E 404 -34.15 1.45 -17.57
CA ILE E 404 -34.68 1.54 -16.21
C ILE E 404 -34.41 2.90 -15.61
N ARG E 405 -33.18 3.39 -15.73
CA ARG E 405 -32.80 4.64 -15.08
C ARG E 405 -33.58 5.84 -15.60
N LYS E 406 -34.06 5.79 -16.84
CA LYS E 406 -34.81 6.89 -17.43
C LYS E 406 -36.31 6.66 -17.38
N GLN E 407 -36.76 5.64 -16.66
CA GLN E 407 -38.19 5.39 -16.56
C GLN E 407 -38.90 6.56 -15.88
N GLU E 408 -40.09 6.87 -16.37
CA GLU E 408 -40.93 7.89 -15.75
C GLU E 408 -41.57 7.34 -14.50
N VAL E 409 -41.69 8.18 -13.48
CA VAL E 409 -42.32 7.79 -12.21
C VAL E 409 -43.53 8.68 -11.95
N PRO E 410 -44.50 8.21 -11.17
CA PRO E 410 -45.78 8.94 -11.05
C PRO E 410 -45.77 10.11 -10.08
N LEU E 411 -44.60 10.62 -9.74
CA LEU E 411 -44.53 11.74 -8.81
C LEU E 411 -45.24 12.96 -9.42
N PRO E 412 -45.87 13.78 -8.59
CA PRO E 412 -46.64 14.92 -9.11
C PRO E 412 -45.73 16.10 -9.42
N ALA E 413 -46.33 17.11 -10.03
CA ALA E 413 -45.63 18.35 -10.40
C ALA E 413 -46.02 19.43 -9.40
N VAL E 414 -45.09 19.76 -8.51
CA VAL E 414 -45.30 20.79 -7.49
C VAL E 414 -44.29 21.89 -7.71
N GLY E 415 -44.76 23.13 -7.74
CA GLY E 415 -43.89 24.26 -7.98
C GLY E 415 -43.86 24.65 -9.45
N VAL E 416 -44.97 24.46 -10.14
CA VAL E 416 -45.04 24.83 -11.55
C VAL E 416 -44.82 26.32 -11.67
N ALA E 417 -43.91 26.71 -12.55
CA ALA E 417 -43.55 28.11 -12.75
C ALA E 417 -43.92 28.53 -14.16
N VAL E 418 -44.71 29.59 -14.28
CA VAL E 418 -45.06 30.17 -15.57
C VAL E 418 -44.14 31.37 -15.76
N THR E 419 -43.17 31.23 -16.65
CA THR E 419 -42.20 32.29 -16.90
C THR E 419 -41.83 32.30 -18.37
N GLY E 420 -41.33 33.45 -18.82
CA GLY E 420 -40.87 33.58 -20.19
C GLY E 420 -41.97 33.54 -21.23
N ILE E 421 -43.09 34.18 -20.98
CA ILE E 421 -44.11 34.29 -22.03
C ILE E 421 -43.53 35.05 -23.21
N PRO E 422 -43.77 34.63 -24.45
CA PRO E 422 -43.17 35.33 -25.60
C PRO E 422 -43.44 36.82 -25.60
N ALA E 423 -44.70 37.25 -25.61
CA ALA E 423 -45.05 38.65 -25.45
C ALA E 423 -44.23 39.53 -26.40
N ILE E 424 -44.57 39.39 -27.69
CA ILE E 424 -43.71 39.82 -28.79
C ILE E 424 -43.06 41.18 -28.53
N GLU E 425 -43.72 42.03 -27.74
CA GLU E 425 -43.10 43.30 -27.41
C GLU E 425 -41.84 43.15 -26.56
N ARG E 426 -41.60 41.97 -26.01
CA ARG E 426 -40.42 41.77 -25.18
C ARG E 426 -39.10 41.97 -25.92
N LEU E 427 -39.13 41.95 -27.25
CA LEU E 427 -37.90 42.02 -28.04
C LEU E 427 -37.51 43.47 -28.29
N ARG E 428 -36.25 43.79 -28.03
CA ARG E 428 -35.67 45.07 -28.36
C ARG E 428 -34.48 44.85 -29.28
N PHE E 429 -34.22 45.83 -30.14
CA PHE E 429 -33.21 45.69 -31.18
C PHE E 429 -32.06 46.65 -30.94
N LYS E 430 -30.90 46.29 -31.48
CA LYS E 430 -29.68 47.06 -31.26
C LYS E 430 -29.89 48.50 -31.71
N GLU E 431 -29.35 49.44 -30.92
CA GLU E 431 -29.36 50.85 -31.26
C GLU E 431 -27.98 51.30 -31.68
N VAL E 432 -27.92 52.24 -32.63
CA VAL E 432 -26.64 52.68 -33.14
C VAL E 432 -25.81 53.26 -32.01
N ASP E 433 -24.55 52.85 -31.95
CA ASP E 433 -23.64 53.30 -30.88
C ASP E 433 -22.23 52.83 -31.24
N ASP E 434 -21.28 53.11 -30.34
CA ASP E 434 -19.89 52.74 -30.60
C ASP E 434 -19.72 51.24 -30.73
N GLU E 435 -20.37 50.47 -29.85
CA GLU E 435 -20.27 49.01 -29.95
C GLU E 435 -20.88 48.50 -31.25
N ALA E 436 -21.96 49.10 -31.71
CA ALA E 436 -22.54 48.71 -32.98
C ALA E 436 -21.56 48.95 -34.13
N GLU E 437 -20.89 50.11 -34.12
CA GLU E 437 -19.90 50.40 -35.14
C GLU E 437 -18.76 49.40 -35.08
N GLN E 438 -18.29 49.06 -33.88
CA GLN E 438 -17.22 48.09 -33.74
C GLN E 438 -17.66 46.72 -34.26
N THR E 439 -18.90 46.33 -33.97
CA THR E 439 -19.40 45.06 -34.46
C THR E 439 -19.44 45.03 -35.98
N LEU E 440 -19.93 46.12 -36.59
CA LEU E 440 -19.94 46.19 -38.04
C LEU E 440 -18.52 46.09 -38.60
N ASP E 441 -17.58 46.80 -37.98
CA ASP E 441 -16.20 46.77 -38.45
C ASP E 441 -15.62 45.37 -38.37
N LEU E 442 -15.87 44.69 -37.25
CA LEU E 442 -15.35 43.33 -37.10
C LEU E 442 -15.97 42.38 -38.11
N SER E 443 -17.28 42.51 -38.34
CA SER E 443 -17.94 41.64 -39.31
C SER E 443 -17.38 41.87 -40.71
N ASN E 444 -17.16 43.12 -41.08
CA ASN E 444 -16.67 43.42 -42.42
C ASN E 444 -15.21 42.99 -42.61
N HIS E 445 -14.35 43.33 -41.65
CA HIS E 445 -12.92 43.07 -41.83
C HIS E 445 -12.54 41.63 -41.54
N ALA E 446 -13.44 40.82 -40.99
CA ALA E 446 -13.18 39.39 -40.90
C ALA E 446 -13.26 38.77 -42.29
N ALA E 447 -12.29 37.93 -42.61
CA ALA E 447 -12.20 37.33 -43.95
C ALA E 447 -11.93 38.40 -45.02
N ASP E 448 -11.27 39.48 -44.62
CA ASP E 448 -10.85 40.55 -45.52
C ASP E 448 -9.32 40.54 -45.54
N LEU E 449 -8.76 39.73 -46.42
CA LEU E 449 -7.33 39.48 -46.47
C LEU E 449 -6.60 40.38 -47.46
N THR E 450 -7.29 41.35 -48.06
CA THR E 450 -6.64 42.20 -49.05
C THR E 450 -5.45 42.94 -48.45
N GLN E 451 -5.63 43.51 -47.25
CA GLN E 451 -4.54 44.24 -46.61
C GLN E 451 -3.47 43.32 -46.03
N ILE E 452 -3.72 42.00 -46.01
CA ILE E 452 -2.72 41.10 -45.47
C ILE E 452 -1.40 41.27 -46.21
N GLY E 453 -0.30 41.05 -45.50
CA GLY E 453 1.00 41.22 -46.10
C GLY E 453 1.22 40.25 -47.25
N ASP E 454 2.00 40.70 -48.23
CA ASP E 454 2.28 39.85 -49.39
C ASP E 454 3.07 38.61 -48.97
N ASP E 455 4.10 38.78 -48.15
CA ASP E 455 4.96 37.66 -47.80
C ASP E 455 4.16 36.48 -47.29
N PHE E 456 3.09 36.74 -46.55
CA PHE E 456 2.18 35.67 -46.16
C PHE E 456 1.71 34.91 -47.39
N TRP E 457 1.31 35.63 -48.43
CA TRP E 457 0.81 34.98 -49.62
C TRP E 457 1.90 34.19 -50.34
N ASP E 458 3.10 34.77 -50.46
CA ASP E 458 4.18 34.03 -51.10
C ASP E 458 4.48 32.74 -50.35
N ALA E 459 4.57 32.80 -49.01
CA ALA E 459 4.80 31.58 -48.25
C ALA E 459 3.63 30.63 -48.32
N PHE E 460 2.42 31.13 -48.60
CA PHE E 460 1.26 30.26 -48.71
C PHE E 460 1.45 29.23 -49.82
N ASN E 461 1.90 29.69 -51.00
CA ASN E 461 2.10 28.82 -52.14
C ASN E 461 3.58 28.48 -52.27
N GLY E 462 3.90 27.19 -52.19
CA GLY E 462 5.26 26.71 -52.31
C GLY E 462 5.27 25.35 -52.95
N LEU E 463 6.47 24.83 -53.18
CA LEU E 463 6.64 23.56 -53.87
C LEU E 463 6.09 22.45 -52.98
N ASP E 464 4.95 21.88 -53.38
CA ASP E 464 4.41 20.70 -52.72
C ASP E 464 5.10 19.48 -53.31
N ARG E 465 6.09 18.96 -52.58
CA ARG E 465 7.00 17.97 -53.14
C ARG E 465 6.33 16.63 -53.38
N GLU E 466 5.18 16.37 -52.79
CA GLU E 466 4.49 15.10 -53.07
C GLU E 466 3.94 15.09 -54.48
N VAL E 467 3.33 16.20 -54.90
CA VAL E 467 2.87 16.32 -56.28
C VAL E 467 4.04 16.24 -57.24
N LEU E 468 5.14 16.92 -56.92
CA LEU E 468 6.32 16.84 -57.76
C LEU E 468 6.84 15.42 -57.87
N ILE E 469 6.87 14.69 -56.76
CA ILE E 469 7.35 13.31 -56.78
C ILE E 469 6.46 12.47 -57.68
N GLN E 470 5.14 12.63 -57.54
CA GLN E 470 4.21 11.85 -58.35
C GLN E 470 4.40 12.14 -59.84
N GLN E 471 4.42 13.42 -60.22
CA GLN E 471 4.62 13.74 -61.64
C GLN E 471 5.96 13.23 -62.13
N THR E 472 7.01 13.36 -61.31
CA THR E 472 8.33 12.91 -61.73
C THR E 472 8.37 11.41 -61.98
N LEU E 473 7.79 10.63 -61.06
CA LEU E 473 7.86 9.18 -61.22
C LEU E 473 6.99 8.73 -62.37
N GLN E 474 5.86 9.41 -62.58
CA GLN E 474 5.05 9.10 -63.77
C GLN E 474 5.83 9.40 -65.05
N LEU E 475 6.54 10.53 -65.08
CA LEU E 475 7.33 10.87 -66.25
C LEU E 475 8.44 9.85 -66.49
N LEU E 476 9.11 9.41 -65.42
CA LEU E 476 10.15 8.41 -65.57
C LEU E 476 9.59 7.09 -66.07
N ALA E 477 8.42 6.69 -65.56
CA ALA E 477 7.78 5.49 -66.07
C ALA E 477 7.43 5.62 -67.55
N LYS E 478 6.93 6.79 -67.96
CA LYS E 478 6.56 6.98 -69.34
C LYS E 478 7.77 6.92 -70.26
N GLU E 479 8.81 7.69 -69.93
CA GLU E 479 10.02 7.65 -70.75
C GLU E 479 10.79 6.35 -70.54
N ASN E 480 10.87 5.87 -69.30
CA ASN E 480 11.52 4.60 -68.99
C ASN E 480 12.94 4.56 -69.55
N ARG E 481 13.65 5.69 -69.43
CA ARG E 481 15.02 5.81 -69.90
C ARG E 481 15.79 6.68 -68.91
N PRO E 482 17.11 6.49 -68.84
CA PRO E 482 17.91 7.37 -67.98
C PRO E 482 17.84 8.81 -68.45
N VAL E 483 17.33 9.70 -67.60
CA VAL E 483 17.09 11.09 -67.95
C VAL E 483 18.01 11.97 -67.12
N GLY E 484 18.68 12.91 -67.78
CA GLY E 484 19.50 13.88 -67.09
C GLY E 484 18.66 14.99 -66.46
N LEU E 485 19.32 15.77 -65.61
CA LEU E 485 18.61 16.83 -64.90
C LEU E 485 18.06 17.87 -65.84
N ALA E 486 18.87 18.33 -66.80
CA ALA E 486 18.39 19.32 -67.77
C ALA E 486 17.25 18.76 -68.60
N GLU E 487 17.34 17.49 -68.99
CA GLU E 487 16.24 16.88 -69.73
C GLU E 487 14.96 16.89 -68.92
N LEU E 488 15.05 16.56 -67.62
CA LEU E 488 13.87 16.59 -66.78
C LEU E 488 13.31 17.99 -66.66
N ALA E 489 14.18 18.99 -66.50
CA ALA E 489 13.72 20.36 -66.43
C ALA E 489 13.00 20.78 -67.71
N GLU E 490 13.57 20.41 -68.87
CA GLU E 490 12.92 20.73 -70.14
C GLU E 490 11.55 20.07 -70.23
N LEU E 491 11.48 18.77 -69.97
CA LEU E 491 10.20 18.07 -70.00
C LEU E 491 9.28 18.58 -68.91
N LEU E 492 9.80 18.73 -67.69
CA LEU E 492 9.00 19.18 -66.55
C LEU E 492 9.40 20.60 -66.19
N PRO E 493 8.56 21.60 -66.44
CA PRO E 493 8.96 22.98 -66.17
C PRO E 493 8.85 23.29 -64.68
N PRO E 494 9.97 23.42 -63.99
CA PRO E 494 9.91 23.75 -62.57
C PRO E 494 9.41 25.18 -62.37
N ALA E 495 8.45 25.32 -61.46
CA ALA E 495 7.90 26.63 -61.12
C ALA E 495 8.62 27.27 -59.94
N HIS E 496 9.65 26.61 -59.40
CA HIS E 496 10.39 27.16 -58.26
C HIS E 496 11.89 27.09 -58.45
N ASP E 497 12.37 26.68 -59.62
CA ASP E 497 13.79 26.67 -59.95
C ASP E 497 14.49 25.68 -59.02
N LEU E 498 15.55 26.08 -58.31
CA LEU E 498 16.38 25.11 -57.59
C LEU E 498 15.58 24.31 -56.58
N GLU E 499 14.49 24.87 -56.05
CA GLU E 499 13.68 24.13 -55.10
C GLU E 499 13.28 22.77 -55.66
N THR E 500 12.90 22.73 -56.93
CA THR E 500 12.59 21.45 -57.56
C THR E 500 13.86 20.61 -57.75
N PHE E 501 14.93 21.24 -58.23
CA PHE E 501 16.13 20.48 -58.59
C PHE E 501 16.62 19.65 -57.41
N ALA E 502 16.70 20.26 -56.23
CA ALA E 502 17.17 19.53 -55.05
C ALA E 502 16.38 18.24 -54.88
N VAL E 503 15.05 18.33 -54.99
CA VAL E 503 14.23 17.13 -54.85
C VAL E 503 14.69 16.06 -55.83
N TRP E 504 14.86 16.46 -57.09
CA TRP E 504 15.34 15.51 -58.09
C TRP E 504 16.69 14.93 -57.67
N ILE E 505 17.60 15.79 -57.19
CA ILE E 505 18.86 15.29 -56.66
C ILE E 505 18.60 14.37 -55.47
N GLY E 506 17.72 14.80 -54.56
CA GLY E 506 17.33 13.92 -53.48
C GLY E 506 16.78 12.61 -53.98
N MET E 507 16.16 12.64 -55.17
CA MET E 507 15.76 11.41 -55.84
C MET E 507 16.98 10.56 -56.15
N ALA E 508 17.91 11.11 -56.95
CA ALA E 508 18.99 10.30 -57.49
C ALA E 508 19.82 9.66 -56.40
N ARG E 509 20.15 10.42 -55.36
CA ARG E 509 20.99 9.87 -54.30
C ARG E 509 20.19 9.07 -53.28
N GLU E 510 18.86 9.16 -53.30
CA GLU E 510 18.07 8.32 -52.42
C GLU E 510 17.98 6.89 -52.93
N ALA E 511 17.92 6.73 -54.25
CA ALA E 511 17.82 5.41 -54.88
C ALA E 511 19.18 4.83 -55.24
N GLY E 512 20.27 5.49 -54.87
CA GLY E 512 21.59 5.01 -55.19
C GLY E 512 22.09 5.38 -56.56
N ILE E 513 21.30 6.12 -57.36
CA ILE E 513 21.74 6.54 -58.69
C ILE E 513 22.85 7.57 -58.52
N GLU E 514 24.09 7.15 -58.76
CA GLU E 514 25.22 8.05 -58.57
C GLU E 514 25.08 9.26 -59.48
N VAL E 515 25.47 10.42 -58.96
CA VAL E 515 25.45 11.67 -59.70
C VAL E 515 26.88 12.17 -59.85
N ILE E 516 27.25 12.57 -61.05
CA ILE E 516 28.61 12.99 -61.37
C ILE E 516 28.65 14.51 -61.45
N ASP E 517 29.61 15.11 -60.77
CA ASP E 517 29.78 16.56 -60.80
C ASP E 517 30.81 17.01 -61.82
N SER E 518 31.73 16.13 -62.21
CA SER E 518 32.72 16.51 -63.22
C SER E 518 32.04 16.87 -64.54
N GLN E 519 31.10 16.04 -65.00
CA GLN E 519 30.31 16.34 -66.18
C GLN E 519 29.18 17.28 -65.77
N ARG E 520 29.24 18.52 -66.22
CA ARG E 520 28.29 19.55 -65.84
C ARG E 520 27.37 19.82 -67.02
N GLU E 521 26.09 19.49 -66.87
CA GLU E 521 25.10 19.85 -67.85
C GLU E 521 24.49 21.19 -67.45
N PHE E 522 23.66 21.77 -68.32
CA PHE E 522 23.13 23.10 -68.08
C PHE E 522 21.65 23.10 -68.40
N ALA E 523 20.95 24.11 -67.89
CA ALA E 523 19.52 24.24 -68.16
C ALA E 523 19.12 25.70 -68.01
N GLU E 524 18.49 26.24 -69.04
CA GLU E 524 18.10 27.65 -69.08
C GLU E 524 16.60 27.75 -68.77
N LEU E 525 16.25 28.50 -67.74
CA LEU E 525 14.87 28.57 -67.28
C LEU E 525 14.48 30.01 -66.99
N SER E 526 13.25 30.37 -67.36
CA SER E 526 12.70 31.69 -67.12
C SER E 526 11.65 31.62 -66.01
N ASP E 527 11.75 32.53 -65.04
CA ASP E 527 10.85 32.52 -63.89
C ASP E 527 9.60 33.34 -64.20
N GLY E 528 8.81 33.62 -63.15
CA GLY E 528 7.55 34.31 -63.34
C GLY E 528 7.70 35.70 -63.92
N GLU E 529 8.67 36.47 -63.40
CA GLU E 529 8.84 37.84 -63.84
C GLU E 529 9.54 37.95 -65.19
N GLY E 530 10.01 36.84 -65.75
CA GLY E 530 10.60 36.81 -67.07
C GLY E 530 12.11 36.73 -67.09
N ARG E 531 12.78 37.03 -65.98
CA ARG E 531 14.22 36.93 -65.94
C ARG E 531 14.65 35.49 -66.17
N ARG E 532 15.66 35.31 -67.02
CA ARG E 532 16.14 34.00 -67.41
C ARG E 532 17.45 33.69 -66.71
N TRP E 533 17.59 32.45 -66.25
CA TRP E 533 18.74 32.02 -65.46
C TRP E 533 19.27 30.72 -66.04
N ARG E 534 20.59 30.55 -65.93
CA ARG E 534 21.27 29.37 -66.48
C ARG E 534 21.82 28.55 -65.31
N PHE E 535 21.12 27.46 -64.99
CA PHE E 535 21.54 26.59 -63.92
C PHE E 535 22.58 25.59 -64.43
N ASN E 536 23.70 25.49 -63.71
CA ASN E 536 24.78 24.58 -64.08
C ASN E 536 24.64 23.27 -63.30
N LEU E 537 23.60 22.53 -63.66
CA LEU E 537 23.29 21.30 -62.97
C LEU E 537 24.35 20.24 -63.23
N PRO E 538 24.50 19.28 -62.31
CA PRO E 538 25.40 18.15 -62.56
C PRO E 538 24.75 17.13 -63.48
N THR E 539 25.46 16.02 -63.70
CA THR E 539 24.99 14.95 -64.55
C THR E 539 24.51 13.79 -63.68
N THR E 540 23.29 13.33 -63.94
CA THR E 540 22.65 12.28 -63.18
C THR E 540 22.09 11.22 -64.11
N GLY E 541 21.67 10.11 -63.52
CA GLY E 541 21.16 8.98 -64.29
C GLY E 541 19.81 8.49 -63.82
N LEU E 542 18.92 9.42 -63.47
CA LEU E 542 17.59 9.06 -62.97
C LEU E 542 16.96 7.97 -63.82
N GLU E 543 16.46 6.93 -63.16
CA GLU E 543 15.79 5.82 -63.82
C GLU E 543 14.50 5.52 -63.08
N SER E 544 13.47 5.08 -63.83
CA SER E 544 12.16 4.91 -63.23
C SER E 544 12.10 3.71 -62.28
N GLN E 545 12.74 2.60 -62.65
CA GLN E 545 12.64 1.39 -61.85
C GLN E 545 13.15 1.62 -60.43
N ALA E 546 14.38 2.11 -60.30
CA ALA E 546 14.94 2.32 -58.97
C ALA E 546 14.12 3.33 -58.19
N LEU E 547 13.67 4.41 -58.85
CA LEU E 547 12.92 5.44 -58.15
C LEU E 547 11.61 4.89 -57.60
N MET E 548 10.88 4.11 -58.39
CA MET E 548 9.66 3.51 -57.89
C MET E 548 9.94 2.44 -56.84
N ASP E 549 11.14 1.86 -56.86
CA ASP E 549 11.49 0.89 -55.83
C ASP E 549 11.52 1.52 -54.44
N ILE E 550 12.20 2.66 -54.30
CA ILE E 550 12.45 3.24 -52.99
C ILE E 550 11.16 3.88 -52.47
N ASP E 551 10.91 3.70 -51.17
CA ASP E 551 9.71 4.23 -50.54
C ASP E 551 9.80 5.74 -50.38
N TRP E 552 8.65 6.40 -50.54
CA TRP E 552 8.53 7.84 -50.35
C TRP E 552 7.73 8.13 -49.08
N GLU E 553 8.26 9.04 -48.27
CA GLU E 553 7.62 9.41 -47.02
C GLU E 553 6.23 9.99 -47.27
N MET F 1 20.94 -35.24 -20.86
CA MET F 1 20.42 -35.93 -19.69
C MET F 1 21.29 -35.68 -18.47
N ASN F 2 22.55 -36.11 -18.55
CA ASN F 2 23.45 -35.96 -17.42
C ASN F 2 23.80 -34.49 -17.17
N GLN F 3 23.88 -33.69 -18.23
CA GLN F 3 24.31 -32.30 -18.07
C GLN F 3 23.38 -31.54 -17.14
N VAL F 4 22.07 -31.70 -17.32
CA VAL F 4 21.12 -31.05 -16.42
C VAL F 4 21.26 -31.60 -15.01
N SER F 5 21.78 -32.83 -14.88
CA SER F 5 21.87 -33.47 -13.56
C SER F 5 22.70 -32.63 -12.59
N GLY F 6 23.69 -31.90 -13.09
CA GLY F 6 24.57 -31.14 -12.22
C GLY F 6 23.99 -29.85 -11.68
N LEU F 7 22.85 -29.41 -12.21
CA LEU F 7 22.24 -28.17 -11.72
C LEU F 7 21.82 -28.31 -10.26
N ALA F 8 21.19 -29.44 -9.91
CA ALA F 8 20.76 -29.65 -8.54
C ALA F 8 21.96 -29.68 -7.59
N GLY F 9 21.80 -29.07 -6.43
CA GLY F 9 22.88 -28.95 -5.48
C GLY F 9 23.77 -27.74 -5.68
N LYS F 10 23.52 -26.93 -6.71
CA LYS F 10 24.31 -25.73 -6.98
C LYS F 10 23.64 -24.48 -6.44
N GLU F 11 22.39 -24.24 -6.85
CA GLU F 11 21.63 -23.07 -6.44
C GLU F 11 20.63 -23.37 -5.34
N SER F 12 20.66 -24.58 -4.77
CA SER F 12 19.62 -24.98 -3.84
C SER F 12 20.18 -26.01 -2.86
N PHE F 13 19.44 -26.20 -1.77
CA PHE F 13 19.76 -27.21 -0.78
C PHE F 13 19.00 -28.48 -1.11
N ILE F 14 19.71 -29.59 -1.24
CA ILE F 14 19.10 -30.88 -1.57
C ILE F 14 19.38 -31.85 -0.44
N LEU F 15 18.33 -32.55 0.00
CA LEU F 15 18.48 -33.56 1.04
C LEU F 15 19.50 -34.59 0.62
N THR F 16 20.41 -34.94 1.53
CA THR F 16 21.45 -35.91 1.21
C THR F 16 21.66 -36.94 2.32
N ARG F 17 20.72 -37.08 3.24
CA ARG F 17 20.89 -38.05 4.32
C ARG F 17 19.66 -38.02 5.20
N ILE F 18 19.40 -39.13 5.87
CA ILE F 18 18.36 -39.22 6.89
C ILE F 18 18.82 -40.23 7.93
N GLU F 19 18.70 -39.86 9.20
CA GLU F 19 19.08 -40.74 10.29
C GLU F 19 17.90 -40.85 11.24
N LEU F 20 17.66 -42.05 11.77
CA LEU F 20 16.55 -42.30 12.67
C LEU F 20 17.04 -43.12 13.85
N PHE F 21 16.33 -43.01 14.97
CA PHE F 21 16.67 -43.76 16.16
C PHE F 21 15.37 -44.05 16.91
N ASN F 22 14.95 -45.31 16.90
CA ASN F 22 13.71 -45.71 17.57
C ASN F 22 12.52 -44.91 17.06
N TRP F 23 12.44 -44.76 15.73
CA TRP F 23 11.34 -44.04 15.09
C TRP F 23 10.46 -45.06 14.39
N GLY F 24 9.17 -45.07 14.75
CA GLY F 24 8.26 -46.01 14.13
C GLY F 24 8.77 -47.42 14.31
N GLY F 25 8.86 -48.16 13.21
CA GLY F 25 9.41 -49.49 13.21
C GLY F 25 10.91 -49.56 12.98
N PHE F 26 11.61 -48.41 12.98
CA PHE F 26 13.05 -48.39 12.76
C PHE F 26 13.77 -48.39 14.10
N HIS F 27 13.70 -49.52 14.78
CA HIS F 27 14.38 -49.64 16.07
C HIS F 27 15.88 -49.48 15.88
N GLY F 28 16.54 -48.91 16.89
CA GLY F 28 17.96 -48.66 16.79
C GLY F 28 18.27 -47.49 15.88
N LEU F 29 19.51 -47.46 15.40
CA LEU F 29 20.00 -46.36 14.59
C LEU F 29 20.11 -46.80 13.14
N HIS F 30 19.41 -46.10 12.25
CA HIS F 30 19.46 -46.36 10.81
C HIS F 30 19.87 -45.08 10.09
N GLN F 31 20.59 -45.23 8.99
CA GLN F 31 21.02 -44.10 8.18
C GLN F 31 20.72 -44.40 6.71
N ALA F 32 20.17 -43.41 6.01
CA ALA F 32 19.83 -43.55 4.61
C ALA F 32 20.40 -42.38 3.82
N ALA F 33 21.12 -42.68 2.75
CA ALA F 33 21.72 -41.67 1.89
C ALA F 33 20.83 -41.42 0.67
N ILE F 34 20.90 -40.20 0.15
CA ILE F 34 20.07 -39.78 -0.97
C ILE F 34 20.98 -39.21 -2.05
N HIS F 35 20.70 -39.57 -3.30
CA HIS F 35 21.52 -39.13 -4.42
C HIS F 35 21.09 -37.74 -4.88
N GLN F 36 22.06 -36.99 -5.43
CA GLN F 36 21.78 -35.66 -5.91
C GLN F 36 20.99 -35.65 -7.22
N ASP F 37 20.90 -36.78 -7.90
CA ASP F 37 20.19 -36.89 -9.17
C ASP F 37 18.89 -37.67 -9.02
N GLY F 38 18.25 -37.57 -7.87
CA GLY F 38 17.03 -38.31 -7.62
C GLY F 38 17.29 -39.60 -6.87
N THR F 39 16.28 -40.08 -6.15
CA THR F 39 16.40 -41.30 -5.37
C THR F 39 15.03 -41.91 -5.19
N ALA F 40 14.99 -43.24 -5.08
CA ALA F 40 13.75 -43.98 -4.94
C ALA F 40 13.78 -44.77 -3.64
N VAL F 41 12.70 -44.71 -2.88
CA VAL F 41 12.51 -45.53 -1.69
C VAL F 41 11.60 -46.69 -2.08
N ILE F 42 12.15 -47.90 -2.11
CA ILE F 42 11.45 -49.05 -2.63
C ILE F 42 11.55 -50.20 -1.65
N GLY F 43 10.56 -51.08 -1.69
CA GLY F 43 10.51 -52.25 -0.84
C GLY F 43 9.12 -52.82 -0.76
N PRO F 44 8.98 -53.99 -0.13
CA PRO F 44 7.65 -54.58 0.01
C PRO F 44 6.72 -53.66 0.77
N THR F 45 5.46 -53.64 0.36
CA THR F 45 4.48 -52.74 0.95
C THR F 45 4.41 -52.95 2.46
N GLY F 46 4.38 -51.86 3.21
CA GLY F 46 4.21 -51.92 4.64
C GLY F 46 5.46 -52.30 5.39
N SER F 47 6.64 -52.01 4.83
CA SER F 47 7.88 -52.32 5.52
C SER F 47 8.32 -51.07 6.28
N GLY F 48 8.70 -49.99 5.60
CA GLY F 48 9.00 -48.75 6.28
C GLY F 48 8.77 -47.49 5.47
N LYS F 49 8.23 -47.63 4.26
CA LYS F 49 8.33 -46.54 3.30
C LYS F 49 7.64 -45.28 3.79
N THR F 50 6.37 -45.38 4.19
CA THR F 50 5.64 -44.19 4.59
C THR F 50 6.13 -43.68 5.94
N THR F 51 6.76 -44.53 6.75
CA THR F 51 7.36 -44.06 7.99
C THR F 51 8.51 -43.12 7.71
N LEU F 52 9.33 -43.43 6.70
CA LEU F 52 10.48 -42.59 6.38
C LEU F 52 10.04 -41.18 6.00
N VAL F 53 9.01 -41.07 5.16
CA VAL F 53 8.54 -39.75 4.76
C VAL F 53 8.03 -38.99 5.98
N ASP F 54 7.31 -39.67 6.86
CA ASP F 54 6.76 -39.00 8.04
C ASP F 54 7.86 -38.45 8.94
N ALA F 55 8.95 -39.21 9.10
CA ALA F 55 10.07 -38.71 9.90
C ALA F 55 10.60 -37.41 9.33
N LEU F 56 10.64 -37.30 8.00
CA LEU F 56 11.12 -36.08 7.38
C LEU F 56 10.08 -34.96 7.48
N MET F 57 8.80 -35.31 7.32
CA MET F 57 7.76 -34.29 7.38
C MET F 57 7.62 -33.71 8.77
N THR F 58 7.95 -34.49 9.79
CA THR F 58 7.92 -33.97 11.16
C THR F 58 8.93 -32.86 11.34
N LEU F 59 10.12 -33.03 10.77
CA LEU F 59 11.18 -32.03 10.92
C LEU F 59 10.82 -30.72 10.25
N LEU F 60 9.80 -30.71 9.39
CA LEU F 60 9.55 -29.59 8.50
C LEU F 60 8.29 -28.82 8.87
N CYS F 61 7.18 -29.52 9.13
CA CYS F 61 5.90 -28.89 9.38
C CYS F 61 5.64 -28.79 10.88
N ALA F 62 4.68 -27.94 11.24
CA ALA F 62 4.29 -27.78 12.64
C ALA F 62 3.28 -28.83 13.08
N ASN F 63 2.32 -29.14 12.21
CA ASN F 63 1.31 -30.16 12.46
C ASN F 63 1.24 -31.09 11.26
N PRO F 64 2.28 -31.91 11.06
CA PRO F 64 2.32 -32.75 9.86
C PRO F 64 1.14 -33.69 9.80
N ARG F 65 0.61 -33.88 8.60
CA ARG F 65 -0.42 -34.87 8.34
C ARG F 65 0.28 -36.20 8.04
N TYR F 66 0.34 -37.07 9.04
CA TYR F 66 1.00 -38.36 8.87
C TYR F 66 0.13 -39.28 8.03
N ASN F 67 0.76 -39.96 7.07
CA ASN F 67 0.06 -40.89 6.18
C ASN F 67 -1.01 -40.18 5.35
N LEU F 68 -0.65 -39.05 4.75
CA LEU F 68 -1.56 -38.43 3.79
C LEU F 68 -1.66 -39.23 2.51
N ALA F 69 -0.78 -40.22 2.34
CA ALA F 69 -0.79 -41.01 1.10
C ALA F 69 -2.04 -41.89 1.02
N SER F 70 -2.38 -42.57 2.11
CA SER F 70 -3.49 -43.52 2.11
C SER F 70 -4.71 -43.01 2.86
N THR F 71 -4.52 -42.24 3.93
CA THR F 71 -5.61 -41.72 4.73
C THR F 71 -6.11 -40.37 4.23
N GLY F 72 -5.60 -39.89 3.10
CA GLY F 72 -6.03 -38.60 2.59
C GLY F 72 -7.54 -38.56 2.44
N GLY F 73 -8.13 -37.47 2.92
CA GLY F 73 -9.57 -37.28 2.92
C GLY F 73 -10.19 -37.35 4.30
N HIS F 74 -9.62 -38.15 5.20
CA HIS F 74 -10.08 -38.23 6.58
C HIS F 74 -8.87 -38.08 7.50
N GLU F 75 -9.14 -38.03 8.81
CA GLU F 75 -8.09 -37.84 9.78
C GLU F 75 -7.07 -38.98 9.69
N SER F 76 -5.81 -38.63 9.90
CA SER F 76 -4.74 -39.62 9.89
C SER F 76 -4.91 -40.58 11.08
N ASP F 77 -4.44 -41.81 10.90
CA ASP F 77 -4.55 -42.79 11.96
C ASP F 77 -3.39 -42.68 12.96
N ARG F 78 -2.17 -42.54 12.46
CA ARG F 78 -1.02 -42.45 13.36
C ARG F 78 -0.73 -41.00 13.73
N ASP F 79 0.12 -40.85 14.74
CA ASP F 79 0.48 -39.54 15.27
C ASP F 79 1.91 -39.62 15.79
N LEU F 80 2.37 -38.52 16.38
CA LEU F 80 3.75 -38.48 16.87
C LEU F 80 3.96 -39.47 18.01
N ILE F 81 2.97 -39.60 18.89
CA ILE F 81 3.12 -40.50 20.04
C ILE F 81 3.35 -41.92 19.58
N SER F 82 2.56 -42.38 18.61
CA SER F 82 2.72 -43.74 18.12
C SER F 82 4.09 -43.99 17.53
N TYR F 83 4.61 -43.06 16.73
CA TYR F 83 5.92 -43.25 16.13
C TYR F 83 7.00 -43.34 17.20
N VAL F 84 6.93 -42.48 18.22
CA VAL F 84 7.88 -42.57 19.33
C VAL F 84 7.74 -43.90 20.04
N ARG F 85 6.51 -44.30 20.34
CA ARG F 85 6.28 -45.57 21.01
C ARG F 85 6.43 -46.76 20.07
N GLY F 86 6.39 -46.52 18.77
CA GLY F 86 6.52 -47.61 17.80
C GLY F 86 5.38 -48.59 17.81
N VAL F 87 4.14 -48.11 17.94
CA VAL F 87 3.00 -49.02 17.91
C VAL F 87 2.93 -49.69 16.55
N SER F 88 2.33 -50.88 16.52
CA SER F 88 2.22 -51.65 15.29
C SER F 88 0.77 -52.05 15.04
N GLY F 89 -0.14 -51.08 15.14
CA GLY F 89 -1.56 -51.33 15.00
C GLY F 89 -1.93 -52.22 13.83
N PRO F 90 -1.52 -51.81 12.61
CA PRO F 90 -1.81 -52.63 11.43
C PRO F 90 -1.27 -54.05 11.56
N GLY F 91 0.03 -54.16 11.82
CA GLY F 91 0.66 -55.47 11.96
C GLY F 91 0.23 -56.19 13.21
N ASP F 92 -0.52 -57.28 13.04
CA ASP F 92 -1.06 -58.05 14.15
C ASP F 92 -0.92 -59.54 13.85
N GLY F 93 -1.59 -60.36 14.64
CA GLY F 93 -1.49 -61.81 14.54
C GLY F 93 -1.36 -62.42 15.92
N GLY F 94 -0.73 -61.67 16.81
CA GLY F 94 -0.66 -62.02 18.22
C GLY F 94 -0.73 -60.76 19.06
N GLU F 95 -1.27 -59.70 18.46
CA GLU F 95 -1.16 -58.35 19.02
C GLU F 95 -1.51 -58.32 20.50
N GLY F 96 -0.52 -57.99 21.32
CA GLY F 96 -0.72 -57.79 22.74
C GLY F 96 -1.00 -56.34 23.08
N GLN F 97 -2.19 -55.87 22.72
CA GLN F 97 -2.59 -54.48 22.93
C GLN F 97 -1.69 -53.53 22.13
N SER F 98 -1.65 -53.78 20.82
CA SER F 98 -1.06 -52.92 19.79
C SER F 98 0.44 -53.08 19.63
N HIS F 99 1.11 -53.94 20.39
CA HIS F 99 2.55 -54.13 20.28
C HIS F 99 3.30 -52.81 20.39
N ILE F 100 3.17 -52.18 21.56
CA ILE F 100 3.97 -50.99 21.83
C ILE F 100 5.42 -51.41 21.93
N ALA F 101 6.20 -51.09 20.88
CA ALA F 101 7.58 -51.57 20.83
C ALA F 101 8.41 -51.04 21.98
N ARG F 102 8.22 -49.77 22.35
CA ARG F 102 8.96 -49.12 23.42
C ARG F 102 7.97 -48.50 24.38
N PRO F 103 7.51 -49.26 25.39
CA PRO F 103 6.51 -48.72 26.31
C PRO F 103 7.12 -47.89 27.43
N GLY F 104 8.33 -48.22 27.84
CA GLY F 104 8.99 -47.56 28.95
C GLY F 104 9.65 -46.27 28.53
N LYS F 105 10.55 -45.79 29.39
CA LYS F 105 11.32 -44.60 29.06
C LYS F 105 12.07 -44.84 27.76
N THR F 106 11.98 -43.89 26.84
CA THR F 106 12.53 -44.05 25.51
C THR F 106 12.93 -42.69 24.96
N VAL F 107 13.83 -42.72 23.98
CA VAL F 107 14.28 -41.52 23.29
C VAL F 107 14.35 -41.82 21.80
N THR F 108 13.74 -40.97 20.99
CA THR F 108 13.75 -41.10 19.54
C THR F 108 14.36 -39.84 18.94
N GLY F 109 15.22 -40.01 17.97
CA GLY F 109 15.85 -38.90 17.27
C GLY F 109 15.78 -39.08 15.77
N ILE F 110 15.56 -37.98 15.06
CA ILE F 110 15.51 -37.98 13.60
C ILE F 110 16.27 -36.76 13.11
N ALA F 111 17.21 -36.99 12.20
CA ALA F 111 18.04 -35.92 11.68
C ALA F 111 18.07 -35.99 10.16
N ALA F 112 17.94 -34.84 9.51
CA ALA F 112 17.98 -34.73 8.07
C ALA F 112 19.11 -33.80 7.67
N THR F 113 19.90 -34.21 6.69
CA THR F 113 21.02 -33.42 6.21
C THR F 113 20.71 -32.85 4.83
N LEU F 114 20.95 -31.56 4.65
CA LEU F 114 20.79 -30.90 3.37
C LEU F 114 22.10 -30.20 3.01
N GLU F 115 22.48 -30.31 1.75
CA GLU F 115 23.77 -29.81 1.29
C GLU F 115 23.59 -28.95 0.04
N ARG F 116 24.50 -28.01 -0.14
CA ARG F 116 24.51 -27.17 -1.33
C ARG F 116 25.92 -26.62 -1.51
N GLU F 117 26.65 -27.14 -2.49
CA GLU F 117 28.00 -26.67 -2.78
C GLU F 117 28.88 -26.71 -1.54
N GLY F 118 28.79 -27.82 -0.80
CA GLY F 118 29.64 -28.04 0.36
C GLY F 118 29.12 -27.48 1.66
N LYS F 119 28.02 -26.72 1.64
CA LYS F 119 27.44 -26.19 2.86
C LYS F 119 26.38 -27.14 3.38
N GLN F 120 26.53 -27.56 4.64
CA GLN F 120 25.65 -28.54 5.25
C GLN F 120 24.72 -27.87 6.25
N VAL F 121 23.45 -28.25 6.19
CA VAL F 121 22.44 -27.78 7.13
C VAL F 121 21.67 -29.00 7.63
N ARG F 122 21.88 -29.37 8.89
CA ARG F 122 21.30 -30.57 9.45
C ARG F 122 20.20 -30.19 10.44
N LEU F 123 18.97 -30.56 10.13
CA LEU F 123 17.85 -30.45 11.05
C LEU F 123 17.82 -31.68 11.94
N GLY F 124 17.19 -31.56 13.09
CA GLY F 124 17.12 -32.67 14.02
C GLY F 124 15.90 -32.55 14.91
N ALA F 125 15.75 -33.55 15.78
CA ALA F 125 14.68 -33.53 16.77
C ALA F 125 14.88 -34.69 17.72
N LEU F 126 14.83 -34.40 19.01
CA LEU F 126 14.93 -35.41 20.06
C LEU F 126 13.60 -35.45 20.80
N LEU F 127 12.95 -36.61 20.80
CA LEU F 127 11.71 -36.81 21.51
C LEU F 127 11.89 -38.00 22.43
N TRP F 128 11.66 -37.80 23.72
CA TRP F 128 11.86 -38.86 24.69
C TRP F 128 10.76 -38.84 25.74
N PHE F 129 10.50 -40.01 26.32
CA PHE F 129 9.60 -40.15 27.45
C PHE F 129 10.41 -40.58 28.66
N ASP F 130 10.02 -40.08 29.83
CA ASP F 130 10.70 -40.42 31.07
C ASP F 130 10.03 -41.55 31.82
N SER F 131 8.83 -41.97 31.42
CA SER F 131 8.07 -42.95 32.16
C SER F 131 7.20 -43.73 31.18
N THR F 132 6.18 -44.41 31.71
CA THR F 132 5.22 -45.15 30.90
C THR F 132 4.06 -44.29 30.41
N SER F 133 3.97 -43.05 30.85
CA SER F 133 2.89 -42.18 30.40
C SER F 133 2.94 -42.00 28.89
N SER F 134 1.76 -41.91 28.27
CA SER F 134 1.65 -41.75 26.83
C SER F 134 0.85 -40.50 26.45
N SER F 135 0.64 -39.59 27.38
CA SER F 135 -0.03 -38.34 27.06
C SER F 135 0.92 -37.40 26.33
N VAL F 136 0.34 -36.55 25.48
CA VAL F 136 1.16 -35.67 24.65
C VAL F 136 2.06 -34.79 25.50
N THR F 137 1.54 -34.24 26.60
CA THR F 137 2.29 -33.30 27.41
C THR F 137 3.46 -33.94 28.15
N ASP F 138 3.52 -35.27 28.22
CA ASP F 138 4.60 -35.95 28.91
C ASP F 138 5.76 -36.32 28.01
N MET F 139 5.70 -35.96 26.73
CA MET F 139 6.81 -36.16 25.81
C MET F 139 7.71 -34.93 25.85
N LYS F 140 8.99 -35.14 26.09
CA LYS F 140 9.95 -34.05 26.12
C LYS F 140 10.61 -33.93 24.75
N ARG F 141 10.65 -32.70 24.23
CA ARG F 141 11.15 -32.44 22.89
C ARG F 141 12.37 -31.54 22.97
N LEU F 142 13.25 -31.65 21.98
CA LEU F 142 14.38 -30.73 21.83
C LEU F 142 14.71 -30.66 20.35
N TRP F 143 14.18 -29.64 19.67
CA TRP F 143 14.48 -29.46 18.26
C TRP F 143 15.87 -28.85 18.09
N LEU F 144 16.61 -29.37 17.13
CA LEU F 144 18.00 -28.98 16.93
C LEU F 144 18.20 -28.51 15.50
N PHE F 145 18.93 -27.42 15.36
CA PHE F 145 19.35 -26.89 14.07
C PHE F 145 20.87 -26.78 14.10
N SER F 146 21.52 -27.21 13.03
CA SER F 146 22.97 -27.25 13.03
C SER F 146 23.49 -27.01 11.63
N ASP F 147 24.57 -26.24 11.54
CA ASP F 147 25.29 -26.06 10.29
C ASP F 147 26.68 -26.69 10.34
N ASN F 148 27.17 -27.03 11.53
CA ASN F 148 28.47 -27.67 11.68
C ASN F 148 28.37 -29.12 11.26
N PRO F 149 29.20 -29.60 10.33
CA PRO F 149 29.12 -31.01 9.93
C PRO F 149 29.36 -31.97 11.08
N GLY F 150 30.11 -31.57 12.09
CA GLY F 150 30.42 -32.47 13.20
C GLY F 150 29.28 -32.75 14.14
N GLN F 151 28.16 -32.04 14.01
CA GLN F 151 26.99 -32.24 14.84
C GLN F 151 26.07 -33.23 14.14
N THR F 152 26.28 -34.52 14.39
CA THR F 152 25.48 -35.58 13.81
C THR F 152 24.52 -36.14 14.86
N LEU F 153 23.43 -36.72 14.37
CA LEU F 153 22.42 -37.25 15.29
C LEU F 153 23.02 -38.27 16.25
N GLU F 154 24.03 -39.01 15.82
CA GLU F 154 24.69 -39.93 16.74
C GLU F 154 25.27 -39.17 17.93
N HIS F 155 25.89 -38.02 17.67
CA HIS F 155 26.47 -37.25 18.76
C HIS F 155 25.39 -36.75 19.72
N TRP F 156 24.26 -36.28 19.19
CA TRP F 156 23.21 -35.79 20.06
C TRP F 156 22.70 -36.88 20.97
N LEU F 157 22.45 -38.08 20.43
CA LEU F 157 21.99 -39.18 21.27
C LEU F 157 23.02 -39.55 22.31
N ASN F 158 24.30 -39.56 21.92
CA ASN F 158 25.36 -39.84 22.87
C ASN F 158 25.33 -38.85 24.03
N VAL F 159 25.09 -37.58 23.73
CA VAL F 159 24.99 -36.57 24.77
C VAL F 159 23.79 -36.84 25.67
N TYR F 160 22.65 -37.19 25.07
CA TYR F 160 21.44 -37.36 25.86
C TYR F 160 21.59 -38.50 26.85
N HIS F 161 22.13 -39.64 26.39
CA HIS F 161 22.28 -40.78 27.29
C HIS F 161 23.24 -40.47 28.43
N GLU F 162 24.34 -39.79 28.13
CA GLU F 162 25.35 -39.54 29.15
C GLU F 162 24.80 -38.69 30.29
N GLY F 163 24.18 -37.56 29.97
CA GLY F 163 23.75 -36.65 31.00
C GLY F 163 22.37 -36.05 30.82
N GLY F 164 21.52 -36.71 30.04
CA GLY F 164 20.15 -36.25 29.87
C GLY F 164 20.02 -34.86 29.29
N THR F 165 18.93 -34.17 29.65
CA THR F 165 18.68 -32.85 29.08
C THR F 165 19.66 -31.80 29.60
N ARG F 166 20.13 -31.96 30.83
CA ARG F 166 21.06 -30.97 31.38
C ARG F 166 22.32 -30.89 30.55
N LEU F 167 22.88 -32.04 30.18
CA LEU F 167 24.08 -32.03 29.34
C LEU F 167 23.80 -31.47 27.96
N LEU F 168 22.58 -31.65 27.45
CA LEU F 168 22.25 -31.13 26.13
C LEU F 168 22.36 -29.62 26.10
N ARG F 169 21.82 -28.94 27.12
CA ARG F 169 21.93 -27.49 27.17
C ARG F 169 23.39 -27.06 27.25
N GLN F 170 24.19 -27.78 28.05
CA GLN F 170 25.61 -27.46 28.14
C GLN F 170 26.32 -27.65 26.81
N MET F 171 25.97 -28.72 26.08
CA MET F 171 26.61 -28.95 24.80
C MET F 171 26.34 -27.82 23.81
N GLU F 172 25.09 -27.35 23.77
CA GLU F 172 24.77 -26.23 22.87
C GLU F 172 25.57 -24.99 23.23
N LYS F 173 25.77 -24.74 24.51
CA LYS F 173 26.47 -23.53 24.93
C LYS F 173 27.87 -23.48 24.34
N GLU F 174 28.61 -24.58 24.40
CA GLU F 174 29.98 -24.64 23.95
C GLU F 174 30.12 -25.08 22.50
N ALA F 175 29.03 -25.50 21.87
CA ALA F 175 29.07 -26.00 20.51
C ALA F 175 28.92 -24.87 19.51
N ILE F 176 29.74 -24.91 18.46
CA ILE F 176 29.74 -23.89 17.42
C ILE F 176 28.84 -24.34 16.29
N GLY F 177 27.94 -23.46 15.86
CA GLY F 177 27.04 -23.77 14.77
C GLY F 177 25.84 -24.60 15.16
N LEU F 178 25.55 -24.73 16.44
CA LEU F 178 24.42 -25.52 16.93
C LEU F 178 23.39 -24.61 17.57
N TRP F 179 22.13 -24.85 17.26
CA TRP F 179 21.01 -24.17 17.90
C TRP F 179 20.02 -25.23 18.36
N THR F 180 19.56 -25.14 19.60
CA THR F 180 18.59 -26.08 20.13
C THR F 180 17.39 -25.30 20.67
N TYR F 181 16.20 -25.68 20.23
CA TYR F 181 14.97 -24.99 20.58
C TYR F 181 14.05 -25.92 21.35
N PRO F 182 13.79 -25.68 22.64
CA PRO F 182 12.89 -26.57 23.38
C PRO F 182 11.44 -26.54 22.90
N ASN F 183 11.04 -25.51 22.15
CA ASN F 183 9.68 -25.41 21.64
C ASN F 183 9.72 -25.31 20.12
N LYS F 184 8.92 -26.13 19.45
CA LYS F 184 9.01 -26.25 18.00
C LYS F 184 8.66 -24.96 17.28
N LYS F 185 7.90 -24.07 17.90
CA LYS F 185 7.53 -22.85 17.21
C LYS F 185 8.74 -22.02 16.85
N GLN F 186 9.68 -21.89 17.79
CA GLN F 186 10.90 -21.14 17.50
C GLN F 186 11.74 -21.84 16.44
N TYR F 187 11.82 -23.17 16.50
CA TYR F 187 12.62 -23.90 15.53
C TYR F 187 12.09 -23.72 14.11
N LEU F 188 10.77 -23.80 13.94
CA LEU F 188 10.20 -23.61 12.61
C LEU F 188 10.49 -22.22 12.08
N ALA F 189 10.40 -21.19 12.92
CA ALA F 189 10.71 -19.84 12.48
C ALA F 189 12.15 -19.76 11.99
N ARG F 190 13.05 -20.50 12.62
CA ARG F 190 14.44 -20.54 12.14
C ARG F 190 14.53 -21.12 10.75
N LEU F 191 13.76 -22.18 10.47
CA LEU F 191 13.78 -22.77 9.14
C LEU F 191 13.28 -21.78 8.10
N ARG F 192 12.21 -21.05 8.41
CA ARG F 192 11.69 -20.08 7.46
C ARG F 192 12.75 -19.03 7.13
N ASP F 193 13.46 -18.56 8.15
CA ASP F 193 14.50 -17.55 7.92
C ASP F 193 15.62 -18.12 7.06
N PHE F 194 16.05 -19.36 7.33
CA PHE F 194 17.16 -19.92 6.58
C PHE F 194 16.78 -20.14 5.13
N PHE F 195 15.65 -20.77 4.88
CA PHE F 195 15.21 -21.09 3.52
C PHE F 195 14.36 -20.00 2.91
N GLU F 196 14.05 -18.95 3.66
CA GLU F 196 13.38 -17.77 3.12
C GLU F 196 12.04 -18.13 2.49
N VAL F 197 11.33 -19.05 3.12
CA VAL F 197 10.01 -19.47 2.67
C VAL F 197 9.07 -19.44 3.86
N GLY F 198 7.82 -19.06 3.62
CA GLY F 198 6.84 -19.02 4.68
C GLY F 198 6.38 -20.40 5.09
N GLU F 199 5.50 -20.41 6.10
CA GLU F 199 4.95 -21.68 6.58
C GLU F 199 4.17 -22.41 5.49
N ASN F 200 3.54 -21.67 4.57
CA ASN F 200 2.75 -22.31 3.53
C ASN F 200 3.60 -23.24 2.68
N ALA F 201 4.86 -22.87 2.43
CA ALA F 201 5.70 -23.67 1.56
C ALA F 201 5.90 -25.08 2.12
N PHE F 202 6.20 -25.18 3.41
CA PHE F 202 6.45 -26.49 4.00
C PHE F 202 5.15 -27.26 4.22
N THR F 203 4.07 -26.56 4.56
CA THR F 203 2.77 -27.23 4.70
C THR F 203 2.33 -27.83 3.38
N LEU F 204 2.56 -27.12 2.27
CA LEU F 204 2.27 -27.69 0.96
C LEU F 204 3.13 -28.92 0.69
N LEU F 205 4.42 -28.85 1.05
CA LEU F 205 5.30 -29.99 0.86
C LEU F 205 4.74 -31.23 1.54
N ASN F 206 4.17 -31.06 2.73
CA ASN F 206 3.54 -32.19 3.41
C ASN F 206 2.31 -32.68 2.66
N ARG F 207 1.50 -31.75 2.14
CA ARG F 207 0.33 -32.14 1.38
C ARG F 207 0.70 -32.78 0.04
N ALA F 208 1.93 -32.59 -0.42
CA ALA F 208 2.35 -33.20 -1.67
C ALA F 208 2.47 -34.71 -1.57
N ALA F 209 2.58 -35.26 -0.36
CA ALA F 209 2.66 -36.70 -0.18
C ALA F 209 1.29 -37.37 -0.18
N GLY F 210 0.21 -36.59 -0.22
CA GLY F 210 -1.12 -37.15 -0.26
C GLY F 210 -1.80 -36.89 -1.59
N LEU F 211 -0.99 -36.69 -2.63
CA LEU F 211 -1.51 -36.38 -3.95
C LEU F 211 -2.30 -37.53 -4.57
N LYS F 212 -2.20 -38.74 -4.01
CA LYS F 212 -2.87 -39.89 -4.61
C LYS F 212 -4.36 -39.63 -4.80
N GLN F 213 -5.05 -39.21 -3.73
CA GLN F 213 -6.48 -38.96 -3.79
C GLN F 213 -6.72 -37.61 -4.46
N LEU F 214 -6.68 -37.61 -5.79
CA LEU F 214 -6.86 -36.42 -6.59
C LEU F 214 -8.06 -36.58 -7.51
N ASN F 215 -8.58 -35.44 -7.95
CA ASN F 215 -9.76 -35.40 -8.80
C ASN F 215 -9.65 -34.17 -9.69
N SER F 216 -10.79 -33.70 -10.22
CA SER F 216 -10.80 -32.61 -11.17
C SER F 216 -9.97 -31.44 -10.67
N ILE F 217 -9.54 -30.56 -11.60
CA ILE F 217 -8.60 -29.49 -11.25
C ILE F 217 -9.10 -28.73 -10.03
N ASP F 218 -10.41 -28.66 -9.85
CA ASP F 218 -10.97 -27.93 -8.72
C ASP F 218 -10.51 -28.54 -7.40
N GLU F 219 -10.61 -29.87 -7.29
CA GLU F 219 -10.30 -30.51 -6.01
C GLU F 219 -8.80 -30.53 -5.76
N ILE F 220 -7.99 -30.59 -6.82
CA ILE F 220 -6.56 -30.48 -6.65
C ILE F 220 -6.18 -29.10 -6.11
N PHE F 221 -6.84 -28.06 -6.62
CA PHE F 221 -6.51 -26.70 -6.20
C PHE F 221 -7.10 -26.38 -4.84
N ARG F 222 -8.34 -26.80 -4.57
CA ARG F 222 -8.98 -26.44 -3.31
C ARG F 222 -8.58 -27.34 -2.15
N GLU F 223 -7.85 -28.42 -2.40
CA GLU F 223 -7.46 -29.35 -1.35
C GLU F 223 -5.97 -29.59 -1.24
N LEU F 224 -5.18 -29.18 -2.23
CA LEU F 224 -3.75 -29.48 -2.28
C LEU F 224 -2.89 -28.25 -2.10
N VAL F 225 -3.10 -27.21 -2.91
CA VAL F 225 -2.38 -25.96 -2.78
C VAL F 225 -3.33 -24.92 -2.17
N LEU F 226 -2.76 -23.77 -1.82
CA LEU F 226 -3.53 -22.66 -1.27
C LEU F 226 -4.34 -23.10 -0.05
N ASP F 227 -3.59 -23.33 1.03
CA ASP F 227 -4.12 -23.93 2.25
C ASP F 227 -5.39 -23.25 2.75
N ASP F 228 -6.10 -23.92 3.65
CA ASP F 228 -7.50 -23.63 3.99
C ASP F 228 -7.82 -22.14 4.14
N HIS F 229 -7.28 -21.50 5.17
CA HIS F 229 -7.56 -20.09 5.44
C HIS F 229 -9.06 -19.81 5.45
N SER F 230 -9.87 -20.82 5.76
CA SER F 230 -11.30 -20.61 5.80
C SER F 230 -11.69 -19.82 7.05
N ALA F 231 -12.91 -19.30 7.04
CA ALA F 231 -13.42 -18.47 8.13
C ALA F 231 -14.67 -19.09 8.74
N PHE F 232 -14.68 -20.42 8.88
CA PHE F 232 -15.81 -21.10 9.50
C PHE F 232 -15.85 -20.92 11.01
N ASP F 233 -14.71 -20.67 11.64
CA ASP F 233 -14.67 -20.46 13.08
C ASP F 233 -14.96 -19.02 13.48
N ARG F 234 -14.42 -18.06 12.73
CA ARG F 234 -14.72 -16.66 13.01
C ARG F 234 -16.21 -16.37 12.87
N ALA F 235 -16.89 -17.08 11.97
CA ALA F 235 -18.33 -16.89 11.84
C ALA F 235 -19.05 -17.25 13.13
N ALA F 236 -18.61 -18.32 13.80
CA ALA F 236 -19.23 -18.69 15.07
C ALA F 236 -19.04 -17.61 16.12
N GLU F 237 -17.84 -17.04 16.20
CA GLU F 237 -17.61 -15.96 17.15
C GLU F 237 -18.48 -14.76 16.84
N VAL F 238 -18.59 -14.39 15.56
CA VAL F 238 -19.46 -13.28 15.18
C VAL F 238 -20.91 -13.59 15.51
N ALA F 239 -21.36 -14.81 15.21
CA ALA F 239 -22.73 -15.19 15.52
C ALA F 239 -22.99 -15.15 17.02
N ASN F 240 -22.06 -15.67 17.82
CA ASN F 240 -22.26 -15.65 19.27
C ASN F 240 -22.29 -14.22 19.79
N SER F 241 -21.41 -13.35 19.28
CA SER F 241 -21.44 -11.96 19.70
C SER F 241 -22.75 -11.29 19.32
N PHE F 242 -23.26 -11.57 18.12
CA PHE F 242 -24.54 -10.98 17.73
C PHE F 242 -25.65 -11.42 18.67
N ASP F 243 -25.54 -12.63 19.24
CA ASP F 243 -26.58 -13.10 20.16
C ASP F 243 -26.68 -12.19 21.37
N GLY F 244 -25.54 -11.74 21.89
CA GLY F 244 -25.58 -10.74 22.95
C GLY F 244 -26.23 -9.45 22.49
N LEU F 245 -26.01 -9.09 21.23
CA LEU F 245 -26.63 -7.88 20.69
C LEU F 245 -28.15 -8.00 20.69
N THR F 246 -28.68 -9.17 20.30
CA THR F 246 -30.12 -9.36 20.31
C THR F 246 -30.66 -9.22 21.72
N GLU F 247 -29.97 -9.79 22.70
CA GLU F 247 -30.40 -9.66 24.08
C GLU F 247 -30.47 -8.20 24.50
N ILE F 248 -29.45 -7.42 24.15
CA ILE F 248 -29.46 -6.00 24.49
C ILE F 248 -30.61 -5.30 23.78
N HIS F 249 -30.88 -5.68 22.52
CA HIS F 249 -31.98 -5.06 21.80
C HIS F 249 -33.31 -5.37 22.45
N GLN F 250 -33.49 -6.61 22.94
CA GLN F 250 -34.72 -6.95 23.65
C GLN F 250 -34.85 -6.14 24.93
N GLU F 251 -33.75 -5.90 25.63
CA GLU F 251 -33.80 -5.09 26.84
C GLU F 251 -34.27 -3.68 26.51
N LEU F 252 -33.74 -3.09 25.44
CA LEU F 252 -34.19 -1.76 25.04
C LEU F 252 -35.64 -1.79 24.56
N GLU F 253 -36.01 -2.83 23.80
CA GLU F 253 -37.37 -2.87 23.25
C GLU F 253 -38.40 -2.95 24.36
N THR F 254 -38.16 -3.77 25.38
CA THR F 254 -39.07 -3.81 26.52
C THR F 254 -39.07 -2.49 27.27
N ALA F 255 -37.89 -1.91 27.47
CA ALA F 255 -37.82 -0.63 28.17
C ALA F 255 -38.59 0.45 27.41
N ARG F 256 -38.50 0.45 26.08
CA ARG F 256 -39.30 1.37 25.29
C ARG F 256 -40.78 1.08 25.45
N LYS F 257 -41.17 -0.20 25.41
CA LYS F 257 -42.58 -0.54 25.55
C LYS F 257 -43.11 -0.14 26.92
N GLN F 258 -42.34 -0.40 27.97
CA GLN F 258 -42.81 -0.06 29.32
C GLN F 258 -43.05 1.44 29.44
N GLN F 259 -42.11 2.25 28.96
CA GLN F 259 -42.26 3.70 29.03
C GLN F 259 -43.47 4.16 28.23
N GLN F 260 -43.67 3.59 27.04
CA GLN F 260 -44.83 3.96 26.23
C GLN F 260 -46.13 3.65 26.96
N SER F 261 -46.19 2.51 27.63
CA SER F 261 -47.38 2.16 28.41
C SER F 261 -47.57 3.11 29.58
N LEU F 262 -46.49 3.48 30.26
CA LEU F 262 -46.61 4.30 31.46
C LEU F 262 -47.17 5.67 31.15
N GLN F 263 -46.73 6.28 30.06
CA GLN F 263 -47.10 7.67 29.79
C GLN F 263 -48.60 7.89 29.82
N PRO F 264 -49.44 7.04 29.21
CA PRO F 264 -50.88 7.24 29.33
C PRO F 264 -51.36 7.28 30.77
N VAL F 265 -50.76 6.46 31.65
CA VAL F 265 -51.12 6.52 33.07
C VAL F 265 -50.76 7.87 33.66
N ALA F 266 -49.56 8.37 33.35
CA ALA F 266 -49.15 9.66 33.87
C ALA F 266 -50.08 10.77 33.38
N LEU F 267 -50.48 10.70 32.11
CA LEU F 267 -51.45 11.67 31.60
C LEU F 267 -52.77 11.55 32.34
N SER F 268 -53.30 10.33 32.45
CA SER F 268 -54.62 10.16 33.05
C SER F 268 -54.60 10.59 34.51
N TRP F 269 -53.53 10.28 35.23
CA TRP F 269 -53.43 10.69 36.63
C TRP F 269 -53.53 12.19 36.78
N GLU F 270 -52.89 12.94 35.88
CA GLU F 270 -52.97 14.40 35.95
C GLU F 270 -54.40 14.88 35.76
N LYS F 271 -55.13 14.27 34.81
CA LYS F 271 -56.53 14.62 34.61
C LYS F 271 -57.36 14.29 35.85
N TYR F 272 -57.09 13.14 36.47
CA TYR F 272 -57.74 12.80 37.73
C TYR F 272 -57.46 13.86 38.78
N GLN F 273 -56.21 14.29 38.89
CA GLN F 273 -55.85 15.30 39.88
C GLN F 273 -56.63 16.59 39.65
N LYS F 274 -56.79 17.00 38.39
CA LYS F 274 -57.55 18.20 38.09
C LYS F 274 -59.00 18.07 38.54
N GLN F 275 -59.63 16.95 38.20
CA GLN F 275 -61.02 16.75 38.59
C GLN F 275 -61.17 16.67 40.10
N GLU F 276 -60.28 15.95 40.77
CA GLU F 276 -60.41 15.78 42.21
C GLU F 276 -60.33 17.12 42.94
N ARG F 277 -59.40 17.98 42.52
CA ARG F 277 -59.31 19.30 43.15
C ARG F 277 -60.57 20.12 42.90
N GLN F 278 -61.13 20.02 41.70
CA GLN F 278 -62.37 20.73 41.40
C GLN F 278 -63.49 20.28 42.31
N LEU F 279 -63.63 18.96 42.50
CA LEU F 279 -64.63 18.45 43.43
C LEU F 279 -64.34 18.91 44.85
N ALA F 280 -63.07 18.82 45.27
CA ALA F 280 -62.72 19.21 46.64
C ALA F 280 -63.01 20.68 46.88
N ASP F 281 -62.69 21.53 45.91
CA ASP F 281 -63.00 22.95 46.05
C ASP F 281 -64.49 23.19 46.16
N TRP F 282 -65.28 22.41 45.41
CA TRP F 282 -66.74 22.58 45.46
C TRP F 282 -67.27 22.34 46.87
N LEU F 283 -66.78 21.30 47.53
CA LEU F 283 -67.21 20.97 48.88
C LEU F 283 -66.85 22.09 49.85
N GLU F 782 -75.47 18.17 41.05
CA GLU F 782 -74.25 18.92 40.72
C GLU F 782 -73.01 18.10 41.04
N ILE F 783 -72.91 17.65 42.30
CA ILE F 783 -71.75 16.89 42.72
C ILE F 783 -71.70 15.55 42.00
N GLU F 784 -72.87 14.93 41.78
CA GLU F 784 -72.89 13.60 41.18
C GLU F 784 -72.19 13.60 39.84
N ARG F 785 -72.33 14.67 39.06
CA ARG F 785 -71.64 14.74 37.77
C ARG F 785 -70.14 14.69 37.95
N VAL F 786 -69.60 15.40 38.94
CA VAL F 786 -68.17 15.34 39.22
C VAL F 786 -67.78 13.92 39.60
N LYS F 787 -68.57 13.28 40.48
CA LYS F 787 -68.24 11.92 40.91
C LYS F 787 -68.26 10.96 39.73
N ALA F 788 -69.23 11.11 38.83
CA ALA F 788 -69.26 10.28 37.63
C ALA F 788 -68.02 10.52 36.78
N GLU F 789 -67.62 11.78 36.63
CA GLU F 789 -66.38 12.06 35.91
C GLU F 789 -65.19 11.41 36.59
N LEU F 790 -65.15 11.45 37.93
CA LEU F 790 -64.13 10.72 38.66
C LEU F 790 -64.28 9.22 38.45
N HIS F 791 -65.52 8.74 38.40
CA HIS F 791 -65.75 7.33 38.09
C HIS F 791 -65.22 6.98 36.71
N ARG F 792 -65.48 7.83 35.73
CA ARG F 792 -64.95 7.59 34.39
C ARG F 792 -63.43 7.65 34.39
N LEU F 793 -62.86 8.66 35.04
CA LEU F 793 -61.40 8.80 35.05
C LEU F 793 -60.75 7.63 35.77
N ASN F 794 -61.28 7.24 36.94
CA ASN F 794 -60.70 6.10 37.65
C ASN F 794 -60.78 4.84 36.80
N ILE F 795 -61.83 4.71 36.00
CA ILE F 795 -61.93 3.56 35.10
C ILE F 795 -60.77 3.55 34.13
N GLU F 796 -60.52 4.70 33.47
CA GLU F 796 -59.39 4.79 32.56
C GLU F 796 -58.09 4.59 33.31
N LEU F 797 -57.99 5.10 34.54
CA LEU F 797 -56.76 4.93 35.31
C LEU F 797 -56.41 3.45 35.45
N THR F 798 -57.37 2.64 35.92
CA THR F 798 -57.07 1.24 36.17
C THR F 798 -56.77 0.49 34.88
N LYS F 799 -57.49 0.81 33.80
CA LYS F 799 -57.20 0.20 32.52
C LYS F 799 -55.79 0.51 32.07
N ARG F 800 -55.38 1.78 32.19
CA ARG F 800 -53.99 2.13 31.92
C ARG F 800 -53.05 1.41 32.87
N MET F 801 -53.42 1.32 34.15
CA MET F 801 -52.59 0.62 35.12
C MET F 801 -52.39 -0.84 34.73
N SER F 802 -53.47 -1.50 34.29
CA SER F 802 -53.37 -2.90 33.90
C SER F 802 -52.44 -3.05 32.69
N GLU F 803 -52.57 -2.17 31.70
CA GLU F 803 -51.70 -2.24 30.54
C GLU F 803 -50.24 -2.02 30.94
N ALA F 804 -50.00 -1.09 31.87
CA ALA F 804 -48.64 -0.90 32.37
C ALA F 804 -48.13 -2.15 33.07
N LYS F 805 -48.98 -2.80 33.87
CA LYS F 805 -48.60 -4.07 34.46
C LYS F 805 -48.49 -5.15 33.39
N ARG F 806 -49.17 -4.96 32.26
CA ARG F 806 -49.17 -5.97 31.21
C ARG F 806 -47.76 -6.22 30.69
N VAL F 807 -47.05 -5.16 30.31
CA VAL F 807 -45.77 -5.29 29.63
C VAL F 807 -44.62 -5.14 30.62
N ASP F 808 -44.94 -5.03 31.89
CA ASP F 808 -43.90 -4.88 32.90
C ASP F 808 -43.18 -6.20 33.14
N THR F 809 -41.91 -6.08 33.51
CA THR F 809 -41.04 -7.24 33.71
C THR F 809 -40.27 -7.04 35.02
N GLY F 810 -41.00 -6.73 36.09
CA GLY F 810 -40.33 -6.43 37.34
C GLY F 810 -40.91 -5.27 38.13
N ALA F 811 -40.14 -4.19 38.25
CA ALA F 811 -40.35 -3.13 39.24
C ALA F 811 -41.81 -2.88 39.57
N LEU F 812 -42.68 -2.86 38.55
CA LEU F 812 -44.10 -2.61 38.81
C LEU F 812 -44.81 -3.83 39.38
N VAL F 813 -44.11 -4.96 39.57
CA VAL F 813 -44.76 -6.16 40.07
C VAL F 813 -45.23 -5.96 41.51
N GLU F 814 -44.46 -5.24 42.32
CA GLU F 814 -44.83 -5.06 43.72
C GLU F 814 -46.17 -4.33 43.85
N ALA F 815 -46.35 -3.27 43.06
CA ALA F 815 -47.53 -2.44 43.17
C ALA F 815 -48.74 -3.13 42.53
N GLY F 816 -49.90 -2.47 42.62
CA GLY F 816 -51.11 -2.97 42.03
C GLY F 816 -51.81 -1.89 41.20
N ALA F 817 -52.84 -2.33 40.49
CA ALA F 817 -53.60 -1.44 39.61
C ALA F 817 -54.69 -0.70 40.40
N ASP F 818 -54.25 0.12 41.34
CA ASP F 818 -55.14 0.88 42.20
C ASP F 818 -54.63 2.30 42.33
N LEU F 819 -55.54 3.22 42.66
CA LEU F 819 -55.18 4.64 42.73
C LEU F 819 -54.05 4.89 43.73
N ASP F 820 -54.04 4.16 44.85
CA ASP F 820 -52.99 4.35 45.84
C ASP F 820 -51.61 3.96 45.31
N ASP F 821 -51.55 3.25 44.20
CA ASP F 821 -50.29 2.84 43.59
C ASP F 821 -49.81 3.79 42.51
N ILE F 822 -50.46 4.95 42.35
CA ILE F 822 -50.01 5.91 41.35
C ILE F 822 -48.58 6.35 41.58
N PRO F 823 -48.16 6.72 42.80
CA PRO F 823 -46.80 7.23 42.99
C PRO F 823 -45.72 6.26 42.54
N VAL F 824 -45.96 4.95 42.64
CA VAL F 824 -44.95 3.98 42.21
C VAL F 824 -44.84 3.99 40.69
N TYR F 825 -45.98 4.07 39.99
CA TYR F 825 -45.94 4.12 38.54
C TYR F 825 -45.28 5.40 38.04
N LEU F 826 -45.64 6.53 38.64
CA LEU F 826 -45.06 7.81 38.22
C LEU F 826 -43.55 7.83 38.43
N GLN F 827 -43.10 7.26 39.54
CA GLN F 827 -41.66 7.20 39.80
C GLN F 827 -40.96 6.39 38.72
N ARG F 828 -41.56 5.27 38.31
CA ARG F 828 -40.94 4.43 37.28
C ARG F 828 -40.80 5.21 35.98
N LEU F 829 -41.84 5.96 35.60
CA LEU F 829 -41.78 6.73 34.37
C LEU F 829 -40.60 7.71 34.39
N GLN F 830 -40.41 8.39 35.53
CA GLN F 830 -39.26 9.27 35.66
C GLN F 830 -37.96 8.50 35.63
N GLU F 831 -37.93 7.33 36.28
CA GLU F 831 -36.72 6.52 36.31
C GLU F 831 -36.35 6.00 34.93
N LEU F 832 -37.35 5.74 34.09
CA LEU F 832 -37.08 5.24 32.74
C LEU F 832 -36.60 6.35 31.82
N THR F 833 -37.35 7.45 31.78
CA THR F 833 -36.96 8.56 30.90
C THR F 833 -35.61 9.13 31.28
N GLU F 834 -35.26 9.09 32.56
CA GLU F 834 -33.98 9.60 33.04
C GLU F 834 -32.81 8.69 32.77
N GLU F 835 -32.82 7.49 33.31
CA GLU F 835 -31.60 6.68 33.37
C GLU F 835 -31.75 5.33 32.71
N ALA F 836 -32.90 4.68 32.84
CA ALA F 836 -33.06 3.35 32.27
C ALA F 836 -32.95 3.40 30.74
N LEU F 837 -33.84 4.14 30.09
CA LEU F 837 -33.82 4.19 28.63
C LEU F 837 -32.51 4.73 28.08
N PRO F 838 -31.99 5.87 28.55
CA PRO F 838 -30.73 6.38 28.00
C PRO F 838 -29.58 5.39 28.11
N GLU F 839 -29.48 4.71 29.25
CA GLU F 839 -28.42 3.73 29.43
C GLU F 839 -28.58 2.57 28.47
N LYS F 840 -29.80 2.06 28.34
CA LYS F 840 -30.06 0.98 27.40
C LYS F 840 -29.76 1.42 25.96
N LEU F 841 -30.27 2.60 25.58
CA LEU F 841 -30.07 3.07 24.22
C LEU F 841 -28.59 3.25 23.92
N ASN F 842 -27.85 3.83 24.86
CA ASN F 842 -26.41 3.99 24.68
C ASN F 842 -25.73 2.62 24.59
N ARG F 843 -26.15 1.68 25.43
CA ARG F 843 -25.58 0.34 25.38
C ARG F 843 -25.86 -0.33 24.05
N PHE F 844 -27.09 -0.20 23.56
CA PHE F 844 -27.46 -0.85 22.31
C PHE F 844 -26.67 -0.28 21.14
N LEU F 845 -26.66 1.04 21.01
CA LEU F 845 -25.94 1.67 19.90
C LEU F 845 -24.45 1.37 19.95
N ASP F 846 -23.90 1.12 21.15
CA ASP F 846 -22.50 0.75 21.24
C ASP F 846 -22.28 -0.66 20.72
N TYR F 847 -23.08 -1.63 21.20
CA TYR F 847 -22.88 -3.00 20.77
C TYR F 847 -23.28 -3.20 19.32
N LEU F 848 -24.16 -2.36 18.78
CA LEU F 848 -24.49 -2.46 17.37
C LEU F 848 -23.26 -2.19 16.50
N ASN F 849 -22.52 -1.14 16.82
CA ASN F 849 -21.32 -0.85 16.04
C ASN F 849 -20.19 -1.83 16.34
N ARG F 850 -20.23 -2.48 17.50
CA ARG F 850 -19.28 -3.54 17.81
C ARG F 850 -19.45 -4.75 16.92
N SER F 851 -20.68 -5.03 16.45
CA SER F 851 -20.96 -6.17 15.57
C SER F 851 -21.51 -5.60 14.26
N SER F 852 -20.59 -5.25 13.36
CA SER F 852 -20.90 -4.64 12.08
C SER F 852 -19.66 -3.91 11.59
N ASP F 853 -19.22 -2.90 12.34
CA ASP F 853 -17.93 -2.28 12.09
C ASP F 853 -16.77 -3.08 12.66
N ASP F 854 -17.05 -4.05 13.53
CA ASP F 854 -16.02 -4.92 14.08
C ASP F 854 -16.32 -6.40 13.84
N GLY F 855 -17.40 -6.71 13.14
CA GLY F 855 -17.74 -8.08 12.79
C GLY F 855 -18.66 -8.07 11.60
N VAL F 856 -18.88 -9.26 11.04
CA VAL F 856 -19.72 -9.40 9.86
C VAL F 856 -19.07 -8.70 8.69
N THR F 857 -19.05 -7.36 8.71
CA THR F 857 -18.43 -6.62 7.62
C THR F 857 -16.94 -6.90 7.55
N GLN F 858 -16.27 -6.94 8.70
CA GLN F 858 -14.85 -7.31 8.71
C GLN F 858 -14.67 -8.76 8.26
N LEU F 859 -15.55 -9.66 8.72
CA LEU F 859 -15.46 -11.04 8.29
C LEU F 859 -15.70 -11.17 6.79
N LEU F 860 -16.70 -10.48 6.28
CA LEU F 860 -16.97 -10.52 4.85
C LEU F 860 -15.83 -9.89 4.05
N SER F 861 -15.30 -8.77 4.55
CA SER F 861 -14.17 -8.14 3.87
C SER F 861 -12.94 -9.03 3.91
N HIS F 862 -12.71 -9.70 5.04
CA HIS F 862 -11.56 -10.60 5.15
C HIS F 862 -11.65 -11.72 4.13
N ILE F 863 -12.83 -12.31 3.95
CA ILE F 863 -12.98 -13.37 2.96
C ILE F 863 -12.71 -12.83 1.56
N GLU F 864 -13.28 -11.68 1.24
CA GLU F 864 -13.06 -11.10 -0.09
C GLU F 864 -11.58 -10.76 -0.29
N HIS F 865 -10.91 -10.29 0.77
CA HIS F 865 -9.48 -10.04 0.67
C HIS F 865 -8.73 -11.34 0.38
N GLU F 866 -9.12 -12.44 1.02
CA GLU F 866 -8.42 -13.70 0.79
C GLU F 866 -8.54 -14.14 -0.66
N VAL F 867 -9.73 -14.02 -1.25
CA VAL F 867 -9.90 -14.39 -2.65
C VAL F 867 -8.97 -13.56 -3.52
N LEU F 868 -8.82 -12.27 -3.20
CA LEU F 868 -7.91 -11.42 -3.95
C LEU F 868 -6.48 -11.95 -3.86
N VAL F 869 -6.08 -12.43 -2.68
CA VAL F 869 -4.74 -12.99 -2.53
C VAL F 869 -4.57 -14.22 -3.43
N ILE F 870 -5.59 -15.10 -3.44
CA ILE F 870 -5.49 -16.30 -4.25
C ILE F 870 -5.41 -15.96 -5.73
N GLU F 871 -6.22 -15.01 -6.17
CA GLU F 871 -6.16 -14.57 -7.56
C GLU F 871 -4.78 -14.03 -7.90
N GLU F 872 -4.19 -13.27 -6.98
CA GLU F 872 -2.83 -12.78 -7.19
C GLU F 872 -1.83 -13.93 -7.20
N ARG F 873 -1.99 -14.90 -6.30
CA ARG F 873 -1.06 -16.02 -6.27
C ARG F 873 -1.11 -16.82 -7.56
N LEU F 874 -2.31 -17.12 -8.05
CA LEU F 874 -2.42 -17.83 -9.32
C LEU F 874 -1.83 -17.01 -10.45
N ASN F 875 -2.09 -15.70 -10.45
CA ASN F 875 -1.53 -14.84 -11.50
C ASN F 875 -0.01 -14.90 -11.46
N GLU F 876 0.58 -14.83 -10.27
CA GLU F 876 2.03 -14.89 -10.15
C GLU F 876 2.57 -16.31 -10.23
N LEU F 877 1.70 -17.32 -10.25
CA LEU F 877 2.15 -18.68 -10.50
C LEU F 877 2.19 -18.98 -11.99
N ASN F 878 1.38 -18.27 -12.79
CA ASN F 878 1.41 -18.47 -14.24
C ASN F 878 2.78 -18.15 -14.81
N GLU F 879 3.41 -17.08 -14.33
CA GLU F 879 4.71 -16.69 -14.87
C GLU F 879 5.75 -17.77 -14.63
N THR F 880 5.67 -18.46 -13.49
CA THR F 880 6.60 -19.57 -13.24
C THR F 880 6.38 -20.71 -14.23
N MET F 881 5.13 -21.06 -14.53
CA MET F 881 4.86 -22.12 -15.49
C MET F 881 5.18 -21.69 -16.91
N PHE F 882 5.10 -20.40 -17.21
CA PHE F 882 5.40 -19.93 -18.56
C PHE F 882 6.85 -20.19 -18.94
N ARG F 883 7.71 -20.45 -17.96
CA ARG F 883 9.11 -20.78 -18.21
C ARG F 883 9.34 -22.26 -18.49
N VAL F 884 8.32 -23.09 -18.36
CA VAL F 884 8.43 -24.53 -18.55
C VAL F 884 7.38 -24.99 -19.54
N ASP F 885 7.79 -25.85 -20.47
CA ASP F 885 6.90 -26.33 -21.53
C ASP F 885 6.17 -27.57 -21.06
N PHE F 886 4.85 -27.46 -20.92
CA PHE F 886 4.03 -28.64 -20.64
C PHE F 886 4.27 -29.71 -21.69
N GLN F 887 3.96 -29.38 -22.94
CA GLN F 887 4.34 -30.19 -24.08
C GLN F 887 5.65 -29.66 -24.61
N PRO F 888 6.29 -30.34 -25.58
CA PRO F 888 7.53 -29.80 -26.15
C PRO F 888 7.52 -28.29 -26.34
N ASP F 889 6.45 -27.71 -26.89
CA ASP F 889 6.42 -26.26 -27.11
C ASP F 889 5.06 -25.65 -26.80
N ARG F 890 4.36 -26.17 -25.79
CA ARG F 890 3.00 -25.72 -25.49
C ARG F 890 2.92 -24.83 -24.25
N TYR F 891 3.48 -25.28 -23.13
CA TYR F 891 3.40 -24.59 -21.84
C TYR F 891 1.94 -24.46 -21.41
N LEU F 892 1.71 -24.20 -20.12
CA LEU F 892 0.38 -24.26 -19.54
C LEU F 892 0.09 -22.97 -18.78
N ARG F 893 -1.18 -22.57 -18.74
CA ARG F 893 -1.62 -21.37 -18.05
C ARG F 893 -2.85 -21.67 -17.22
N LEU F 894 -3.22 -20.73 -16.35
CA LEU F 894 -4.31 -20.91 -15.40
C LEU F 894 -5.31 -19.76 -15.52
N ASP F 895 -6.58 -20.10 -15.28
CA ASP F 895 -7.66 -19.13 -15.24
C ASP F 895 -8.48 -19.37 -13.98
N THR F 896 -8.91 -18.29 -13.33
CA THR F 896 -9.58 -18.41 -12.05
C THR F 896 -11.10 -18.45 -12.21
N LYS F 897 -11.69 -17.39 -12.76
CA LYS F 897 -13.13 -17.29 -12.88
C LYS F 897 -13.77 -17.19 -11.51
N LYS F 898 -15.08 -16.93 -11.45
CA LYS F 898 -15.78 -16.74 -10.20
C LYS F 898 -16.96 -17.70 -10.11
N VAL F 899 -17.25 -18.15 -8.89
CA VAL F 899 -18.36 -19.04 -8.65
C VAL F 899 -19.67 -18.25 -8.70
N VAL F 900 -20.70 -18.88 -9.25
CA VAL F 900 -22.00 -18.22 -9.41
C VAL F 900 -23.03 -18.93 -8.56
N HIS F 901 -22.59 -19.50 -7.44
CA HIS F 901 -23.50 -20.20 -6.55
C HIS F 901 -24.60 -19.28 -6.06
N GLU F 902 -25.79 -19.83 -5.87
CA GLU F 902 -26.92 -19.02 -5.46
C GLU F 902 -26.71 -18.42 -4.08
N SER F 903 -26.04 -19.16 -3.18
CA SER F 903 -25.84 -18.66 -1.83
C SER F 903 -25.09 -17.34 -1.83
N LEU F 904 -24.07 -17.21 -2.69
CA LEU F 904 -23.35 -15.95 -2.78
C LEU F 904 -24.27 -14.82 -3.21
N ARG F 905 -25.13 -15.07 -4.20
CA ARG F 905 -26.05 -14.03 -4.64
C ARG F 905 -26.99 -13.62 -3.52
N THR F 906 -27.43 -14.58 -2.70
CA THR F 906 -28.24 -14.23 -1.55
C THR F 906 -27.45 -13.38 -0.56
N LEU F 907 -26.15 -13.62 -0.45
CA LEU F 907 -25.31 -12.80 0.40
C LEU F 907 -25.21 -11.36 -0.12
N GLU F 908 -25.00 -11.20 -1.42
CA GLU F 908 -24.84 -9.86 -1.96
C GLU F 908 -26.11 -9.03 -1.76
N LYS F 909 -27.27 -9.65 -1.89
CA LYS F 909 -28.51 -8.95 -1.60
C LYS F 909 -28.56 -8.52 -0.13
N ALA F 910 -28.16 -9.42 0.77
CA ALA F 910 -28.17 -9.09 2.18
C ALA F 910 -27.20 -7.96 2.49
N GLN F 911 -26.00 -7.99 1.91
CA GLN F 911 -25.04 -6.93 2.13
C GLN F 911 -25.57 -5.59 1.62
N ARG F 912 -26.22 -5.60 0.45
CA ARG F 912 -26.78 -4.37 -0.07
C ARG F 912 -27.84 -3.81 0.88
N GLN F 913 -28.65 -4.68 1.46
CA GLN F 913 -29.66 -4.23 2.42
C GLN F 913 -29.00 -3.64 3.66
N LEU F 914 -27.93 -4.27 4.13
CA LEU F 914 -27.23 -3.74 5.30
C LEU F 914 -26.66 -2.36 5.00
N ASN F 915 -26.05 -2.18 3.84
CA ASN F 915 -25.50 -0.87 3.48
C ASN F 915 -26.59 0.18 3.39
N ALA F 916 -27.72 -0.16 2.78
CA ALA F 916 -28.81 0.80 2.68
C ALA F 916 -29.42 1.09 4.05
N ALA F 917 -29.40 0.11 4.95
CA ALA F 917 -30.00 0.30 6.26
C ALA F 917 -29.17 1.24 7.12
N ARG F 918 -27.86 1.31 6.88
CA ARG F 918 -27.00 2.14 7.71
C ARG F 918 -27.31 3.62 7.60
N PHE F 919 -28.07 4.02 6.58
CA PHE F 919 -28.39 5.43 6.38
C PHE F 919 -29.75 5.83 6.92
N VAL F 920 -30.48 4.90 7.51
CA VAL F 920 -31.82 5.18 8.03
C VAL F 920 -31.69 5.77 9.42
N ASP F 921 -32.53 6.76 9.72
CA ASP F 921 -32.52 7.43 11.02
C ASP F 921 -33.69 6.84 11.81
N ASP F 922 -33.43 5.71 12.47
CA ASP F 922 -34.44 5.09 13.33
C ASP F 922 -33.82 4.53 14.60
N ASN F 923 -32.70 5.09 15.04
CA ASN F 923 -32.01 4.62 16.25
C ASN F 923 -31.51 3.19 16.09
N GLY F 924 -30.89 2.90 14.95
CA GLY F 924 -30.32 1.59 14.71
C GLY F 924 -31.34 0.47 14.73
N GLU F 925 -32.55 0.72 14.25
CA GLU F 925 -33.57 -0.32 14.18
C GLU F 925 -33.51 -1.06 12.85
N SER F 926 -33.45 -0.32 11.74
CA SER F 926 -33.31 -0.96 10.44
C SER F 926 -31.92 -1.57 10.28
N HIS F 927 -30.89 -0.90 10.81
CA HIS F 927 -29.55 -1.44 10.75
C HIS F 927 -29.46 -2.75 11.52
N TYR F 928 -30.13 -2.83 12.67
CA TYR F 928 -30.14 -4.07 13.42
C TYR F 928 -30.86 -5.18 12.65
N LYS F 929 -32.02 -4.88 12.08
CA LYS F 929 -32.75 -5.89 11.34
C LYS F 929 -31.93 -6.42 10.18
N ALA F 930 -31.33 -5.52 9.39
CA ALA F 930 -30.54 -5.97 8.25
C ALA F 930 -29.34 -6.80 8.69
N LEU F 931 -28.72 -6.43 9.82
CA LEU F 931 -27.61 -7.22 10.33
C LEU F 931 -28.09 -8.59 10.81
N GLN F 932 -29.30 -8.65 11.37
CA GLN F 932 -29.83 -9.92 11.84
C GLN F 932 -29.95 -10.92 10.69
N VAL F 933 -30.43 -10.47 9.53
CA VAL F 933 -30.55 -11.36 8.38
C VAL F 933 -29.17 -11.85 7.97
N LEU F 934 -28.19 -10.95 7.94
CA LEU F 934 -26.85 -11.33 7.50
C LEU F 934 -26.24 -12.37 8.44
N VAL F 935 -26.38 -12.16 9.75
CA VAL F 935 -25.81 -13.13 10.69
C VAL F 935 -26.54 -14.46 10.62
N ALA F 936 -27.86 -14.43 10.41
CA ALA F 936 -28.59 -15.68 10.24
C ALA F 936 -28.03 -16.48 9.07
N GLN F 937 -27.71 -15.79 7.97
CA GLN F 937 -27.10 -16.46 6.84
C GLN F 937 -25.77 -17.09 7.24
N LEU F 938 -25.01 -16.40 8.09
CA LEU F 938 -23.71 -16.94 8.52
C LEU F 938 -23.90 -18.20 9.35
N ARG F 939 -24.82 -18.18 10.31
CA ARG F 939 -25.04 -19.37 11.14
C ARG F 939 -25.58 -20.52 10.30
N ASP F 940 -26.53 -20.24 9.41
CA ASP F 940 -27.06 -21.28 8.54
C ASP F 940 -25.93 -22.02 7.84
N ALA F 941 -25.01 -21.27 7.23
CA ALA F 941 -23.85 -21.89 6.60
C ALA F 941 -22.97 -22.58 7.62
N CYS F 942 -22.80 -21.99 8.79
CA CYS F 942 -21.95 -22.59 9.81
C CYS F 942 -22.51 -23.93 10.28
N GLU F 943 -23.82 -24.03 10.44
CA GLU F 943 -24.44 -25.29 10.87
C GLU F 943 -24.21 -26.38 9.83
N ARG F 944 -24.39 -26.06 8.56
CA ARG F 944 -24.13 -27.00 7.47
C ARG F 944 -22.76 -26.70 6.87
N ASN F 945 -21.73 -27.01 7.66
CA ASN F 945 -20.38 -26.55 7.31
C ASN F 945 -19.75 -27.32 6.17
N ARG F 946 -20.46 -28.12 5.38
CA ARG F 946 -19.84 -28.77 4.23
C ARG F 946 -20.72 -28.72 2.98
N THR F 947 -21.87 -28.06 3.02
CA THR F 947 -22.65 -27.89 1.82
C THR F 947 -21.92 -26.96 0.84
N LEU F 948 -22.07 -27.24 -0.45
CA LEU F 948 -21.40 -26.43 -1.46
C LEU F 948 -21.75 -24.96 -1.29
N GLY F 949 -23.01 -24.66 -0.96
CA GLY F 949 -23.39 -23.28 -0.71
C GLY F 949 -22.71 -22.70 0.51
N ALA F 950 -22.62 -23.51 1.57
CA ALA F 950 -21.96 -23.04 2.80
C ALA F 950 -20.47 -22.82 2.59
N LYS F 951 -19.81 -23.74 1.88
CA LYS F 951 -18.38 -23.61 1.67
C LYS F 951 -18.06 -22.36 0.85
N ALA F 952 -18.82 -22.12 -0.22
CA ALA F 952 -18.55 -20.97 -1.07
C ALA F 952 -18.73 -19.67 -0.29
N LEU F 953 -19.59 -19.67 0.71
CA LEU F 953 -19.87 -18.45 1.45
C LEU F 953 -18.72 -18.10 2.39
N LEU F 954 -18.13 -19.10 3.04
CA LEU F 954 -17.20 -18.86 4.13
C LEU F 954 -15.82 -19.44 3.89
N ASP F 955 -15.51 -19.87 2.66
CA ASP F 955 -14.20 -20.43 2.36
C ASP F 955 -13.55 -19.63 1.24
N PRO F 956 -12.38 -19.03 1.46
CA PRO F 956 -11.78 -18.21 0.40
C PRO F 956 -11.55 -18.95 -0.90
N ARG F 957 -11.13 -20.21 -0.84
CA ARG F 957 -10.78 -20.97 -2.03
C ARG F 957 -11.98 -21.68 -2.64
N PHE F 958 -13.19 -21.29 -2.27
CA PHE F 958 -14.40 -21.86 -2.84
C PHE F 958 -15.26 -20.84 -3.55
N ARG F 959 -14.95 -19.55 -3.46
CA ARG F 959 -15.71 -18.53 -4.15
C ARG F 959 -15.30 -18.39 -5.62
N LEU F 960 -14.22 -19.02 -6.03
CA LEU F 960 -13.76 -18.92 -7.41
C LEU F 960 -13.44 -20.30 -7.94
N GLU F 961 -13.73 -20.51 -9.22
CA GLU F 961 -13.49 -21.79 -9.88
C GLU F 961 -12.01 -21.91 -10.22
N PHE F 962 -11.65 -22.99 -10.90
CA PHE F 962 -10.28 -23.19 -11.35
C PHE F 962 -10.31 -23.88 -12.70
N ALA F 963 -9.38 -23.52 -13.57
CA ALA F 963 -9.34 -24.07 -14.92
C ALA F 963 -7.91 -23.98 -15.45
N VAL F 964 -7.51 -25.02 -16.16
CA VAL F 964 -6.19 -25.08 -16.77
C VAL F 964 -6.35 -24.91 -18.28
N SER F 965 -5.40 -24.21 -18.88
CA SER F 965 -5.42 -23.97 -20.31
C SER F 965 -4.03 -24.20 -20.87
N VAL F 966 -3.92 -25.05 -21.88
CA VAL F 966 -2.66 -25.29 -22.57
C VAL F 966 -2.63 -24.42 -23.82
N MET F 967 -1.53 -23.71 -24.02
CA MET F 967 -1.37 -22.79 -25.13
C MET F 967 -0.20 -23.20 -26.00
N ASP F 968 0.15 -22.34 -26.96
CA ASP F 968 1.30 -22.53 -27.82
C ASP F 968 2.40 -21.58 -27.40
N ARG F 969 3.65 -22.05 -27.47
CA ARG F 969 4.78 -21.23 -27.02
C ARG F 969 4.86 -19.92 -27.79
N GLN F 970 4.67 -19.98 -29.10
CA GLN F 970 4.70 -18.77 -29.93
C GLN F 970 3.29 -18.25 -30.23
N SER F 971 2.35 -19.15 -30.52
CA SER F 971 0.98 -18.76 -30.79
C SER F 971 0.22 -18.66 -29.47
N GLY F 972 -0.15 -17.44 -29.08
CA GLY F 972 -0.73 -17.22 -27.77
C GLY F 972 -2.15 -17.69 -27.62
N ASN F 973 -2.82 -18.04 -28.71
CA ASN F 973 -4.21 -18.47 -28.62
C ASN F 973 -4.30 -19.79 -27.85
N VAL F 974 -5.32 -19.90 -26.99
CA VAL F 974 -5.55 -21.15 -26.28
C VAL F 974 -5.78 -22.26 -27.30
N ILE F 975 -5.15 -23.41 -27.08
CA ILE F 975 -5.27 -24.53 -28.00
C ILE F 975 -6.19 -25.58 -27.41
N GLU F 976 -6.25 -25.64 -26.08
CA GLU F 976 -7.10 -26.60 -25.39
C GLU F 976 -7.37 -26.07 -23.99
N SER F 977 -8.57 -25.57 -23.76
CA SER F 977 -8.93 -24.92 -22.51
C SER F 977 -9.85 -25.83 -21.71
N ARG F 978 -9.34 -26.38 -20.61
CA ARG F 978 -10.13 -27.19 -19.70
C ARG F 978 -10.75 -26.26 -18.65
N THR F 979 -11.81 -25.57 -19.07
CA THR F 979 -12.53 -24.64 -18.20
C THR F 979 -13.33 -25.43 -17.17
N GLY F 980 -12.59 -26.14 -16.31
CA GLY F 980 -13.16 -27.11 -15.41
C GLY F 980 -13.40 -28.40 -16.17
N SER F 981 -14.49 -28.45 -16.95
CA SER F 981 -14.64 -29.38 -18.06
C SER F 981 -13.96 -30.71 -17.79
N GLN F 982 -14.36 -31.41 -16.73
CA GLN F 982 -13.59 -32.56 -16.26
C GLN F 982 -13.09 -33.41 -17.42
N GLY F 983 -14.00 -34.08 -18.11
CA GLY F 983 -13.74 -34.60 -19.45
C GLY F 983 -12.34 -35.09 -19.71
N GLY F 984 -11.82 -35.99 -18.88
CA GLY F 984 -10.46 -36.43 -19.04
C GLY F 984 -10.24 -37.81 -18.46
N SER F 985 -9.33 -38.54 -19.08
CA SER F 985 -9.01 -39.89 -18.61
C SER F 985 -8.20 -39.81 -17.32
N GLY F 986 -8.10 -40.96 -16.64
CA GLY F 986 -7.38 -40.99 -15.39
C GLY F 986 -5.96 -40.51 -15.52
N GLY F 987 -5.28 -40.90 -16.59
CA GLY F 987 -3.93 -40.46 -16.83
C GLY F 987 -3.83 -38.98 -17.11
N GLU F 988 -4.76 -38.44 -17.90
CA GLU F 988 -4.70 -37.03 -18.24
C GLU F 988 -4.82 -36.15 -17.00
N LYS F 989 -5.78 -36.46 -16.13
CA LYS F 989 -5.92 -35.70 -14.90
C LYS F 989 -4.68 -35.84 -14.02
N GLU F 990 -4.14 -37.05 -13.92
CA GLU F 990 -2.91 -37.25 -13.16
C GLU F 990 -1.76 -36.46 -13.78
N ILE F 991 -1.76 -36.29 -15.09
CA ILE F 991 -0.73 -35.49 -15.73
C ILE F 991 -0.89 -34.03 -15.35
N ILE F 992 -2.11 -33.50 -15.43
CA ILE F 992 -2.34 -32.10 -15.10
C ILE F 992 -2.03 -31.84 -13.64
N ALA F 993 -2.54 -32.69 -12.75
CA ALA F 993 -2.35 -32.47 -11.32
C ALA F 993 -0.89 -32.56 -10.92
N SER F 994 -0.17 -33.57 -11.42
CA SER F 994 1.24 -33.71 -11.08
C SER F 994 2.04 -32.50 -11.56
N TYR F 995 1.69 -31.98 -12.74
CA TYR F 995 2.38 -30.80 -13.26
C TYR F 995 2.01 -29.56 -12.46
N VAL F 996 0.72 -29.38 -12.18
CA VAL F 996 0.28 -28.18 -11.46
C VAL F 996 0.88 -28.14 -10.06
N LEU F 997 0.89 -29.28 -9.36
CA LEU F 997 1.55 -29.33 -8.06
C LEU F 997 3.02 -28.99 -8.18
N THR F 998 3.70 -29.55 -9.18
CA THR F 998 5.12 -29.27 -9.35
C THR F 998 5.37 -27.77 -9.51
N ALA F 999 4.56 -27.11 -10.33
CA ALA F 999 4.68 -25.66 -10.46
C ALA F 999 4.40 -24.97 -9.14
N SER F 1000 3.37 -25.41 -8.41
CA SER F 1000 3.07 -24.82 -7.12
C SER F 1000 4.20 -25.02 -6.13
N LEU F 1001 4.78 -26.22 -6.09
CA LEU F 1001 5.89 -26.48 -5.18
C LEU F 1001 7.10 -25.61 -5.54
N SER F 1002 7.41 -25.49 -6.83
CA SER F 1002 8.55 -24.68 -7.23
C SER F 1002 8.37 -23.23 -6.79
N TYR F 1003 7.18 -22.68 -7.01
CA TYR F 1003 6.94 -21.28 -6.65
C TYR F 1003 7.03 -21.09 -5.14
N ALA F 1004 6.47 -22.03 -4.38
CA ALA F 1004 6.43 -21.88 -2.93
C ALA F 1004 7.83 -21.89 -2.32
N LEU F 1005 8.70 -22.79 -2.79
CA LEU F 1005 10.03 -22.90 -2.21
C LEU F 1005 10.99 -21.85 -2.74
N CYS F 1006 10.64 -21.13 -3.79
CA CYS F 1006 11.52 -20.12 -4.34
C CYS F 1006 11.42 -18.85 -3.51
N PRO F 1007 12.54 -18.35 -2.96
CA PRO F 1007 12.47 -17.09 -2.22
C PRO F 1007 12.02 -15.95 -3.11
N ALA F 1008 11.30 -15.01 -2.52
CA ALA F 1008 10.73 -13.90 -3.29
C ALA F 1008 11.82 -13.21 -4.10
N GLY F 1009 11.54 -13.01 -5.39
CA GLY F 1009 12.49 -12.39 -6.27
C GLY F 1009 13.57 -13.31 -6.82
N SER F 1010 13.48 -14.61 -6.57
CA SER F 1010 14.44 -15.57 -7.09
C SER F 1010 13.72 -16.70 -7.81
N ARG F 1011 14.31 -17.15 -8.90
CA ARG F 1011 13.73 -18.21 -9.72
C ARG F 1011 14.34 -19.58 -9.44
N TYR F 1012 15.19 -19.71 -8.43
CA TYR F 1012 15.77 -20.98 -8.05
C TYR F 1012 15.43 -21.28 -6.60
N PRO F 1013 14.68 -22.34 -6.31
CA PRO F 1013 14.34 -22.63 -4.91
C PRO F 1013 15.58 -22.91 -4.09
N LEU F 1014 15.54 -22.50 -2.82
CA LEU F 1014 16.64 -22.79 -1.90
C LEU F 1014 16.50 -24.12 -1.20
N PHE F 1015 15.27 -24.59 -0.99
CA PHE F 1015 15.00 -25.91 -0.43
C PHE F 1015 14.59 -26.80 -1.60
N GLY F 1016 15.57 -27.48 -2.19
CA GLY F 1016 15.37 -28.15 -3.44
C GLY F 1016 14.83 -29.56 -3.38
N THR F 1017 14.44 -30.05 -2.21
CA THR F 1017 13.97 -31.42 -2.06
C THR F 1017 12.45 -31.44 -1.93
N ILE F 1018 11.82 -32.33 -2.69
CA ILE F 1018 10.39 -32.59 -2.56
C ILE F 1018 10.18 -34.10 -2.58
N ILE F 1019 9.16 -34.54 -1.86
CA ILE F 1019 8.92 -35.96 -1.66
C ILE F 1019 7.57 -36.31 -2.25
N LEU F 1020 7.55 -37.35 -3.10
CA LEU F 1020 6.34 -37.85 -3.71
C LEU F 1020 6.10 -39.28 -3.25
N ASP F 1021 4.87 -39.57 -2.82
CA ASP F 1021 4.51 -40.88 -2.28
C ASP F 1021 3.44 -41.46 -3.19
N GLU F 1022 3.79 -42.54 -3.90
CA GLU F 1022 2.90 -43.12 -4.92
C GLU F 1022 2.29 -42.03 -5.78
N ALA F 1023 3.15 -41.22 -6.39
CA ALA F 1023 2.68 -40.09 -7.19
C ALA F 1023 1.90 -40.57 -8.42
N PHE F 1024 2.43 -41.56 -9.12
CA PHE F 1024 1.87 -42.00 -10.40
C PHE F 1024 1.32 -43.40 -10.26
N SER F 1025 0.01 -43.53 -10.49
CA SER F 1025 -0.64 -44.84 -10.53
C SER F 1025 -1.64 -44.99 -11.65
N ARG F 1026 -2.16 -43.90 -12.22
CA ARG F 1026 -3.17 -43.96 -13.27
C ARG F 1026 -2.62 -43.60 -14.64
N SER F 1027 -1.31 -43.40 -14.77
CA SER F 1027 -0.70 -42.95 -16.01
C SER F 1027 0.27 -43.99 -16.54
N SER F 1028 0.38 -44.06 -17.86
CA SER F 1028 1.27 -45.01 -18.50
C SER F 1028 2.73 -44.60 -18.26
N HIS F 1029 3.62 -45.58 -18.42
CA HIS F 1029 5.04 -45.32 -18.23
C HIS F 1029 5.56 -44.26 -19.20
N ALA F 1030 4.92 -44.11 -20.36
CA ALA F 1030 5.37 -43.10 -21.31
C ALA F 1030 5.03 -41.68 -20.87
N VAL F 1031 3.87 -41.48 -20.26
CA VAL F 1031 3.51 -40.16 -19.76
C VAL F 1031 4.14 -39.87 -18.40
N ALA F 1032 4.41 -40.90 -17.61
CA ALA F 1032 5.05 -40.69 -16.32
C ALA F 1032 6.43 -40.08 -16.48
N GLY F 1033 7.19 -40.53 -17.48
CA GLY F 1033 8.51 -39.97 -17.69
C GLY F 1033 8.48 -38.49 -17.96
N ARG F 1034 7.43 -38.01 -18.64
CA ARG F 1034 7.32 -36.58 -18.91
C ARG F 1034 7.20 -35.79 -17.62
N ILE F 1035 6.43 -36.29 -16.65
CA ILE F 1035 6.30 -35.59 -15.38
C ILE F 1035 7.65 -35.44 -14.71
N ILE F 1036 8.43 -36.53 -14.68
CA ILE F 1036 9.77 -36.46 -14.10
C ILE F 1036 10.60 -35.44 -14.86
N ALA F 1037 10.42 -35.37 -16.18
CA ALA F 1037 11.11 -34.36 -16.96
C ALA F 1037 10.69 -32.96 -16.52
N ALA F 1038 9.39 -32.74 -16.34
CA ALA F 1038 8.92 -31.43 -15.89
C ALA F 1038 9.43 -31.12 -14.49
N LEU F 1039 9.39 -32.11 -13.59
CA LEU F 1039 9.84 -31.88 -12.22
C LEU F 1039 11.28 -31.41 -12.19
N ARG F 1040 12.17 -32.10 -12.91
CA ARG F 1040 13.58 -31.72 -12.92
C ARG F 1040 13.77 -30.33 -13.49
N GLU F 1041 13.05 -30.02 -14.58
CA GLU F 1041 13.28 -28.74 -15.24
C GLU F 1041 12.83 -27.57 -14.39
N PHE F 1042 11.95 -27.81 -13.41
CA PHE F 1042 11.61 -26.80 -12.42
C PHE F 1042 12.70 -26.57 -11.40
N GLY F 1043 13.75 -27.40 -11.39
CA GLY F 1043 14.83 -27.25 -10.44
C GLY F 1043 14.62 -27.93 -9.12
N LEU F 1044 13.72 -28.91 -9.04
CA LEU F 1044 13.37 -29.55 -7.79
C LEU F 1044 13.98 -30.95 -7.73
N HIS F 1045 14.84 -31.18 -6.75
CA HIS F 1045 15.31 -32.53 -6.47
C HIS F 1045 14.19 -33.34 -5.84
N ALA F 1046 13.95 -34.53 -6.39
CA ALA F 1046 12.79 -35.33 -6.00
C ALA F 1046 13.23 -36.65 -5.41
N VAL F 1047 12.56 -37.06 -4.35
CA VAL F 1047 12.75 -38.36 -3.71
C VAL F 1047 11.42 -39.10 -3.81
N PHE F 1048 11.36 -40.12 -4.63
CA PHE F 1048 10.12 -40.83 -4.90
C PHE F 1048 9.97 -42.06 -4.01
N ILE F 1049 8.78 -42.23 -3.48
CA ILE F 1049 8.39 -43.45 -2.78
C ILE F 1049 7.49 -44.22 -3.73
N THR F 1050 7.99 -45.35 -4.23
CA THR F 1050 7.21 -46.10 -5.20
C THR F 1050 6.78 -47.44 -4.64
N PRO F 1051 5.62 -47.95 -5.04
CA PRO F 1051 5.24 -49.30 -4.64
C PRO F 1051 6.09 -50.33 -5.36
N ASN F 1052 5.83 -51.62 -5.13
CA ASN F 1052 6.60 -52.64 -5.83
C ASN F 1052 6.54 -52.43 -7.33
N LYS F 1053 5.40 -51.98 -7.85
CA LYS F 1053 5.28 -51.63 -9.25
C LYS F 1053 6.09 -50.36 -9.53
N GLU F 1054 6.22 -50.05 -10.82
CA GLU F 1054 6.86 -48.82 -11.28
C GLU F 1054 8.36 -48.77 -10.99
N MET F 1055 8.95 -49.87 -10.51
CA MET F 1055 10.36 -49.82 -10.14
C MET F 1055 11.25 -49.49 -11.33
N ARG F 1056 10.96 -50.04 -12.52
CA ARG F 1056 11.68 -49.59 -13.71
C ARG F 1056 11.12 -48.30 -14.29
N LEU F 1057 9.93 -47.89 -13.88
CA LEU F 1057 9.47 -46.56 -14.30
C LEU F 1057 10.41 -45.49 -13.76
N LEU F 1058 10.81 -45.63 -12.49
CA LEU F 1058 11.74 -44.69 -11.88
C LEU F 1058 13.19 -45.00 -12.21
N ARG F 1059 13.49 -46.22 -12.67
CA ARG F 1059 14.89 -46.59 -12.89
C ARG F 1059 15.55 -45.72 -13.97
N ASP F 1060 14.76 -45.06 -14.80
CA ASP F 1060 15.29 -44.21 -15.86
C ASP F 1060 15.44 -42.76 -15.43
N HIS F 1061 14.97 -42.40 -14.23
CA HIS F 1061 14.99 -41.01 -13.78
C HIS F 1061 15.64 -40.85 -12.42
N THR F 1062 16.24 -41.89 -11.86
CA THR F 1062 16.92 -41.82 -10.58
C THR F 1062 18.20 -42.64 -10.67
N ARG F 1063 19.14 -42.32 -9.79
CA ARG F 1063 20.44 -42.98 -9.80
C ARG F 1063 20.68 -43.87 -8.58
N SER F 1064 19.80 -43.82 -7.58
CA SER F 1064 19.98 -44.62 -6.38
C SER F 1064 18.63 -44.88 -5.76
N ALA F 1065 18.59 -45.84 -4.84
CA ALA F 1065 17.34 -46.21 -4.20
C ALA F 1065 17.60 -46.66 -2.77
N ILE F 1066 16.67 -46.35 -1.89
CA ILE F 1066 16.68 -46.83 -0.51
C ILE F 1066 15.75 -48.04 -0.45
N VAL F 1067 16.29 -49.18 -0.07
CA VAL F 1067 15.52 -50.42 -0.01
C VAL F 1067 15.01 -50.62 1.41
N VAL F 1068 13.69 -50.59 1.57
CA VAL F 1068 13.05 -50.74 2.86
C VAL F 1068 12.45 -52.13 2.94
N HIS F 1069 13.03 -52.98 3.78
CA HIS F 1069 12.55 -54.34 3.97
C HIS F 1069 12.29 -54.59 5.44
N ARG F 1070 11.15 -55.18 5.75
CA ARG F 1070 10.80 -55.51 7.13
C ARG F 1070 11.26 -56.93 7.44
N ARG F 1071 11.80 -57.12 8.64
CA ARG F 1071 12.30 -58.42 9.06
C ARG F 1071 11.58 -58.89 10.33
N GLY F 1072 10.25 -58.75 10.34
CA GLY F 1072 9.48 -59.06 11.53
C GLY F 1072 8.90 -57.81 12.14
N GLN F 1073 9.46 -57.39 13.28
CA GLN F 1073 9.11 -56.12 13.88
C GLN F 1073 10.24 -55.12 13.83
N ASN F 1074 11.22 -55.33 12.96
CA ASN F 1074 12.37 -54.44 12.80
C ASN F 1074 12.52 -54.08 11.34
N SER F 1075 12.21 -52.83 11.00
CA SER F 1075 12.41 -52.35 9.64
C SER F 1075 13.87 -51.96 9.43
N ASN F 1076 14.34 -52.15 8.21
CA ASN F 1076 15.72 -51.81 7.85
C ASN F 1076 15.73 -51.12 6.49
N MET F 1077 16.78 -50.35 6.27
CA MET F 1077 16.92 -49.61 5.02
C MET F 1077 18.36 -49.70 4.53
N ALA F 1078 18.51 -49.83 3.21
CA ALA F 1078 19.81 -49.83 2.57
C ALA F 1078 19.77 -48.87 1.39
N SER F 1079 20.77 -48.00 1.30
CA SER F 1079 20.89 -47.05 0.19
C SER F 1079 21.86 -47.64 -0.82
N LEU F 1080 21.32 -48.23 -1.88
CA LEU F 1080 22.13 -48.94 -2.88
C LEU F 1080 21.84 -48.38 -4.25
N SER F 1081 22.89 -48.22 -5.05
CA SER F 1081 22.73 -47.77 -6.42
C SER F 1081 22.05 -48.86 -7.24
N TRP F 1082 21.37 -48.43 -8.31
CA TRP F 1082 20.69 -49.40 -9.17
C TRP F 1082 21.64 -50.50 -9.62
N GLU F 1083 22.90 -50.15 -9.93
CA GLU F 1083 23.87 -51.16 -10.32
C GLU F 1083 24.12 -52.14 -9.20
N GLU F 1084 24.29 -51.65 -7.98
CA GLU F 1084 24.51 -52.54 -6.84
C GLU F 1084 23.24 -53.32 -6.53
N LEU F 1085 22.07 -52.76 -6.84
CA LEU F 1085 20.82 -53.49 -6.63
C LEU F 1085 20.73 -54.70 -7.57
N GLU F 1086 21.13 -54.53 -8.82
CA GLU F 1086 21.10 -55.64 -9.77
C GLU F 1086 22.01 -56.76 -9.33
N ARG F 1087 23.20 -56.41 -8.81
CA ARG F 1087 24.12 -57.44 -8.35
C ARG F 1087 23.50 -58.26 -7.22
N HIS F 1088 22.74 -57.61 -6.34
CA HIS F 1088 22.01 -58.35 -5.32
C HIS F 1088 21.03 -59.33 -5.94
N TYR F 1089 20.36 -58.92 -7.01
CA TYR F 1089 19.44 -59.82 -7.70
C TYR F 1089 20.17 -61.02 -8.27
N GLN F 1090 21.33 -60.78 -8.89
CA GLN F 1090 22.10 -61.89 -9.45
C GLN F 1090 22.47 -62.90 -8.37
N ARG F 1091 22.90 -62.41 -7.20
CA ARG F 1091 23.15 -63.33 -6.09
C ARG F 1091 21.88 -64.07 -5.70
N ARG F 1092 20.73 -63.39 -5.77
CA ARG F 1092 19.47 -64.08 -5.50
C ARG F 1092 19.24 -65.18 -6.52
N GLY F 1093 19.46 -64.88 -7.81
CA GLY F 1093 19.30 -65.88 -8.84
C GLY F 1093 20.21 -67.07 -8.66
N ASN F 1094 21.37 -66.87 -8.05
CA ASN F 1094 22.28 -67.95 -7.71
C ASN F 1094 22.04 -68.48 -6.30
N ALA F 1095 21.03 -67.96 -5.61
CA ALA F 1095 20.70 -68.43 -4.27
C ALA F 1095 19.30 -69.05 -4.27
N MET G 1 -5.23 -77.09 -14.21
CA MET G 1 -5.53 -75.67 -14.08
C MET G 1 -6.50 -75.21 -15.17
N ASN G 2 -6.33 -75.73 -16.38
CA ASN G 2 -7.19 -75.35 -17.50
C ASN G 2 -8.55 -76.02 -17.43
N GLN G 3 -8.71 -77.07 -16.62
CA GLN G 3 -10.00 -77.74 -16.51
C GLN G 3 -11.06 -76.81 -15.92
N VAL G 4 -10.69 -76.04 -14.89
CA VAL G 4 -11.65 -75.15 -14.25
C VAL G 4 -12.08 -74.05 -15.20
N SER G 5 -11.17 -73.60 -16.08
CA SER G 5 -11.50 -72.51 -16.99
C SER G 5 -12.69 -72.85 -17.90
N GLY G 6 -12.99 -74.13 -18.09
CA GLY G 6 -14.06 -74.52 -19.00
C GLY G 6 -15.47 -74.24 -18.50
N LEU G 7 -15.62 -73.89 -17.22
CA LEU G 7 -16.94 -73.64 -16.67
C LEU G 7 -17.65 -72.51 -17.42
N ALA G 8 -16.89 -71.54 -17.94
CA ALA G 8 -17.50 -70.43 -18.67
C ALA G 8 -18.28 -70.96 -19.87
N GLY G 9 -19.50 -70.44 -20.03
CA GLY G 9 -20.36 -70.89 -21.10
C GLY G 9 -21.23 -72.06 -20.69
N LYS G 10 -20.65 -73.04 -20.00
CA LYS G 10 -21.41 -74.19 -19.56
C LYS G 10 -22.36 -73.85 -18.42
N GLU G 11 -22.13 -72.75 -17.71
CA GLU G 11 -22.96 -72.36 -16.58
C GLU G 11 -23.92 -71.22 -16.88
N SER G 12 -23.45 -70.14 -17.48
CA SER G 12 -24.29 -68.98 -17.75
C SER G 12 -23.69 -68.20 -18.92
N PHE G 13 -24.17 -66.97 -19.09
CA PHE G 13 -23.77 -66.13 -20.21
C PHE G 13 -22.49 -65.38 -19.90
N ILE G 14 -21.61 -65.27 -20.91
CA ILE G 14 -20.40 -64.49 -20.81
C ILE G 14 -20.26 -63.66 -22.09
N LEU G 15 -19.87 -62.40 -21.94
CA LEU G 15 -19.66 -61.55 -23.09
C LEU G 15 -18.50 -62.06 -23.93
N THR G 16 -18.60 -61.92 -25.25
CA THR G 16 -17.57 -62.37 -26.16
C THR G 16 -17.19 -61.38 -27.25
N ARG G 17 -18.04 -60.40 -27.56
CA ARG G 17 -17.74 -59.45 -28.62
C ARG G 17 -18.44 -58.13 -28.35
N ILE G 18 -17.75 -57.04 -28.67
CA ILE G 18 -18.30 -55.69 -28.55
C ILE G 18 -18.19 -55.01 -29.90
N GLU G 19 -19.32 -54.49 -30.39
CA GLU G 19 -19.38 -53.83 -31.68
C GLU G 19 -19.62 -52.35 -31.48
N LEU G 20 -18.77 -51.52 -32.08
CA LEU G 20 -18.83 -50.08 -31.93
C LEU G 20 -18.88 -49.41 -33.29
N PHE G 21 -19.67 -48.34 -33.38
CA PHE G 21 -19.80 -47.56 -34.62
C PHE G 21 -20.09 -46.12 -34.25
N ASN G 22 -19.17 -45.22 -34.60
CA ASN G 22 -19.34 -43.79 -34.35
C ASN G 22 -19.55 -43.51 -32.87
N TRP G 23 -18.76 -44.19 -32.03
CA TRP G 23 -18.83 -44.03 -30.58
C TRP G 23 -17.58 -43.32 -30.10
N GLY G 24 -17.75 -42.21 -29.40
CA GLY G 24 -16.61 -41.50 -28.84
C GLY G 24 -15.60 -41.16 -29.92
N GLY G 25 -14.34 -41.48 -29.65
CA GLY G 25 -13.27 -41.30 -30.61
C GLY G 25 -13.10 -42.43 -31.60
N PHE G 26 -13.99 -43.42 -31.58
CA PHE G 26 -13.92 -44.57 -32.47
C PHE G 26 -14.67 -44.23 -33.74
N HIS G 27 -13.98 -43.56 -34.67
CA HIS G 27 -14.58 -43.26 -35.96
C HIS G 27 -14.67 -44.53 -36.80
N GLY G 28 -15.75 -44.63 -37.57
CA GLY G 28 -15.95 -45.81 -38.38
C GLY G 28 -16.40 -47.00 -37.55
N LEU G 29 -16.24 -48.19 -38.12
CA LEU G 29 -16.67 -49.43 -37.49
C LEU G 29 -15.50 -50.09 -36.80
N HIS G 30 -15.72 -50.48 -35.54
CA HIS G 30 -14.70 -51.16 -34.75
C HIS G 30 -15.32 -52.35 -34.04
N GLN G 31 -14.59 -53.45 -33.98
CA GLN G 31 -15.08 -54.68 -33.40
C GLN G 31 -14.09 -55.22 -32.38
N ALA G 32 -14.59 -55.71 -31.26
CA ALA G 32 -13.76 -56.25 -30.19
C ALA G 32 -14.20 -57.66 -29.86
N ALA G 33 -13.25 -58.57 -29.79
CA ALA G 33 -13.51 -59.98 -29.47
C ALA G 33 -12.99 -60.29 -28.06
N ILE G 34 -13.85 -60.87 -27.24
CA ILE G 34 -13.54 -61.16 -25.83
C ILE G 34 -13.41 -62.66 -25.67
N HIS G 35 -12.24 -63.09 -25.18
CA HIS G 35 -11.98 -64.50 -24.95
C HIS G 35 -12.79 -65.01 -23.77
N GLN G 36 -13.21 -66.28 -23.84
CA GLN G 36 -13.99 -66.87 -22.76
C GLN G 36 -13.16 -67.11 -21.51
N ASP G 37 -11.84 -67.12 -21.61
CA ASP G 37 -10.97 -67.31 -20.47
C ASP G 37 -10.58 -66.00 -19.81
N GLY G 38 -11.11 -64.88 -20.27
CA GLY G 38 -10.75 -63.59 -19.72
C GLY G 38 -9.89 -62.79 -20.70
N THR G 39 -10.14 -61.49 -20.77
CA THR G 39 -9.45 -60.62 -21.69
C THR G 39 -8.92 -59.40 -20.94
N ALA G 40 -7.97 -58.71 -21.55
CA ALA G 40 -7.36 -57.52 -20.97
C ALA G 40 -7.44 -56.40 -22.00
N VAL G 41 -7.80 -55.21 -21.53
CA VAL G 41 -7.80 -54.01 -22.36
C VAL G 41 -6.61 -53.17 -21.93
N ILE G 42 -5.67 -52.94 -22.85
CA ILE G 42 -4.44 -52.21 -22.54
C ILE G 42 -4.17 -51.19 -23.64
N GLY G 43 -3.38 -50.18 -23.28
CA GLY G 43 -3.05 -49.12 -24.19
C GLY G 43 -2.65 -47.86 -23.45
N PRO G 44 -1.88 -46.99 -24.10
CA PRO G 44 -1.35 -45.80 -23.42
C PRO G 44 -2.47 -44.85 -23.02
N THR G 45 -2.13 -43.95 -22.12
CA THR G 45 -3.07 -42.92 -21.68
C THR G 45 -3.50 -42.07 -22.86
N GLY G 46 -4.76 -41.64 -22.84
CA GLY G 46 -5.33 -41.00 -24.00
C GLY G 46 -5.69 -42.03 -25.04
N SER G 47 -6.61 -42.93 -24.68
CA SER G 47 -6.97 -44.06 -25.51
C SER G 47 -8.46 -44.33 -25.40
N GLY G 48 -8.91 -45.50 -25.83
CA GLY G 48 -10.33 -45.77 -25.80
C GLY G 48 -10.77 -46.72 -24.70
N LYS G 49 -9.85 -47.08 -23.80
CA LYS G 49 -10.17 -48.09 -22.80
C LYS G 49 -11.39 -47.70 -22.00
N THR G 50 -11.40 -46.49 -21.44
CA THR G 50 -12.60 -46.02 -20.75
C THR G 50 -13.75 -45.85 -21.73
N THR G 51 -13.46 -45.37 -22.94
CA THR G 51 -14.51 -45.19 -23.93
C THR G 51 -15.17 -46.51 -24.29
N LEU G 52 -14.37 -47.56 -24.50
CA LEU G 52 -14.94 -48.86 -24.83
C LEU G 52 -15.83 -49.38 -23.70
N VAL G 53 -15.34 -49.31 -22.46
CA VAL G 53 -16.14 -49.79 -21.34
C VAL G 53 -17.36 -48.91 -21.15
N ASP G 54 -17.24 -47.61 -21.41
CA ASP G 54 -18.38 -46.71 -21.25
C ASP G 54 -19.53 -47.12 -22.18
N ALA G 55 -19.20 -47.52 -23.40
CA ALA G 55 -20.24 -48.01 -24.31
C ALA G 55 -20.94 -49.24 -23.74
N LEU G 56 -20.17 -50.21 -23.26
CA LEU G 56 -20.77 -51.42 -22.70
C LEU G 56 -21.62 -51.10 -21.48
N MET G 57 -21.12 -50.24 -20.59
CA MET G 57 -21.87 -49.91 -19.39
C MET G 57 -23.18 -49.22 -19.74
N THR G 58 -23.20 -48.47 -20.85
CA THR G 58 -24.45 -47.85 -21.29
C THR G 58 -25.50 -48.89 -21.63
N LEU G 59 -25.08 -49.97 -22.29
CA LEU G 59 -26.03 -50.97 -22.76
C LEU G 59 -26.70 -51.71 -21.61
N LEU G 60 -26.03 -51.78 -20.45
CA LEU G 60 -26.51 -52.60 -19.34
C LEU G 60 -27.25 -51.82 -18.28
N CYS G 61 -26.68 -50.75 -17.74
CA CYS G 61 -27.27 -50.03 -16.64
C CYS G 61 -28.18 -48.92 -17.15
N ALA G 62 -29.32 -48.76 -16.47
CA ALA G 62 -30.27 -47.73 -16.86
C ALA G 62 -29.63 -46.34 -16.78
N ASN G 63 -28.93 -46.06 -15.69
CA ASN G 63 -28.29 -44.76 -15.46
C ASN G 63 -26.80 -44.99 -15.27
N PRO G 64 -26.01 -44.87 -16.32
CA PRO G 64 -24.59 -45.18 -16.22
C PRO G 64 -23.81 -43.98 -15.70
N ARG G 65 -22.77 -44.27 -14.90
CA ARG G 65 -21.87 -43.25 -14.39
C ARG G 65 -20.57 -43.36 -15.18
N TYR G 66 -20.43 -42.50 -16.18
CA TYR G 66 -19.29 -42.56 -17.08
C TYR G 66 -18.02 -42.10 -16.38
N ASN G 67 -16.89 -42.68 -16.80
CA ASN G 67 -15.58 -42.33 -16.25
C ASN G 67 -15.57 -42.47 -14.73
N LEU G 68 -16.16 -43.56 -14.23
CA LEU G 68 -16.21 -43.78 -12.79
C LEU G 68 -14.81 -43.97 -12.22
N ALA G 69 -13.94 -44.69 -12.94
CA ALA G 69 -12.61 -44.98 -12.42
C ALA G 69 -11.82 -43.70 -12.18
N SER G 70 -11.85 -42.76 -13.11
CA SER G 70 -11.14 -41.50 -12.93
C SER G 70 -11.86 -40.55 -11.98
N THR G 71 -13.18 -40.48 -12.04
CA THR G 71 -13.94 -39.62 -11.16
C THR G 71 -13.95 -40.12 -9.71
N GLY G 72 -13.66 -41.39 -9.48
CA GLY G 72 -13.61 -41.91 -8.12
C GLY G 72 -14.94 -41.89 -7.42
N GLY G 73 -16.02 -42.28 -8.11
CA GLY G 73 -17.33 -42.33 -7.49
C GLY G 73 -18.03 -41.00 -7.35
N HIS G 74 -17.46 -39.94 -7.89
CA HIS G 74 -18.07 -38.61 -7.82
C HIS G 74 -18.99 -38.41 -9.01
N GLU G 75 -19.43 -37.18 -9.22
CA GLU G 75 -20.40 -36.88 -10.27
C GLU G 75 -19.86 -37.35 -11.62
N SER G 76 -20.72 -37.99 -12.40
CA SER G 76 -20.29 -38.59 -13.66
C SER G 76 -19.68 -37.53 -14.58
N ASP G 77 -18.50 -37.86 -15.11
CA ASP G 77 -17.75 -36.87 -15.89
C ASP G 77 -18.47 -36.51 -17.19
N ARG G 78 -19.01 -37.52 -17.88
CA ARG G 78 -19.56 -37.32 -19.21
C ARG G 78 -21.00 -37.79 -19.31
N ASP G 79 -21.53 -37.85 -20.53
CA ASP G 79 -22.92 -38.21 -20.75
C ASP G 79 -23.03 -38.87 -22.12
N LEU G 80 -24.26 -39.31 -22.44
CA LEU G 80 -24.49 -39.98 -23.71
C LEU G 80 -24.24 -39.05 -24.88
N ILE G 81 -24.68 -37.80 -24.78
CA ILE G 81 -24.52 -36.86 -25.89
C ILE G 81 -23.05 -36.67 -26.20
N SER G 82 -22.21 -36.57 -25.17
CA SER G 82 -20.78 -36.39 -25.38
C SER G 82 -20.17 -37.56 -26.14
N TYR G 83 -20.54 -38.79 -25.80
CA TYR G 83 -19.96 -39.95 -26.46
C TYR G 83 -20.44 -40.07 -27.91
N VAL G 84 -21.72 -39.82 -28.15
CA VAL G 84 -22.26 -39.96 -29.52
C VAL G 84 -21.58 -38.96 -30.44
N ARG G 85 -21.47 -37.71 -30.01
CA ARG G 85 -20.84 -36.67 -30.82
C ARG G 85 -19.34 -36.85 -30.94
N GLY G 86 -18.74 -37.76 -30.19
CA GLY G 86 -17.30 -37.97 -30.25
C GLY G 86 -16.49 -36.79 -29.75
N VAL G 87 -16.94 -36.15 -28.67
CA VAL G 87 -16.23 -34.99 -28.14
C VAL G 87 -14.87 -35.43 -27.62
N SER G 88 -13.82 -34.76 -28.06
CA SER G 88 -12.46 -35.05 -27.63
C SER G 88 -11.89 -33.81 -26.94
N GLY G 89 -11.98 -33.80 -25.61
CA GLY G 89 -11.49 -32.71 -24.81
C GLY G 89 -12.51 -31.61 -24.65
N PRO G 90 -12.26 -30.68 -23.72
CA PRO G 90 -13.19 -29.56 -23.53
C PRO G 90 -13.44 -28.80 -24.82
N GLY G 91 -12.39 -28.64 -25.62
CA GLY G 91 -12.53 -28.07 -26.94
C GLY G 91 -12.28 -26.58 -27.02
N ASP G 92 -11.20 -26.12 -26.38
CA ASP G 92 -10.83 -24.71 -26.47
C ASP G 92 -11.90 -23.82 -25.87
N GLY G 93 -11.78 -22.51 -26.07
CA GLY G 93 -12.74 -21.57 -25.51
C GLY G 93 -13.26 -20.57 -26.53
N GLY G 94 -12.94 -20.79 -27.80
CA GLY G 94 -13.40 -19.93 -28.86
C GLY G 94 -14.35 -20.63 -29.81
N GLU G 95 -15.20 -21.50 -29.27
CA GLU G 95 -16.13 -22.30 -30.07
C GLU G 95 -15.29 -23.22 -30.96
N GLY G 96 -15.25 -23.01 -32.27
CA GLY G 96 -14.42 -23.81 -33.14
C GLY G 96 -15.02 -25.16 -33.46
N GLN G 97 -15.53 -25.85 -32.45
CA GLN G 97 -16.14 -27.17 -32.61
C GLN G 97 -15.14 -28.21 -33.09
N SER G 98 -13.85 -27.93 -32.99
CA SER G 98 -12.83 -28.89 -33.41
C SER G 98 -12.81 -30.10 -32.47
N HIS G 99 -13.15 -29.89 -31.19
CA HIS G 99 -13.21 -30.99 -30.25
C HIS G 99 -14.30 -31.99 -30.65
N ILE G 100 -15.47 -31.49 -31.06
CA ILE G 100 -16.55 -32.37 -31.48
C ILE G 100 -16.26 -32.90 -32.88
N ALA G 101 -16.44 -34.20 -33.07
CA ALA G 101 -16.13 -34.83 -34.34
C ALA G 101 -17.36 -35.10 -35.21
N ARG G 102 -18.55 -35.14 -34.61
CA ARG G 102 -19.79 -35.40 -35.34
C ARG G 102 -20.82 -34.34 -34.96
N PRO G 103 -20.57 -33.08 -35.32
CA PRO G 103 -21.50 -32.02 -34.91
C PRO G 103 -22.84 -32.09 -35.63
N GLY G 104 -22.86 -32.55 -36.87
CA GLY G 104 -24.08 -32.61 -37.66
C GLY G 104 -24.80 -33.93 -37.55
N LYS G 105 -25.74 -34.14 -38.48
CA LYS G 105 -26.50 -35.39 -38.53
C LYS G 105 -25.55 -36.58 -38.57
N THR G 106 -25.62 -37.41 -37.52
CA THR G 106 -24.75 -38.58 -37.43
C THR G 106 -25.43 -39.64 -36.59
N VAL G 107 -24.94 -40.86 -36.71
CA VAL G 107 -25.49 -42.02 -36.03
C VAL G 107 -24.37 -42.84 -35.42
N THR G 108 -24.59 -43.35 -34.21
CA THR G 108 -23.61 -44.16 -33.49
C THR G 108 -24.21 -45.52 -33.20
N GLY G 109 -23.39 -46.57 -33.31
CA GLY G 109 -23.86 -47.92 -33.09
C GLY G 109 -23.10 -48.66 -32.01
N ILE G 110 -23.82 -49.25 -31.07
CA ILE G 110 -23.25 -50.03 -29.98
C ILE G 110 -23.93 -51.38 -29.95
N ALA G 111 -23.14 -52.45 -29.94
CA ALA G 111 -23.66 -53.80 -29.86
C ALA G 111 -22.73 -54.67 -29.03
N ALA G 112 -23.33 -55.60 -28.28
CA ALA G 112 -22.57 -56.51 -27.44
C ALA G 112 -23.23 -57.88 -27.52
N THR G 113 -22.42 -58.92 -27.64
CA THR G 113 -22.90 -60.29 -27.79
C THR G 113 -22.45 -61.13 -26.61
N LEU G 114 -23.38 -61.92 -26.07
CA LEU G 114 -23.09 -62.83 -24.97
C LEU G 114 -23.37 -64.26 -25.41
N GLU G 115 -22.49 -65.18 -25.00
CA GLU G 115 -22.58 -66.58 -25.39
C GLU G 115 -22.85 -67.46 -24.18
N ARG G 116 -23.69 -68.48 -24.38
CA ARG G 116 -23.96 -69.44 -23.33
C ARG G 116 -24.35 -70.76 -24.00
N GLU G 117 -23.41 -71.70 -24.02
CA GLU G 117 -23.63 -73.00 -24.64
C GLU G 117 -24.13 -72.85 -26.08
N GLY G 118 -23.51 -71.94 -26.82
CA GLY G 118 -23.85 -71.69 -28.21
C GLY G 118 -24.91 -70.64 -28.42
N LYS G 119 -25.95 -70.63 -27.59
CA LYS G 119 -27.00 -69.63 -27.73
C LYS G 119 -26.42 -68.24 -27.59
N GLN G 120 -26.82 -67.35 -28.48
CA GLN G 120 -26.26 -66.00 -28.55
C GLN G 120 -27.37 -64.98 -28.38
N VAL G 121 -27.11 -63.97 -27.56
CA VAL G 121 -28.00 -62.82 -27.39
C VAL G 121 -27.19 -61.56 -27.65
N ARG G 122 -27.68 -60.71 -28.54
CA ARG G 122 -26.97 -59.51 -28.97
C ARG G 122 -27.69 -58.29 -28.42
N LEU G 123 -27.06 -57.61 -27.46
CA LEU G 123 -27.54 -56.34 -26.98
C LEU G 123 -26.96 -55.21 -27.82
N GLY G 124 -27.78 -54.21 -28.10
CA GLY G 124 -27.35 -53.12 -28.95
C GLY G 124 -28.25 -51.92 -28.82
N ALA G 125 -27.79 -50.80 -29.38
CA ALA G 125 -28.56 -49.57 -29.37
C ALA G 125 -28.06 -48.69 -30.51
N LEU G 126 -28.98 -47.97 -31.14
CA LEU G 126 -28.66 -47.04 -32.20
C LEU G 126 -29.01 -45.63 -31.73
N LEU G 127 -28.03 -44.74 -31.78
CA LEU G 127 -28.20 -43.35 -31.38
C LEU G 127 -27.80 -42.46 -32.55
N TRP G 128 -28.74 -41.64 -33.01
CA TRP G 128 -28.48 -40.75 -34.13
C TRP G 128 -29.07 -39.37 -33.87
N PHE G 129 -28.50 -38.37 -34.52
CA PHE G 129 -28.99 -37.01 -34.48
C PHE G 129 -29.44 -36.58 -35.86
N ASP G 130 -30.56 -35.84 -35.91
CA ASP G 130 -31.13 -35.36 -37.16
C ASP G 130 -30.77 -33.91 -37.43
N SER G 131 -29.88 -33.33 -36.62
CA SER G 131 -29.50 -31.93 -36.77
C SER G 131 -28.26 -31.68 -35.92
N THR G 132 -27.83 -30.42 -35.88
CA THR G 132 -26.70 -30.01 -35.08
C THR G 132 -27.05 -29.73 -33.63
N SER G 133 -28.33 -29.47 -33.34
CA SER G 133 -28.76 -29.21 -31.97
C SER G 133 -28.55 -30.47 -31.15
N SER G 134 -27.61 -30.40 -30.20
CA SER G 134 -27.26 -31.56 -29.37
C SER G 134 -28.02 -31.46 -28.04
N SER G 135 -29.28 -31.90 -28.08
CA SER G 135 -30.13 -31.93 -26.91
C SER G 135 -30.46 -33.37 -26.56
N VAL G 136 -30.88 -33.58 -25.31
CA VAL G 136 -31.29 -34.92 -24.88
C VAL G 136 -32.45 -35.41 -25.72
N THR G 137 -33.47 -34.56 -25.88
CA THR G 137 -34.62 -34.92 -26.70
C THR G 137 -34.24 -35.05 -28.18
N ASP G 138 -33.42 -34.13 -28.68
CA ASP G 138 -32.97 -34.21 -30.06
C ASP G 138 -32.25 -35.52 -30.32
N MET G 139 -31.70 -36.13 -29.27
CA MET G 139 -31.00 -37.41 -29.37
C MET G 139 -32.00 -38.54 -29.55
N LYS G 140 -32.17 -38.98 -30.80
CA LYS G 140 -33.04 -40.11 -31.08
C LYS G 140 -32.35 -41.42 -30.69
N ARG G 141 -33.07 -42.26 -29.96
CA ARG G 141 -32.53 -43.49 -29.42
C ARG G 141 -33.38 -44.67 -29.88
N LEU G 142 -32.77 -45.84 -29.94
CA LEU G 142 -33.46 -47.04 -30.42
C LEU G 142 -32.68 -48.26 -29.93
N TRP G 143 -33.28 -49.03 -29.04
CA TRP G 143 -32.64 -50.19 -28.43
C TRP G 143 -33.08 -51.47 -29.12
N LEU G 144 -32.18 -52.46 -29.12
CA LEU G 144 -32.42 -53.74 -29.78
C LEU G 144 -32.12 -54.89 -28.81
N PHE G 145 -32.78 -56.01 -29.07
CA PHE G 145 -32.55 -57.26 -28.34
C PHE G 145 -32.65 -58.39 -29.35
N SER G 146 -31.53 -59.08 -29.60
CA SER G 146 -31.47 -60.06 -30.67
C SER G 146 -30.97 -61.40 -30.16
N ASP G 147 -31.65 -62.46 -30.61
CA ASP G 147 -31.18 -63.82 -30.41
C ASP G 147 -30.70 -64.49 -31.69
N ASN G 148 -31.06 -63.96 -32.85
CA ASN G 148 -30.65 -64.56 -34.11
C ASN G 148 -29.21 -64.18 -34.41
N PRO G 149 -28.32 -65.15 -34.65
CA PRO G 149 -26.92 -64.81 -34.93
C PRO G 149 -26.75 -63.95 -36.17
N GLY G 150 -27.73 -63.92 -37.07
CA GLY G 150 -27.61 -63.11 -38.27
C GLY G 150 -27.83 -61.63 -38.08
N GLN G 151 -28.29 -61.20 -36.90
CA GLN G 151 -28.56 -59.80 -36.64
C GLN G 151 -27.35 -59.17 -35.97
N THR G 152 -26.41 -58.70 -36.80
CA THR G 152 -25.21 -58.06 -36.31
C THR G 152 -25.36 -56.54 -36.35
N LEU G 153 -24.43 -55.87 -35.66
CA LEU G 153 -24.49 -54.41 -35.60
C LEU G 153 -24.32 -53.80 -36.99
N GLU G 154 -23.37 -54.31 -37.77
CA GLU G 154 -23.20 -53.79 -39.13
C GLU G 154 -24.47 -53.96 -39.94
N HIS G 155 -25.17 -55.07 -39.76
CA HIS G 155 -26.41 -55.30 -40.51
C HIS G 155 -27.44 -54.23 -40.20
N TRP G 156 -27.63 -53.90 -38.91
CA TRP G 156 -28.66 -52.94 -38.55
C TRP G 156 -28.35 -51.56 -39.11
N LEU G 157 -27.09 -51.15 -39.05
CA LEU G 157 -26.71 -49.87 -39.66
C LEU G 157 -26.98 -49.87 -41.16
N ASN G 158 -26.67 -50.97 -41.83
CA ASN G 158 -27.01 -51.09 -43.24
C ASN G 158 -28.52 -50.99 -43.43
N VAL G 159 -29.29 -51.67 -42.58
CA VAL G 159 -30.74 -51.55 -42.64
C VAL G 159 -31.17 -50.12 -42.38
N TYR G 160 -30.59 -49.47 -41.38
CA TYR G 160 -30.94 -48.10 -41.08
C TYR G 160 -30.59 -47.17 -42.24
N HIS G 161 -29.39 -47.33 -42.80
CA HIS G 161 -28.95 -46.44 -43.87
C HIS G 161 -29.84 -46.59 -45.11
N GLU G 162 -30.57 -47.69 -45.21
CA GLU G 162 -31.41 -47.92 -46.40
C GLU G 162 -32.77 -47.26 -46.26
N GLY G 163 -33.50 -47.59 -45.18
CA GLY G 163 -34.87 -47.13 -45.06
C GLY G 163 -35.24 -46.46 -43.75
N GLY G 164 -34.27 -45.83 -43.09
CA GLY G 164 -34.55 -45.08 -41.87
C GLY G 164 -35.35 -45.83 -40.83
N THR G 165 -36.11 -45.09 -40.01
CA THR G 165 -36.89 -45.70 -38.94
C THR G 165 -37.95 -46.65 -39.48
N ARG G 166 -38.60 -46.29 -40.58
CA ARG G 166 -39.67 -47.13 -41.11
C ARG G 166 -39.16 -48.52 -41.45
N LEU G 167 -37.98 -48.59 -42.08
CA LEU G 167 -37.39 -49.88 -42.38
C LEU G 167 -37.06 -50.67 -41.12
N LEU G 168 -36.54 -50.01 -40.09
CA LEU G 168 -36.19 -50.70 -38.86
C LEU G 168 -37.40 -51.41 -38.27
N ARG G 169 -38.53 -50.70 -38.16
CA ARG G 169 -39.73 -51.34 -37.65
C ARG G 169 -40.19 -52.48 -38.55
N GLN G 170 -40.06 -52.29 -39.87
CA GLN G 170 -40.44 -53.35 -40.80
C GLN G 170 -39.62 -54.61 -40.57
N MET G 171 -38.30 -54.46 -40.39
CA MET G 171 -37.48 -55.61 -40.08
C MET G 171 -37.89 -56.25 -38.76
N GLU G 172 -38.25 -55.43 -37.78
CA GLU G 172 -38.69 -55.96 -36.49
C GLU G 172 -39.93 -56.82 -36.64
N LYS G 173 -40.91 -56.35 -37.41
CA LYS G 173 -42.14 -57.13 -37.60
C LYS G 173 -41.86 -58.41 -38.37
N GLU G 174 -40.95 -58.37 -39.34
CA GLU G 174 -40.65 -59.54 -40.15
C GLU G 174 -39.68 -60.47 -39.43
N ALA G 175 -38.49 -59.97 -39.11
CA ALA G 175 -37.44 -60.81 -38.54
C ALA G 175 -37.90 -61.42 -37.21
N ILE G 176 -37.53 -62.67 -37.00
CA ILE G 176 -37.87 -63.41 -35.79
C ILE G 176 -36.72 -63.32 -34.80
N GLY G 177 -37.02 -63.58 -33.54
CA GLY G 177 -35.99 -63.49 -32.51
C GLY G 177 -35.38 -62.12 -32.40
N LEU G 178 -36.18 -61.08 -32.57
CA LEU G 178 -35.68 -59.71 -32.60
C LEU G 178 -36.76 -58.77 -32.07
N TRP G 179 -36.43 -58.04 -31.02
CA TRP G 179 -37.34 -57.07 -30.42
C TRP G 179 -36.69 -55.69 -30.42
N THR G 180 -37.48 -54.69 -30.78
CA THR G 180 -37.02 -53.30 -30.85
C THR G 180 -37.84 -52.44 -29.90
N TYR G 181 -37.15 -51.62 -29.12
CA TYR G 181 -37.81 -50.82 -28.09
C TYR G 181 -37.46 -49.34 -28.26
N PRO G 182 -38.46 -48.46 -28.28
CA PRO G 182 -38.15 -47.03 -28.41
C PRO G 182 -37.64 -46.42 -27.13
N ASN G 183 -38.16 -46.85 -25.98
CA ASN G 183 -37.77 -46.31 -24.67
C ASN G 183 -36.92 -47.32 -23.94
N LYS G 184 -35.89 -46.82 -23.24
CA LYS G 184 -34.99 -47.71 -22.52
C LYS G 184 -35.68 -48.42 -21.37
N LYS G 185 -36.73 -47.82 -20.80
CA LYS G 185 -37.44 -48.47 -19.70
C LYS G 185 -37.94 -49.84 -20.12
N GLN G 186 -38.66 -49.92 -21.24
CA GLN G 186 -39.14 -51.21 -21.73
C GLN G 186 -37.97 -52.12 -22.07
N TYR G 187 -36.94 -51.58 -22.72
CA TYR G 187 -35.76 -52.37 -23.04
C TYR G 187 -35.07 -52.86 -21.77
N LEU G 188 -34.94 -51.97 -20.78
CA LEU G 188 -34.33 -52.37 -19.51
C LEU G 188 -35.15 -53.44 -18.82
N ALA G 189 -36.48 -53.29 -18.82
CA ALA G 189 -37.33 -54.31 -18.21
C ALA G 189 -37.10 -55.67 -18.85
N ARG G 190 -37.18 -55.74 -20.19
CA ARG G 190 -36.91 -56.99 -20.87
C ARG G 190 -35.51 -57.49 -20.57
N LEU G 191 -34.55 -56.58 -20.40
CA LEU G 191 -33.18 -56.97 -20.11
C LEU G 191 -33.10 -57.72 -18.79
N ARG G 192 -33.82 -57.24 -17.77
CA ARG G 192 -33.78 -57.89 -16.47
C ARG G 192 -34.46 -59.25 -16.51
N ASP G 193 -35.62 -59.34 -17.15
CA ASP G 193 -36.37 -60.60 -17.16
C ASP G 193 -35.56 -61.72 -17.81
N PHE G 194 -34.87 -61.43 -18.90
CA PHE G 194 -34.07 -62.46 -19.55
C PHE G 194 -33.05 -63.05 -18.57
N PHE G 195 -32.31 -62.19 -17.87
CA PHE G 195 -31.27 -62.63 -16.97
C PHE G 195 -31.79 -62.90 -15.56
N GLU G 196 -33.08 -62.69 -15.32
CA GLU G 196 -33.70 -63.01 -14.03
C GLU G 196 -33.01 -62.28 -12.88
N VAL G 197 -32.64 -61.02 -13.11
CA VAL G 197 -32.01 -60.19 -12.10
C VAL G 197 -32.65 -58.81 -12.12
N GLY G 198 -32.50 -58.10 -11.00
CA GLY G 198 -33.07 -56.77 -10.86
C GLY G 198 -32.11 -55.67 -11.28
N GLU G 199 -32.57 -54.43 -11.17
CA GLU G 199 -31.73 -53.29 -11.53
C GLU G 199 -30.64 -53.05 -10.49
N ASN G 200 -30.82 -53.55 -9.27
CA ASN G 200 -29.80 -53.37 -8.24
C ASN G 200 -28.49 -54.05 -8.64
N ALA G 201 -28.57 -55.23 -9.25
CA ALA G 201 -27.37 -55.92 -9.71
C ALA G 201 -26.65 -55.11 -10.78
N PHE G 202 -27.40 -54.60 -11.77
CA PHE G 202 -26.77 -53.84 -12.84
C PHE G 202 -26.13 -52.56 -12.31
N THR G 203 -26.84 -51.82 -11.46
CA THR G 203 -26.26 -50.62 -10.87
C THR G 203 -25.01 -50.96 -10.07
N LEU G 204 -25.06 -52.02 -9.27
CA LEU G 204 -23.87 -52.47 -8.57
C LEU G 204 -22.76 -52.84 -9.54
N LEU G 205 -23.13 -53.51 -10.63
CA LEU G 205 -22.13 -53.88 -11.63
C LEU G 205 -21.50 -52.64 -12.27
N ASN G 206 -22.31 -51.64 -12.59
CA ASN G 206 -21.77 -50.40 -13.14
C ASN G 206 -20.86 -49.71 -12.13
N ARG G 207 -21.24 -49.70 -10.87
CA ARG G 207 -20.40 -49.11 -9.84
C ARG G 207 -19.09 -49.87 -9.72
N ALA G 208 -19.14 -51.20 -9.78
CA ALA G 208 -17.95 -52.01 -9.60
C ALA G 208 -16.89 -51.76 -10.67
N ALA G 209 -17.29 -51.26 -11.84
CA ALA G 209 -16.31 -50.96 -12.88
C ALA G 209 -15.33 -49.88 -12.42
N GLY G 210 -15.84 -48.85 -11.76
CA GLY G 210 -15.00 -47.79 -11.22
C GLY G 210 -15.03 -47.81 -9.71
N LEU G 211 -14.94 -48.99 -9.12
CA LEU G 211 -15.12 -49.15 -7.68
C LEU G 211 -14.13 -48.30 -6.90
N LYS G 212 -12.85 -48.63 -6.96
CA LYS G 212 -11.81 -47.88 -6.26
C LYS G 212 -12.18 -47.63 -4.81
N GLN G 213 -11.55 -46.63 -4.19
CA GLN G 213 -11.90 -46.16 -2.85
C GLN G 213 -12.21 -47.32 -1.92
N LEU G 214 -11.22 -48.20 -1.75
CA LEU G 214 -11.38 -49.38 -0.92
C LEU G 214 -11.13 -49.06 0.54
N ASN G 215 -11.99 -49.58 1.41
CA ASN G 215 -11.89 -49.36 2.85
C ASN G 215 -12.57 -50.52 3.56
N SER G 216 -12.83 -50.36 4.85
CA SER G 216 -13.38 -51.43 5.66
C SER G 216 -14.69 -51.93 5.06
N ILE G 217 -15.12 -53.11 5.53
CA ILE G 217 -16.32 -53.75 5.00
C ILE G 217 -17.57 -52.95 5.32
N ASP G 218 -17.63 -52.31 6.49
CA ASP G 218 -18.82 -51.56 6.86
C ASP G 218 -19.23 -50.58 5.77
N GLU G 219 -18.28 -49.79 5.27
CA GLU G 219 -18.58 -48.91 4.16
C GLU G 219 -18.76 -49.70 2.86
N ILE G 220 -18.31 -50.95 2.83
CA ILE G 220 -18.59 -51.80 1.68
C ILE G 220 -20.10 -52.04 1.56
N PHE G 221 -20.76 -52.27 2.69
CA PHE G 221 -22.20 -52.50 2.69
C PHE G 221 -23.01 -51.23 2.92
N ARG G 222 -22.45 -50.22 3.58
CA ARG G 222 -23.24 -49.06 3.97
C ARG G 222 -23.65 -48.23 2.76
N GLU G 223 -22.77 -48.10 1.77
CA GLU G 223 -23.11 -47.35 0.56
C GLU G 223 -22.93 -48.15 -0.71
N LEU G 224 -21.89 -49.00 -0.79
CA LEU G 224 -21.64 -49.75 -2.01
C LEU G 224 -22.78 -50.72 -2.31
N VAL G 225 -23.18 -51.50 -1.30
CA VAL G 225 -24.24 -52.49 -1.44
C VAL G 225 -25.32 -52.15 -0.42
N LEU G 226 -26.35 -53.00 -0.32
CA LEU G 226 -27.40 -52.80 0.67
C LEU G 226 -28.11 -51.46 0.44
N ASP G 227 -28.83 -51.41 -0.69
CA ASP G 227 -29.49 -50.18 -1.13
C ASP G 227 -30.12 -49.45 0.05
N ASP G 228 -30.13 -48.13 -0.04
CA ASP G 228 -30.39 -47.30 1.14
C ASP G 228 -31.66 -47.71 1.87
N HIS G 229 -32.77 -47.83 1.15
CA HIS G 229 -34.06 -48.11 1.78
C HIS G 229 -34.28 -47.19 2.98
N SER G 230 -33.79 -45.95 2.87
CA SER G 230 -33.82 -45.04 3.99
C SER G 230 -35.24 -44.58 4.29
N ALA G 231 -35.44 -44.12 5.54
CA ALA G 231 -36.72 -43.59 5.97
C ALA G 231 -36.64 -42.09 6.26
N PHE G 232 -35.62 -41.41 5.74
CA PHE G 232 -35.48 -39.99 5.98
C PHE G 232 -36.67 -39.19 5.46
N ASP G 233 -37.22 -39.59 4.31
CA ASP G 233 -38.43 -38.95 3.80
C ASP G 233 -39.64 -39.21 4.69
N ARG G 234 -39.78 -40.44 5.19
CA ARG G 234 -40.88 -40.76 6.08
C ARG G 234 -40.80 -39.94 7.36
N ALA G 235 -39.59 -39.74 7.89
CA ALA G 235 -39.44 -38.94 9.10
C ALA G 235 -39.90 -37.51 8.87
N ALA G 236 -39.56 -36.93 7.73
CA ALA G 236 -40.04 -35.58 7.43
C ALA G 236 -41.56 -35.56 7.34
N GLU G 237 -42.16 -36.56 6.69
CA GLU G 237 -43.61 -36.60 6.57
C GLU G 237 -44.27 -36.73 7.94
N VAL G 238 -43.70 -37.57 8.81
CA VAL G 238 -44.30 -37.76 10.13
C VAL G 238 -44.21 -36.47 10.95
N ALA G 239 -43.07 -35.80 10.89
CA ALA G 239 -42.90 -34.58 11.67
C ALA G 239 -43.92 -33.52 11.27
N ASN G 240 -44.11 -33.32 9.96
CA ASN G 240 -45.11 -32.35 9.51
C ASN G 240 -46.49 -32.70 10.03
N SER G 241 -46.80 -34.00 10.09
CA SER G 241 -48.07 -34.42 10.68
C SER G 241 -48.17 -33.96 12.13
N PHE G 242 -47.13 -34.19 12.92
CA PHE G 242 -47.15 -33.73 14.30
C PHE G 242 -47.18 -32.22 14.39
N ASP G 243 -46.44 -31.52 13.52
CA ASP G 243 -46.49 -30.07 13.50
C ASP G 243 -47.93 -29.58 13.37
N GLY G 244 -48.71 -30.20 12.49
CA GLY G 244 -50.13 -29.90 12.47
C GLY G 244 -50.80 -30.27 13.78
N LEU G 245 -50.53 -31.47 14.28
CA LEU G 245 -51.06 -31.87 15.58
C LEU G 245 -50.56 -30.93 16.68
N THR G 246 -49.28 -30.55 16.62
CA THR G 246 -48.79 -29.55 17.56
C THR G 246 -49.55 -28.25 17.40
N GLU G 247 -49.79 -27.84 16.16
CA GLU G 247 -50.60 -26.64 15.93
C GLU G 247 -52.01 -26.82 16.46
N ILE G 248 -52.60 -27.99 16.22
CA ILE G 248 -53.92 -28.28 16.79
C ILE G 248 -53.85 -28.26 18.31
N HIS G 249 -52.77 -28.81 18.88
CA HIS G 249 -52.62 -28.81 20.33
C HIS G 249 -52.67 -27.40 20.89
N GLN G 250 -51.84 -26.50 20.36
CA GLN G 250 -51.74 -25.16 20.93
C GLN G 250 -53.07 -24.41 20.85
N GLU G 251 -53.76 -24.52 19.72
CA GLU G 251 -55.06 -23.85 19.61
C GLU G 251 -55.99 -24.24 20.74
N LEU G 252 -56.00 -25.53 21.10
CA LEU G 252 -56.74 -25.95 22.28
C LEU G 252 -56.20 -25.31 23.53
N GLU G 253 -54.86 -25.21 23.64
CA GLU G 253 -54.26 -24.63 24.84
C GLU G 253 -54.66 -23.17 25.00
N THR G 254 -54.69 -22.42 23.89
CA THR G 254 -55.25 -21.07 23.95
C THR G 254 -56.73 -21.10 24.30
N ALA G 255 -57.42 -22.18 23.92
CA ALA G 255 -58.85 -22.26 24.18
C ALA G 255 -59.14 -22.26 25.67
N ARG G 256 -58.49 -23.15 26.43
CA ARG G 256 -58.75 -23.20 27.87
C ARG G 256 -58.38 -21.89 28.53
N LYS G 257 -57.23 -21.32 28.16
CA LYS G 257 -56.80 -20.07 28.75
C LYS G 257 -57.87 -18.99 28.58
N GLN G 258 -58.47 -18.90 27.40
CA GLN G 258 -59.61 -18.00 27.21
C GLN G 258 -60.75 -18.39 28.12
N GLN G 259 -61.08 -19.69 28.18
CA GLN G 259 -62.20 -20.13 29.00
C GLN G 259 -61.97 -19.81 30.47
N GLN G 260 -60.77 -20.08 30.97
CA GLN G 260 -60.48 -19.80 32.37
C GLN G 260 -60.55 -18.30 32.66
N SER G 261 -60.04 -17.49 31.73
CA SER G 261 -59.99 -16.05 31.97
C SER G 261 -61.39 -15.45 32.10
N LEU G 262 -62.29 -15.81 31.19
CA LEU G 262 -63.62 -15.21 31.22
C LEU G 262 -64.42 -15.63 32.43
N GLN G 263 -64.08 -16.77 33.05
CA GLN G 263 -64.85 -17.26 34.19
C GLN G 263 -64.96 -16.24 35.30
N PRO G 264 -63.88 -15.60 35.76
CA PRO G 264 -64.04 -14.55 36.78
C PRO G 264 -64.92 -13.39 36.32
N VAL G 265 -64.90 -13.06 35.03
CA VAL G 265 -65.73 -11.96 34.55
C VAL G 265 -67.19 -12.25 34.82
N ALA G 266 -67.64 -13.46 34.48
CA ALA G 266 -69.02 -13.83 34.80
C ALA G 266 -69.24 -13.88 36.30
N LEU G 267 -68.26 -14.40 37.05
CA LEU G 267 -68.42 -14.51 38.49
C LEU G 267 -68.66 -13.14 39.13
N SER G 268 -67.83 -12.16 38.79
CA SER G 268 -68.01 -10.82 39.34
C SER G 268 -69.24 -10.14 38.75
N TRP G 269 -69.52 -10.41 37.47
CA TRP G 269 -70.71 -9.82 36.85
C TRP G 269 -71.97 -10.24 37.59
N GLU G 270 -72.07 -11.52 37.96
CA GLU G 270 -73.18 -11.97 38.80
C GLU G 270 -73.15 -11.26 40.15
N LYS G 271 -71.96 -11.14 40.74
CA LYS G 271 -71.84 -10.38 41.98
C LYS G 271 -72.26 -8.93 41.78
N TYR G 272 -71.81 -8.32 40.68
CA TYR G 272 -72.19 -6.94 40.40
C TYR G 272 -73.69 -6.78 40.19
N GLN G 273 -74.32 -7.74 39.50
CA GLN G 273 -75.76 -7.67 39.33
C GLN G 273 -76.49 -7.76 40.67
N LYS G 274 -76.00 -8.62 41.56
CA LYS G 274 -76.62 -8.75 42.88
C LYS G 274 -76.71 -7.39 43.55
N GLN G 275 -75.60 -6.65 43.60
CA GLN G 275 -75.62 -5.34 44.21
C GLN G 275 -76.52 -4.36 43.46
N GLU G 276 -76.52 -4.43 42.13
CA GLU G 276 -77.34 -3.51 41.35
C GLU G 276 -78.82 -3.63 41.72
N ARG G 277 -79.33 -4.86 41.80
CA ARG G 277 -80.70 -5.04 42.26
C ARG G 277 -80.88 -4.52 43.68
N GLN G 278 -79.91 -4.82 44.55
CA GLN G 278 -80.00 -4.38 45.94
C GLN G 278 -80.03 -2.85 46.02
N LEU G 279 -79.19 -2.18 45.23
CA LEU G 279 -79.30 -0.74 45.11
C LEU G 279 -80.62 -0.34 44.47
N ALA G 280 -81.06 -1.10 43.47
CA ALA G 280 -82.34 -0.82 42.83
C ALA G 280 -83.50 -0.89 43.83
N ASP G 281 -83.37 -1.70 44.87
CA ASP G 281 -84.42 -1.76 45.89
C ASP G 281 -84.59 -0.40 46.55
N TRP G 282 -83.49 0.28 46.88
CA TRP G 282 -83.56 1.61 47.45
C TRP G 282 -83.78 2.69 46.40
N LEU G 283 -83.67 2.36 45.12
CA LEU G 283 -83.85 3.34 44.05
C LEU G 283 -85.32 3.68 43.86
N GLU G 782 -75.46 7.23 53.77
CA GLU G 782 -76.69 6.46 53.58
C GLU G 782 -76.60 5.60 52.33
N ILE G 783 -77.18 6.10 51.23
CA ILE G 783 -77.18 5.34 49.99
C ILE G 783 -75.77 5.14 49.47
N GLU G 784 -74.85 6.06 49.78
CA GLU G 784 -73.47 5.92 49.31
C GLU G 784 -72.82 4.63 49.79
N ARG G 785 -73.33 4.06 50.88
CA ARG G 785 -72.80 2.78 51.35
C ARG G 785 -72.90 1.73 50.26
N VAL G 786 -74.05 1.66 49.58
CA VAL G 786 -74.23 0.66 48.53
C VAL G 786 -73.71 1.16 47.17
N LYS G 787 -73.55 2.46 46.99
CA LYS G 787 -72.99 2.98 45.74
C LYS G 787 -71.50 2.72 45.65
N ALA G 788 -70.77 2.98 46.73
CA ALA G 788 -69.31 2.82 46.71
C ALA G 788 -68.92 1.39 46.38
N GLU G 789 -69.61 0.42 46.96
CA GLU G 789 -69.34 -0.98 46.63
C GLU G 789 -69.62 -1.24 45.16
N LEU G 790 -70.53 -0.46 44.57
CA LEU G 790 -70.69 -0.49 43.13
C LEU G 790 -69.43 0.00 42.42
N HIS G 791 -68.80 1.03 42.97
CA HIS G 791 -67.56 1.55 42.40
C HIS G 791 -66.47 0.48 42.38
N ARG G 792 -66.22 -0.15 43.52
CA ARG G 792 -65.15 -1.14 43.60
C ARG G 792 -65.42 -2.31 42.67
N LEU G 793 -66.67 -2.78 42.63
CA LEU G 793 -67.02 -3.89 41.75
C LEU G 793 -66.82 -3.49 40.29
N ASN G 794 -67.21 -2.26 39.93
CA ASN G 794 -67.06 -1.82 38.55
C ASN G 794 -65.60 -1.82 38.14
N ILE G 795 -64.71 -1.36 39.04
CA ILE G 795 -63.28 -1.37 38.74
C ILE G 795 -62.80 -2.80 38.53
N GLU G 796 -63.25 -3.71 39.39
CA GLU G 796 -62.85 -5.11 39.26
C GLU G 796 -63.33 -5.70 37.94
N LEU G 797 -64.58 -5.40 37.57
CA LEU G 797 -65.13 -5.93 36.32
C LEU G 797 -64.27 -5.54 35.13
N THR G 798 -63.91 -4.25 35.02
CA THR G 798 -63.08 -3.81 33.92
C THR G 798 -61.71 -4.49 33.97
N LYS G 799 -61.13 -4.60 35.16
CA LYS G 799 -59.84 -5.26 35.29
C LYS G 799 -59.90 -6.68 34.73
N ARG G 800 -60.87 -7.47 35.19
CA ARG G 800 -61.01 -8.83 34.68
C ARG G 800 -61.33 -8.82 33.19
N MET G 801 -62.15 -7.86 32.76
CA MET G 801 -62.42 -7.71 31.33
C MET G 801 -61.14 -7.48 30.55
N SER G 802 -60.20 -6.73 31.15
CA SER G 802 -58.91 -6.52 30.50
C SER G 802 -58.15 -7.83 30.34
N GLU G 803 -58.12 -8.64 31.40
CA GLU G 803 -57.44 -9.93 31.31
C GLU G 803 -58.07 -10.80 30.24
N ALA G 804 -59.39 -10.74 30.10
CA ALA G 804 -60.04 -11.49 29.02
C ALA G 804 -59.50 -11.07 27.67
N LYS G 805 -59.32 -9.76 27.47
CA LYS G 805 -58.68 -9.28 26.25
C LYS G 805 -57.20 -9.63 26.19
N ARG G 806 -56.61 -10.04 27.32
CA ARG G 806 -55.20 -10.43 27.32
C ARG G 806 -54.95 -11.66 26.47
N VAL G 807 -55.81 -12.67 26.56
CA VAL G 807 -55.54 -13.95 25.95
C VAL G 807 -56.34 -14.18 24.66
N ASP G 808 -57.43 -13.45 24.44
CA ASP G 808 -58.23 -13.70 23.26
C ASP G 808 -57.43 -13.42 21.99
N THR G 809 -57.68 -14.22 20.96
CA THR G 809 -57.00 -14.09 19.68
C THR G 809 -57.86 -13.38 18.64
N GLY G 810 -58.96 -12.75 19.06
CA GLY G 810 -59.86 -12.10 18.13
C GLY G 810 -61.31 -12.47 18.41
N ALA G 811 -61.53 -13.29 19.44
CA ALA G 811 -62.89 -13.68 19.78
C ALA G 811 -63.73 -12.48 20.16
N LEU G 812 -63.17 -11.56 20.95
CA LEU G 812 -63.87 -10.34 21.35
C LEU G 812 -62.99 -9.12 21.11
N VAL G 813 -62.15 -9.15 20.08
CA VAL G 813 -61.29 -8.02 19.77
C VAL G 813 -62.12 -6.79 19.47
N GLU G 814 -63.18 -6.94 18.66
CA GLU G 814 -64.02 -5.80 18.31
C GLU G 814 -64.68 -5.19 19.53
N ALA G 815 -65.05 -5.99 20.51
CA ALA G 815 -65.70 -5.47 21.71
C ALA G 815 -64.70 -4.70 22.58
N GLY G 816 -65.24 -3.90 23.49
CA GLY G 816 -64.46 -3.04 24.34
C GLY G 816 -64.23 -3.63 25.72
N ALA G 817 -64.09 -2.73 26.71
CA ALA G 817 -63.88 -3.12 28.10
C ALA G 817 -64.78 -2.34 29.03
N ASP G 818 -65.98 -2.01 28.57
CA ASP G 818 -66.96 -1.25 29.34
C ASP G 818 -68.13 -2.16 29.71
N LEU G 819 -68.84 -1.79 30.79
CA LEU G 819 -69.92 -2.65 31.27
C LEU G 819 -70.96 -2.91 30.19
N ASP G 820 -71.08 -1.99 29.22
CA ASP G 820 -71.95 -2.25 28.08
C ASP G 820 -71.49 -3.49 27.32
N ASP G 821 -70.22 -3.85 27.45
CA ASP G 821 -69.64 -4.97 26.73
C ASP G 821 -69.79 -6.29 27.46
N ILE G 822 -70.32 -6.29 28.68
CA ILE G 822 -70.47 -7.54 29.44
C ILE G 822 -71.22 -8.59 28.66
N PRO G 823 -72.36 -8.30 28.02
CA PRO G 823 -73.07 -9.36 27.29
C PRO G 823 -72.22 -10.03 26.23
N VAL G 824 -71.32 -9.29 25.58
CA VAL G 824 -70.47 -9.87 24.54
C VAL G 824 -69.58 -10.96 25.15
N TYR G 825 -68.92 -10.63 26.26
CA TYR G 825 -68.02 -11.58 26.90
C TYR G 825 -68.78 -12.79 27.42
N LEU G 826 -69.94 -12.56 28.02
CA LEU G 826 -70.70 -13.67 28.60
C LEU G 826 -71.08 -14.68 27.52
N GLN G 827 -71.50 -14.20 26.36
CA GLN G 827 -71.84 -15.10 25.26
C GLN G 827 -70.62 -15.92 24.85
N ARG G 828 -69.46 -15.28 24.79
CA ARG G 828 -68.23 -15.99 24.41
C ARG G 828 -67.89 -17.07 25.43
N LEU G 829 -68.05 -16.77 26.72
CA LEU G 829 -67.72 -17.76 27.74
C LEU G 829 -68.61 -18.98 27.63
N GLN G 830 -69.91 -18.78 27.41
CA GLN G 830 -70.82 -19.91 27.24
C GLN G 830 -70.47 -20.69 25.97
N GLU G 831 -70.13 -20.00 24.89
CA GLU G 831 -69.74 -20.69 23.66
C GLU G 831 -68.50 -21.52 23.89
N LEU G 832 -67.51 -20.97 24.60
CA LEU G 832 -66.33 -21.75 24.92
C LEU G 832 -66.67 -22.97 25.78
N THR G 833 -67.67 -22.84 26.64
CA THR G 833 -68.07 -23.91 27.54
C THR G 833 -69.13 -24.82 26.96
N GLU G 834 -69.58 -24.58 25.73
CA GLU G 834 -70.63 -25.37 25.12
C GLU G 834 -70.12 -26.19 23.94
N GLU G 835 -69.50 -25.55 22.95
CA GLU G 835 -69.04 -26.26 21.76
C GLU G 835 -67.55 -26.15 21.52
N ALA G 836 -66.96 -24.96 21.73
CA ALA G 836 -65.54 -24.77 21.44
C ALA G 836 -64.69 -25.80 22.17
N LEU G 837 -64.73 -25.79 23.50
CA LEU G 837 -63.93 -26.74 24.26
C LEU G 837 -64.31 -28.18 23.97
N PRO G 838 -65.57 -28.58 24.00
CA PRO G 838 -65.91 -29.99 23.75
C PRO G 838 -65.49 -30.47 22.37
N GLU G 839 -65.97 -29.81 21.33
CA GLU G 839 -65.69 -30.27 19.97
C GLU G 839 -64.21 -30.16 19.64
N LYS G 840 -63.55 -29.09 20.09
CA LYS G 840 -62.13 -28.92 19.77
C LYS G 840 -61.27 -29.93 20.50
N LEU G 841 -61.62 -30.28 21.74
CA LEU G 841 -60.89 -31.34 22.43
C LEU G 841 -61.06 -32.67 21.71
N ASN G 842 -62.26 -32.93 21.18
CA ASN G 842 -62.51 -34.16 20.44
C ASN G 842 -61.61 -34.23 19.21
N ARG G 843 -61.43 -33.11 18.51
CA ARG G 843 -60.52 -33.08 17.37
C ARG G 843 -59.10 -33.43 17.79
N PHE G 844 -58.63 -32.86 18.89
CA PHE G 844 -57.27 -33.14 19.34
C PHE G 844 -57.10 -34.62 19.66
N LEU G 845 -58.04 -35.20 20.41
CA LEU G 845 -57.95 -36.62 20.73
C LEU G 845 -58.08 -37.47 19.47
N ASP G 846 -58.94 -37.06 18.54
CA ASP G 846 -59.07 -37.80 17.28
C ASP G 846 -57.76 -37.77 16.50
N TYR G 847 -57.11 -36.61 16.43
CA TYR G 847 -55.83 -36.53 15.75
C TYR G 847 -54.76 -37.34 16.47
N LEU G 848 -54.75 -37.28 17.82
CA LEU G 848 -53.74 -38.00 18.58
C LEU G 848 -53.88 -39.51 18.41
N ASN G 849 -55.03 -39.98 17.97
CA ASN G 849 -55.22 -41.42 17.78
C ASN G 849 -54.97 -41.83 16.33
N ARG G 850 -55.53 -41.09 15.37
CA ARG G 850 -55.26 -41.37 13.97
C ARG G 850 -53.77 -41.19 13.67
N SER G 851 -53.14 -40.19 14.26
CA SER G 851 -51.70 -40.04 14.21
C SER G 851 -51.08 -40.55 15.50
N SER G 852 -49.78 -40.82 15.45
CA SER G 852 -49.04 -41.31 16.61
C SER G 852 -49.40 -42.76 16.92
N ASP G 853 -50.38 -43.30 16.20
CA ASP G 853 -50.76 -44.70 16.33
C ASP G 853 -50.78 -45.33 14.95
N ASP G 854 -51.08 -44.53 13.93
CA ASP G 854 -50.91 -44.89 12.54
C ASP G 854 -49.69 -44.21 11.92
N GLY G 855 -48.74 -43.81 12.74
CA GLY G 855 -47.55 -43.13 12.26
C GLY G 855 -46.54 -43.03 13.38
N VAL G 856 -45.36 -42.52 13.03
CA VAL G 856 -44.25 -42.40 13.97
C VAL G 856 -43.82 -43.79 14.41
N THR G 857 -44.65 -44.46 15.21
CA THR G 857 -44.30 -45.79 15.69
C THR G 857 -44.16 -46.77 14.54
N GLN G 858 -45.06 -46.70 13.56
CA GLN G 858 -44.94 -47.58 12.40
C GLN G 858 -43.63 -47.36 11.66
N LEU G 859 -43.14 -46.12 11.62
CA LEU G 859 -41.85 -45.87 11.00
C LEU G 859 -40.74 -46.63 11.72
N LEU G 860 -40.73 -46.57 13.05
CA LEU G 860 -39.75 -47.34 13.80
C LEU G 860 -39.92 -48.84 13.56
N SER G 861 -41.16 -49.31 13.53
CA SER G 861 -41.41 -50.71 13.22
C SER G 861 -40.93 -51.03 11.80
N HIS G 862 -41.20 -50.14 10.84
CA HIS G 862 -40.67 -50.34 9.50
C HIS G 862 -39.14 -50.34 9.52
N ILE G 863 -38.54 -49.41 10.26
CA ILE G 863 -37.08 -49.36 10.35
C ILE G 863 -36.55 -50.65 10.96
N GLU G 864 -37.16 -51.10 12.05
CA GLU G 864 -36.69 -52.33 12.69
C GLU G 864 -36.82 -53.52 11.75
N HIS G 865 -37.95 -53.61 11.04
CA HIS G 865 -38.12 -54.69 10.07
C HIS G 865 -37.03 -54.64 9.00
N GLU G 866 -36.68 -53.45 8.55
CA GLU G 866 -35.65 -53.32 7.51
C GLU G 866 -34.32 -53.88 8.00
N VAL G 867 -34.01 -53.70 9.28
CA VAL G 867 -32.78 -54.26 9.82
C VAL G 867 -32.78 -55.77 9.67
N LEU G 868 -33.90 -56.42 9.98
CA LEU G 868 -34.01 -57.85 9.75
C LEU G 868 -33.83 -58.18 8.27
N VAL G 869 -34.46 -57.39 7.39
CA VAL G 869 -34.29 -57.61 5.96
C VAL G 869 -32.84 -57.44 5.56
N ILE G 870 -32.18 -56.40 6.07
CA ILE G 870 -30.75 -56.23 5.82
C ILE G 870 -29.98 -57.42 6.39
N GLU G 871 -30.30 -57.82 7.62
CA GLU G 871 -29.61 -58.96 8.22
C GLU G 871 -29.85 -60.22 7.41
N GLU G 872 -31.11 -60.52 7.09
CA GLU G 872 -31.42 -61.76 6.39
C GLU G 872 -30.67 -61.84 5.06
N ARG G 873 -30.43 -60.70 4.43
CA ARG G 873 -29.56 -60.69 3.24
C ARG G 873 -28.14 -61.11 3.62
N LEU G 874 -27.69 -60.72 4.81
CA LEU G 874 -26.34 -61.08 5.24
C LEU G 874 -26.17 -62.59 5.35
N ASN G 875 -27.15 -63.27 5.93
CA ASN G 875 -27.06 -64.73 6.02
C ASN G 875 -26.99 -65.36 4.64
N GLU G 876 -27.84 -64.90 3.71
CA GLU G 876 -27.85 -65.48 2.37
C GLU G 876 -26.51 -65.28 1.67
N LEU G 877 -25.95 -64.08 1.76
CA LEU G 877 -24.60 -63.86 1.25
C LEU G 877 -23.60 -64.72 2.00
N ASN G 878 -23.73 -64.79 3.33
CA ASN G 878 -22.77 -65.55 4.12
C ASN G 878 -22.77 -67.02 3.74
N GLU G 879 -23.96 -67.61 3.55
CA GLU G 879 -24.04 -69.01 3.14
C GLU G 879 -23.45 -69.20 1.75
N THR G 880 -23.74 -68.28 0.82
CA THR G 880 -23.15 -68.39 -0.51
C THR G 880 -21.63 -68.36 -0.45
N MET G 881 -21.07 -67.42 0.31
CA MET G 881 -19.62 -67.35 0.43
C MET G 881 -19.09 -68.49 1.29
N PHE G 882 -19.96 -69.16 2.05
CA PHE G 882 -19.58 -70.44 2.64
C PHE G 882 -19.50 -71.52 1.58
N ARG G 883 -20.39 -71.46 0.58
CA ARG G 883 -20.44 -72.50 -0.44
C ARG G 883 -19.10 -72.71 -1.12
N VAL G 884 -18.29 -71.65 -1.22
CA VAL G 884 -16.98 -71.74 -1.82
C VAL G 884 -15.92 -71.51 -0.75
N ASP G 885 -14.66 -71.65 -1.11
CA ASP G 885 -13.56 -71.55 -0.15
C ASP G 885 -12.74 -70.28 -0.42
N PHE G 886 -12.03 -69.85 0.61
CA PHE G 886 -11.23 -68.62 0.58
C PHE G 886 -9.75 -68.87 0.71
N GLN G 887 -9.35 -69.76 1.62
CA GLN G 887 -7.97 -70.23 1.75
C GLN G 887 -7.96 -71.71 1.42
N PRO G 888 -6.80 -72.40 1.50
CA PRO G 888 -6.76 -73.83 1.12
C PRO G 888 -8.00 -74.59 1.57
N ASP G 889 -8.27 -74.59 2.87
CA ASP G 889 -9.62 -74.89 3.36
C ASP G 889 -9.82 -74.16 4.70
N ARG G 890 -10.25 -72.91 4.59
CA ARG G 890 -10.60 -72.13 5.78
C ARG G 890 -11.96 -71.46 5.67
N TYR G 891 -12.32 -70.96 4.49
CA TYR G 891 -13.55 -70.20 4.28
C TYR G 891 -13.69 -69.11 5.34
N LEU G 892 -14.71 -68.26 5.21
CA LEU G 892 -14.91 -67.17 6.15
C LEU G 892 -16.41 -66.92 6.29
N ARG G 893 -16.74 -65.97 7.14
CA ARG G 893 -18.10 -65.48 7.30
C ARG G 893 -18.05 -64.04 7.79
N LEU G 894 -19.23 -63.44 7.93
CA LEU G 894 -19.33 -62.07 8.40
C LEU G 894 -20.54 -61.92 9.30
N ASP G 895 -20.33 -61.39 10.50
CA ASP G 895 -21.38 -61.22 11.48
C ASP G 895 -22.16 -59.93 11.19
N THR G 896 -23.01 -59.52 12.12
CA THR G 896 -23.82 -58.32 11.93
C THR G 896 -23.70 -57.33 13.08
N LYS G 897 -23.56 -57.81 14.31
CA LYS G 897 -23.43 -56.92 15.46
C LYS G 897 -24.59 -55.95 15.57
N LYS G 898 -24.49 -54.99 16.50
CA LYS G 898 -25.53 -53.99 16.71
C LYS G 898 -24.89 -52.75 17.28
N VAL G 899 -25.22 -51.59 16.71
CA VAL G 899 -24.60 -50.34 17.15
C VAL G 899 -25.27 -49.88 18.43
N VAL G 900 -24.48 -49.27 19.32
CA VAL G 900 -24.96 -48.84 20.62
C VAL G 900 -24.76 -47.34 20.76
N HIS G 901 -24.85 -46.62 19.65
CA HIS G 901 -24.65 -45.17 19.67
C HIS G 901 -25.70 -44.50 20.55
N GLU G 902 -25.29 -43.39 21.16
CA GLU G 902 -26.12 -42.75 22.18
C GLU G 902 -27.51 -42.40 21.65
N SER G 903 -27.62 -42.07 20.36
CA SER G 903 -28.93 -41.74 19.81
C SER G 903 -29.89 -42.92 19.91
N LEU G 904 -29.39 -44.13 19.71
CA LEU G 904 -30.24 -45.30 19.85
C LEU G 904 -30.76 -45.44 21.28
N ARG G 905 -29.89 -45.23 22.27
CA ARG G 905 -30.32 -45.34 23.66
C ARG G 905 -31.38 -44.30 23.98
N THR G 906 -31.16 -43.05 23.55
CA THR G 906 -32.16 -42.02 23.80
C THR G 906 -33.46 -42.33 23.08
N LEU G 907 -33.37 -42.85 21.86
CA LEU G 907 -34.57 -43.21 21.13
C LEU G 907 -35.35 -44.31 21.84
N GLU G 908 -34.64 -45.34 22.30
CA GLU G 908 -35.32 -46.44 22.99
C GLU G 908 -35.94 -45.97 24.30
N LYS G 909 -35.22 -45.14 25.06
CA LYS G 909 -35.77 -44.63 26.32
C LYS G 909 -36.99 -43.76 26.09
N ALA G 910 -36.94 -42.88 25.09
CA ALA G 910 -38.10 -42.07 24.76
C ALA G 910 -39.25 -42.95 24.29
N GLN G 911 -38.96 -43.98 23.49
CA GLN G 911 -40.00 -44.89 23.04
C GLN G 911 -40.65 -45.60 24.22
N ARG G 912 -39.84 -46.05 25.18
CA ARG G 912 -40.39 -46.68 26.37
C ARG G 912 -41.28 -45.71 27.14
N GLN G 913 -40.86 -44.45 27.23
CA GLN G 913 -41.69 -43.45 27.89
C GLN G 913 -43.03 -43.29 27.18
N LEU G 914 -43.03 -43.26 25.85
CA LEU G 914 -44.28 -43.16 25.11
C LEU G 914 -45.17 -44.36 25.36
N ASN G 915 -44.60 -45.56 25.37
CA ASN G 915 -45.39 -46.75 25.65
C ASN G 915 -46.01 -46.70 27.04
N ALA G 916 -45.35 -46.01 27.98
CA ALA G 916 -45.90 -45.87 29.31
C ALA G 916 -46.97 -44.79 29.37
N ALA G 917 -46.97 -43.85 28.43
CA ALA G 917 -47.86 -42.71 28.52
C ALA G 917 -49.21 -42.94 27.85
N ARG G 918 -49.26 -43.79 26.82
CA ARG G 918 -50.49 -43.92 26.05
C ARG G 918 -51.64 -44.47 26.90
N PHE G 919 -51.34 -45.25 27.94
CA PHE G 919 -52.40 -45.80 28.77
C PHE G 919 -52.70 -44.94 29.99
N VAL G 920 -52.01 -43.81 30.16
CA VAL G 920 -52.25 -42.95 31.31
C VAL G 920 -53.47 -42.08 31.03
N ASP G 921 -54.44 -42.11 31.94
CA ASP G 921 -55.71 -41.40 31.77
C ASP G 921 -55.53 -39.93 32.14
N ASP G 922 -55.03 -39.16 31.17
CA ASP G 922 -54.85 -37.73 31.38
C ASP G 922 -55.26 -36.91 30.15
N ASN G 923 -56.10 -37.47 29.28
CA ASN G 923 -56.54 -36.83 28.04
C ASN G 923 -55.42 -36.68 27.02
N GLY G 924 -54.35 -37.44 27.17
CA GLY G 924 -53.27 -37.42 26.20
C GLY G 924 -52.20 -36.39 26.43
N GLU G 925 -52.20 -35.70 27.57
CA GLU G 925 -51.13 -34.74 27.84
C GLU G 925 -49.78 -35.44 27.95
N SER G 926 -49.69 -36.48 28.79
CA SER G 926 -48.45 -37.25 28.85
C SER G 926 -48.17 -37.94 27.52
N HIS G 927 -49.22 -38.46 26.88
CA HIS G 927 -49.06 -39.01 25.54
C HIS G 927 -48.55 -37.96 24.57
N TYR G 928 -49.13 -36.76 24.62
CA TYR G 928 -48.66 -35.69 23.73
C TYR G 928 -47.22 -35.31 24.02
N LYS G 929 -46.88 -35.14 25.31
CA LYS G 929 -45.52 -34.77 25.65
C LYS G 929 -44.53 -35.84 25.24
N ALA G 930 -44.90 -37.11 25.40
CA ALA G 930 -44.04 -38.20 24.95
C ALA G 930 -43.82 -38.11 23.44
N LEU G 931 -44.86 -37.79 22.69
CA LEU G 931 -44.70 -37.62 21.25
C LEU G 931 -43.75 -36.47 20.93
N GLN G 932 -43.84 -35.38 21.68
CA GLN G 932 -42.96 -34.24 21.44
C GLN G 932 -41.50 -34.65 21.51
N VAL G 933 -41.14 -35.42 22.55
CA VAL G 933 -39.75 -35.81 22.74
C VAL G 933 -39.28 -36.69 21.59
N LEU G 934 -40.11 -37.65 21.18
CA LEU G 934 -39.72 -38.57 20.12
C LEU G 934 -39.51 -37.84 18.80
N VAL G 935 -40.49 -37.00 18.42
CA VAL G 935 -40.38 -36.30 17.14
C VAL G 935 -39.19 -35.35 17.14
N ALA G 936 -38.98 -34.63 18.25
CA ALA G 936 -37.82 -33.75 18.32
C ALA G 936 -36.54 -34.48 17.96
N GLN G 937 -36.36 -35.70 18.47
CA GLN G 937 -35.24 -36.52 18.04
C GLN G 937 -35.30 -36.79 16.54
N LEU G 938 -36.49 -37.09 16.03
CA LEU G 938 -36.65 -37.31 14.60
C LEU G 938 -36.40 -36.03 13.82
N ARG G 939 -36.87 -34.89 14.34
CA ARG G 939 -36.63 -33.62 13.67
C ARG G 939 -35.15 -33.32 13.58
N ASP G 940 -34.43 -33.37 14.71
CA ASP G 940 -33.02 -33.00 14.72
C ASP G 940 -32.21 -33.91 13.81
N ALA G 941 -32.50 -35.21 13.83
CA ALA G 941 -31.82 -36.12 12.91
C ALA G 941 -32.13 -35.76 11.47
N CYS G 942 -33.36 -35.29 11.21
CA CYS G 942 -33.74 -34.95 9.84
C CYS G 942 -32.91 -33.79 9.31
N GLU G 943 -32.72 -32.73 10.11
CA GLU G 943 -31.91 -31.61 9.65
C GLU G 943 -30.46 -32.02 9.48
N ARG G 944 -29.90 -32.69 10.49
CA ARG G 944 -28.51 -33.14 10.45
C ARG G 944 -28.46 -34.61 10.01
N ASN G 945 -28.98 -34.85 8.80
CA ASN G 945 -29.05 -36.22 8.29
C ASN G 945 -27.68 -36.82 8.01
N ARG G 946 -26.67 -35.98 7.71
CA ARG G 946 -25.35 -36.51 7.40
C ARG G 946 -24.63 -37.01 8.64
N THR G 947 -24.91 -36.45 9.82
CA THR G 947 -24.30 -36.96 11.04
C THR G 947 -24.70 -38.41 11.26
N LEU G 948 -23.74 -39.21 11.73
CA LEU G 948 -24.01 -40.63 11.91
C LEU G 948 -25.16 -40.87 12.87
N GLY G 949 -25.40 -39.95 13.81
CA GLY G 949 -26.50 -40.13 14.74
C GLY G 949 -27.84 -40.17 14.04
N ALA G 950 -28.07 -39.22 13.12
CA ALA G 950 -29.32 -39.21 12.38
C ALA G 950 -29.45 -40.43 11.48
N LYS G 951 -28.36 -40.79 10.79
CA LYS G 951 -28.41 -41.95 9.90
C LYS G 951 -28.71 -43.21 10.69
N ALA G 952 -28.06 -43.40 11.83
CA ALA G 952 -28.34 -44.57 12.66
C ALA G 952 -29.79 -44.60 13.08
N LEU G 953 -30.40 -43.43 13.29
CA LEU G 953 -31.79 -43.38 13.72
C LEU G 953 -32.75 -43.65 12.57
N LEU G 954 -32.43 -43.18 11.37
CA LEU G 954 -33.35 -43.28 10.24
C LEU G 954 -32.79 -44.08 9.06
N ASP G 955 -31.53 -44.48 9.10
CA ASP G 955 -30.94 -45.29 8.03
C ASP G 955 -30.72 -46.70 8.55
N PRO G 956 -31.49 -47.70 8.07
CA PRO G 956 -31.36 -49.04 8.65
C PRO G 956 -29.99 -49.65 8.48
N ARG G 957 -29.31 -49.35 7.38
CA ARG G 957 -27.98 -49.91 7.14
C ARG G 957 -26.96 -49.44 8.16
N PHE G 958 -27.20 -48.31 8.83
CA PHE G 958 -26.31 -47.81 9.86
C PHE G 958 -26.70 -48.29 11.26
N ARG G 959 -27.75 -49.10 11.37
CA ARG G 959 -28.20 -49.59 12.67
C ARG G 959 -27.41 -50.79 13.16
N LEU G 960 -26.56 -51.39 12.32
CA LEU G 960 -25.79 -52.55 12.72
C LEU G 960 -24.40 -52.46 12.12
N GLU G 961 -23.41 -52.95 12.86
CA GLU G 961 -22.02 -52.93 12.42
C GLU G 961 -21.80 -54.04 11.39
N PHE G 962 -20.55 -54.25 11.00
CA PHE G 962 -20.20 -55.31 10.07
C PHE G 962 -18.79 -55.80 10.37
N ALA G 963 -18.61 -57.11 10.37
CA ALA G 963 -17.29 -57.70 10.57
C ALA G 963 -17.24 -59.03 9.85
N VAL G 964 -16.02 -59.48 9.55
CA VAL G 964 -15.79 -60.73 8.86
C VAL G 964 -14.91 -61.62 9.73
N SER G 965 -15.36 -62.84 9.95
CA SER G 965 -14.62 -63.82 10.73
C SER G 965 -14.29 -65.01 9.85
N VAL G 966 -13.02 -65.41 9.87
CA VAL G 966 -12.52 -66.51 9.05
C VAL G 966 -12.60 -67.78 9.89
N MET G 967 -13.55 -68.65 9.56
CA MET G 967 -13.69 -69.91 10.27
C MET G 967 -12.69 -70.93 9.73
N ASP G 968 -12.87 -72.18 10.15
CA ASP G 968 -12.06 -73.30 9.67
C ASP G 968 -12.96 -74.30 8.97
N ARG G 969 -12.54 -74.74 7.78
CA ARG G 969 -13.36 -75.63 6.98
C ARG G 969 -13.58 -76.98 7.65
N GLN G 970 -12.78 -77.31 8.66
CA GLN G 970 -12.89 -78.60 9.35
C GLN G 970 -13.45 -78.45 10.75
N SER G 971 -12.80 -77.65 11.60
CA SER G 971 -13.25 -77.52 12.98
C SER G 971 -14.65 -76.90 13.06
N GLY G 972 -14.93 -75.93 12.20
CA GLY G 972 -16.15 -75.18 12.28
C GLY G 972 -16.08 -73.95 13.16
N ASN G 973 -14.97 -73.74 13.84
CA ASN G 973 -14.76 -72.54 14.64
C ASN G 973 -14.00 -71.50 13.83
N VAL G 974 -13.80 -70.33 14.43
CA VAL G 974 -13.16 -69.19 13.76
C VAL G 974 -11.73 -69.08 14.27
N ILE G 975 -10.77 -69.06 13.36
CA ILE G 975 -9.37 -68.89 13.74
C ILE G 975 -9.19 -67.55 14.45
N GLU G 976 -9.77 -66.49 13.89
CA GLU G 976 -9.84 -65.19 14.53
C GLU G 976 -11.21 -64.61 14.27
N SER G 977 -12.02 -64.49 15.33
CA SER G 977 -13.34 -63.89 15.17
C SER G 977 -13.25 -62.54 14.47
N ARG G 978 -12.25 -61.75 14.82
CA ARG G 978 -11.91 -60.53 14.09
C ARG G 978 -10.65 -60.76 13.28
N THR G 979 -10.60 -60.19 12.08
CA THR G 979 -9.46 -60.37 11.21
C THR G 979 -8.16 -60.09 11.97
N GLY G 980 -7.34 -61.13 12.12
CA GLY G 980 -6.16 -61.05 12.95
C GLY G 980 -5.16 -60.00 12.51
N SER G 981 -4.84 -59.95 11.22
CA SER G 981 -3.88 -58.99 10.68
C SER G 981 -3.92 -59.09 9.16
N GLN G 982 -3.14 -58.25 8.49
CA GLN G 982 -3.09 -58.16 7.05
C GLN G 982 -1.86 -58.88 6.52
N GLY G 983 -1.65 -58.77 5.21
CA GLY G 983 -0.49 -59.32 4.57
C GLY G 983 0.57 -58.27 4.32
N GLY G 984 0.47 -57.16 5.05
CA GLY G 984 1.38 -56.03 4.88
C GLY G 984 0.69 -54.81 4.35
N SER G 985 0.35 -53.87 5.24
CA SER G 985 -0.32 -52.62 4.87
C SER G 985 -1.65 -52.90 4.18
N GLY G 986 -2.57 -53.50 4.93
CA GLY G 986 -3.88 -53.81 4.41
C GLY G 986 -3.93 -54.97 3.44
N GLY G 987 -2.90 -55.83 3.43
CA GLY G 987 -2.90 -56.98 2.55
C GLY G 987 -4.10 -57.87 2.75
N GLU G 988 -4.21 -58.47 3.94
CA GLU G 988 -5.37 -59.30 4.24
C GLU G 988 -6.65 -58.48 4.23
N LYS G 989 -6.61 -57.26 4.77
CA LYS G 989 -7.80 -56.41 4.78
C LYS G 989 -8.30 -56.16 3.36
N GLU G 990 -7.38 -55.85 2.44
CA GLU G 990 -7.78 -55.67 1.05
C GLU G 990 -8.35 -56.95 0.46
N ILE G 991 -7.72 -58.09 0.76
CA ILE G 991 -8.19 -59.35 0.20
C ILE G 991 -9.61 -59.63 0.66
N ILE G 992 -9.87 -59.49 1.97
CA ILE G 992 -11.19 -59.76 2.49
C ILE G 992 -12.20 -58.78 1.93
N ALA G 993 -11.86 -57.49 1.89
CA ALA G 993 -12.76 -56.49 1.34
C ALA G 993 -13.03 -56.77 -0.13
N SER G 994 -12.00 -57.14 -0.88
CA SER G 994 -12.20 -57.51 -2.28
C SER G 994 -13.05 -58.77 -2.40
N TYR G 995 -12.77 -59.77 -1.57
CA TYR G 995 -13.51 -61.03 -1.64
C TYR G 995 -14.99 -60.81 -1.38
N VAL G 996 -15.32 -60.03 -0.34
CA VAL G 996 -16.72 -59.83 0.01
C VAL G 996 -17.46 -59.15 -1.13
N LEU G 997 -16.87 -58.12 -1.72
CA LEU G 997 -17.52 -57.44 -2.82
C LEU G 997 -17.77 -58.38 -3.99
N THR G 998 -16.83 -59.28 -4.25
CA THR G 998 -17.04 -60.29 -5.29
C THR G 998 -18.22 -61.18 -4.94
N ALA G 999 -18.34 -61.58 -3.68
CA ALA G 999 -19.48 -62.39 -3.27
C ALA G 999 -20.78 -61.63 -3.43
N SER G 1000 -20.79 -60.35 -3.04
CA SER G 1000 -21.98 -59.54 -3.22
C SER G 1000 -22.37 -59.44 -4.68
N LEU G 1001 -21.40 -59.23 -5.57
CA LEU G 1001 -21.69 -59.17 -6.99
C LEU G 1001 -22.18 -60.53 -7.49
N SER G 1002 -21.56 -61.61 -7.04
CA SER G 1002 -22.02 -62.94 -7.43
C SER G 1002 -23.44 -63.19 -6.95
N TYR G 1003 -23.73 -62.85 -5.70
CA TYR G 1003 -25.10 -63.00 -5.18
C TYR G 1003 -26.04 -62.04 -5.89
N ALA G 1004 -25.61 -60.81 -6.16
CA ALA G 1004 -26.46 -59.85 -6.85
C ALA G 1004 -26.80 -60.34 -8.25
N LEU G 1005 -25.83 -60.94 -8.95
CA LEU G 1005 -26.06 -61.43 -10.29
C LEU G 1005 -26.70 -62.81 -10.32
N CYS G 1006 -26.71 -63.52 -9.21
CA CYS G 1006 -27.30 -64.86 -9.18
C CYS G 1006 -28.81 -64.76 -9.12
N PRO G 1007 -29.53 -65.33 -10.09
CA PRO G 1007 -30.99 -65.23 -10.07
C PRO G 1007 -31.57 -65.90 -8.83
N ALA G 1008 -32.84 -65.60 -8.57
CA ALA G 1008 -33.52 -66.15 -7.41
C ALA G 1008 -33.43 -67.67 -7.41
N GLY G 1009 -32.99 -68.23 -6.30
CA GLY G 1009 -32.82 -69.68 -6.24
C GLY G 1009 -31.88 -70.21 -7.30
N SER G 1010 -30.78 -69.50 -7.55
CA SER G 1010 -29.81 -69.90 -8.55
C SER G 1010 -28.42 -69.94 -7.92
N ARG G 1011 -27.67 -70.98 -8.25
CA ARG G 1011 -26.31 -71.13 -7.74
C ARG G 1011 -25.27 -70.38 -8.55
N TYR G 1012 -25.56 -70.07 -9.81
CA TYR G 1012 -24.64 -69.39 -10.70
C TYR G 1012 -25.27 -68.14 -11.26
N PRO G 1013 -24.51 -67.05 -11.41
CA PRO G 1013 -25.07 -65.82 -11.98
C PRO G 1013 -25.30 -65.98 -13.48
N LEU G 1014 -26.53 -65.66 -13.92
CA LEU G 1014 -26.84 -65.78 -15.34
C LEU G 1014 -26.03 -64.78 -16.17
N PHE G 1015 -25.78 -63.60 -15.63
CA PHE G 1015 -24.93 -62.59 -16.27
C PHE G 1015 -23.59 -62.59 -15.56
N GLY G 1016 -22.65 -63.38 -16.08
CA GLY G 1016 -21.39 -63.66 -15.42
C GLY G 1016 -20.18 -62.88 -15.90
N THR G 1017 -20.37 -61.77 -16.60
CA THR G 1017 -19.26 -60.96 -17.08
C THR G 1017 -19.16 -59.67 -16.27
N ILE G 1018 -17.95 -59.30 -15.87
CA ILE G 1018 -17.72 -58.14 -15.03
C ILE G 1018 -16.63 -57.28 -15.67
N ILE G 1019 -16.86 -55.97 -15.73
CA ILE G 1019 -15.92 -55.02 -16.29
C ILE G 1019 -15.48 -54.08 -15.18
N LEU G 1020 -14.17 -53.97 -14.96
CA LEU G 1020 -13.61 -53.11 -13.93
C LEU G 1020 -12.48 -52.29 -14.54
N ASP G 1021 -12.73 -51.00 -14.75
CA ASP G 1021 -11.70 -50.11 -15.26
C ASP G 1021 -10.59 -49.94 -14.23
N GLU G 1022 -9.37 -49.69 -14.72
CA GLU G 1022 -8.19 -49.56 -13.87
C GLU G 1022 -8.12 -50.75 -12.91
N ALA G 1023 -7.90 -51.92 -13.51
CA ALA G 1023 -8.02 -53.18 -12.79
C ALA G 1023 -7.41 -53.12 -11.40
N PHE G 1024 -6.10 -52.88 -11.33
CA PHE G 1024 -5.40 -52.83 -10.05
C PHE G 1024 -4.33 -51.75 -10.13
N SER G 1025 -4.70 -50.54 -9.74
CA SER G 1025 -3.77 -49.43 -9.65
C SER G 1025 -3.22 -49.23 -8.25
N ARG G 1026 -3.99 -49.63 -7.23
CA ARG G 1026 -3.60 -49.47 -5.84
C ARG G 1026 -3.34 -50.82 -5.15
N SER G 1027 -3.25 -51.90 -5.91
CA SER G 1027 -3.12 -53.24 -5.36
C SER G 1027 -1.81 -53.86 -5.79
N SER G 1028 -1.15 -54.55 -4.86
CA SER G 1028 0.14 -55.17 -5.15
C SER G 1028 -0.06 -56.48 -5.90
N HIS G 1029 1.05 -56.97 -6.47
CA HIS G 1029 0.99 -58.21 -7.24
C HIS G 1029 0.56 -59.38 -6.36
N ALA G 1030 1.07 -59.43 -5.13
CA ALA G 1030 0.71 -60.54 -4.23
C ALA G 1030 -0.79 -60.59 -4.02
N VAL G 1031 -1.42 -59.45 -3.75
CA VAL G 1031 -2.86 -59.43 -3.59
C VAL G 1031 -3.57 -59.54 -4.95
N ALA G 1032 -3.10 -58.80 -5.96
CA ALA G 1032 -3.82 -58.71 -7.22
C ALA G 1032 -4.15 -60.09 -7.76
N GLY G 1033 -3.20 -61.02 -7.68
CA GLY G 1033 -3.50 -62.39 -8.08
C GLY G 1033 -4.59 -63.01 -7.24
N ARG G 1034 -4.73 -62.56 -6.00
CA ARG G 1034 -5.74 -63.14 -5.11
C ARG G 1034 -7.14 -62.76 -5.57
N ILE G 1035 -7.36 -61.50 -5.93
CA ILE G 1035 -8.68 -61.08 -6.39
C ILE G 1035 -9.05 -61.79 -7.69
N ILE G 1036 -8.09 -61.93 -8.59
CA ILE G 1036 -8.37 -62.63 -9.85
C ILE G 1036 -8.78 -64.07 -9.57
N ALA G 1037 -8.10 -64.73 -8.64
CA ALA G 1037 -8.51 -66.08 -8.26
C ALA G 1037 -9.91 -66.08 -7.67
N ALA G 1038 -10.23 -65.07 -6.85
CA ALA G 1038 -11.54 -65.00 -6.24
C ALA G 1038 -12.63 -64.88 -7.29
N LEU G 1039 -12.41 -64.06 -8.31
CA LEU G 1039 -13.42 -63.89 -9.36
C LEU G 1039 -13.65 -65.21 -10.09
N ARG G 1040 -12.59 -65.97 -10.33
CA ARG G 1040 -12.74 -67.26 -10.97
C ARG G 1040 -13.58 -68.21 -10.12
N GLU G 1041 -13.32 -68.22 -8.81
CA GLU G 1041 -14.03 -69.16 -7.94
C GLU G 1041 -15.53 -68.93 -7.97
N PHE G 1042 -15.97 -67.67 -7.96
CA PHE G 1042 -17.38 -67.37 -7.99
C PHE G 1042 -17.96 -67.35 -9.40
N GLY G 1043 -17.26 -67.96 -10.36
CA GLY G 1043 -17.80 -68.07 -11.70
C GLY G 1043 -18.06 -66.73 -12.37
N LEU G 1044 -17.15 -65.78 -12.22
CA LEU G 1044 -17.26 -64.47 -12.85
C LEU G 1044 -16.18 -64.33 -13.90
N HIS G 1045 -16.59 -64.12 -15.15
CA HIS G 1045 -15.67 -63.86 -16.25
C HIS G 1045 -15.46 -62.36 -16.35
N ALA G 1046 -14.25 -61.91 -16.09
CA ALA G 1046 -13.94 -60.49 -15.96
C ALA G 1046 -13.01 -60.05 -17.08
N VAL G 1047 -13.19 -58.82 -17.53
CA VAL G 1047 -12.28 -58.16 -18.45
C VAL G 1047 -11.61 -57.02 -17.70
N PHE G 1048 -10.28 -57.02 -17.68
CA PHE G 1048 -9.51 -56.06 -16.91
C PHE G 1048 -8.95 -55.00 -17.83
N ILE G 1049 -9.09 -53.73 -17.43
CA ILE G 1049 -8.60 -52.60 -18.20
C ILE G 1049 -7.44 -51.98 -17.42
N THR G 1050 -6.28 -51.89 -18.09
CA THR G 1050 -5.09 -51.34 -17.48
C THR G 1050 -4.28 -50.58 -18.52
N PRO G 1051 -3.56 -49.54 -18.12
CA PRO G 1051 -2.71 -48.79 -19.07
C PRO G 1051 -1.32 -49.41 -19.22
N ASN G 1052 -1.28 -50.61 -19.82
CA ASN G 1052 -0.02 -51.32 -20.08
C ASN G 1052 0.75 -51.58 -18.80
N LYS G 1053 0.05 -51.74 -17.69
CA LYS G 1053 0.67 -52.03 -16.40
C LYS G 1053 0.20 -53.37 -15.89
N GLU G 1054 1.01 -53.99 -15.04
CA GLU G 1054 0.65 -55.26 -14.42
C GLU G 1054 0.39 -56.32 -15.49
N MET G 1055 1.20 -56.29 -16.54
CA MET G 1055 1.03 -57.23 -17.64
C MET G 1055 1.32 -58.67 -17.22
N ARG G 1056 2.25 -58.87 -16.28
CA ARG G 1056 2.64 -60.23 -15.91
C ARG G 1056 1.44 -61.04 -15.44
N LEU G 1057 0.68 -60.49 -14.48
CA LEU G 1057 -0.43 -61.27 -13.92
C LEU G 1057 -1.61 -61.32 -14.88
N LEU G 1058 -1.83 -60.24 -15.65
CA LEU G 1058 -2.89 -60.27 -16.66
C LEU G 1058 -2.62 -61.36 -17.69
N ARG G 1059 -1.37 -61.46 -18.15
CA ARG G 1059 -1.01 -62.45 -19.15
C ARG G 1059 -1.21 -63.86 -18.61
N ASP G 1060 -0.83 -64.09 -17.35
CA ASP G 1060 -0.97 -65.42 -16.77
C ASP G 1060 -2.42 -65.79 -16.53
N HIS G 1061 -3.27 -64.80 -16.23
CA HIS G 1061 -4.65 -65.05 -15.84
C HIS G 1061 -5.66 -64.61 -16.90
N THR G 1062 -5.22 -64.46 -18.15
CA THR G 1062 -6.12 -64.12 -19.24
C THR G 1062 -5.59 -64.78 -20.52
N ARG G 1063 -6.39 -64.69 -21.58
CA ARG G 1063 -6.01 -65.33 -22.84
C ARG G 1063 -6.32 -64.45 -24.05
N SER G 1064 -6.55 -63.16 -23.86
CA SER G 1064 -6.71 -62.24 -24.98
C SER G 1064 -6.45 -60.82 -24.46
N ALA G 1065 -6.13 -59.93 -25.39
CA ALA G 1065 -5.78 -58.56 -25.03
C ALA G 1065 -6.21 -57.64 -26.15
N ILE G 1066 -7.01 -56.63 -25.82
CA ILE G 1066 -7.53 -55.67 -26.80
C ILE G 1066 -6.65 -54.44 -26.69
N VAL G 1067 -5.65 -54.35 -27.57
CA VAL G 1067 -4.78 -53.18 -27.59
C VAL G 1067 -5.55 -52.01 -28.19
N VAL G 1068 -5.73 -50.95 -27.40
CA VAL G 1068 -6.42 -49.75 -27.84
C VAL G 1068 -5.40 -48.62 -27.94
N HIS G 1069 -5.31 -48.02 -29.12
CA HIS G 1069 -4.41 -46.90 -29.34
C HIS G 1069 -5.19 -45.79 -30.01
N ARG G 1070 -4.84 -44.54 -29.69
CA ARG G 1070 -5.50 -43.37 -30.23
C ARG G 1070 -4.46 -42.47 -30.88
N ARG G 1071 -4.68 -42.11 -32.14
CA ARG G 1071 -3.84 -41.17 -32.85
C ARG G 1071 -4.71 -40.01 -33.33
N GLY G 1072 -4.18 -38.79 -33.22
CA GLY G 1072 -4.96 -37.63 -33.60
C GLY G 1072 -6.23 -37.55 -32.79
N GLN G 1073 -7.34 -37.24 -33.46
CA GLN G 1073 -8.63 -37.10 -32.80
C GLN G 1073 -9.48 -38.36 -32.87
N ASN G 1074 -8.96 -39.45 -33.43
CA ASN G 1074 -9.69 -40.70 -33.54
C ASN G 1074 -8.92 -41.82 -32.85
N SER G 1075 -9.66 -42.71 -32.21
CA SER G 1075 -9.11 -43.88 -31.53
C SER G 1075 -9.58 -45.14 -32.24
N ASN G 1076 -8.90 -46.24 -31.95
CA ASN G 1076 -9.21 -47.50 -32.62
C ASN G 1076 -8.63 -48.64 -31.81
N MET G 1077 -9.14 -49.85 -32.10
CA MET G 1077 -8.78 -51.06 -31.37
C MET G 1077 -8.06 -52.04 -32.29
N ALA G 1078 -7.38 -53.00 -31.68
CA ALA G 1078 -6.68 -54.06 -32.40
C ALA G 1078 -6.56 -55.26 -31.49
N SER G 1079 -7.40 -56.27 -31.70
CA SER G 1079 -7.46 -57.42 -30.82
C SER G 1079 -6.23 -58.30 -30.95
N LEU G 1080 -5.96 -59.06 -29.90
CA LEU G 1080 -4.86 -60.01 -29.86
C LEU G 1080 -5.22 -61.13 -28.90
N SER G 1081 -4.62 -62.30 -29.11
CA SER G 1081 -4.94 -63.44 -28.27
C SER G 1081 -3.79 -64.44 -28.26
N TRP G 1082 -3.82 -65.34 -27.29
CA TRP G 1082 -2.82 -66.39 -27.15
C TRP G 1082 -3.43 -67.54 -26.37
N GLU G 1083 -2.78 -68.70 -26.45
CA GLU G 1083 -3.27 -69.87 -25.73
C GLU G 1083 -2.11 -70.82 -25.49
N GLU G 1084 -2.22 -71.59 -24.41
CA GLU G 1084 -1.18 -72.57 -24.05
C GLU G 1084 -1.38 -73.85 -24.85
N LEU G 1085 -0.41 -74.17 -25.70
CA LEU G 1085 -0.42 -75.47 -26.36
C LEU G 1085 -0.18 -76.57 -25.34
N GLU G 1086 -0.81 -77.73 -25.59
CA GLU G 1086 -0.81 -78.80 -24.59
C GLU G 1086 0.60 -79.30 -24.30
N ARG G 1087 1.41 -79.47 -25.35
CA ARG G 1087 2.76 -80.04 -25.27
C ARG G 1087 3.16 -80.53 -23.89
N HIS G 1088 3.81 -79.67 -23.11
CA HIS G 1088 4.33 -80.06 -21.81
C HIS G 1088 4.93 -78.82 -21.15
N TYR G 1089 5.23 -78.94 -19.86
CA TYR G 1089 5.97 -77.88 -19.18
C TYR G 1089 7.37 -77.74 -19.76
N GLN G 1090 8.04 -78.87 -20.02
CA GLN G 1090 9.37 -78.87 -20.61
C GLN G 1090 9.73 -80.30 -20.98
N ARG G 1091 10.40 -80.45 -22.12
CA ARG G 1091 10.78 -81.76 -22.63
C ARG G 1091 12.30 -81.94 -22.54
N ARG G 1092 12.72 -83.19 -22.55
CA ARG G 1092 14.13 -83.56 -22.40
C ARG G 1092 14.70 -83.14 -21.05
N GLY G 1093 13.85 -83.07 -20.03
CA GLY G 1093 14.28 -82.68 -18.70
C GLY G 1093 13.42 -83.27 -17.60
N ASN G 1094 13.59 -82.79 -16.38
CA ASN G 1094 12.81 -83.29 -15.26
C ASN G 1094 11.32 -83.06 -15.49
N ALA G 1095 10.52 -84.08 -15.17
CA ALA G 1095 9.07 -83.98 -15.32
C ALA G 1095 8.36 -84.41 -14.05
N SER H 40 52.27 -37.45 51.40
CA SER H 40 53.63 -37.93 51.32
C SER H 40 54.45 -37.09 50.34
N GLU H 41 53.78 -36.20 49.61
CA GLU H 41 54.46 -35.33 48.66
C GLU H 41 53.70 -34.02 48.55
N THR H 42 54.41 -33.00 48.07
CA THR H 42 53.86 -31.66 47.97
C THR H 42 52.68 -31.63 46.99
N ARG H 43 51.49 -31.33 47.52
CA ARG H 43 50.27 -31.26 46.73
C ARG H 43 49.61 -29.91 46.98
N THR H 44 49.30 -29.19 45.91
CA THR H 44 48.57 -27.94 46.07
C THR H 44 47.19 -28.23 46.65
N LEU H 45 46.69 -27.28 47.44
CA LEU H 45 45.43 -27.48 48.14
C LEU H 45 44.32 -27.86 47.16
N GLN H 46 43.48 -28.81 47.57
CA GLN H 46 42.46 -29.33 46.66
C GLN H 46 41.53 -28.21 46.20
N LYS H 47 41.22 -27.25 47.08
CA LYS H 47 40.42 -26.12 46.66
C LYS H 47 41.10 -25.37 45.52
N ILE H 48 42.42 -25.18 45.62
CA ILE H 48 43.13 -24.44 44.60
C ILE H 48 43.16 -25.22 43.29
N ARG H 49 43.42 -26.52 43.35
CA ARG H 49 43.45 -27.28 42.10
C ARG H 49 42.10 -27.24 41.41
N GLU H 50 41.02 -27.41 42.16
CA GLU H 50 39.69 -27.37 41.55
C GLU H 50 39.40 -25.99 40.95
N ALA H 51 39.79 -24.92 41.66
CA ALA H 51 39.53 -23.58 41.15
C ALA H 51 40.30 -23.33 39.86
N THR H 52 41.58 -23.71 39.82
CA THR H 52 42.37 -23.48 38.61
C THR H 52 41.81 -24.25 37.42
N GLN H 53 41.41 -25.51 37.64
CA GLN H 53 40.87 -26.30 36.54
C GLN H 53 39.58 -25.70 36.01
N GLU H 54 38.69 -25.26 36.91
CA GLU H 54 37.47 -24.59 36.47
C GLU H 54 37.81 -23.31 35.71
N LEU H 55 38.83 -22.59 36.18
CA LEU H 55 39.25 -21.39 35.47
C LEU H 55 39.72 -21.72 34.06
N LEU H 56 40.53 -22.77 33.93
CA LEU H 56 41.06 -23.12 32.61
C LEU H 56 39.99 -23.73 31.72
N LYS H 57 39.05 -24.47 32.32
CA LYS H 57 38.02 -25.13 31.53
C LYS H 57 37.11 -24.12 30.86
N TYR H 58 36.61 -23.15 31.62
CA TYR H 58 35.71 -22.14 31.08
C TYR H 58 36.43 -20.88 30.61
N GLY H 59 37.70 -20.73 30.94
CA GLY H 59 38.41 -19.51 30.58
C GLY H 59 38.21 -18.35 31.53
N LEU H 60 37.01 -18.21 32.09
CA LEU H 60 36.71 -17.14 33.02
C LEU H 60 35.91 -17.68 34.20
N LEU H 61 36.03 -16.99 35.33
CA LEU H 61 35.26 -17.30 36.53
C LEU H 61 34.51 -16.04 36.92
N GLU H 62 33.20 -16.15 37.11
CA GLU H 62 32.37 -15.01 37.47
C GLU H 62 31.79 -15.23 38.86
N GLU H 63 31.72 -14.15 39.64
CA GLU H 63 31.17 -14.25 40.98
C GLU H 63 29.67 -14.56 40.94
N ALA H 64 28.96 -14.02 39.96
CA ALA H 64 27.52 -14.22 39.90
C ALA H 64 27.13 -15.66 39.63
N SER H 65 28.04 -16.47 39.11
CA SER H 65 27.74 -17.85 38.76
C SER H 65 28.44 -18.87 39.66
N LYS H 66 29.74 -18.69 39.91
CA LYS H 66 30.51 -19.60 40.75
C LYS H 66 31.28 -18.76 41.78
N PRO H 67 30.57 -18.16 42.73
CA PRO H 67 31.25 -17.28 43.69
C PRO H 67 32.31 -17.98 44.51
N ASN H 68 32.11 -19.24 44.85
CA ASN H 68 33.04 -19.95 45.72
C ASN H 68 34.43 -20.01 45.12
N LEU H 69 34.57 -20.67 43.96
CA LEU H 69 35.87 -20.78 43.32
C LEU H 69 36.45 -19.41 43.02
N TYR H 70 35.60 -18.42 42.76
CA TYR H 70 36.09 -17.08 42.52
C TYR H 70 36.93 -16.58 43.69
N ARG H 71 36.41 -16.71 44.90
CA ARG H 71 37.14 -16.23 46.07
C ARG H 71 38.45 -16.98 46.27
N ILE H 72 38.45 -18.28 45.99
CA ILE H 72 39.67 -19.06 46.16
C ILE H 72 40.79 -18.50 45.30
N VAL H 73 40.51 -18.25 44.02
CA VAL H 73 41.52 -17.70 43.13
C VAL H 73 41.94 -16.31 43.60
N LEU H 74 40.96 -15.49 43.99
CA LEU H 74 41.27 -14.14 44.45
C LEU H 74 42.13 -14.18 45.70
N SER H 75 41.82 -15.07 46.63
CA SER H 75 42.55 -15.12 47.89
C SER H 75 44.03 -15.44 47.66
N HIS H 76 44.34 -16.21 46.62
CA HIS H 76 45.69 -16.69 46.37
C HIS H 76 46.11 -16.37 44.94
N PRO H 77 46.15 -15.09 44.58
CA PRO H 77 46.57 -14.75 43.21
C PRO H 77 47.97 -15.19 42.87
N GLU H 78 48.88 -15.17 43.85
CA GLU H 78 50.26 -15.60 43.58
C GLU H 78 50.29 -17.07 43.24
N GLU H 79 49.57 -17.91 43.99
CA GLU H 79 49.59 -19.33 43.72
C GLU H 79 49.05 -19.64 42.33
N VAL H 80 47.94 -19.01 41.95
CA VAL H 80 47.37 -19.26 40.62
C VAL H 80 48.32 -18.79 39.54
N THR H 81 48.92 -17.62 39.71
CA THR H 81 49.84 -17.11 38.70
C THR H 81 51.02 -18.07 38.51
N ARG H 82 51.52 -18.64 39.60
CA ARG H 82 52.61 -19.60 39.48
C ARG H 82 52.18 -20.83 38.70
N ILE H 83 50.96 -21.30 38.93
CA ILE H 83 50.47 -22.47 38.21
C ILE H 83 50.38 -22.20 36.71
N LEU H 84 49.85 -21.04 36.34
CA LEU H 84 49.64 -20.74 34.93
C LEU H 84 50.90 -20.26 34.21
N GLU H 85 51.96 -19.90 34.95
CA GLU H 85 53.17 -19.43 34.29
C GLU H 85 53.75 -20.46 33.34
N PRO H 86 53.81 -21.75 33.66
CA PRO H 86 54.34 -22.72 32.70
C PRO H 86 53.56 -22.75 31.40
N LEU H 87 52.28 -22.40 31.43
CA LEU H 87 51.42 -22.44 30.25
C LEU H 87 51.47 -21.14 29.46
N ASP H 88 52.23 -20.15 29.90
CA ASP H 88 52.26 -18.84 29.25
C ASP H 88 50.92 -18.13 29.33
N LEU H 89 50.11 -18.49 30.31
CA LEU H 89 48.82 -17.85 30.54
C LEU H 89 48.86 -17.10 31.87
N ASP H 90 48.23 -15.93 31.88
CA ASP H 90 48.14 -15.11 33.08
C ASP H 90 46.69 -14.77 33.34
N ILE H 91 46.37 -14.53 34.61
CA ILE H 91 45.01 -14.26 35.05
C ILE H 91 44.80 -12.76 35.09
N GLY H 92 43.74 -12.28 34.44
CA GLY H 92 43.38 -10.88 34.47
C GLY H 92 42.17 -10.67 35.35
N ILE H 93 42.38 -9.98 36.47
CA ILE H 93 41.38 -9.83 37.52
C ILE H 93 40.62 -8.53 37.31
N ASP H 94 39.32 -8.58 37.61
CA ASP H 94 38.48 -7.39 37.63
C ASP H 94 37.59 -7.51 38.87
N GLU H 95 38.07 -6.99 39.99
CA GLU H 95 37.29 -7.04 41.22
C GLU H 95 36.01 -6.22 41.10
N ILE H 96 36.03 -5.18 40.28
CA ILE H 96 34.87 -4.31 40.17
C ILE H 96 33.66 -5.09 39.66
N ARG H 97 33.86 -5.87 38.61
CA ARG H 97 32.79 -6.66 38.03
C ARG H 97 32.74 -8.09 38.54
N GLY H 98 33.64 -8.46 39.46
CA GLY H 98 33.70 -9.83 39.91
C GLY H 98 33.90 -10.77 38.74
N LEU H 99 35.05 -10.69 38.08
CA LEU H 99 35.30 -11.42 36.85
C LEU H 99 36.79 -11.71 36.73
N LEU H 100 37.15 -12.98 36.78
CA LEU H 100 38.51 -13.42 36.52
C LEU H 100 38.58 -14.14 35.18
N TYR H 101 39.57 -13.79 34.38
CA TYR H 101 39.71 -14.37 33.05
C TYR H 101 41.17 -14.71 32.83
N VAL H 102 41.41 -15.62 31.89
CA VAL H 102 42.75 -16.06 31.52
C VAL H 102 43.14 -15.36 30.23
N LYS H 103 44.36 -14.84 30.19
CA LYS H 103 44.86 -14.14 29.02
C LYS H 103 46.26 -14.64 28.69
N VAL H 104 46.62 -14.49 27.41
CA VAL H 104 47.94 -14.91 26.95
C VAL H 104 49.00 -14.02 27.60
N ARG H 105 50.03 -14.62 28.15
CA ARG H 105 51.12 -13.91 28.80
C ARG H 105 52.32 -13.89 27.86
N LEU H 106 52.78 -12.69 27.50
CA LEU H 106 53.95 -12.51 26.66
C LEU H 106 55.08 -11.95 27.52
N ASP H 107 56.21 -12.67 27.55
CA ASP H 107 57.30 -12.29 28.44
C ASP H 107 57.85 -10.91 28.09
N GLU H 108 58.52 -10.80 26.94
CA GLU H 108 59.02 -9.50 26.49
C GLU H 108 58.48 -9.15 25.11
N THR H 109 58.62 -10.08 24.17
CA THR H 109 58.19 -9.87 22.80
C THR H 109 58.11 -11.22 22.09
N PRO H 110 57.15 -12.08 22.46
CA PRO H 110 57.09 -13.41 21.84
C PRO H 110 56.61 -13.33 20.40
N ALA H 111 57.22 -12.45 19.61
CA ALA H 111 56.81 -12.19 18.23
C ALA H 111 55.35 -11.75 18.15
N GLN H 112 54.82 -11.19 19.25
CA GLN H 112 53.41 -10.82 19.35
C GLN H 112 52.59 -12.05 18.99
N ASP H 113 51.70 -11.99 17.99
CA ASP H 113 50.89 -13.13 17.55
C ASP H 113 50.43 -13.98 18.74
N GLU H 114 49.90 -13.31 19.75
CA GLU H 114 49.40 -14.01 20.92
C GLU H 114 48.38 -15.06 20.54
N TRP H 115 47.65 -14.85 19.45
CA TRP H 115 46.73 -15.86 18.94
C TRP H 115 47.44 -17.11 18.45
N ALA H 116 48.75 -17.03 18.22
CA ALA H 116 49.53 -18.19 17.80
C ALA H 116 49.91 -19.10 18.95
N HIS H 117 49.55 -18.74 20.18
CA HIS H 117 49.84 -19.58 21.32
C HIS H 117 49.27 -20.97 21.10
N PRO H 118 50.01 -22.03 21.40
CA PRO H 118 49.50 -23.38 21.10
C PRO H 118 48.18 -23.69 21.76
N LEU H 119 47.98 -23.23 22.99
CA LEU H 119 46.80 -23.59 23.77
C LEU H 119 45.60 -22.69 23.49
N VAL H 120 45.78 -21.57 22.80
CA VAL H 120 44.68 -20.65 22.53
C VAL H 120 43.99 -21.12 21.25
N ARG H 121 42.80 -21.69 21.39
CA ARG H 121 42.02 -22.14 20.24
C ARG H 121 41.32 -20.93 19.64
N ARG H 122 40.37 -21.17 18.76
CA ARG H 122 39.64 -20.10 18.09
C ARG H 122 40.57 -19.33 17.17
N GLN H 123 40.02 -18.43 16.38
CA GLN H 123 40.78 -17.65 15.42
C GLN H 123 40.59 -16.17 15.72
N ARG H 124 41.57 -15.38 15.30
CA ARG H 124 41.55 -13.96 15.56
C ARG H 124 40.26 -13.34 15.01
N LEU H 125 39.67 -12.44 15.79
CA LEU H 125 38.45 -11.78 15.36
C LEU H 125 38.68 -11.05 14.05
N ASN H 126 37.70 -11.12 13.15
CA ASN H 126 37.78 -10.44 11.88
C ASN H 126 37.02 -9.13 11.93
N LEU H 127 37.05 -8.39 10.82
CA LEU H 127 36.46 -7.06 10.79
C LEU H 127 34.96 -7.11 11.07
N GLU H 128 34.24 -8.04 10.44
CA GLU H 128 32.80 -8.10 10.66
C GLU H 128 32.48 -8.41 12.11
N GLN H 129 33.19 -9.35 12.73
CA GLN H 129 32.97 -9.64 14.13
C GLN H 129 33.34 -8.45 15.00
N SER H 130 34.45 -7.78 14.69
CA SER H 130 34.85 -6.61 15.47
C SER H 130 33.79 -5.52 15.41
N LEU H 131 33.19 -5.32 14.24
CA LEU H 131 32.12 -4.33 14.15
C LEU H 131 30.97 -4.67 15.08
N LEU H 132 30.62 -5.95 15.16
CA LEU H 132 29.57 -6.36 16.08
C LEU H 132 30.02 -6.22 17.53
N VAL H 133 31.29 -6.52 17.81
CA VAL H 133 31.78 -6.39 19.18
C VAL H 133 31.65 -4.96 19.67
N ALA H 134 32.01 -3.99 18.82
CA ALA H 134 31.81 -2.59 19.18
C ALA H 134 30.33 -2.29 19.35
N ILE H 135 29.49 -2.82 18.47
CA ILE H 135 28.05 -2.57 18.60
C ILE H 135 27.54 -3.12 19.92
N LEU H 136 27.92 -4.35 20.27
CA LEU H 136 27.52 -4.90 21.56
C LEU H 136 28.17 -4.13 22.71
N ARG H 137 29.45 -3.80 22.58
CA ARG H 137 30.12 -3.08 23.66
C ARG H 137 29.47 -1.74 23.90
N GLN H 138 29.07 -1.05 22.84
CA GLN H 138 28.36 0.21 23.01
C GLN H 138 27.03 0.00 23.73
N HIS H 139 26.44 -1.19 23.59
CA HIS H 139 25.24 -1.51 24.35
C HIS H 139 25.57 -1.84 25.79
N PHE H 140 26.69 -2.53 26.02
CA PHE H 140 27.07 -2.90 27.37
C PHE H 140 27.49 -1.68 28.18
N VAL H 141 28.13 -0.70 27.53
CA VAL H 141 28.48 0.53 28.23
C VAL H 141 27.22 1.27 28.65
N ALA H 142 26.21 1.33 27.78
CA ALA H 142 24.98 2.01 28.11
C ALA H 142 24.28 1.34 29.29
N TRP H 143 24.21 0.00 29.27
CA TRP H 143 23.58 -0.70 30.39
C TRP H 143 24.38 -0.51 31.67
N GLU H 144 25.70 -0.56 31.57
CA GLU H 144 26.53 -0.42 32.77
C GLU H 144 26.36 0.95 33.42
N GLN H 145 26.21 2.00 32.62
CA GLN H 145 25.95 3.32 33.20
C GLN H 145 24.72 3.30 34.08
N GLU H 146 23.62 2.74 33.57
CA GLU H 146 22.43 2.49 34.38
C GLU H 146 22.53 1.09 34.96
N SER H 147 23.45 0.92 35.89
CA SER H 147 23.67 -0.35 36.56
C SER H 147 23.29 -0.23 38.02
N GLY H 148 22.56 -1.22 38.53
CA GLY H 148 22.15 -1.20 39.92
C GLY H 148 23.27 -1.62 40.85
N THR H 149 22.94 -2.37 41.90
CA THR H 149 23.93 -2.85 42.85
C THR H 149 24.08 -4.36 42.85
N GLY H 150 23.15 -5.08 42.23
CA GLY H 150 23.23 -6.52 42.11
C GLY H 150 23.41 -7.00 40.68
N ALA H 151 23.30 -8.31 40.51
CA ALA H 151 23.41 -8.90 39.18
C ALA H 151 22.22 -8.49 38.32
N SER H 152 22.50 -8.10 37.08
CA SER H 152 21.44 -7.71 36.16
C SER H 152 21.59 -8.40 34.81
N GLN H 153 22.82 -8.74 34.44
CA GLN H 153 23.08 -9.53 33.24
C GLN H 153 22.53 -8.83 31.99
N ALA H 154 23.22 -7.75 31.62
CA ALA H 154 22.84 -6.93 30.47
C ALA H 154 22.29 -7.78 29.34
N GLN H 155 21.09 -7.42 28.88
CA GLN H 155 20.41 -8.16 27.83
C GLN H 155 19.96 -7.18 26.75
N ILE H 156 19.97 -7.66 25.52
CA ILE H 156 19.51 -6.87 24.38
C ILE H 156 18.72 -7.77 23.45
N ALA H 157 17.61 -7.25 22.93
CA ALA H 157 16.84 -8.00 21.96
C ALA H 157 17.62 -8.14 20.67
N ILE H 158 17.53 -9.32 20.05
CA ILE H 158 18.24 -9.54 18.80
C ILE H 158 17.77 -8.57 17.72
N ASP H 159 16.47 -8.26 17.71
CA ASP H 159 15.96 -7.31 16.74
C ASP H 159 16.56 -5.92 16.89
N ASP H 160 17.14 -5.62 18.04
CA ASP H 160 17.74 -4.31 18.25
C ASP H 160 19.00 -4.13 17.40
N LEU H 161 19.80 -5.19 17.26
CA LEU H 161 21.06 -5.10 16.55
C LEU H 161 20.89 -5.00 15.04
N LEU H 162 19.74 -5.39 14.51
CA LEU H 162 19.59 -5.42 13.05
C LEU H 162 19.75 -4.04 12.43
N PRO H 163 19.03 -3.00 12.87
CA PRO H 163 19.23 -1.69 12.25
C PRO H 163 20.65 -1.19 12.34
N GLN H 164 21.34 -1.44 13.46
CA GLN H 164 22.71 -1.00 13.61
C GLN H 164 23.62 -1.67 12.58
N LEU H 165 23.47 -2.98 12.40
CA LEU H 165 24.34 -3.71 11.49
C LEU H 165 24.04 -3.35 10.04
N GLN H 166 22.76 -3.22 9.70
CA GLN H 166 22.39 -2.99 8.31
C GLN H 166 23.05 -1.74 7.74
N ILE H 167 23.37 -0.77 8.59
CA ILE H 167 24.00 0.45 8.12
C ILE H 167 25.35 0.14 7.49
N TYR H 168 26.08 -0.81 8.07
CA TYR H 168 27.43 -1.14 7.62
C TYR H 168 27.44 -2.27 6.61
N LEU H 169 26.71 -3.35 6.88
CA LEU H 169 26.70 -4.50 5.99
C LEU H 169 25.69 -4.36 4.86
N GLY H 170 24.94 -3.27 4.81
CA GLY H 170 23.99 -3.05 3.75
C GLY H 170 22.74 -3.91 3.90
N ASP H 171 21.81 -3.70 2.99
CA ASP H 171 20.57 -4.46 2.99
C ASP H 171 20.73 -5.69 2.11
N PRO H 172 20.65 -6.90 2.66
CA PRO H 172 20.79 -8.10 1.82
C PRO H 172 19.59 -8.37 0.93
N GLY H 173 18.44 -7.75 1.22
CA GLY H 173 17.27 -7.93 0.39
C GLY H 173 16.02 -8.26 1.18
N SER H 174 16.18 -9.00 2.28
CA SER H 174 15.03 -9.45 3.05
C SER H 174 15.42 -9.52 4.51
N GLU H 175 14.41 -9.48 5.38
CA GLU H 175 14.66 -9.62 6.81
C GLU H 175 15.23 -11.00 7.13
N SER H 176 14.74 -12.03 6.45
CA SER H 176 15.25 -13.37 6.71
C SER H 176 16.74 -13.47 6.43
N LYS H 177 17.20 -12.86 5.33
CA LYS H 177 18.61 -12.91 5.00
C LYS H 177 19.45 -12.20 6.06
N GLU H 178 18.99 -11.03 6.52
CA GLU H 178 19.76 -10.28 7.51
C GLU H 178 19.66 -10.93 8.89
N ARG H 179 18.50 -11.49 9.22
CA ARG H 179 18.37 -12.20 10.48
C ARG H 179 19.30 -13.41 10.53
N THR H 180 19.40 -14.14 9.42
CA THR H 180 20.34 -15.24 9.35
C THR H 180 21.78 -14.73 9.46
N ARG H 181 22.09 -13.62 8.81
CA ARG H 181 23.43 -13.06 8.90
C ARG H 181 23.78 -12.71 10.34
N LEU H 182 22.84 -12.07 11.05
CA LEU H 182 23.09 -11.70 12.44
C LEU H 182 23.29 -12.92 13.31
N LEU H 183 22.46 -13.95 13.12
CA LEU H 183 22.56 -15.14 13.95
C LEU H 183 23.91 -15.81 13.78
N THR H 184 24.43 -15.85 12.55
CA THR H 184 25.75 -16.44 12.32
C THR H 184 26.83 -15.66 13.05
N LEU H 185 26.78 -14.33 12.98
CA LEU H 185 27.80 -13.53 13.65
C LEU H 185 27.74 -13.72 15.16
N LEU H 186 26.54 -13.69 15.72
CA LEU H 186 26.40 -13.92 17.16
C LEU H 186 26.90 -15.31 17.53
N ASP H 187 26.67 -16.29 16.65
CA ASP H 187 27.15 -17.63 16.92
C ASP H 187 28.67 -17.69 16.95
N GLN H 188 29.34 -16.98 16.04
CA GLN H 188 30.79 -16.91 16.08
C GLN H 188 31.27 -16.24 17.35
N LEU H 189 30.63 -15.13 17.74
CA LEU H 189 31.03 -14.44 18.95
C LEU H 189 30.85 -15.31 20.19
N LYS H 190 29.74 -16.05 20.26
CA LYS H 190 29.51 -16.90 21.42
C LYS H 190 30.65 -17.89 21.60
N GLY H 191 31.29 -18.30 20.51
CA GLY H 191 32.49 -19.10 20.62
C GLY H 191 33.60 -18.36 21.32
N HIS H 192 33.65 -17.04 21.16
CA HIS H 192 34.63 -16.22 21.86
C HIS H 192 34.21 -15.88 23.29
N GLY H 193 33.00 -16.28 23.69
CA GLY H 193 32.52 -16.03 25.03
C GLY H 193 31.88 -14.68 25.24
N LEU H 194 31.65 -13.92 24.18
CA LEU H 194 31.14 -12.56 24.30
C LEU H 194 29.63 -12.47 24.45
N VAL H 195 28.89 -13.51 24.09
CA VAL H 195 27.43 -13.47 24.16
C VAL H 195 26.88 -14.85 24.46
N THR H 196 25.57 -14.95 24.59
CA THR H 196 24.87 -16.21 24.75
C THR H 196 23.88 -16.40 23.62
N SER H 197 23.53 -17.66 23.37
CA SER H 197 22.59 -17.96 22.30
C SER H 197 21.24 -17.32 22.60
N PRO H 198 20.53 -16.85 21.58
CA PRO H 198 19.23 -16.21 21.82
C PRO H 198 18.30 -17.13 22.58
N ASP H 199 17.59 -16.56 23.56
CA ASP H 199 16.68 -17.32 24.40
C ASP H 199 15.27 -17.27 23.83
N ALA H 200 14.30 -17.71 24.62
CA ALA H 200 12.93 -17.83 24.14
C ALA H 200 12.35 -16.51 23.63
N HIS H 201 12.80 -15.39 24.16
CA HIS H 201 12.30 -14.08 23.75
C HIS H 201 13.15 -13.44 22.67
N GLU H 202 14.12 -14.17 22.11
CA GLU H 202 15.01 -13.63 21.10
C GLU H 202 15.94 -12.58 21.69
N ARG H 203 16.32 -12.77 22.95
CA ARG H 203 17.17 -11.84 23.66
C ARG H 203 18.49 -12.52 23.99
N ILE H 204 19.58 -11.79 23.84
CA ILE H 204 20.91 -12.30 24.14
C ILE H 204 21.44 -11.59 25.38
N VAL H 205 22.44 -12.20 25.99
CA VAL H 205 23.09 -11.68 27.19
C VAL H 205 24.53 -11.33 26.82
N ILE H 206 24.92 -10.08 27.06
CA ILE H 206 26.28 -9.64 26.77
C ILE H 206 27.12 -9.91 28.01
N ARG H 207 28.13 -10.75 27.87
CA ARG H 207 28.91 -11.19 29.02
C ARG H 207 29.90 -10.10 29.44
N PRO H 208 30.33 -10.11 30.70
CA PRO H 208 31.27 -9.09 31.16
C PRO H 208 32.61 -9.14 30.45
N ILE H 209 32.98 -10.27 29.86
CA ILE H 209 34.28 -10.37 29.21
C ILE H 209 34.41 -9.33 28.11
N ILE H 210 33.28 -8.84 27.59
CA ILE H 210 33.33 -7.82 26.55
C ILE H 210 33.99 -6.55 27.08
N ALA H 211 33.74 -6.21 28.34
CA ALA H 211 34.33 -5.00 28.91
C ALA H 211 35.84 -5.08 28.96
N HIS H 212 36.42 -6.27 29.00
CA HIS H 212 37.86 -6.44 29.01
C HIS H 212 38.44 -6.75 27.63
N LEU H 213 37.59 -7.11 26.67
CA LEU H 213 38.08 -7.27 25.31
C LEU H 213 38.13 -5.92 24.59
N ALA H 214 37.00 -5.23 24.52
CA ALA H 214 36.95 -3.90 23.91
C ALA H 214 37.08 -2.82 24.99
N ASP H 215 38.17 -2.91 25.74
CA ASP H 215 38.51 -1.90 26.72
C ASP H 215 39.26 -0.76 26.07
N PRO H 216 39.35 0.39 26.74
CA PRO H 216 39.96 1.56 26.07
C PRO H 216 41.36 1.30 25.55
N ILE H 217 42.16 0.48 26.24
CA ILE H 217 43.49 0.18 25.73
C ILE H 217 43.38 -0.56 24.40
N ASN H 218 42.57 -1.63 24.35
CA ASN H 218 42.45 -2.41 23.13
C ASN H 218 41.68 -1.66 22.06
N LEU H 219 40.72 -0.84 22.47
CA LEU H 219 39.98 -0.03 21.50
C LEU H 219 40.89 0.96 20.80
N GLN H 220 41.78 1.61 21.57
CA GLN H 220 42.71 2.55 20.96
C GLN H 220 43.61 1.85 19.94
N ALA H 221 44.12 0.67 20.29
CA ALA H 221 44.95 -0.08 19.36
C ALA H 221 44.17 -0.41 18.09
N LEU H 222 42.92 -0.85 18.25
CA LEU H 222 42.10 -1.17 17.09
C LEU H 222 41.83 0.07 16.25
N LEU H 223 41.54 1.19 16.89
CA LEU H 223 41.26 2.42 16.15
C LEU H 223 42.48 2.85 15.34
N ALA H 224 43.67 2.75 15.94
CA ALA H 224 44.89 3.09 15.20
C ALA H 224 45.07 2.16 14.02
N TRP H 225 44.84 0.86 14.21
CA TRP H 225 44.96 -0.09 13.12
C TRP H 225 43.95 0.21 12.02
N LEU H 226 42.70 0.49 12.40
CA LEU H 226 41.68 0.78 11.40
C LEU H 226 42.02 2.05 10.63
N ARG H 227 42.52 3.08 11.32
CA ARG H 227 42.89 4.31 10.63
C ARG H 227 43.97 4.05 9.60
N GLU H 228 44.98 3.24 9.95
CA GLU H 228 46.01 2.91 8.99
C GLU H 228 45.42 2.15 7.81
N GLN H 229 44.44 1.29 8.06
CA GLN H 229 43.78 0.57 6.96
C GLN H 229 43.06 1.55 6.04
N ILE H 230 42.36 2.54 6.61
CA ILE H 230 41.65 3.49 5.77
C ILE H 230 42.63 4.30 4.93
N ALA H 231 43.71 4.79 5.55
CA ALA H 231 44.70 5.56 4.80
C ALA H 231 45.35 4.70 3.73
N GLN H 232 45.69 3.46 4.06
CA GLN H 232 46.38 2.60 3.11
C GLN H 232 45.52 2.33 1.88
N GLN H 233 44.23 2.06 2.08
CA GLN H 233 43.37 1.78 0.94
C GLN H 233 43.27 2.98 0.01
N THR H 234 43.19 4.18 0.57
CA THR H 234 43.11 5.40 -0.22
C THR H 234 44.41 5.65 -0.98
N SER I 40 62.75 -9.49 37.22
CA SER I 40 62.87 -10.21 38.48
C SER I 40 61.76 -11.26 38.63
N GLU I 41 62.00 -12.45 38.10
CA GLU I 41 61.04 -13.53 38.18
C GLU I 41 61.78 -14.87 38.12
N THR I 42 61.02 -15.95 38.09
CA THR I 42 61.55 -17.32 38.05
C THR I 42 60.94 -18.07 36.86
N ARG I 43 60.82 -17.38 35.73
CA ARG I 43 60.14 -17.95 34.57
C ARG I 43 60.78 -19.29 34.18
N THR I 44 59.92 -20.28 33.95
CA THR I 44 60.40 -21.60 33.59
C THR I 44 61.16 -21.55 32.27
N LEU I 45 61.98 -22.57 32.03
CA LEU I 45 62.77 -22.62 30.81
C LEU I 45 61.87 -22.57 29.59
N GLN I 46 62.27 -21.75 28.60
CA GLN I 46 61.44 -21.56 27.43
C GLN I 46 61.14 -22.88 26.73
N LYS I 47 62.15 -23.74 26.59
CA LYS I 47 61.95 -25.03 25.94
C LYS I 47 60.96 -25.89 26.73
N ILE I 48 61.09 -25.91 28.05
CA ILE I 48 60.16 -26.71 28.85
C ILE I 48 58.74 -26.19 28.71
N ARG I 49 58.57 -24.86 28.72
CA ARG I 49 57.25 -24.30 28.51
C ARG I 49 56.72 -24.67 27.13
N GLU I 50 57.57 -24.65 26.11
CA GLU I 50 57.13 -25.03 24.77
C GLU I 50 56.70 -26.48 24.74
N ALA I 51 57.47 -27.37 25.36
CA ALA I 51 57.11 -28.79 25.35
C ALA I 51 55.79 -29.03 26.07
N THR I 52 55.65 -28.49 27.28
CA THR I 52 54.44 -28.74 28.05
C THR I 52 53.21 -28.21 27.32
N GLN I 53 53.30 -27.04 26.71
CA GLN I 53 52.21 -26.55 25.88
C GLN I 53 52.00 -27.46 24.68
N GLU I 54 53.10 -27.95 24.08
CA GLU I 54 52.97 -28.91 23.00
C GLU I 54 52.31 -30.18 23.47
N LEU I 55 52.70 -30.69 24.64
CA LEU I 55 52.10 -31.91 25.16
C LEU I 55 50.62 -31.71 25.46
N LEU I 56 50.26 -30.58 26.06
CA LEU I 56 48.87 -30.34 26.40
C LEU I 56 48.00 -30.25 25.17
N LYS I 57 48.47 -29.55 24.13
CA LYS I 57 47.66 -29.36 22.94
C LYS I 57 47.39 -30.68 22.23
N TYR I 58 48.41 -31.52 22.10
CA TYR I 58 48.30 -32.77 21.37
C TYR I 58 48.17 -33.99 22.26
N GLY I 59 48.49 -33.86 23.55
CA GLY I 59 48.35 -34.96 24.48
C GLY I 59 49.41 -36.03 24.39
N LEU I 60 50.34 -35.92 23.44
CA LEU I 60 51.41 -36.90 23.32
C LEU I 60 52.58 -36.26 22.59
N LEU I 61 53.76 -36.83 22.82
CA LEU I 61 54.98 -36.38 22.16
C LEU I 61 55.71 -37.62 21.66
N GLU I 62 56.12 -37.60 20.39
CA GLU I 62 56.77 -38.74 19.76
C GLU I 62 58.20 -38.37 19.37
N GLU I 63 59.14 -39.24 19.72
CA GLU I 63 60.53 -39.01 19.35
C GLU I 63 60.70 -38.96 17.84
N ALA I 64 60.00 -39.82 17.11
CA ALA I 64 60.11 -39.82 15.66
C ALA I 64 59.61 -38.52 15.06
N SER I 65 58.69 -37.84 15.75
CA SER I 65 58.11 -36.60 15.23
C SER I 65 58.81 -35.37 15.78
N LYS I 66 58.76 -35.17 17.10
CA LYS I 66 59.34 -34.00 17.76
C LYS I 66 60.52 -34.44 18.61
N PRO I 67 61.65 -34.77 17.97
CA PRO I 67 62.82 -35.20 18.76
C PRO I 67 63.29 -34.17 19.76
N ASN I 68 63.27 -32.88 19.40
CA ASN I 68 63.75 -31.86 20.33
C ASN I 68 62.88 -31.79 21.57
N LEU I 69 61.56 -31.65 21.38
CA LEU I 69 60.67 -31.52 22.52
C LEU I 69 60.68 -32.79 23.37
N TYR I 70 60.70 -33.96 22.73
CA TYR I 70 60.71 -35.21 23.46
C TYR I 70 61.93 -35.32 24.35
N ARG I 71 63.09 -34.94 23.82
CA ARG I 71 64.33 -35.07 24.60
C ARG I 71 64.30 -34.16 25.82
N ILE I 72 63.82 -32.93 25.68
CA ILE I 72 63.84 -31.98 26.79
C ILE I 72 63.00 -32.52 27.94
N VAL I 73 61.86 -33.13 27.64
CA VAL I 73 61.02 -33.69 28.69
C VAL I 73 61.77 -34.76 29.47
N LEU I 74 62.49 -35.63 28.75
CA LEU I 74 63.29 -36.64 29.43
C LEU I 74 64.34 -36.02 30.34
N SER I 75 64.98 -34.95 29.88
CA SER I 75 66.05 -34.33 30.66
C SER I 75 65.53 -33.80 32.00
N HIS I 76 64.31 -33.28 32.03
CA HIS I 76 63.74 -32.69 33.24
C HIS I 76 62.36 -33.29 33.49
N PRO I 77 62.30 -34.60 33.75
CA PRO I 77 60.99 -35.20 34.07
C PRO I 77 60.36 -34.62 35.32
N GLU I 78 61.18 -34.27 36.32
CA GLU I 78 60.62 -33.79 37.59
C GLU I 78 59.91 -32.46 37.39
N GLU I 79 60.45 -31.58 36.55
CA GLU I 79 59.83 -30.28 36.36
C GLU I 79 58.47 -30.41 35.69
N VAL I 80 58.38 -31.23 34.64
CA VAL I 80 57.12 -31.36 33.91
C VAL I 80 56.05 -31.97 34.81
N THR I 81 56.40 -32.99 35.58
CA THR I 81 55.44 -33.57 36.50
C THR I 81 55.01 -32.55 37.54
N ARG I 82 55.95 -31.71 38.00
CA ARG I 82 55.60 -30.63 38.91
C ARG I 82 54.67 -29.63 38.24
N ILE I 83 54.92 -29.30 36.97
CA ILE I 83 54.06 -28.36 36.27
C ILE I 83 52.65 -28.92 36.13
N LEU I 84 52.55 -30.20 35.76
CA LEU I 84 51.24 -30.81 35.53
C LEU I 84 50.51 -31.18 36.82
N GLU I 85 51.20 -31.19 37.96
CA GLU I 85 50.56 -31.61 39.20
C GLU I 85 49.33 -30.77 39.54
N PRO I 86 49.39 -29.44 39.48
CA PRO I 86 48.20 -28.65 39.85
C PRO I 86 47.01 -28.90 38.95
N LEU I 87 47.21 -29.45 37.77
CA LEU I 87 46.12 -29.74 36.84
C LEU I 87 45.60 -31.17 36.99
N ASP I 88 46.07 -31.91 37.99
CA ASP I 88 45.69 -33.31 38.15
C ASP I 88 46.00 -34.09 36.88
N LEU I 89 47.16 -33.82 36.29
CA LEU I 89 47.63 -34.50 35.09
C LEU I 89 49.04 -34.98 35.33
N ASP I 90 49.50 -35.87 34.46
CA ASP I 90 50.85 -36.40 34.55
C ASP I 90 51.30 -36.87 33.18
N ILE I 91 52.61 -37.00 33.01
CA ILE I 91 53.22 -37.44 31.76
C ILE I 91 53.59 -38.90 31.89
N GLY I 92 53.13 -39.71 30.95
CA GLY I 92 53.46 -41.12 30.93
C GLY I 92 54.69 -41.40 30.09
N ILE I 93 55.80 -41.72 30.76
CA ILE I 93 57.04 -41.96 30.03
C ILE I 93 57.01 -43.33 29.39
N ASP I 94 57.40 -43.38 28.11
CA ASP I 94 57.59 -44.65 27.42
C ASP I 94 58.77 -44.47 26.46
N GLU I 95 59.95 -44.88 26.93
CA GLU I 95 61.17 -44.76 26.13
C GLU I 95 61.25 -45.81 25.03
N ILE I 96 60.75 -47.03 25.29
CA ILE I 96 60.91 -48.11 24.31
C ILE I 96 60.27 -47.72 22.98
N ARG I 97 59.06 -47.18 23.04
CA ARG I 97 58.36 -46.74 21.84
C ARG I 97 58.59 -45.26 21.52
N GLY I 98 59.35 -44.56 22.37
CA GLY I 98 59.61 -43.14 22.14
C GLY I 98 58.34 -42.32 22.13
N LEU I 99 57.47 -42.53 23.11
CA LEU I 99 56.18 -41.85 23.16
C LEU I 99 55.92 -41.33 24.55
N LEU I 100 55.54 -40.05 24.65
CA LEU I 100 55.09 -39.45 25.89
C LEU I 100 53.62 -39.08 25.77
N TYR I 101 52.85 -39.45 26.79
CA TYR I 101 51.43 -39.15 26.81
C TYR I 101 51.07 -38.64 28.19
N VAL I 102 50.00 -37.86 28.25
CA VAL I 102 49.49 -37.32 29.50
C VAL I 102 48.44 -38.26 30.05
N LYS I 103 48.61 -38.66 31.31
CA LYS I 103 47.63 -39.50 31.99
C LYS I 103 46.98 -38.68 33.09
N VAL I 104 45.68 -38.94 33.31
CA VAL I 104 44.93 -38.22 34.33
C VAL I 104 45.44 -38.65 35.70
N ARG I 105 46.20 -37.78 36.37
CA ARG I 105 46.68 -38.06 37.72
C ARG I 105 45.64 -37.51 38.70
N LEU I 106 44.65 -38.33 38.98
CA LEU I 106 43.58 -37.93 39.88
C LEU I 106 44.00 -38.16 41.33
N ASP I 107 43.09 -37.84 42.25
CA ASP I 107 43.33 -38.02 43.68
C ASP I 107 43.12 -39.50 44.03
N GLU I 108 42.99 -39.79 45.32
CA GLU I 108 42.69 -41.16 45.74
C GLU I 108 41.53 -41.74 44.95
N THR I 109 40.46 -40.96 44.78
CA THR I 109 39.29 -41.34 43.99
C THR I 109 38.95 -42.81 44.20
N PRO I 110 38.44 -43.18 45.37
CA PRO I 110 38.25 -44.60 45.69
C PRO I 110 37.33 -45.32 44.71
N ALA I 111 37.90 -46.22 43.92
CA ALA I 111 37.13 -47.08 43.00
C ALA I 111 36.11 -46.28 42.19
N GLN I 112 36.47 -45.04 41.84
CA GLN I 112 35.59 -44.17 41.08
C GLN I 112 35.84 -44.40 39.60
N ASP I 113 35.28 -45.52 39.10
CA ASP I 113 35.46 -45.87 37.70
C ASP I 113 34.83 -44.85 36.77
N GLU I 114 33.93 -44.01 37.27
CA GLU I 114 33.31 -42.93 36.50
C GLU I 114 34.00 -41.60 36.77
N TRP I 115 35.32 -41.63 37.00
CA TRP I 115 36.06 -40.43 37.31
C TRP I 115 35.74 -39.33 36.31
N ALA I 116 35.88 -38.08 36.76
CA ALA I 116 35.66 -36.93 35.89
C ALA I 116 36.81 -35.96 36.06
N HIS I 117 37.25 -35.37 34.95
CA HIS I 117 38.29 -34.37 34.95
C HIS I 117 37.83 -33.16 34.15
N PRO I 118 37.85 -31.96 34.74
CA PRO I 118 37.29 -30.80 34.02
C PRO I 118 37.96 -30.53 32.68
N LEU I 119 39.26 -30.74 32.57
CA LEU I 119 39.97 -30.49 31.32
C LEU I 119 39.79 -31.59 30.29
N VAL I 120 39.67 -32.85 30.74
CA VAL I 120 39.63 -34.00 29.84
C VAL I 120 38.19 -34.49 29.79
N ARG I 121 37.68 -34.64 28.56
CA ARG I 121 36.33 -35.11 28.34
C ARG I 121 36.37 -36.58 27.93
N ARG I 122 35.62 -37.41 28.64
CA ARG I 122 35.58 -38.84 28.34
C ARG I 122 34.67 -39.11 27.14
N GLN I 123 35.10 -40.00 26.27
CA GLN I 123 34.37 -40.38 25.07
C GLN I 123 34.24 -41.89 25.00
N ARG I 124 33.07 -42.36 24.59
CA ARG I 124 32.84 -43.78 24.36
C ARG I 124 32.65 -43.99 22.86
N LEU I 125 33.50 -44.83 22.28
CA LEU I 125 33.48 -45.07 20.85
C LEU I 125 32.26 -45.89 20.46
N ASN I 126 31.96 -45.88 19.16
CA ASN I 126 30.86 -46.67 18.63
C ASN I 126 31.26 -48.14 18.57
N LEU I 127 30.27 -49.01 18.34
CA LEU I 127 30.57 -50.43 18.20
C LEU I 127 31.51 -50.68 17.02
N GLU I 128 31.24 -50.03 15.89
CA GLU I 128 32.13 -50.15 14.75
C GLU I 128 33.50 -49.57 15.06
N GLN I 129 33.53 -48.39 15.67
CA GLN I 129 34.81 -47.79 16.06
C GLN I 129 35.50 -48.66 17.10
N SER I 130 34.73 -49.21 18.05
CA SER I 130 35.33 -50.10 19.04
C SER I 130 35.97 -51.31 18.37
N LEU I 131 35.25 -51.97 17.48
CA LEU I 131 35.80 -53.14 16.81
C LEU I 131 37.02 -52.79 15.98
N LEU I 132 36.94 -51.69 15.22
CA LEU I 132 38.10 -51.28 14.41
C LEU I 132 39.30 -51.00 15.30
N VAL I 133 39.09 -50.36 16.44
CA VAL I 133 40.18 -50.14 17.38
C VAL I 133 40.69 -51.47 17.91
N ALA I 134 39.77 -52.39 18.25
CA ALA I 134 40.17 -53.68 18.77
C ALA I 134 40.99 -54.46 17.74
N ILE I 135 40.54 -54.45 16.48
CA ILE I 135 41.31 -55.11 15.43
C ILE I 135 42.68 -54.47 15.28
N LEU I 136 42.72 -53.14 15.26
CA LEU I 136 44.00 -52.44 15.14
C LEU I 136 44.87 -52.73 16.36
N ARG I 137 44.27 -52.80 17.54
CA ARG I 137 45.06 -53.02 18.75
C ARG I 137 45.77 -54.38 18.71
N GLN I 138 45.02 -55.45 18.41
CA GLN I 138 45.62 -56.78 18.40
C GLN I 138 46.70 -56.87 17.33
N HIS I 139 46.45 -56.30 16.15
CA HIS I 139 47.45 -56.35 15.09
C HIS I 139 48.72 -55.60 15.50
N PHE I 140 48.56 -54.47 16.19
CA PHE I 140 49.74 -53.73 16.63
C PHE I 140 50.59 -54.57 17.57
N VAL I 141 49.96 -55.28 18.50
CA VAL I 141 50.71 -56.13 19.42
C VAL I 141 51.41 -57.25 18.64
N ALA I 142 50.71 -57.83 17.66
CA ALA I 142 51.30 -58.89 16.85
C ALA I 142 52.56 -58.40 16.15
N TRP I 143 52.49 -57.20 15.56
CA TRP I 143 53.67 -56.62 14.94
C TRP I 143 54.77 -56.43 15.98
N GLU I 144 54.41 -56.01 17.19
CA GLU I 144 55.40 -55.82 18.23
C GLU I 144 56.09 -57.14 18.57
N GLN I 145 55.32 -58.21 18.69
CA GLN I 145 55.93 -59.52 18.97
C GLN I 145 56.79 -59.99 17.82
N GLU I 146 56.31 -59.81 16.58
CA GLU I 146 57.01 -60.35 15.42
C GLU I 146 58.31 -59.62 15.12
N SER I 147 58.48 -58.39 15.61
CA SER I 147 59.68 -57.61 15.36
C SER I 147 60.40 -57.22 16.64
N GLY I 148 59.94 -57.66 17.79
CA GLY I 148 60.51 -57.22 19.06
C GLY I 148 59.83 -55.97 19.58
N THR I 149 59.88 -55.81 20.90
CA THR I 149 59.23 -54.66 21.53
C THR I 149 59.90 -53.36 21.09
N GLY I 150 59.09 -52.30 20.98
CA GLY I 150 59.60 -51.04 20.49
C GLY I 150 59.75 -50.96 18.99
N ALA I 151 58.96 -51.74 18.25
CA ALA I 151 59.06 -51.75 16.80
C ALA I 151 58.77 -50.35 16.25
N SER I 152 59.06 -50.18 14.96
CA SER I 152 58.90 -48.89 14.29
C SER I 152 57.99 -49.06 13.09
N GLN I 153 56.97 -48.21 13.00
CA GLN I 153 56.06 -48.18 11.85
C GLN I 153 55.38 -49.54 11.64
N ALA I 154 54.55 -49.90 12.62
CA ALA I 154 53.68 -51.06 12.46
C ALA I 154 52.56 -50.73 11.50
N GLN I 155 52.73 -51.04 10.22
CA GLN I 155 51.79 -50.64 9.19
C GLN I 155 50.72 -51.71 8.98
N ILE I 156 49.76 -51.37 8.12
CA ILE I 156 48.71 -52.30 7.73
C ILE I 156 48.15 -51.82 6.40
N ALA I 157 47.48 -52.72 5.69
CA ALA I 157 46.93 -52.44 4.38
C ALA I 157 45.41 -52.35 4.45
N ILE I 158 44.84 -51.42 3.69
CA ILE I 158 43.39 -51.25 3.71
C ILE I 158 42.68 -52.52 3.26
N ASP I 159 43.19 -53.16 2.21
CA ASP I 159 42.55 -54.37 1.73
C ASP I 159 42.57 -55.48 2.77
N ASP I 160 43.52 -55.43 3.71
CA ASP I 160 43.57 -56.44 4.76
C ASP I 160 42.49 -56.22 5.82
N LEU I 161 42.14 -54.97 6.11
CA LEU I 161 41.13 -54.68 7.13
C LEU I 161 39.71 -54.95 6.65
N LEU I 162 39.44 -54.78 5.36
CA LEU I 162 38.09 -54.98 4.85
C LEU I 162 37.56 -56.37 5.13
N PRO I 163 38.28 -57.46 4.84
CA PRO I 163 37.75 -58.78 5.16
C PRO I 163 37.48 -58.97 6.64
N GLN I 164 38.31 -58.37 7.50
CA GLN I 164 38.08 -58.48 8.94
C GLN I 164 36.81 -57.76 9.36
N LEU I 165 36.58 -56.55 8.83
CA LEU I 165 35.35 -55.84 9.16
C LEU I 165 34.13 -56.55 8.59
N GLN I 166 34.24 -57.07 7.37
CA GLN I 166 33.10 -57.73 6.75
C GLN I 166 32.64 -58.94 7.55
N ILE I 167 33.55 -59.57 8.30
CA ILE I 167 33.21 -60.80 9.01
C ILE I 167 32.14 -60.54 10.06
N TYR I 168 32.34 -59.49 10.86
CA TYR I 168 31.43 -59.22 11.98
C TYR I 168 30.36 -58.21 11.59
N LEU I 169 30.76 -57.03 11.11
CA LEU I 169 29.79 -56.00 10.80
C LEU I 169 28.86 -56.40 9.66
N GLY I 170 29.24 -57.38 8.87
CA GLY I 170 28.42 -57.80 7.74
C GLY I 170 28.75 -57.03 6.49
N ASP I 171 27.99 -57.35 5.44
CA ASP I 171 28.21 -56.77 4.12
C ASP I 171 27.38 -55.51 3.98
N PRO I 172 28.00 -54.33 3.84
CA PRO I 172 27.21 -53.11 3.62
C PRO I 172 26.40 -53.15 2.34
N GLY I 173 26.82 -53.91 1.34
CA GLY I 173 26.08 -54.03 0.10
C GLY I 173 26.91 -53.92 -1.18
N SER I 174 28.19 -53.58 -1.10
CA SER I 174 29.02 -53.51 -2.31
C SER I 174 30.43 -53.13 -1.90
N GLU I 175 31.38 -53.40 -2.80
CA GLU I 175 32.77 -53.05 -2.51
C GLU I 175 32.93 -51.55 -2.31
N SER I 176 32.20 -50.75 -3.07
CA SER I 176 32.25 -49.30 -2.89
C SER I 176 31.81 -48.90 -1.50
N LYS I 177 30.72 -49.48 -1.02
CA LYS I 177 30.25 -49.17 0.33
C LYS I 177 31.23 -49.69 1.38
N GLU I 178 31.77 -50.89 1.18
CA GLU I 178 32.71 -51.44 2.16
C GLU I 178 33.92 -50.53 2.31
N ARG I 179 34.45 -50.03 1.21
CA ARG I 179 35.57 -49.09 1.29
C ARG I 179 35.15 -47.80 1.98
N THR I 180 33.98 -47.27 1.63
CA THR I 180 33.53 -46.01 2.20
C THR I 180 33.35 -46.12 3.70
N ARG I 181 32.72 -47.20 4.17
CA ARG I 181 32.57 -47.41 5.60
C ARG I 181 33.92 -47.50 6.28
N LEU I 182 34.84 -48.26 5.70
CA LEU I 182 36.15 -48.43 6.32
C LEU I 182 36.91 -47.11 6.33
N LEU I 183 36.90 -46.38 5.22
CA LEU I 183 37.63 -45.12 5.17
C LEU I 183 37.11 -44.14 6.20
N THR I 184 35.78 -44.00 6.30
CA THR I 184 35.22 -43.06 7.26
C THR I 184 35.59 -43.44 8.69
N LEU I 185 35.53 -44.73 9.02
CA LEU I 185 35.93 -45.16 10.35
C LEU I 185 37.37 -44.81 10.63
N LEU I 186 38.24 -45.02 9.64
CA LEU I 186 39.64 -44.63 9.80
C LEU I 186 39.76 -43.12 10.02
N ASP I 187 38.95 -42.35 9.30
CA ASP I 187 38.95 -40.90 9.50
C ASP I 187 38.66 -40.57 10.96
N GLN I 188 37.64 -41.20 11.54
CA GLN I 188 37.30 -40.92 12.93
C GLN I 188 38.42 -41.31 13.87
N LEU I 189 39.03 -42.48 13.65
CA LEU I 189 40.12 -42.91 14.52
C LEU I 189 41.30 -41.96 14.42
N LYS I 190 41.65 -41.52 13.21
CA LYS I 190 42.74 -40.56 13.07
C LYS I 190 42.46 -39.30 13.86
N GLY I 191 41.19 -38.89 13.93
CA GLY I 191 40.85 -37.75 14.76
C GLY I 191 41.16 -37.98 16.23
N HIS I 192 41.06 -39.23 16.68
CA HIS I 192 41.42 -39.59 18.03
C HIS I 192 42.91 -39.87 18.21
N GLY I 193 43.68 -39.85 17.12
CA GLY I 193 45.11 -40.00 17.23
C GLY I 193 45.62 -41.42 17.32
N LEU I 194 44.86 -42.40 16.84
CA LEU I 194 45.29 -43.79 16.90
C LEU I 194 45.90 -44.29 15.60
N VAL I 195 45.49 -43.73 14.46
CA VAL I 195 46.02 -44.11 13.16
C VAL I 195 46.16 -42.85 12.31
N THR I 196 46.84 -42.99 11.18
CA THR I 196 47.08 -41.89 10.28
C THR I 196 46.30 -42.08 8.98
N SER I 197 46.26 -41.04 8.17
CA SER I 197 45.58 -41.11 6.89
C SER I 197 46.33 -42.09 5.97
N PRO I 198 45.67 -42.61 4.94
CA PRO I 198 46.29 -43.62 4.10
C PRO I 198 47.23 -43.02 3.07
N ASP I 199 48.36 -43.68 2.86
CA ASP I 199 49.37 -43.21 1.93
C ASP I 199 49.00 -43.63 0.51
N ALA I 200 49.88 -43.35 -0.46
CA ALA I 200 49.61 -43.72 -1.84
C ALA I 200 49.40 -45.22 -2.02
N HIS I 201 49.95 -46.03 -1.13
CA HIS I 201 49.85 -47.48 -1.23
C HIS I 201 48.69 -48.03 -0.40
N GLU I 202 47.73 -47.19 -0.04
CA GLU I 202 46.55 -47.63 0.73
C GLU I 202 46.97 -48.33 2.02
N ARG I 203 47.96 -47.76 2.69
CA ARG I 203 48.45 -48.30 3.96
C ARG I 203 48.40 -47.22 5.02
N ILE I 204 47.96 -47.62 6.22
CA ILE I 204 47.87 -46.72 7.36
C ILE I 204 48.72 -47.30 8.48
N VAL I 205 49.45 -46.43 9.17
CA VAL I 205 50.37 -46.83 10.23
C VAL I 205 49.67 -46.70 11.56
N ILE I 206 49.69 -47.78 12.35
CA ILE I 206 49.17 -47.72 13.71
C ILE I 206 50.10 -46.88 14.56
N ARG I 207 49.55 -45.89 15.24
CA ARG I 207 50.38 -45.05 16.08
C ARG I 207 50.75 -45.77 17.37
N PRO I 208 51.92 -45.46 17.94
CA PRO I 208 52.34 -46.16 19.16
C PRO I 208 51.39 -45.98 20.32
N ILE I 209 50.55 -44.93 20.30
CA ILE I 209 49.65 -44.65 21.41
C ILE I 209 48.76 -45.84 21.73
N ILE I 210 48.53 -46.73 20.77
CA ILE I 210 47.60 -47.82 20.98
C ILE I 210 48.00 -48.70 22.15
N ALA I 211 49.30 -48.74 22.46
CA ALA I 211 49.76 -49.59 23.56
C ALA I 211 49.07 -49.24 24.86
N HIS I 212 48.88 -47.95 25.13
CA HIS I 212 48.23 -47.48 26.34
C HIS I 212 46.79 -47.12 25.99
N LEU I 213 45.85 -47.90 26.49
CA LEU I 213 44.43 -47.68 26.19
C LEU I 213 43.57 -47.84 27.43
N ALA I 214 44.13 -47.58 28.60
CA ALA I 214 43.34 -47.56 29.83
C ALA I 214 42.84 -48.94 30.20
N ASP I 215 41.82 -49.43 29.48
CA ASP I 215 41.13 -50.68 29.81
C ASP I 215 41.09 -51.56 28.57
N PRO I 216 42.24 -52.07 28.14
CA PRO I 216 42.27 -52.93 26.95
C PRO I 216 41.54 -54.24 27.13
N ILE I 217 41.26 -54.65 28.36
CA ILE I 217 40.57 -55.92 28.59
C ILE I 217 39.21 -55.92 27.90
N ASN I 218 38.47 -54.81 28.00
CA ASN I 218 37.15 -54.76 27.38
C ASN I 218 37.24 -54.83 25.86
N LEU I 219 38.35 -54.35 25.29
CA LEU I 219 38.56 -54.54 23.87
C LEU I 219 38.62 -56.02 23.51
N GLN I 220 39.36 -56.80 24.32
CA GLN I 220 39.38 -58.25 24.10
C GLN I 220 38.00 -58.84 24.29
N ALA I 221 37.27 -58.41 25.33
CA ALA I 221 35.98 -59.00 25.62
C ALA I 221 35.01 -58.80 24.47
N LEU I 222 34.98 -57.60 23.89
CA LEU I 222 34.08 -57.35 22.77
C LEU I 222 34.40 -58.29 21.60
N LEU I 223 35.69 -58.44 21.28
CA LEU I 223 36.05 -59.31 20.17
C LEU I 223 35.61 -60.74 20.44
N ALA I 224 35.80 -61.22 21.67
CA ALA I 224 35.31 -62.55 22.03
C ALA I 224 33.80 -62.63 21.89
N TRP I 225 33.08 -61.60 22.36
CA TRP I 225 31.63 -61.58 22.19
C TRP I 225 31.26 -61.52 20.71
N LEU I 226 32.02 -60.78 19.92
CA LEU I 226 31.75 -60.70 18.50
C LEU I 226 32.00 -62.04 17.81
N ARG I 227 33.16 -62.65 18.07
CA ARG I 227 33.44 -63.94 17.47
C ARG I 227 32.44 -64.99 17.93
N GLU I 228 32.08 -65.00 19.22
CA GLU I 228 31.11 -65.96 19.70
C GLU I 228 29.77 -65.80 19.01
N GLN I 229 29.34 -64.56 18.78
CA GLN I 229 28.08 -64.35 18.08
C GLN I 229 28.13 -64.92 16.67
N ILE I 230 29.22 -64.67 15.94
CA ILE I 230 29.33 -65.16 14.57
C ILE I 230 29.36 -66.68 14.54
N ALA I 231 30.07 -67.29 15.51
CA ALA I 231 30.06 -68.75 15.61
C ALA I 231 28.65 -69.26 15.87
N GLN I 232 27.86 -68.51 16.65
CA GLN I 232 26.47 -68.89 16.86
C GLN I 232 25.69 -68.88 15.55
N GLN I 233 25.91 -67.85 14.72
CA GLN I 233 25.20 -67.78 13.45
C GLN I 233 25.59 -68.94 12.54
N THR I 234 26.87 -69.30 12.52
CA THR I 234 27.34 -70.43 11.73
C THR I 234 27.41 -71.69 12.58
N MET J 56 -1.23 38.48 19.04
CA MET J 56 0.00 37.68 18.91
C MET J 56 -0.34 36.21 18.67
N GLU J 57 0.10 35.70 17.52
CA GLU J 57 -0.18 34.33 17.12
C GLU J 57 0.89 33.34 17.58
N GLU J 58 2.00 33.83 18.14
CA GLU J 58 3.05 32.93 18.61
C GLU J 58 2.48 31.88 19.55
N ASN J 59 1.62 32.29 20.48
CA ASN J 59 0.95 31.34 21.34
C ASN J 59 0.08 30.37 20.56
N THR J 60 -0.30 30.73 19.33
CA THR J 60 -1.10 29.86 18.47
C THR J 60 -0.28 29.13 17.42
N ARG J 61 0.93 29.60 17.13
CA ARG J 61 1.84 28.88 16.23
C ARG J 61 2.82 28.01 16.99
N GLN J 62 3.37 28.51 18.10
CA GLN J 62 4.20 27.68 18.96
C GLN J 62 3.40 26.54 19.56
N ARG J 63 2.17 26.81 19.98
CA ARG J 63 1.36 25.78 20.64
C ARG J 63 1.11 24.59 19.73
N THR J 64 0.79 24.86 18.46
CA THR J 64 0.63 23.76 17.51
C THR J 64 1.91 22.93 17.42
N GLU J 65 3.07 23.58 17.58
CA GLU J 65 4.32 22.84 17.61
C GLU J 65 4.38 21.91 18.82
N ASN J 66 4.01 22.43 19.99
CA ASN J 66 4.06 21.59 21.19
C ASN J 66 3.15 20.39 21.06
N TYR J 67 1.95 20.58 20.53
CA TYR J 67 1.03 19.46 20.37
C TYR J 67 1.61 18.42 19.44
N ILE J 68 2.17 18.85 18.31
CA ILE J 68 2.77 17.91 17.36
C ILE J 68 3.93 17.18 18.03
N SER J 69 4.79 17.91 18.74
CA SER J 69 5.88 17.26 19.45
C SER J 69 5.35 16.32 20.52
N ALA J 70 4.33 16.75 21.26
CA ALA J 70 3.73 15.87 22.25
C ALA J 70 3.16 14.63 21.58
N LYS J 71 2.49 14.81 20.44
CA LYS J 71 1.89 13.68 19.75
C LYS J 71 2.96 12.68 19.29
N ASN J 72 4.08 13.18 18.79
CA ASN J 72 5.12 12.31 18.26
C ASN J 72 6.11 11.84 19.31
N GLN J 73 6.06 12.37 20.52
CA GLN J 73 7.08 12.04 21.50
C GLN J 73 6.53 11.50 22.81
N HIS J 74 5.44 12.06 23.32
CA HIS J 74 4.96 11.65 24.63
C HIS J 74 4.52 10.20 24.58
N PRO J 75 4.98 9.34 25.50
CA PRO J 75 4.53 7.95 25.46
C PRO J 75 3.03 7.81 25.60
N ALA J 76 2.39 8.68 26.38
CA ALA J 76 0.96 8.58 26.57
C ALA J 76 0.20 8.77 25.26
N TRP J 77 0.50 9.86 24.55
CA TRP J 77 -0.19 10.09 23.28
C TRP J 77 0.20 9.06 22.24
N ILE J 78 1.47 8.68 22.18
CA ILE J 78 1.90 7.68 21.22
C ILE J 78 1.12 6.38 21.43
N LEU J 79 1.02 5.93 22.68
CA LEU J 79 0.30 4.70 22.96
C LEU J 79 -1.16 4.81 22.55
N LEU J 80 -1.79 5.95 22.82
CA LEU J 80 -3.19 6.11 22.46
C LEU J 80 -3.38 6.07 20.95
N ALA J 81 -2.49 6.73 20.20
CA ALA J 81 -2.65 6.79 18.75
C ALA J 81 -2.32 5.47 18.06
N THR J 82 -1.56 4.59 18.72
CA THR J 82 -1.23 3.31 18.11
C THR J 82 -2.50 2.49 17.88
N ARG J 83 -2.54 1.78 16.76
CA ARG J 83 -3.75 1.05 16.37
C ARG J 83 -4.04 -0.14 17.28
N ARG J 84 -3.11 -0.52 18.14
CA ARG J 84 -3.34 -1.60 19.10
C ARG J 84 -3.45 -1.09 20.52
N ALA J 85 -3.82 0.18 20.70
CA ALA J 85 -3.86 0.78 22.03
C ALA J 85 -4.75 0.04 23.01
N PRO J 86 -6.00 -0.29 22.69
CA PRO J 86 -6.86 -0.91 23.70
C PRO J 86 -6.30 -2.19 24.30
N LEU J 87 -5.65 -3.02 23.48
CA LEU J 87 -5.14 -4.28 23.98
C LEU J 87 -4.02 -4.06 24.99
N VAL J 88 -3.05 -3.22 24.65
CA VAL J 88 -1.93 -2.98 25.55
C VAL J 88 -2.41 -2.33 26.84
N LEU J 89 -3.25 -1.30 26.73
CA LEU J 89 -3.72 -0.60 27.91
C LEU J 89 -4.49 -1.54 28.84
N SER J 90 -5.36 -2.35 28.25
CA SER J 90 -6.16 -3.28 29.06
C SER J 90 -5.27 -4.23 29.84
N CYS J 91 -4.25 -4.79 29.19
CA CYS J 91 -3.34 -5.70 29.87
C CYS J 91 -2.56 -4.96 30.94
N LEU J 92 -2.00 -3.80 30.60
CA LEU J 92 -1.21 -3.04 31.58
C LEU J 92 -2.06 -2.60 32.76
N LYS J 93 -3.27 -2.10 32.48
CA LYS J 93 -4.14 -1.67 33.56
C LYS J 93 -4.49 -2.84 34.48
N THR J 94 -4.81 -4.00 33.90
CA THR J 94 -5.10 -5.18 34.71
C THR J 94 -3.87 -5.62 35.50
N LEU J 95 -2.70 -5.57 34.87
CA LEU J 95 -1.49 -5.99 35.57
C LEU J 95 -1.20 -5.11 36.77
N PHE J 96 -1.26 -3.79 36.59
CA PHE J 96 -0.90 -2.86 37.64
C PHE J 96 -2.04 -2.58 38.60
N GLU J 97 -3.26 -3.02 38.29
CA GLU J 97 -4.37 -2.85 39.21
C GLU J 97 -4.13 -3.61 40.51
N LYS J 98 -3.55 -4.80 40.44
CA LYS J 98 -3.42 -5.67 41.60
C LYS J 98 -2.15 -5.41 42.39
N SER J 99 -1.01 -5.18 41.73
CA SER J 99 0.26 -5.04 42.41
C SER J 99 0.97 -3.78 41.95
N HIS J 100 1.70 -3.16 42.87
CA HIS J 100 2.46 -1.96 42.58
C HIS J 100 3.95 -2.11 42.85
N ASP J 101 4.40 -3.28 43.30
CA ASP J 101 5.82 -3.55 43.46
C ASP J 101 6.48 -3.98 42.17
N GLY J 102 5.72 -4.10 41.09
CA GLY J 102 6.26 -4.49 39.80
C GLY J 102 5.82 -5.88 39.38
N ILE J 103 5.15 -5.95 38.24
CA ILE J 103 4.74 -7.25 37.70
C ILE J 103 5.94 -7.93 37.05
N PRO J 104 6.23 -9.19 37.37
CA PRO J 104 7.34 -9.87 36.71
C PRO J 104 7.13 -9.88 35.21
N LEU J 105 8.23 -9.73 34.47
CA LEU J 105 8.12 -9.60 33.02
C LEU J 105 7.44 -10.80 32.40
N GLU J 106 7.76 -12.01 32.87
CA GLU J 106 7.19 -13.21 32.29
C GLU J 106 5.67 -13.21 32.37
N GLU J 107 5.12 -12.84 33.53
CA GLU J 107 3.67 -12.85 33.69
C GLU J 107 3.01 -11.87 32.73
N ALA J 108 3.59 -10.69 32.56
CA ALA J 108 3.04 -9.71 31.61
C ALA J 108 3.09 -10.24 30.18
N ILE J 109 4.18 -10.92 29.83
CA ILE J 109 4.30 -11.47 28.48
C ILE J 109 3.18 -12.47 28.22
N GLN J 110 2.90 -13.33 29.20
CA GLN J 110 1.81 -14.29 29.05
C GLN J 110 0.46 -13.58 28.98
N SER J 111 0.21 -12.65 29.89
CA SER J 111 -1.06 -11.96 29.92
C SER J 111 -1.29 -11.19 28.62
N LEU J 112 -0.27 -10.49 28.14
CA LEU J 112 -0.41 -9.77 26.88
C LEU J 112 -0.60 -10.73 25.71
N SER J 113 0.09 -11.86 25.74
CA SER J 113 -0.04 -12.83 24.65
C SER J 113 -1.46 -13.36 24.55
N SER J 114 -2.08 -13.67 25.69
CA SER J 114 -3.45 -14.17 25.67
C SER J 114 -4.39 -13.18 25.02
N ILE J 115 -4.26 -11.90 25.35
CA ILE J 115 -5.13 -10.89 24.78
C ILE J 115 -4.93 -10.79 23.27
N LEU J 116 -3.68 -10.92 22.82
CA LEU J 116 -3.40 -10.82 21.39
C LEU J 116 -4.14 -11.90 20.61
N ILE J 117 -4.15 -13.13 21.14
CA ILE J 117 -4.77 -14.24 20.43
C ILE J 117 -6.27 -14.04 20.30
N GLU J 118 -6.89 -13.48 21.33
CA GLU J 118 -8.35 -13.36 21.33
C GLU J 118 -8.86 -12.42 20.24
N HIS J 119 -7.96 -11.62 19.63
CA HIS J 119 -8.35 -10.70 18.58
C HIS J 119 -7.55 -10.93 17.31
N VAL J 120 -7.13 -12.18 17.08
CA VAL J 120 -6.34 -12.49 15.90
C VAL J 120 -7.12 -12.20 14.63
N SER J 121 -8.44 -12.31 14.68
CA SER J 121 -9.26 -12.07 13.49
C SER J 121 -9.16 -10.62 13.03
N GLN J 122 -9.10 -9.68 13.96
CA GLN J 122 -9.11 -8.27 13.61
C GLN J 122 -7.94 -7.93 12.69
N GLU J 123 -8.24 -7.21 11.61
CA GLU J 123 -7.21 -6.83 10.65
C GLU J 123 -6.38 -5.65 11.15
N GLN J 124 -6.97 -4.74 11.92
CA GLN J 124 -6.26 -3.53 12.32
C GLN J 124 -5.06 -3.86 13.20
N TYR J 125 -5.15 -4.91 14.00
CA TYR J 125 -4.12 -5.22 14.98
C TYR J 125 -2.92 -5.95 14.39
N ASP J 126 -3.04 -6.48 13.18
CA ASP J 126 -1.94 -7.21 12.54
C ASP J 126 -1.42 -8.30 13.46
N ILE J 127 -2.31 -8.93 14.20
CA ILE J 127 -1.92 -9.99 15.12
C ILE J 127 -1.66 -11.26 14.33
N ASN J 128 -0.46 -11.81 14.48
CA ASN J 128 -0.04 -12.99 13.72
C ASN J 128 -0.16 -14.22 14.61
N GLN J 129 -0.94 -15.20 14.15
CA GLN J 129 -1.15 -16.43 14.92
C GLN J 129 0.08 -17.34 14.93
N ASP J 130 1.10 -17.04 14.13
CA ASP J 130 2.24 -17.94 14.03
C ASP J 130 2.92 -18.13 15.37
N ASN J 131 3.11 -17.06 16.13
CA ASN J 131 3.75 -17.14 17.44
C ASN J 131 3.32 -15.95 18.30
N PRO J 132 2.13 -15.98 18.88
CA PRO J 132 1.66 -14.80 19.64
C PRO J 132 2.56 -14.44 20.80
N PHE J 133 3.16 -15.45 21.46
CA PHE J 133 3.96 -15.17 22.63
C PHE J 133 5.16 -14.30 22.30
N LEU J 134 5.78 -14.54 21.14
CA LEU J 134 6.84 -13.64 20.68
C LEU J 134 6.30 -12.27 20.37
N GLN J 135 5.11 -12.20 19.76
CA GLN J 135 4.50 -10.90 19.49
C GLN J 135 4.20 -10.17 20.78
N ALA J 136 3.71 -10.90 21.79
CA ALA J 136 3.46 -10.28 23.09
C ALA J 136 4.74 -9.70 23.69
N SER J 137 5.82 -10.47 23.65
CA SER J 137 7.09 -9.99 24.21
C SER J 137 7.62 -8.79 23.42
N ARG J 138 7.55 -8.86 22.09
CA ARG J 138 8.03 -7.74 21.28
C ARG J 138 7.27 -6.47 21.59
N GLU J 139 5.96 -6.58 21.77
CA GLU J 139 5.14 -5.40 22.03
C GLU J 139 5.56 -4.70 23.31
N LEU J 140 5.83 -5.47 24.36
CA LEU J 140 6.27 -4.86 25.61
C LEU J 140 7.57 -4.09 25.42
N ARG J 141 8.53 -4.70 24.72
CA ARG J 141 9.81 -4.02 24.52
C ARG J 141 9.63 -2.71 23.77
N GLU J 142 8.68 -2.68 22.84
CA GLU J 142 8.41 -1.43 22.14
C GLU J 142 7.97 -0.34 23.11
N TRP J 143 7.26 -0.72 24.17
CA TRP J 143 6.80 0.22 25.19
C TRP J 143 7.73 0.32 26.38
N ILE J 144 8.81 -0.45 26.41
CA ILE J 144 9.85 -0.25 27.41
C ILE J 144 10.88 0.76 26.93
N LYS J 145 11.31 0.65 25.68
CA LYS J 145 12.17 1.67 25.09
C LYS J 145 11.39 2.90 24.67
N ARG J 146 10.07 2.83 24.63
CA ARG J 146 9.24 4.01 24.44
C ARG J 146 9.04 4.79 25.72
N ARG J 147 9.47 4.24 26.86
CA ARG J 147 9.43 4.89 28.16
C ARG J 147 8.04 4.89 28.78
N LEU J 148 7.09 4.13 28.23
CA LEU J 148 5.81 3.95 28.92
C LEU J 148 6.02 3.19 30.23
N ILE J 149 6.87 2.17 30.22
CA ILE J 149 7.14 1.35 31.40
C ILE J 149 8.64 1.22 31.55
N VAL J 150 9.07 0.80 32.74
CA VAL J 150 10.47 0.74 33.10
C VAL J 150 10.80 -0.68 33.54
N GLU J 151 11.87 -1.23 32.98
CA GLU J 151 12.28 -2.61 33.24
C GLU J 151 13.40 -2.65 34.25
N ARG J 152 13.16 -3.31 35.37
CA ARG J 152 14.18 -3.48 36.40
C ARG J 152 13.89 -4.78 37.14
N ASP J 153 14.96 -5.48 37.54
CA ASP J 153 14.82 -6.70 38.33
C ASP J 153 14.17 -7.80 37.48
N GLY J 154 13.90 -7.50 36.21
CA GLY J 154 13.06 -8.37 35.41
C GLY J 154 11.59 -8.07 35.52
N ARG J 155 11.23 -6.99 36.21
CA ARG J 155 9.85 -6.59 36.40
C ARG J 155 9.62 -5.24 35.73
N ILE J 156 8.39 -5.04 35.26
CA ILE J 156 7.99 -3.79 34.61
C ILE J 156 7.25 -2.94 35.61
N PHE J 157 7.63 -1.66 35.71
CA PHE J 157 6.99 -0.70 36.59
C PHE J 157 6.31 0.36 35.74
N ALA J 158 5.13 0.80 36.19
CA ALA J 158 4.42 1.84 35.47
C ALA J 158 5.10 3.19 35.65
N THR J 159 4.93 4.04 34.66
CA THR J 159 5.43 5.42 34.71
C THR J 159 4.26 6.37 34.69
N ASP J 160 4.56 7.66 34.87
CA ASP J 160 3.50 8.67 34.84
C ASP J 160 2.83 8.71 33.48
N ALA J 161 3.56 8.44 32.41
CA ALA J 161 2.94 8.43 31.09
C ALA J 161 1.84 7.38 31.00
N LEU J 162 2.10 6.17 31.51
CA LEU J 162 1.07 5.15 31.55
C LEU J 162 -0.09 5.57 32.45
N GLU J 163 0.22 6.14 33.61
CA GLU J 163 -0.83 6.58 34.52
C GLU J 163 -1.68 7.67 33.89
N VAL J 164 -1.04 8.58 33.15
CA VAL J 164 -1.80 9.63 32.46
C VAL J 164 -2.73 9.00 31.43
N ALA J 165 -2.23 8.04 30.65
CA ALA J 165 -3.08 7.40 29.64
C ALA J 165 -4.22 6.64 30.29
N ILE J 166 -3.94 5.91 31.36
CA ILE J 166 -4.99 5.16 32.05
C ILE J 166 -6.06 6.11 32.59
N THR J 167 -5.63 7.26 33.11
CA THR J 167 -6.59 8.24 33.61
C THR J 167 -7.52 8.70 32.51
N PHE J 168 -6.98 8.98 31.32
CA PHE J 168 -7.82 9.44 30.23
C PHE J 168 -8.86 8.39 29.86
N VAL J 169 -8.46 7.13 29.79
CA VAL J 169 -9.39 6.07 29.40
C VAL J 169 -10.46 5.89 30.46
N GLU J 170 -10.07 5.90 31.74
CA GLU J 170 -11.06 5.74 32.80
C GLU J 170 -12.05 6.89 32.82
N SER J 171 -11.57 8.12 32.65
CA SER J 171 -12.47 9.26 32.52
C SER J 171 -13.25 9.22 31.22
N LEU J 172 -12.89 8.35 30.29
CA LEU J 172 -13.56 8.29 29.00
C LEU J 172 -15.03 7.95 29.18
N ASP J 173 -15.33 6.94 29.99
CA ASP J 173 -16.69 6.55 30.29
C ASP J 173 -17.24 7.49 31.37
N ASN J 174 -18.39 7.15 31.94
CA ASN J 174 -19.01 8.03 32.93
C ASN J 174 -18.02 8.32 34.05
N ARG J 175 -17.91 9.59 34.40
CA ARG J 175 -16.95 10.04 35.41
C ARG J 175 -17.65 10.96 36.39
N PHE J 176 -17.12 11.03 37.59
CA PHE J 176 -17.80 11.73 38.67
C PHE J 176 -17.87 13.22 38.44
N MET J 177 -18.76 13.87 39.19
CA MET J 177 -19.05 15.28 39.03
C MET J 177 -17.91 16.12 39.56
N THR J 178 -17.72 17.30 38.98
CA THR J 178 -16.80 18.27 39.53
C THR J 178 -17.38 19.69 39.53
N SER J 179 -18.27 20.01 38.60
CA SER J 179 -18.98 21.28 38.59
C SER J 179 -20.29 21.11 39.36
N THR J 180 -20.15 20.91 40.67
CA THR J 180 -21.27 20.62 41.54
C THR J 180 -21.41 21.71 42.59
N ALA J 181 -22.58 21.74 43.23
CA ALA J 181 -22.76 22.60 44.39
C ALA J 181 -21.70 22.31 45.43
N SER J 182 -21.52 21.04 45.76
CA SER J 182 -20.33 20.63 46.49
C SER J 182 -19.13 20.77 45.58
N ARG J 183 -17.96 20.94 46.19
CA ARG J 183 -16.73 21.32 45.50
C ARG J 183 -16.76 22.79 45.11
N LEU J 184 -17.91 23.45 45.21
CA LEU J 184 -17.99 24.89 45.22
C LEU J 184 -17.93 25.44 46.63
N SER J 185 -18.67 24.81 47.56
CA SER J 185 -18.45 25.10 48.97
C SER J 185 -17.04 24.74 49.38
N THR J 186 -16.52 23.62 48.86
CA THR J 186 -15.17 23.20 49.20
C THR J 186 -14.15 24.25 48.80
N VAL J 187 -14.31 24.83 47.60
CA VAL J 187 -13.41 25.90 47.20
C VAL J 187 -13.66 27.14 48.05
N GLN J 188 -14.93 27.41 48.41
CA GLN J 188 -15.20 28.44 49.40
C GLN J 188 -14.39 28.20 50.66
N ARG J 189 -14.44 26.97 51.18
CA ARG J 189 -13.80 26.66 52.45
C ARG J 189 -12.29 26.65 52.31
N GLU J 190 -11.79 26.18 51.17
CA GLU J 190 -10.34 26.12 50.97
C GLU J 190 -9.75 27.52 50.93
N ILE J 191 -10.45 28.44 50.29
CA ILE J 191 -10.00 29.83 50.24
C ILE J 191 -10.10 30.47 51.62
N GLU J 192 -11.05 29.99 52.43
CA GLU J 192 -11.19 30.53 53.78
C GLU J 192 -9.89 30.41 54.56
N ASN J 193 -9.48 29.16 54.84
CA ASN J 193 -8.33 28.95 55.72
C ASN J 193 -7.07 29.54 55.12
N LEU J 194 -6.91 29.41 53.80
CA LEU J 194 -5.68 29.88 53.16
C LEU J 194 -5.39 31.34 53.50
N GLU J 195 -6.41 32.20 53.43
CA GLU J 195 -6.20 33.60 53.76
C GLU J 195 -6.06 33.80 55.26
N THR J 196 -6.81 33.04 56.05
CA THR J 196 -6.63 33.09 57.49
C THR J 196 -5.23 32.61 57.88
N ARG J 197 -4.72 31.59 57.20
CA ARG J 197 -3.37 31.10 57.44
C ARG J 197 -2.31 31.82 56.63
N LEU J 198 -2.70 32.82 55.83
CA LEU J 198 -1.74 33.55 55.02
C LEU J 198 -1.52 34.98 55.50
N ASN J 199 -2.51 35.57 56.17
CA ASN J 199 -2.37 36.95 56.62
C ASN J 199 -1.25 37.06 57.66
N PRO J 200 -0.33 38.02 57.51
CA PRO J 200 0.74 38.18 58.50
C PRO J 200 0.30 39.01 59.68
N ASN J 201 -0.82 39.71 59.55
CA ASN J 201 -1.34 40.49 60.67
C ASN J 201 -1.75 39.57 61.82
N PRO J 202 -1.32 39.86 63.04
CA PRO J 202 -1.83 39.09 64.19
C PRO J 202 -3.29 39.42 64.44
N ALA J 203 -3.63 40.70 64.39
CA ALA J 203 -4.99 41.13 64.73
C ALA J 203 -6.01 40.52 63.79
N ASN J 204 -5.71 40.48 62.48
CA ASN J 204 -6.66 39.90 61.53
C ASN J 204 -6.92 38.44 61.87
N ARG J 205 -5.88 37.68 62.21
CA ARG J 205 -6.10 36.32 62.66
C ARG J 205 -6.89 36.32 63.97
N VAL J 206 -6.75 37.38 64.78
CA VAL J 206 -7.64 37.56 65.91
C VAL J 206 -9.06 37.86 65.45
N ALA J 207 -9.21 38.84 64.56
CA ALA J 207 -10.53 39.25 64.14
C ALA J 207 -11.26 38.14 63.38
N THR J 208 -10.63 37.58 62.34
CA THR J 208 -11.30 36.56 61.54
C THR J 208 -11.58 35.31 62.36
N LEU J 209 -10.77 35.08 63.40
CA LEU J 209 -10.91 33.87 64.19
C LEU J 209 -12.10 33.94 65.13
N ARG J 210 -12.19 35.00 65.95
CA ARG J 210 -13.29 35.12 66.89
C ARG J 210 -14.64 34.90 66.21
N ARG J 211 -14.88 35.58 65.08
CA ARG J 211 -16.19 35.48 64.43
C ARG J 211 -16.58 34.03 64.20
N ARG J 212 -15.63 33.20 63.80
CA ARG J 212 -15.94 31.79 63.55
C ARG J 212 -16.55 31.15 64.79
N ILE J 213 -16.02 31.46 65.97
CA ILE J 213 -16.65 31.01 67.20
C ILE J 213 -18.06 31.57 67.32
N SER J 214 -18.22 32.87 67.03
CA SER J 214 -19.54 33.46 67.08
C SER J 214 -20.51 32.72 66.17
N GLU J 215 -20.14 32.55 64.89
CA GLU J 215 -20.97 31.75 64.01
C GLU J 215 -21.03 30.30 64.49
N LEU J 216 -19.90 29.75 64.93
CA LEU J 216 -19.88 28.38 65.41
C LEU J 216 -20.72 28.22 66.67
N GLU J 217 -20.68 29.21 67.55
CA GLU J 217 -21.49 29.16 68.76
C GLU J 217 -22.98 29.19 68.45
N ARG J 218 -23.39 30.08 67.54
CA ARG J 218 -24.82 30.23 67.25
C ARG J 218 -25.42 28.94 66.73
N GLU J 219 -24.70 28.24 65.85
CA GLU J 219 -25.25 27.03 65.25
C GLU J 219 -25.62 26.01 66.32
N LEU J 220 -24.76 25.83 67.32
CA LEU J 220 -25.07 24.85 68.35
C LEU J 220 -26.30 25.24 69.15
N GLN J 221 -26.42 26.51 69.51
CA GLN J 221 -27.62 26.97 70.20
C GLN J 221 -28.87 26.55 69.42
N GLU J 222 -28.80 26.65 68.10
CA GLU J 222 -29.84 26.05 67.25
C GLU J 222 -29.88 24.54 67.42
N ALA J 223 -28.70 23.91 67.50
CA ALA J 223 -28.66 22.46 67.63
C ALA J 223 -29.31 21.98 68.92
N GLU J 224 -29.04 22.69 70.02
CA GLU J 224 -29.62 22.28 71.31
C GLU J 224 -31.14 22.23 71.25
N ALA J 225 -31.75 23.12 70.48
CA ALA J 225 -33.21 23.13 70.34
C ALA J 225 -33.72 22.02 69.43
N GLY J 226 -32.84 21.18 68.90
CA GLY J 226 -33.24 20.14 67.97
C GLY J 226 -33.24 20.54 66.51
N HIS J 227 -32.52 21.60 66.15
CA HIS J 227 -32.50 22.09 64.77
C HIS J 227 -31.33 21.49 63.99
N ILE J 228 -31.33 20.17 63.87
CA ILE J 228 -30.29 19.47 63.12
C ILE J 228 -30.82 19.20 61.71
N GLU J 229 -30.04 19.57 60.70
CA GLU J 229 -30.46 19.50 59.30
C GLU J 229 -29.81 18.30 58.63
N VAL J 230 -30.61 17.26 58.35
CA VAL J 230 -30.19 16.23 57.43
C VAL J 230 -30.06 16.83 56.04
N LEU J 231 -29.11 16.32 55.25
CA LEU J 231 -28.77 17.02 54.01
C LEU J 231 -29.86 16.83 52.96
N GLU J 232 -29.97 15.60 52.44
CA GLU J 232 -30.98 15.14 51.48
C GLU J 232 -30.65 13.72 51.07
N THR J 233 -31.52 13.09 50.29
CA THR J 233 -31.12 11.85 49.61
C THR J 233 -30.12 12.16 48.50
N HIS J 234 -30.41 13.20 47.71
CA HIS J 234 -29.54 13.53 46.58
C HIS J 234 -28.32 14.33 47.01
N GLN J 235 -28.50 15.28 47.92
CA GLN J 235 -27.36 16.10 48.34
C GLN J 235 -26.27 15.24 48.96
N ALA J 236 -26.65 14.29 49.81
CA ALA J 236 -25.65 13.40 50.39
C ALA J 236 -24.91 12.62 49.33
N VAL J 237 -25.64 12.14 48.31
CA VAL J 237 -25.00 11.40 47.23
C VAL J 237 -23.92 12.25 46.57
N GLU J 238 -24.25 13.50 46.25
CA GLU J 238 -23.29 14.38 45.61
C GLU J 238 -22.08 14.62 46.50
N HIS J 239 -22.30 14.85 47.80
CA HIS J 239 -21.18 15.09 48.69
C HIS J 239 -20.28 13.85 48.79
N ILE J 240 -20.89 12.66 48.83
CA ILE J 240 -20.10 11.44 48.84
C ILE J 240 -19.26 11.36 47.56
N ARG J 241 -19.89 11.63 46.41
CA ARG J 241 -19.16 11.57 45.15
C ARG J 241 -18.02 12.57 45.12
N ASP J 242 -18.29 13.81 45.56
CA ASP J 242 -17.24 14.83 45.58
C ASP J 242 -16.11 14.41 46.51
N VAL J 243 -16.44 13.86 47.67
CA VAL J 243 -15.40 13.42 48.60
C VAL J 243 -14.57 12.31 47.98
N TYR J 244 -15.24 11.38 47.29
CA TYR J 244 -14.50 10.29 46.65
C TYR J 244 -13.52 10.83 45.62
N ASN J 245 -13.98 11.79 44.80
CA ASN J 245 -13.11 12.35 43.76
C ASN J 245 -11.91 13.05 44.38
N LEU J 246 -12.15 13.85 45.41
CA LEU J 246 -11.04 14.57 46.05
C LEU J 246 -10.02 13.61 46.64
N ALA J 247 -10.49 12.59 47.37
CA ALA J 247 -9.57 11.64 47.97
C ALA J 247 -8.81 10.87 46.91
N SER J 248 -9.50 10.43 45.86
CA SER J 248 -8.85 9.60 44.84
C SER J 248 -7.66 10.32 44.22
N SER J 249 -7.67 11.65 44.21
CA SER J 249 -6.58 12.40 43.63
C SER J 249 -5.31 12.35 44.45
N LEU J 250 -5.37 11.83 45.68
CA LEU J 250 -4.19 11.82 46.54
C LEU J 250 -3.08 10.90 46.04
N ARG J 251 -3.44 9.84 45.31
CA ARG J 251 -2.46 8.90 44.78
C ARG J 251 -2.12 9.20 43.31
N ALA J 252 -2.61 10.32 42.78
CA ALA J 252 -2.45 10.59 41.35
C ALA J 252 -0.99 10.66 40.95
N ASP J 253 -0.18 11.40 41.70
CA ASP J 253 1.18 11.70 41.29
C ASP J 253 2.23 10.90 42.06
N PHE J 254 1.87 9.73 42.61
CA PHE J 254 2.88 8.87 43.20
C PHE J 254 3.85 8.38 42.15
N ARG J 255 3.36 7.99 40.98
CA ARG J 255 4.24 7.56 39.90
C ARG J 255 5.15 8.69 39.44
N ARG J 256 4.62 9.91 39.34
CA ARG J 256 5.41 11.02 38.84
C ARG J 256 6.63 11.27 39.71
N VAL J 257 6.51 11.06 41.03
CA VAL J 257 7.64 11.27 41.92
C VAL J 257 8.75 10.29 41.61
N GLU J 258 8.40 9.02 41.36
CA GLU J 258 9.43 8.02 41.04
C GLU J 258 10.16 8.39 39.76
N ASP J 259 9.42 8.85 38.75
CA ASP J 259 10.08 9.25 37.50
C ASP J 259 11.14 10.31 37.75
N SER J 260 10.85 11.26 38.62
CA SER J 260 11.80 12.33 38.89
C SER J 260 13.10 11.78 39.47
N TRP J 261 13.01 10.87 40.43
CA TRP J 261 14.21 10.29 41.01
C TRP J 261 14.98 9.49 39.97
N ARG J 262 14.27 8.77 39.10
CA ARG J 262 14.93 8.08 38.00
C ARG J 262 15.71 9.05 37.14
N GLU J 263 15.08 10.16 36.77
CA GLU J 263 15.76 11.18 35.98
C GLU J 263 16.91 11.80 36.76
N ALA J 264 16.68 12.11 38.04
CA ALA J 264 17.74 12.68 38.86
C ALA J 264 18.93 11.72 38.94
N ASP J 265 18.66 10.43 39.07
CA ASP J 265 19.73 9.44 38.98
C ASP J 265 20.38 9.50 37.61
N ARG J 266 19.58 9.63 36.55
CA ARG J 266 20.13 9.77 35.21
C ARG J 266 21.03 11.00 35.11
N ALA J 267 20.53 12.16 35.53
CA ALA J 267 21.30 13.39 35.40
C ALA J 267 22.54 13.36 36.27
N LEU J 268 22.42 12.83 37.49
CA LEU J 268 23.57 12.80 38.39
C LEU J 268 24.71 11.97 37.82
N ARG J 269 24.40 10.78 37.28
CA ARG J 269 25.43 9.94 36.70
C ARG J 269 26.08 10.63 35.51
N GLN J 270 25.29 11.29 34.68
CA GLN J 270 25.85 11.97 33.52
C GLN J 270 26.86 13.02 33.94
N SER J 271 26.54 13.79 34.98
CA SER J 271 27.49 14.79 35.47
C SER J 271 28.77 14.14 35.94
N ILE J 272 28.67 13.02 36.66
CA ILE J 272 29.86 12.32 37.12
C ILE J 272 30.66 11.79 35.93
N ILE J 273 29.97 11.23 34.94
CA ILE J 273 30.65 10.69 33.78
C ILE J 273 31.20 11.82 32.90
N GLY J 274 30.40 12.85 32.67
CA GLY J 274 30.75 13.92 31.75
C GLY J 274 31.63 15.00 32.29
N GLU J 275 32.07 14.91 33.53
CA GLU J 275 32.92 15.93 34.14
C GLU J 275 34.35 15.41 34.28
N GLN J 276 35.30 16.24 33.86
CA GLN J 276 36.68 15.80 33.62
C GLN J 276 37.54 15.74 34.86
N TYR J 277 37.03 16.11 36.03
CA TYR J 277 37.79 16.15 37.28
C TYR J 277 37.10 15.30 38.33
N HIS J 278 36.71 14.09 37.93
CA HIS J 278 35.84 13.22 38.72
C HIS J 278 36.18 13.24 40.21
N ARG J 279 37.48 13.32 40.53
CA ARG J 279 37.89 13.25 41.93
C ARG J 279 37.13 14.27 42.78
N GLY J 280 36.95 15.47 42.26
CA GLY J 280 36.26 16.50 43.01
C GLY J 280 34.82 16.17 43.30
N ASP J 281 33.98 16.11 42.26
CA ASP J 281 32.55 15.91 42.46
C ASP J 281 32.24 14.44 42.66
N ILE J 282 33.02 13.75 43.49
CA ILE J 282 32.69 12.39 43.90
C ILE J 282 32.79 12.32 45.42
N VAL J 283 33.94 12.76 45.95
CA VAL J 283 34.14 12.78 47.39
C VAL J 283 33.16 13.74 48.05
N GLU J 284 32.93 14.89 47.43
CA GLU J 284 31.98 15.85 47.98
C GLU J 284 30.60 15.25 48.15
N ARG J 285 30.28 14.21 47.39
CA ARG J 285 28.98 13.55 47.46
C ARG J 285 29.02 12.19 48.14
N LEU J 286 30.19 11.58 48.25
CA LEU J 286 30.30 10.26 48.86
C LEU J 286 30.46 10.35 50.38
N LEU J 287 31.40 11.18 50.84
CA LEU J 287 31.55 11.38 52.28
C LEU J 287 30.25 11.85 52.91
N ASN J 288 29.46 12.64 52.19
CA ASN J 288 28.17 13.09 52.70
C ASN J 288 27.21 11.92 52.83
N ASP J 289 26.25 12.06 53.75
CA ASP J 289 25.18 11.09 53.92
C ASP J 289 23.80 11.70 53.70
N GLN J 290 23.71 12.76 52.89
CA GLN J 290 22.43 13.37 52.58
C GLN J 290 21.72 12.55 51.50
N ASP J 291 20.67 13.11 50.92
CA ASP J 291 19.91 12.38 49.91
C ASP J 291 20.76 12.05 48.69
N ALA J 292 21.53 13.02 48.20
CA ALA J 292 22.32 12.91 46.98
C ALA J 292 21.44 12.81 45.74
N LEU J 293 20.13 12.72 45.90
CA LEU J 293 19.18 12.68 44.79
C LEU J 293 18.09 13.71 45.04
N LEU J 294 18.47 14.85 45.61
CA LEU J 294 17.49 15.84 46.07
C LEU J 294 16.88 16.52 44.85
N ASN J 295 15.90 15.86 44.26
CA ASN J 295 15.06 16.51 43.25
C ASN J 295 14.00 17.33 43.98
N THR J 296 14.31 18.60 44.20
CA THR J 296 13.40 19.47 44.95
C THR J 296 12.03 19.63 44.29
N PRO J 297 11.88 19.55 42.97
CA PRO J 297 10.54 19.53 42.40
C PRO J 297 9.87 18.23 42.83
N GLU J 298 8.69 17.91 42.30
CA GLU J 298 7.94 16.78 42.83
C GLU J 298 8.88 15.66 43.26
N GLY J 299 8.89 15.39 44.55
CA GLY J 299 9.99 14.68 45.17
C GLY J 299 10.37 15.31 46.49
N ARG J 300 10.21 16.63 46.59
CA ARG J 300 10.13 17.30 47.88
C ARG J 300 8.70 17.58 48.29
N VAL J 301 7.79 17.76 47.33
CA VAL J 301 6.37 17.75 47.66
C VAL J 301 5.99 16.41 48.27
N PHE J 302 6.59 15.33 47.77
CA PHE J 302 6.37 14.03 48.38
C PHE J 302 6.90 13.99 49.80
N ASP J 303 8.07 14.58 50.05
CA ASP J 303 8.59 14.62 51.41
C ASP J 303 7.60 15.31 52.35
N SER J 304 7.04 16.44 51.92
CA SER J 304 6.02 17.09 52.72
C SER J 304 4.78 16.21 52.86
N PHE J 305 4.37 15.56 51.77
CA PHE J 305 3.22 14.66 51.84
C PHE J 305 3.47 13.53 52.81
N GLN J 306 4.70 13.02 52.87
CA GLN J 306 5.03 11.96 53.82
C GLN J 306 4.85 12.44 55.25
N GLN J 307 5.30 13.66 55.56
CA GLN J 307 5.24 14.15 56.92
C GLN J 307 3.79 14.23 57.41
N GLN J 308 2.90 14.75 56.56
CA GLN J 308 1.49 14.82 56.94
C GLN J 308 0.89 13.43 57.09
N LEU J 309 1.22 12.52 56.16
CA LEU J 309 0.65 11.17 56.22
C LEU J 309 1.09 10.43 57.47
N ARG J 310 2.38 10.52 57.83
CA ARG J 310 2.88 9.76 58.95
C ARG J 310 2.25 10.17 60.27
N GLN J 311 1.75 11.40 60.37
CA GLN J 311 1.10 11.83 61.60
C GLN J 311 -0.03 10.87 61.96
N SER J 312 -0.01 10.38 63.20
CA SER J 312 -1.01 9.44 63.66
C SER J 312 -2.29 10.20 64.01
N SER J 313 -3.23 9.52 64.65
CA SER J 313 -4.47 10.16 65.08
C SER J 313 -5.35 10.50 63.89
N GLU J 314 -4.92 11.46 63.07
CA GLU J 314 -5.74 11.90 61.96
C GLU J 314 -5.99 10.79 60.95
N LEU J 315 -4.95 10.03 60.61
CA LEU J 315 -5.11 8.97 59.63
C LEU J 315 -6.11 7.93 60.10
N LYS J 316 -5.95 7.48 61.35
CA LYS J 316 -6.97 6.64 61.96
C LYS J 316 -8.29 7.40 62.08
N ALA J 317 -8.23 8.73 62.14
CA ALA J 317 -9.45 9.52 62.19
C ALA J 317 -10.27 9.32 60.93
N MET J 318 -9.67 9.51 59.76
CA MET J 318 -10.40 9.28 58.51
C MET J 318 -10.95 7.86 58.45
N SER J 319 -10.09 6.86 58.67
CA SER J 319 -10.50 5.48 58.44
C SER J 319 -11.81 5.16 59.14
N GLU J 320 -11.97 5.63 60.38
CA GLU J 320 -13.22 5.42 61.09
C GLU J 320 -14.35 6.20 60.43
N ARG J 321 -14.09 7.47 60.08
CA ARG J 321 -15.13 8.28 59.44
C ARG J 321 -15.51 7.72 58.08
N LEU J 322 -14.53 7.22 57.33
CA LEU J 322 -14.85 6.64 56.03
C LEU J 322 -15.87 5.52 56.17
N ARG J 323 -15.56 4.53 57.01
CA ARG J 323 -16.47 3.40 57.18
C ARG J 323 -17.83 3.86 57.68
N VAL J 324 -17.85 4.92 58.48
CA VAL J 324 -19.12 5.53 58.88
C VAL J 324 -19.86 6.04 57.65
N ILE J 325 -19.14 6.71 56.76
CA ILE J 325 -19.76 7.26 55.55
C ILE J 325 -20.17 6.15 54.60
N LEU J 326 -19.27 5.18 54.38
CA LEU J 326 -19.61 4.06 53.51
C LEU J 326 -20.80 3.27 54.06
N SER J 327 -21.05 3.37 55.37
CA SER J 327 -22.16 2.67 55.98
C SER J 327 -23.50 3.33 55.68
N HIS J 328 -23.50 4.60 55.28
CA HIS J 328 -24.74 5.30 55.07
C HIS J 328 -25.53 4.66 53.92
N PRO J 329 -26.85 4.53 54.04
CA PRO J 329 -27.62 3.89 52.97
C PRO J 329 -27.49 4.58 51.63
N SER J 330 -27.43 5.92 51.62
CA SER J 330 -27.29 6.64 50.36
C SER J 330 -25.92 6.44 49.73
N ALA J 331 -24.91 6.04 50.51
CA ALA J 331 -23.58 5.84 49.94
C ALA J 331 -23.59 4.75 48.88
N SER J 332 -24.33 3.68 49.12
CA SER J 332 -24.43 2.63 48.11
C SER J 332 -25.09 3.15 46.84
N ASP J 333 -26.03 4.08 46.97
CA ASP J 333 -26.63 4.71 45.79
C ASP J 333 -25.63 5.59 45.06
N ALA J 334 -24.79 6.32 45.80
CA ALA J 334 -23.81 7.20 45.17
C ALA J 334 -22.73 6.40 44.46
N LEU J 335 -21.99 5.59 45.20
CA LEU J 335 -20.87 4.83 44.67
C LEU J 335 -21.32 3.40 44.35
N ASN J 336 -20.38 2.62 43.83
CA ASN J 336 -20.59 1.21 43.57
C ASN J 336 -19.62 0.37 44.40
N ARG J 337 -19.68 -0.94 44.22
CA ARG J 337 -18.88 -1.84 45.05
C ARG J 337 -17.39 -1.54 44.91
N LEU J 338 -16.91 -1.43 43.68
CA LEU J 338 -15.49 -1.16 43.47
C LEU J 338 -15.11 0.18 44.09
N GLN J 339 -15.85 1.23 43.78
CA GLN J 339 -15.53 2.56 44.30
C GLN J 339 -15.68 2.59 45.81
N ARG J 340 -16.73 1.96 46.35
CA ARG J 340 -16.91 1.91 47.80
C ARG J 340 -15.73 1.19 48.46
N HIS J 341 -15.37 0.01 47.93
CA HIS J 341 -14.27 -0.74 48.52
C HIS J 341 -12.96 0.05 48.45
N ASP J 342 -12.69 0.67 47.30
CA ASP J 342 -11.45 1.44 47.17
C ASP J 342 -11.42 2.59 48.15
N LEU J 343 -12.54 3.30 48.29
CA LEU J 343 -12.58 4.43 49.22
C LEU J 343 -12.41 3.98 50.65
N ARG J 344 -12.99 2.83 51.01
CA ARG J 344 -12.93 2.36 52.39
C ARG J 344 -11.49 2.11 52.83
N TRP J 345 -10.75 1.33 52.05
CA TRP J 345 -9.35 1.01 52.36
C TRP J 345 -8.38 2.06 51.83
N LEU J 346 -8.87 3.29 51.61
CA LEU J 346 -8.03 4.30 50.97
C LEU J 346 -6.77 4.58 51.79
N VAL J 347 -6.92 4.78 53.09
CA VAL J 347 -5.76 5.16 53.90
C VAL J 347 -4.73 4.04 53.93
N LYS J 348 -5.18 2.78 53.95
CA LYS J 348 -4.25 1.66 53.94
C LYS J 348 -3.38 1.71 52.69
N ARG J 349 -4.01 1.83 51.51
CA ARG J 349 -3.24 1.81 50.27
C ARG J 349 -2.33 3.03 50.15
N LEU J 350 -2.74 4.17 50.68
CA LEU J 350 -1.88 5.35 50.67
C LEU J 350 -0.59 5.08 51.43
N VAL J 351 -0.69 4.40 52.56
CA VAL J 351 0.51 4.05 53.31
C VAL J 351 1.34 3.03 52.56
N ASP J 352 0.70 2.03 51.96
CA ASP J 352 1.44 1.07 51.15
C ASP J 352 2.12 1.75 49.97
N GLU J 353 1.38 2.58 49.24
CA GLU J 353 1.98 3.31 48.13
C GLU J 353 3.09 4.22 48.62
N SER J 354 2.86 4.92 49.74
CA SER J 354 3.93 5.74 50.31
C SER J 354 5.13 4.88 50.68
N GLN J 355 4.88 3.70 51.24
CA GLN J 355 5.98 2.77 51.49
C GLN J 355 6.64 2.34 50.19
N THR J 356 5.84 2.03 49.17
CA THR J 356 6.40 1.60 47.89
C THR J 356 7.36 2.65 47.34
N VAL J 357 6.94 3.91 47.33
CA VAL J 357 7.80 4.97 46.82
C VAL J 357 9.05 5.11 47.66
N LEU J 358 8.92 5.06 48.98
CA LEU J 358 10.05 5.30 49.86
C LEU J 358 11.15 4.28 49.65
N GLN J 359 10.80 3.00 49.55
CA GLN J 359 11.80 1.98 49.24
C GLN J 359 12.45 2.25 47.90
N ALA J 360 11.66 2.65 46.90
CA ALA J 360 12.23 2.93 45.59
C ALA J 360 13.25 4.07 45.66
N ARG J 361 12.91 5.15 46.37
CA ARG J 361 13.86 6.24 46.51
C ARG J 361 15.11 5.77 47.24
N ALA J 362 14.94 5.01 48.32
CA ALA J 362 16.10 4.49 49.03
C ALA J 362 16.91 3.57 48.13
N ARG J 363 16.25 2.72 47.36
CA ARG J 363 16.97 1.85 46.44
C ARG J 363 17.75 2.66 45.42
N SER J 364 17.09 3.58 44.74
CA SER J 364 17.76 4.37 43.72
C SER J 364 18.93 5.14 44.30
N GLU J 365 18.74 5.72 45.49
CA GLU J 365 19.84 6.42 46.15
C GLU J 365 21.00 5.47 46.43
N ARG J 366 20.70 4.27 46.92
CA ARG J 366 21.75 3.30 47.15
C ARG J 366 22.44 2.90 45.86
N ASP J 367 21.65 2.70 44.80
CA ASP J 367 22.24 2.31 43.51
C ASP J 367 23.16 3.40 42.97
N VAL J 368 22.71 4.65 42.98
CA VAL J 368 23.55 5.75 42.51
C VAL J 368 24.78 5.89 43.37
N ARG J 369 24.63 5.68 44.68
CA ARG J 369 25.80 5.69 45.57
C ARG J 369 26.76 4.58 45.22
N GLY J 370 26.25 3.39 44.90
CA GLY J 370 27.11 2.31 44.47
C GLY J 370 27.83 2.63 43.17
N PHE J 371 27.13 3.28 42.24
CA PHE J 371 27.76 3.65 40.98
C PHE J 371 28.93 4.60 41.20
N MET J 372 28.75 5.59 42.09
CA MET J 372 29.83 6.53 42.35
C MET J 372 31.09 5.80 42.82
N LYS J 373 30.93 4.74 43.59
CA LYS J 373 32.05 3.89 43.93
C LYS J 373 32.46 3.07 42.71
N THR J 374 33.60 2.38 42.81
CA THR J 374 34.13 1.58 41.72
C THR J 374 34.74 2.45 40.63
N GLY J 375 34.60 3.76 40.76
CA GLY J 375 35.23 4.72 39.87
C GLY J 375 35.29 4.31 38.42
N LEU J 376 34.19 3.79 37.88
CA LEU J 376 34.12 3.38 36.49
C LEU J 376 33.61 4.47 35.57
N ALA J 377 33.23 5.63 36.11
CA ALA J 377 32.71 6.69 35.26
C ALA J 377 33.75 7.13 34.23
N ALA J 378 35.00 7.22 34.62
CA ALA J 378 36.05 7.61 33.68
C ALA J 378 36.13 6.62 32.53
N GLU J 379 36.10 5.33 32.83
CA GLU J 379 36.19 4.32 31.79
C GLU J 379 35.00 4.38 30.85
N HIS J 380 33.80 4.58 31.40
CA HIS J 380 32.62 4.70 30.54
C HIS J 380 32.77 5.87 29.58
N HIS J 381 33.31 6.99 30.06
CA HIS J 381 33.50 8.14 29.18
C HIS J 381 34.49 7.83 28.08
N ARG J 382 35.64 7.25 28.45
CA ARG J 382 36.65 6.94 27.43
C ARG J 382 36.16 5.87 26.46
N VAL J 383 35.51 4.83 26.97
CA VAL J 383 35.00 3.78 26.10
C VAL J 383 33.87 4.30 25.22
N GLY J 384 32.94 5.06 25.80
CA GLY J 384 31.88 5.63 24.99
C GLY J 384 32.41 6.52 23.88
N HIS J 385 33.46 7.28 24.17
CA HIS J 385 34.05 8.14 23.15
C HIS J 385 34.73 7.32 22.07
N LEU J 386 35.50 6.31 22.46
CA LEU J 386 36.23 5.51 21.49
C LEU J 386 35.28 4.79 20.53
N LEU J 387 34.21 4.21 21.07
CA LEU J 387 33.27 3.49 20.21
C LEU J 387 32.66 4.41 19.18
N ASN J 388 32.25 5.61 19.59
CA ASN J 388 31.70 6.56 18.64
C ASN J 388 32.73 6.92 17.57
N GLU J 389 34.01 6.91 17.93
CA GLU J 389 35.06 7.15 16.94
C GLU J 389 35.22 5.96 16.01
N PHE J 390 35.26 4.75 16.56
CA PHE J 390 35.45 3.58 15.71
C PHE J 390 34.26 3.38 14.79
N LEU J 391 33.04 3.50 15.31
CA LEU J 391 31.86 3.29 14.49
C LEU J 391 31.76 4.32 13.37
N ASN J 392 32.10 5.58 13.65
CA ASN J 392 32.06 6.60 12.61
C ASN J 392 33.16 6.39 11.59
N LEU J 393 34.29 5.84 12.03
CA LEU J 393 35.39 5.58 11.10
C LEU J 393 35.13 4.35 10.24
N ALA J 394 34.44 3.35 10.80
CA ALA J 394 34.18 2.11 10.07
C ALA J 394 33.27 2.32 8.87
N LEU J 395 32.61 3.47 8.77
CA LEU J 395 31.80 3.74 7.59
C LEU J 395 32.64 3.92 6.33
N LYS J 396 33.95 4.14 6.48
CA LYS J 396 34.83 4.31 5.33
C LYS J 396 35.31 2.99 4.73
N LEU J 397 35.09 1.86 5.41
CA LEU J 397 35.49 0.59 4.87
C LEU J 397 34.48 0.13 3.82
N ASP J 398 34.89 -0.86 3.02
CA ASP J 398 34.01 -1.48 2.05
C ASP J 398 33.54 -2.82 2.63
N TRP J 399 32.26 -2.89 2.99
CA TRP J 399 31.72 -4.06 3.66
C TRP J 399 31.13 -5.08 2.72
N GLN J 400 31.08 -4.78 1.41
CA GLN J 400 30.54 -5.71 0.44
C GLN J 400 31.58 -6.68 -0.09
N ARG J 401 32.84 -6.50 0.29
CA ARG J 401 33.92 -7.36 -0.18
C ARG J 401 34.31 -8.32 0.93
N GLN J 402 34.24 -9.62 0.64
CA GLN J 402 34.58 -10.62 1.63
C GLN J 402 36.01 -10.46 2.12
N MET J 403 36.90 -9.95 1.27
CA MET J 403 38.27 -9.72 1.70
C MET J 403 38.32 -8.77 2.89
N ILE J 404 37.55 -7.68 2.82
CA ILE J 404 37.52 -6.73 3.92
C ILE J 404 36.82 -7.33 5.13
N ARG J 405 35.66 -7.95 4.93
CA ARG J 405 34.87 -8.45 6.05
C ARG J 405 35.61 -9.54 6.83
N LYS J 406 36.48 -10.30 6.19
CA LYS J 406 37.22 -11.36 6.86
C LYS J 406 38.61 -10.92 7.28
N GLN J 407 38.92 -9.63 7.17
CA GLN J 407 40.22 -9.13 7.59
C GLN J 407 40.41 -9.38 9.08
N GLU J 408 41.63 -9.76 9.45
CA GLU J 408 41.97 -9.94 10.85
C GLU J 408 42.19 -8.59 11.51
N VAL J 409 41.81 -8.48 12.78
CA VAL J 409 41.99 -7.24 13.54
C VAL J 409 42.88 -7.50 14.75
N PRO J 410 43.55 -6.48 15.29
CA PRO J 410 44.57 -6.73 16.32
C PRO J 410 44.02 -6.90 17.73
N LEU J 411 42.73 -7.19 17.87
CA LEU J 411 42.15 -7.34 19.18
C LEU J 411 42.81 -8.51 19.92
N PRO J 412 42.95 -8.42 21.23
CA PRO J 412 43.66 -9.46 21.98
C PRO J 412 42.77 -10.66 22.25
N ALA J 413 43.38 -11.69 22.83
CA ALA J 413 42.69 -12.93 23.18
C ALA J 413 42.49 -12.96 24.69
N VAL J 414 41.26 -12.74 25.13
CA VAL J 414 40.91 -12.73 26.55
C VAL J 414 39.89 -13.83 26.79
N GLY J 415 40.14 -14.66 27.79
CA GLY J 415 39.26 -15.77 28.09
C GLY J 415 39.70 -17.05 27.43
N VAL J 416 41.01 -17.21 27.27
CA VAL J 416 41.56 -18.43 26.68
C VAL J 416 41.15 -19.61 27.56
N ALA J 417 40.56 -20.62 26.93
CA ALA J 417 40.09 -21.82 27.62
C ALA J 417 40.90 -23.02 27.17
N VAL J 418 41.49 -23.73 28.13
CA VAL J 418 42.21 -24.97 27.87
C VAL J 418 41.25 -26.09 28.23
N THR J 419 40.72 -26.76 27.20
CA THR J 419 39.75 -27.84 27.41
C THR J 419 39.97 -28.91 26.36
N GLY J 420 39.49 -30.12 26.68
CA GLY J 420 39.58 -31.21 25.75
C GLY J 420 40.98 -31.72 25.47
N ILE J 421 41.81 -31.81 26.50
CA ILE J 421 43.12 -32.44 26.29
C ILE J 421 42.92 -33.88 25.85
N PRO J 422 43.65 -34.36 24.85
CA PRO J 422 43.45 -35.74 24.38
C PRO J 422 43.47 -36.77 25.50
N ALA J 423 44.58 -36.86 26.24
CA ALA J 423 44.65 -37.74 27.41
C ALA J 423 44.16 -39.15 27.06
N ILE J 424 44.97 -39.82 26.24
CA ILE J 424 44.55 -41.01 25.50
C ILE J 424 43.73 -41.96 26.35
N GLU J 425 43.99 -42.00 27.66
CA GLU J 425 43.23 -42.89 28.51
C GLU J 425 41.76 -42.48 28.63
N ARG J 426 41.41 -41.28 28.14
CA ARG J 426 40.04 -40.79 28.22
C ARG J 426 39.05 -41.64 27.44
N LEU J 427 39.50 -42.42 26.45
CA LEU J 427 38.59 -43.15 25.58
C LEU J 427 38.07 -44.41 26.25
N ARG J 428 36.76 -44.64 26.13
CA ARG J 428 36.13 -45.87 26.59
C ARG J 428 35.39 -46.50 25.42
N PHE J 429 35.30 -47.82 25.44
CA PHE J 429 34.80 -48.59 24.31
C PHE J 429 33.50 -49.29 24.66
N LYS J 430 32.72 -49.58 23.63
CA LYS J 430 31.41 -50.18 23.82
C LYS J 430 31.54 -51.50 24.58
N GLU J 431 30.58 -51.74 25.47
CA GLU J 431 30.53 -52.96 26.26
C GLU J 431 29.31 -53.77 25.86
N VAL J 432 29.47 -55.10 25.86
CA VAL J 432 28.40 -55.98 25.42
C VAL J 432 27.15 -55.70 26.22
N ASP J 433 26.02 -55.58 25.53
CA ASP J 433 24.74 -55.28 26.16
C ASP J 433 23.65 -55.39 25.10
N ASP J 434 22.40 -55.13 25.52
CA ASP J 434 21.28 -55.31 24.61
C ASP J 434 21.39 -54.39 23.40
N GLU J 435 21.73 -53.11 23.62
CA GLU J 435 21.89 -52.20 22.51
C GLU J 435 23.04 -52.63 21.60
N ALA J 436 24.13 -53.13 22.19
CA ALA J 436 25.22 -53.63 21.37
C ALA J 436 24.77 -54.77 20.49
N GLU J 437 23.96 -55.69 21.02
CA GLU J 437 23.40 -56.75 20.20
C GLU J 437 22.50 -56.17 19.11
N GLN J 438 21.67 -55.20 19.45
CA GLN J 438 20.80 -54.59 18.45
C GLN J 438 21.61 -53.93 17.35
N THR J 439 22.68 -53.22 17.72
CA THR J 439 23.51 -52.58 16.70
C THR J 439 24.12 -53.60 15.76
N LEU J 440 24.61 -54.72 16.30
CA LEU J 440 25.15 -55.76 15.44
C LEU J 440 24.10 -56.28 14.47
N ASP J 441 22.88 -56.49 14.96
CA ASP J 441 21.82 -57.00 14.10
C ASP J 441 21.51 -56.03 12.96
N LEU J 442 21.43 -54.74 13.26
CA LEU J 442 21.10 -53.76 12.22
C LEU J 442 22.19 -53.70 11.16
N SER J 443 23.46 -53.74 11.57
CA SER J 443 24.54 -53.70 10.59
C SER J 443 24.50 -54.92 9.67
N ASN J 444 24.24 -56.10 10.24
CA ASN J 444 24.23 -57.31 9.44
C ASN J 444 23.02 -57.37 8.52
N HIS J 445 21.82 -57.10 9.06
CA HIS J 445 20.61 -57.24 8.27
C HIS J 445 20.37 -56.08 7.32
N ALA J 446 21.11 -54.99 7.45
CA ALA J 446 21.07 -53.94 6.43
C ALA J 446 21.78 -54.44 5.18
N ALA J 447 21.17 -54.22 4.03
CA ALA J 447 21.69 -54.74 2.76
C ALA J 447 21.68 -56.26 2.72
N ASP J 448 20.75 -56.87 3.47
CA ASP J 448 20.55 -58.31 3.48
C ASP J 448 19.16 -58.55 2.88
N LEU J 449 19.11 -58.67 1.56
CA LEU J 449 17.86 -58.76 0.82
C LEU J 449 17.42 -60.19 0.54
N THR J 450 18.13 -61.18 1.09
CA THR J 450 17.77 -62.57 0.83
C THR J 450 16.34 -62.87 1.27
N GLN J 451 15.98 -62.43 2.47
CA GLN J 451 14.63 -62.67 2.97
C GLN J 451 13.58 -61.79 2.31
N ILE J 452 14.00 -60.80 1.52
CA ILE J 452 13.04 -59.93 0.87
C ILE J 452 12.04 -60.76 0.08
N GLY J 453 10.80 -60.29 0.04
CA GLY J 453 9.76 -61.03 -0.66
C GLY J 453 10.12 -61.23 -2.13
N ASP J 454 9.71 -62.37 -2.66
CA ASP J 454 10.01 -62.68 -4.06
C ASP J 454 9.40 -61.65 -4.99
N ASP J 455 8.12 -61.33 -4.79
CA ASP J 455 7.43 -60.45 -5.73
C ASP J 455 8.18 -59.15 -5.95
N PHE J 456 8.81 -58.62 -4.91
CA PHE J 456 9.60 -57.40 -5.06
C PHE J 456 10.59 -57.55 -6.21
N TRP J 457 11.27 -58.70 -6.27
CA TRP J 457 12.27 -58.91 -7.32
C TRP J 457 11.63 -58.97 -8.69
N ASP J 458 10.53 -59.73 -8.84
CA ASP J 458 9.89 -59.84 -10.14
C ASP J 458 9.48 -58.47 -10.67
N ALA J 459 8.82 -57.66 -9.84
CA ALA J 459 8.49 -56.31 -10.25
C ALA J 459 9.73 -55.48 -10.53
N PHE J 460 10.88 -55.87 -9.97
CA PHE J 460 12.12 -55.18 -10.26
C PHE J 460 12.53 -55.34 -11.71
N ASN J 461 12.51 -56.57 -12.21
CA ASN J 461 12.84 -56.83 -13.60
C ASN J 461 11.56 -56.90 -14.43
N GLY J 462 11.32 -55.84 -15.20
CA GLY J 462 10.21 -55.80 -16.14
C GLY J 462 10.70 -55.26 -17.47
N LEU J 463 9.83 -55.34 -18.47
CA LEU J 463 10.21 -54.92 -19.82
C LEU J 463 10.57 -53.45 -19.78
N ASP J 464 11.81 -53.14 -20.16
CA ASP J 464 12.25 -51.76 -20.32
C ASP J 464 12.08 -51.37 -21.77
N ARG J 465 10.97 -50.70 -22.07
CA ARG J 465 10.59 -50.43 -23.45
C ARG J 465 11.57 -49.48 -24.13
N GLU J 466 12.36 -48.72 -23.38
CA GLU J 466 13.32 -47.83 -24.01
C GLU J 466 14.36 -48.63 -24.78
N VAL J 467 14.91 -49.68 -24.17
CA VAL J 467 15.87 -50.54 -24.85
C VAL J 467 15.19 -51.31 -25.97
N LEU J 468 13.97 -51.80 -25.73
CA LEU J 468 13.26 -52.53 -26.76
C LEU J 468 13.00 -51.68 -27.99
N ILE J 469 12.75 -50.37 -27.79
CA ILE J 469 12.44 -49.51 -28.93
C ILE J 469 13.63 -49.42 -29.86
N GLN J 470 14.81 -49.09 -29.32
CA GLN J 470 15.98 -48.88 -30.17
C GLN J 470 16.41 -50.18 -30.85
N GLN J 471 16.35 -51.30 -30.13
CA GLN J 471 16.68 -52.58 -30.74
C GLN J 471 15.75 -52.87 -31.92
N THR J 472 14.46 -52.61 -31.74
CA THR J 472 13.52 -52.78 -32.85
C THR J 472 13.86 -51.84 -34.01
N LEU J 473 14.11 -50.56 -33.70
CA LEU J 473 14.43 -49.62 -34.77
C LEU J 473 15.66 -50.07 -35.54
N GLN J 474 16.69 -50.53 -34.83
CA GLN J 474 17.86 -51.07 -35.50
C GLN J 474 17.50 -52.29 -36.35
N LEU J 475 16.64 -53.17 -35.82
CA LEU J 475 16.28 -54.36 -36.56
C LEU J 475 15.54 -54.01 -37.85
N LEU J 476 14.62 -53.05 -37.79
CA LEU J 476 13.92 -52.64 -39.00
C LEU J 476 14.87 -51.99 -40.00
N ALA J 477 15.83 -51.22 -39.50
CA ALA J 477 16.80 -50.58 -40.40
C ALA J 477 17.64 -51.61 -41.13
N LYS J 478 18.08 -52.67 -40.44
CA LYS J 478 18.91 -53.68 -41.08
C LYS J 478 18.13 -54.44 -42.14
N GLU J 479 16.93 -54.91 -41.80
CA GLU J 479 16.11 -55.61 -42.79
C GLU J 479 15.55 -54.64 -43.82
N ASN J 480 15.11 -53.47 -43.37
CA ASN J 480 14.59 -52.42 -44.28
C ASN J 480 13.50 -52.99 -45.17
N ARG J 481 12.64 -53.82 -44.59
CA ARG J 481 11.54 -54.45 -45.30
C ARG J 481 10.33 -54.49 -44.40
N PRO J 482 9.12 -54.51 -44.97
CA PRO J 482 7.93 -54.64 -44.14
C PRO J 482 7.90 -55.97 -43.40
N VAL J 483 7.99 -55.92 -42.08
CA VAL J 483 8.06 -57.12 -41.24
C VAL J 483 6.77 -57.25 -40.45
N GLY J 484 6.15 -58.42 -40.52
CA GLY J 484 4.97 -58.69 -39.73
C GLY J 484 5.31 -58.98 -38.28
N LEU J 485 4.27 -59.01 -37.45
CA LEU J 485 4.48 -59.23 -36.02
C LEU J 485 5.09 -60.61 -35.77
N ALA J 486 4.60 -61.63 -36.46
CA ALA J 486 5.12 -62.98 -36.24
C ALA J 486 6.61 -63.05 -36.57
N GLU J 487 7.02 -62.44 -37.68
CA GLU J 487 8.43 -62.45 -38.03
C GLU J 487 9.27 -61.74 -36.99
N LEU J 488 8.79 -60.59 -36.49
CA LEU J 488 9.56 -59.83 -35.52
C LEU J 488 9.81 -60.64 -34.25
N ALA J 489 8.79 -61.37 -33.79
CA ALA J 489 8.97 -62.22 -32.62
C ALA J 489 10.03 -63.29 -32.89
N GLU J 490 10.00 -63.89 -34.08
CA GLU J 490 11.02 -64.88 -34.42
C GLU J 490 12.41 -64.25 -34.40
N LEU J 491 12.58 -63.14 -35.11
CA LEU J 491 13.88 -62.48 -35.16
C LEU J 491 14.28 -61.95 -33.79
N LEU J 492 13.35 -61.29 -33.09
CA LEU J 492 13.61 -60.72 -31.78
C LEU J 492 12.90 -61.55 -30.72
N PRO J 493 13.61 -62.29 -29.88
CA PRO J 493 12.95 -63.15 -28.89
C PRO J 493 12.44 -62.33 -27.73
N PRO J 494 11.13 -62.14 -27.62
CA PRO J 494 10.59 -61.39 -26.49
C PRO J 494 10.77 -62.17 -25.19
N ALA J 495 11.28 -61.49 -24.18
CA ALA J 495 11.45 -62.10 -22.86
C ALA J 495 10.25 -61.88 -21.96
N HIS J 496 9.18 -61.25 -22.46
CA HIS J 496 8.01 -60.99 -21.65
C HIS J 496 6.70 -61.28 -22.38
N ASP J 497 6.76 -61.87 -23.57
CA ASP J 497 5.58 -62.30 -24.32
C ASP J 497 4.74 -61.07 -24.66
N LEU J 498 3.47 -61.00 -24.27
CA LEU J 498 2.59 -59.97 -24.79
C LEU J 498 3.06 -58.57 -24.43
N GLU J 499 3.84 -58.43 -23.37
CA GLU J 499 4.34 -57.11 -23.00
C GLU J 499 5.12 -56.47 -24.14
N THR J 500 6.01 -57.24 -24.78
CA THR J 500 6.73 -56.72 -25.93
C THR J 500 5.79 -56.44 -27.10
N PHE J 501 4.82 -57.33 -27.32
CA PHE J 501 3.95 -57.20 -28.49
C PHE J 501 3.17 -55.90 -28.45
N ALA J 502 2.66 -55.54 -27.27
CA ALA J 502 1.89 -54.30 -27.15
C ALA J 502 2.71 -53.10 -27.60
N VAL J 503 4.01 -53.14 -27.32
CA VAL J 503 4.90 -52.07 -27.79
C VAL J 503 4.96 -52.07 -29.32
N TRP J 504 5.11 -53.25 -29.91
CA TRP J 504 5.21 -53.34 -31.37
C TRP J 504 3.93 -52.86 -32.04
N ILE J 505 2.77 -53.25 -31.49
CA ILE J 505 1.51 -52.78 -32.04
C ILE J 505 1.43 -51.26 -31.92
N GLY J 506 1.85 -50.72 -30.78
CA GLY J 506 1.93 -49.27 -30.65
C GLY J 506 2.90 -48.66 -31.64
N MET J 507 4.00 -49.37 -31.93
CA MET J 507 4.94 -48.90 -32.93
C MET J 507 4.26 -48.69 -34.27
N ALA J 508 3.57 -49.74 -34.76
CA ALA J 508 2.92 -49.65 -36.07
C ALA J 508 1.81 -48.61 -36.06
N ARG J 509 1.03 -48.56 -34.98
CA ARG J 509 -0.16 -47.73 -34.96
C ARG J 509 0.13 -46.29 -34.60
N GLU J 510 1.24 -46.03 -33.91
CA GLU J 510 1.70 -44.67 -33.68
C GLU J 510 2.21 -44.03 -34.96
N ALA J 511 2.85 -44.82 -35.83
CA ALA J 511 3.43 -44.32 -37.06
C ALA J 511 2.46 -44.35 -38.23
N GLY J 512 1.20 -44.71 -37.99
CA GLY J 512 0.22 -44.77 -39.05
C GLY J 512 0.21 -46.06 -39.85
N ILE J 513 1.08 -47.01 -39.53
CA ILE J 513 1.09 -48.28 -40.26
C ILE J 513 -0.16 -49.06 -39.85
N GLU J 514 -1.17 -49.05 -40.72
CA GLU J 514 -2.42 -49.71 -40.40
C GLU J 514 -2.21 -51.21 -40.24
N VAL J 515 -2.96 -51.81 -39.32
CA VAL J 515 -2.84 -53.23 -39.00
C VAL J 515 -4.18 -53.89 -39.28
N ILE J 516 -4.11 -55.11 -39.83
CA ILE J 516 -5.31 -55.87 -40.21
C ILE J 516 -5.52 -56.98 -39.20
N ASP J 517 -6.75 -57.09 -38.69
CA ASP J 517 -7.09 -58.15 -37.77
C ASP J 517 -7.71 -59.36 -38.44
N SER J 518 -8.28 -59.20 -39.64
CA SER J 518 -8.83 -60.33 -40.36
C SER J 518 -7.76 -61.36 -40.66
N GLN J 519 -6.61 -60.91 -41.15
CA GLN J 519 -5.47 -61.80 -41.38
C GLN J 519 -4.74 -61.99 -40.06
N ARG J 520 -4.67 -63.24 -39.61
CA ARG J 520 -4.09 -63.58 -38.31
C ARG J 520 -2.85 -64.42 -38.51
N GLU J 521 -1.71 -63.93 -38.05
CA GLU J 521 -0.49 -64.70 -38.02
C GLU J 521 -0.42 -65.48 -36.71
N PHE J 522 0.72 -66.13 -36.46
CA PHE J 522 0.90 -66.92 -35.25
C PHE J 522 2.37 -66.93 -34.89
N ALA J 523 2.66 -67.30 -33.63
CA ALA J 523 4.02 -67.38 -33.16
C ALA J 523 4.06 -68.22 -31.90
N GLU J 524 4.94 -69.22 -31.89
CA GLU J 524 5.09 -70.10 -30.74
C GLU J 524 6.27 -69.62 -29.91
N LEU J 525 6.02 -69.25 -28.66
CA LEU J 525 7.06 -68.72 -27.80
C LEU J 525 7.06 -69.47 -26.48
N SER J 526 8.26 -69.85 -26.04
CA SER J 526 8.45 -70.55 -24.77
C SER J 526 9.03 -69.59 -23.76
N ASP J 527 8.44 -69.55 -22.57
CA ASP J 527 8.84 -68.62 -21.53
C ASP J 527 9.97 -69.23 -20.70
N GLY J 528 10.27 -68.59 -19.57
CA GLY J 528 11.40 -69.03 -18.76
C GLY J 528 11.25 -70.44 -18.23
N GLU J 529 10.05 -70.77 -17.73
CA GLU J 529 9.84 -72.09 -17.14
C GLU J 529 9.68 -73.20 -18.17
N GLY J 530 9.65 -72.87 -19.45
CA GLY J 530 9.62 -73.85 -20.52
C GLY J 530 8.26 -74.05 -21.15
N ARG J 531 7.18 -73.63 -20.48
CA ARG J 531 5.87 -73.72 -21.10
C ARG J 531 5.82 -72.84 -22.34
N ARG J 532 5.33 -73.40 -23.44
CA ARG J 532 5.28 -72.69 -24.71
C ARG J 532 3.84 -72.34 -25.05
N TRP J 533 3.66 -71.19 -25.70
CA TRP J 533 2.36 -70.61 -25.93
C TRP J 533 2.23 -70.20 -27.39
N ARG J 534 1.00 -70.13 -27.87
CA ARG J 534 0.71 -69.76 -29.26
C ARG J 534 -0.05 -68.43 -29.24
N PHE J 535 0.59 -67.39 -29.75
CA PHE J 535 -0.01 -66.07 -29.81
C PHE J 535 -0.66 -65.84 -31.16
N ASN J 536 -1.93 -65.45 -31.16
CA ASN J 536 -2.67 -65.19 -32.39
C ASN J 536 -2.58 -63.70 -32.73
N LEU J 537 -1.40 -63.30 -33.17
CA LEU J 537 -1.14 -61.91 -33.49
C LEU J 537 -1.92 -61.48 -34.72
N PRO J 538 -2.20 -60.19 -34.85
CA PRO J 538 -2.81 -59.67 -36.07
C PRO J 538 -1.75 -59.46 -37.15
N THR J 539 -2.20 -58.90 -38.27
CA THR J 539 -1.34 -58.62 -39.41
C THR J 539 -0.91 -57.16 -39.38
N THR J 540 0.40 -56.92 -39.48
CA THR J 540 0.97 -55.59 -39.42
C THR J 540 2.00 -55.44 -40.54
N GLY J 541 2.37 -54.18 -40.81
CA GLY J 541 3.30 -53.87 -41.85
C GLY J 541 4.45 -52.98 -41.41
N LEU J 542 4.96 -53.23 -40.21
CA LEU J 542 6.05 -52.43 -39.65
C LEU J 542 7.12 -52.14 -40.70
N GLU J 543 7.49 -50.88 -40.83
CA GLU J 543 8.53 -50.45 -41.75
C GLU J 543 9.49 -49.51 -41.04
N SER J 544 10.78 -49.61 -41.38
CA SER J 544 11.79 -48.85 -40.65
C SER J 544 11.68 -47.35 -40.92
N GLN J 545 11.45 -46.96 -42.18
CA GLN J 545 11.45 -45.55 -42.53
C GLN J 545 10.42 -44.78 -41.71
N ALA J 546 9.18 -45.25 -41.70
CA ALA J 546 8.13 -44.54 -40.96
C ALA J 546 8.43 -44.52 -39.47
N LEU J 547 8.91 -45.65 -38.93
CA LEU J 547 9.12 -45.74 -37.49
C LEU J 547 10.16 -44.73 -37.01
N MET J 548 11.27 -44.62 -37.72
CA MET J 548 12.31 -43.67 -37.30
C MET J 548 11.82 -42.23 -37.44
N ASP J 549 10.79 -42.00 -38.26
CA ASP J 549 10.25 -40.65 -38.40
C ASP J 549 9.59 -40.18 -37.11
N ILE J 550 8.70 -40.98 -36.54
CA ILE J 550 7.89 -40.56 -35.41
C ILE J 550 8.77 -40.46 -34.17
N ASP J 551 8.56 -39.40 -33.39
CA ASP J 551 9.37 -39.17 -32.19
C ASP J 551 8.98 -40.15 -31.09
N TRP J 552 9.99 -40.57 -30.33
CA TRP J 552 9.82 -41.46 -29.19
C TRP J 552 10.05 -40.69 -27.90
N GLU J 553 9.10 -40.83 -26.98
CA GLU J 553 9.16 -40.13 -25.70
C GLU J 553 10.42 -40.51 -24.93
PB ADP K . 3.37 35.74 -31.92
O1B ADP K . 4.09 34.66 -31.25
O2B ADP K . 2.38 35.08 -32.75
O3B ADP K . 4.31 36.29 -32.88
PA ADP K . 1.26 37.56 -31.18
O1A ADP K . 0.28 37.17 -30.18
O2A ADP K . 0.67 37.04 -32.40
O3A ADP K . 2.72 36.87 -30.89
O5' ADP K . 1.39 39.20 -31.21
C5' ADP K . 0.46 39.93 -30.46
C4' ADP K . 0.49 41.36 -30.88
O4' ADP K . -0.52 42.12 -30.14
C3' ADP K . 1.81 41.95 -30.52
O3' ADP K . 2.16 43.01 -31.42
C2' ADP K . 1.64 42.47 -29.16
O2' ADP K . 2.45 43.64 -28.98
C1' ADP K . 0.19 42.82 -29.05
N9 ADP K . -0.36 42.42 -27.80
C8 ADP K . -1.53 41.82 -27.73
N7 ADP K . -1.86 41.53 -26.45
C5 ADP K . -0.69 42.04 -25.71
C6 ADP K . -0.34 42.08 -24.40
N6 ADP K . -1.24 41.53 -23.40
N1 ADP K . 0.80 42.61 -24.03
C2 ADP K . 1.59 43.11 -24.99
N3 ADP K . 1.40 43.15 -26.33
C4 ADP K . 0.23 42.60 -26.63
H5'1 ADP K . 0.70 39.85 -29.41
H5'2 ADP K . -0.53 39.52 -30.63
H4' ADP K . 0.32 41.45 -31.95
H3' ADP K . 2.59 41.18 -30.53
HO3' ADP K . 1.70 43.80 -31.15
H2' ADP K . 1.90 41.70 -28.44
HO2' ADP K . 1.96 44.28 -28.48
H1' ADP K . 0.07 43.89 -29.18
H8 ADP K . -2.16 41.60 -28.58
HN61 ADP K . -0.90 40.89 -22.73
HN62 ADP K . -2.21 41.79 -23.40
H2 ADP K . 2.52 43.55 -24.65
PB ADP L . 21.05 18.88 -39.65
O1B ADP L . 20.00 18.37 -38.76
O2B ADP L . 20.82 20.31 -39.68
O3B ADP L . 20.64 18.39 -40.96
PA ADP L . 23.35 17.12 -39.82
O1A ADP L . 22.47 16.35 -40.69
O2A ADP L . 24.40 17.50 -40.74
O3A ADP L . 22.58 18.46 -39.24
O5' ADP L . 23.93 16.20 -38.58
C5' ADP L . 25.07 15.42 -38.78
C4' ADP L . 24.71 14.01 -39.12
O4' ADP L . 25.90 13.16 -39.03
C3' ADP L . 23.72 13.43 -38.16
O3' ADP L . 22.89 12.49 -38.84
C2' ADP L . 24.50 12.73 -37.14
O2' ADP L . 23.81 11.54 -36.74
C1' ADP L . 25.80 12.38 -37.78
N9 ADP L . 26.89 12.70 -36.92
C8 ADP L . 27.85 13.52 -37.27
N7 ADP L . 28.76 13.66 -36.28
C5 ADP L . 28.23 12.78 -35.24
C6 ADP L . 28.63 12.42 -33.99
N6 ADP L . 29.85 12.98 -33.43
N1 ADP L . 27.91 11.57 -33.28
C2 ADP L . 26.78 11.09 -33.83
N3 ADP L . 26.27 11.34 -35.05
C4 ADP L . 27.03 12.18 -35.72
H5'1 ADP L . 25.66 15.41 -37.87
H5'2 ADP L . 25.66 15.84 -39.58
H4' ADP L . 24.29 13.95 -40.12
H3' ADP L . 23.12 14.21 -37.71
HO3' ADP L . 22.18 12.23 -38.27
H2' ADP L . 24.66 13.38 -36.29
HO2' ADP L . 23.72 11.52 -35.81
H1' ADP L . 25.81 11.32 -38.02
H8 ADP L . 27.90 14.03 -38.22
HN61 ADP L . 29.91 13.14 -32.45
HN62 ADP L . 30.62 13.19 -34.04
H2 ADP L . 26.23 10.39 -33.21
PB ADP M . 3.21 -47.84 3.31
O1B ADP M . 2.45 -46.75 2.71
O2B ADP M . 4.51 -47.76 2.68
O3B ADP M . 2.62 -49.06 2.75
PA ADP M . 4.60 -48.27 5.79
O1A ADP M . 5.20 -47.15 6.51
O2A ADP M . 5.68 -48.64 4.88
O3A ADP M . 3.26 -47.81 4.95
O5' ADP M . 4.24 -49.48 6.84
C5' ADP M . 4.67 -49.32 8.16
C4' ADP M . 4.56 -50.63 8.87
O4' ADP M . 5.05 -50.49 10.25
C3' ADP M . 3.13 -51.02 8.98
O3' ADP M . 3.00 -52.45 9.06
C2' ADP M . 2.66 -50.40 10.23
O2' ADP M . 1.66 -51.22 10.84
C1' ADP M . 3.87 -50.32 11.11
N9 ADP M . 3.94 -49.07 11.78
C8 ADP M . 5.08 -48.40 11.84
N7 ADP M . 4.92 -47.24 12.53
C5 ADP M . 3.50 -47.29 12.89
C6 ADP M . 2.67 -46.47 13.58
N6 ADP M . 3.19 -45.23 14.13
N1 ADP M . 1.41 -46.79 13.75
C2 ADP M . 0.98 -47.95 13.22
N3 ADP M . 1.67 -48.86 12.52
C4 ADP M . 2.93 -48.49 12.39
H5'1 ADP M . 4.04 -48.59 8.66
H5'2 ADP M . 5.70 -48.99 8.17
H4' ADP M . 5.12 -51.39 8.35
H3' ADP M . 2.56 -50.63 8.13
HO3' ADP M . 3.18 -52.72 9.95
H2' ADP M . 2.27 -49.41 10.01
HO2' ADP M . 1.79 -51.24 11.77
H1' ADP M . 3.84 -51.12 11.83
H8 ADP M . 6.01 -48.72 11.41
HN61 ADP M . 2.72 -44.36 13.93
HN62 ADP M . 4.00 -45.24 14.71
H2 ADP M . -0.07 -48.17 13.38
PB ADP N . -7.44 -43.94 -19.63
O1B ADP N . -6.75 -42.85 -18.96
O2B ADP N . -7.45 -45.01 -18.63
O3B ADP N . -6.48 -44.38 -20.64
PA ADP N . -9.18 -43.19 -21.81
O1A ADP N . -9.89 -44.27 -22.49
O2A ADP N . -7.94 -43.16 -22.56
O3A ADP N . -8.92 -43.58 -20.23
O5' ADP N . -10.00 -41.77 -21.93
C5' ADP N . -10.83 -41.53 -23.04
C4' ADP N . -10.13 -40.68 -24.06
O4' ADP N . -11.13 -40.20 -25.03
C3' ADP N . -9.52 -39.47 -23.47
O3' ADP N . -8.34 -39.12 -24.20
C2' ADP N . -10.49 -38.38 -23.61
O2' ADP N . -9.80 -37.16 -23.92
C1' ADP N . -11.39 -38.77 -24.75
N9 ADP N . -12.74 -38.58 -24.40
C8 ADP N . -13.63 -39.56 -24.41
N7 ADP N . -14.86 -39.13 -24.05
C5 ADP N . -14.61 -37.69 -23.80
C6 ADP N . -15.39 -36.66 -23.41
N6 ADP N . -16.80 -36.86 -23.14
N1 ADP N . -14.87 -35.46 -23.28
C2 ADP N . -13.57 -35.31 -23.53
N3 ADP N . -12.67 -36.23 -23.93
C4 ADP N . -13.25 -37.41 -24.04
H5'1 ADP N . -11.73 -41.02 -22.71
H5'2 ADP N . -11.10 -42.47 -23.49
H4' ADP N . -9.37 -41.24 -24.58
H3' ADP N . -9.28 -39.62 -22.42
HO3' ADP N . -7.89 -38.42 -23.76
H2' ADP N . -11.07 -38.28 -22.70
HO2' ADP N . -10.08 -36.48 -23.33
H1' ADP N . -11.14 -38.17 -25.62
H8 ADP N . -13.39 -40.59 -24.68
HN61 ADP N . -17.27 -36.32 -22.43
HN62 ADP N . -17.32 -37.55 -23.66
H2 ADP N . -13.17 -34.30 -23.41
#